data_6DC5
#
_entry.id   6DC5
#
_cell.length_a   132.450
_cell.length_b   152.180
_cell.length_c   202.930
_cell.angle_alpha   90.000
_cell.angle_beta   90.000
_cell.angle_gamma   90.000
#
_symmetry.space_group_name_H-M   'P 21 2 21'
#
loop_
_entity.id
_entity.type
_entity.pdbx_description
1 polymer 'RSV fusion glycoprotein'
2 polymer 'Fab AM22 heavy chain'
3 polymer 'Fab AM22 light chain'
4 non-polymer 2-acetamido-2-deoxy-beta-D-glucopyranose
5 non-polymer 'CADMIUM ION'
6 non-polymer DI(HYDROXYETHYL)ETHER
#
loop_
_entity_poly.entity_id
_entity_poly.type
_entity_poly.pdbx_seq_one_letter_code
_entity_poly.pdbx_strand_id
1 'polypeptide(L)'
;MELLILKANAITTILTAVTFCFASGQNITEEFYQSTCSAVSKGYLSALRTGWYTSVITIELSNIKENKCNGTDAKVKLIK
QELDKYKNAVTELQLLMQSTPATNNRARRELPRFMNYTLNNAKKTNVTLSKKRKRRFLGFLLGVGSAIASGVAVCKVLHL
EGEVNKIKSALLSTNKAVVSLSNGVSVLTFKVLDLKNYIDKQLLPILNKQSCSISNIETVIEFQQKNNRLLEITREFSVN
AGVTTPVSTYMLTNSELLSLINDMPITNDQKKLMSNNVQIVRQQSYSIMCIIKEEVLAYVVQLPLYGVIDTPCWKLHTSP
LCTTNTKEGSNICLTRTDRGWYCDNAGSVSFFPQAETCKVQSNRVFCDTMNSLTLPSEVNLCNVDIFNPKYDCKIMTSKT
DVSSSVITSLGAIVSCYGKTKCTASNKNRGIIKTFSNGCDYVSNKGVDTVSVGNTLYYVNKQEGKSLYVKGEPIINFYDP
LVFPSDEFDASISQVNEKINQSLAFIRKSDELLSAIGGYIPEAPRDGQAYVRKDGEWVLLSTFLGGLVPRGSHHHHHHSA
WSHPQFEK
;
A,D,G
2 'polypeptide(L)'
;QVQLVQSGAEVKKPGATVKVSCKISGHTLIKLSIHWVRQAPGKGLEWMGGYEGEVDEIFYAQKFQHRLTVIADTATDTVY
MELGRLTSDDTAVYFCGTLGVTVTEAGLGIDDYWGQGTLVTVSSASTKGPSVFPLAPSSKSTSGGTAALGCLVKDYFPEP
VTVSWNSGALTSGVHTFPAVLQSSGLYSLSSVVTVPSSSLGTQTYICNVNHKPSNTKVDKKVEPKSCD
;
B,E,H
3 'polypeptide(L)'
;EIVLTQSPGTLSLSPGERATLSCRASQIVSRNHLAWYQQKPGQAPRLLIFGASSRATGIPVRFSGSGSGTDFTLTINGLA
PEDFAVYYCLSSDSSIFTFGPGTKVDFKRTVAAPSVFIFPPSDEQLKSGTASVVCLLNNFYPREAKVQWKVDNALQSGNS
QESVTEQDSKDSTYSLSSTLTLSKADYEKHKVYACEVTHQGLSSPVTKSFNRGEC
;
C,F,I
#
loop_
_chem_comp.id
_chem_comp.type
_chem_comp.name
_chem_comp.formula
CD non-polymer 'CADMIUM ION' 'Cd 2'
NAG D-saccharide, beta linking 2-acetamido-2-deoxy-beta-D-glucopyranose 'C8 H15 N O6'
PEG non-polymer DI(HYDROXYETHYL)ETHER 'C4 H10 O3'
#
# COMPACT_ATOMS: atom_id res chain seq x y z
N ASN A 27 -4.51 -40.74 29.93
CA ASN A 27 -4.31 -41.57 31.12
C ASN A 27 -4.12 -40.68 32.34
N ILE A 28 -5.24 -40.17 32.88
CA ILE A 28 -5.22 -39.25 34.01
C ILE A 28 -6.08 -39.84 35.12
N THR A 29 -5.56 -39.79 36.35
CA THR A 29 -6.25 -40.28 37.53
C THR A 29 -6.23 -39.21 38.61
N GLU A 30 -7.16 -39.33 39.56
CA GLU A 30 -7.25 -38.36 40.65
C GLU A 30 -7.92 -39.02 41.86
N GLU A 31 -7.39 -38.71 43.04
CA GLU A 31 -7.94 -39.20 44.31
C GLU A 31 -8.29 -38.00 45.20
N PHE A 32 -9.34 -38.17 45.99
CA PHE A 32 -9.72 -37.18 46.99
C PHE A 32 -9.73 -37.85 48.36
N TYR A 33 -9.15 -37.16 49.34
CA TYR A 33 -9.10 -37.63 50.72
C TYR A 33 -10.21 -36.95 51.51
N GLN A 34 -11.23 -37.74 51.87
CA GLN A 34 -12.32 -37.21 52.69
C GLN A 34 -11.82 -36.73 54.05
N SER A 35 -10.63 -37.16 54.45
CA SER A 35 -10.10 -36.82 55.77
C SER A 35 -9.51 -35.42 55.82
N THR A 36 -8.92 -34.93 54.73
CA THR A 36 -8.10 -33.72 54.77
C THR A 36 -8.58 -32.61 53.84
N CYS A 37 -9.73 -32.77 53.20
CA CYS A 37 -10.27 -31.75 52.29
C CYS A 37 -9.25 -31.40 51.19
N SER A 38 -8.62 -32.43 50.64
CA SER A 38 -7.56 -32.23 49.66
C SER A 38 -7.65 -33.28 48.57
N ALA A 39 -7.09 -32.97 47.41
CA ALA A 39 -7.11 -33.85 46.26
C ALA A 39 -5.77 -33.85 45.54
N VAL A 40 -5.37 -35.02 45.04
CA VAL A 40 -4.13 -35.20 44.31
C VAL A 40 -4.47 -35.71 42.91
N SER A 41 -3.78 -35.17 41.91
CA SER A 41 -4.04 -35.49 40.50
C SER A 41 -2.78 -36.08 39.88
N LYS A 42 -2.69 -37.41 39.79
CA LYS A 42 -1.57 -38.11 39.19
C LYS A 42 -1.76 -38.26 37.68
N GLY A 43 -0.68 -38.62 37.00
CA GLY A 43 -0.72 -38.90 35.59
C GLY A 43 -0.27 -37.78 34.68
N TYR A 44 0.47 -36.79 35.18
CA TYR A 44 0.97 -35.69 34.39
C TYR A 44 2.48 -35.78 34.21
N LEU A 45 2.95 -35.38 33.03
CA LEU A 45 4.36 -35.48 32.66
C LEU A 45 5.07 -34.16 32.92
N SER A 46 6.37 -34.25 33.20
CA SER A 46 7.15 -33.10 33.62
C SER A 46 7.74 -32.36 32.43
N ALA A 47 8.01 -31.07 32.65
CA ALA A 47 8.70 -30.22 31.69
C ALA A 47 9.33 -29.05 32.44
N LEU A 48 10.23 -29.35 33.37
CA LEU A 48 10.78 -28.34 34.26
C LEU A 48 11.86 -27.53 33.55
N ARG A 49 11.86 -26.22 33.81
CA ARG A 49 12.87 -25.34 33.25
C ARG A 49 14.02 -25.21 34.24
N THR A 50 15.09 -25.96 34.01
CA THR A 50 16.23 -25.93 34.91
C THR A 50 17.13 -24.73 34.64
N GLY A 51 17.46 -24.49 33.37
CA GLY A 51 18.37 -23.43 33.01
C GLY A 51 17.90 -22.66 31.79
N TRP A 52 18.73 -21.72 31.35
CA TRP A 52 18.44 -20.83 30.24
C TRP A 52 19.46 -21.02 29.13
N TYR A 53 19.04 -20.72 27.90
CA TYR A 53 19.93 -20.62 26.76
C TYR A 53 19.77 -19.24 26.13
N THR A 54 20.88 -18.64 25.73
CA THR A 54 20.89 -17.29 25.17
C THR A 54 21.23 -17.34 23.69
N SER A 55 20.54 -16.52 22.90
CA SER A 55 20.82 -16.36 21.49
C SER A 55 20.86 -14.88 21.17
N VAL A 56 21.52 -14.54 20.06
CA VAL A 56 21.78 -13.16 19.68
C VAL A 56 21.12 -12.92 18.32
N ILE A 57 20.00 -12.22 18.34
CA ILE A 57 19.31 -11.80 17.12
C ILE A 57 19.90 -10.47 16.67
N THR A 58 20.18 -10.35 15.37
CA THR A 58 20.71 -9.10 14.81
C THR A 58 19.89 -8.65 13.61
N ILE A 59 19.79 -7.34 13.44
CA ILE A 59 19.17 -6.72 12.27
C ILE A 59 20.15 -5.68 11.75
N GLU A 60 20.74 -5.94 10.59
CA GLU A 60 21.72 -5.03 10.03
C GLU A 60 21.04 -3.73 9.63
N LEU A 61 21.58 -2.61 10.12
CA LEU A 61 20.94 -1.30 9.99
C LEU A 61 21.69 -0.42 8.99
N SER A 62 21.23 0.82 8.88
CA SER A 62 21.62 1.72 7.80
C SER A 62 21.91 3.10 8.36
N ASN A 63 23.19 3.45 8.45
CA ASN A 63 23.63 4.76 8.92
C ASN A 63 23.19 5.82 7.90
N ILE A 64 22.06 6.47 8.16
CA ILE A 64 21.45 7.38 7.19
C ILE A 64 20.97 8.64 7.90
N LYS A 65 21.13 9.78 7.23
CA LYS A 65 20.85 11.10 7.76
C LYS A 65 19.73 11.75 6.95
N GLU A 66 19.56 13.06 7.16
CA GLU A 66 18.60 13.83 6.37
C GLU A 66 19.02 13.83 4.89
N ASN A 67 18.14 13.29 4.05
CA ASN A 67 18.46 13.14 2.64
C ASN A 67 18.33 14.48 1.92
N LYS A 68 18.80 14.50 0.66
CA LYS A 68 18.91 15.73 -0.11
C LYS A 68 17.74 15.96 -1.07
N CYS A 69 17.03 14.92 -1.49
CA CYS A 69 15.99 15.07 -2.50
C CYS A 69 14.70 15.55 -1.85
N ASN A 70 14.20 16.70 -2.31
CA ASN A 70 13.01 17.31 -1.72
C ASN A 70 11.88 17.42 -2.72
N GLY A 71 11.80 16.47 -3.66
CA GLY A 71 10.78 16.50 -4.68
C GLY A 71 9.38 16.34 -4.11
N THR A 72 8.41 16.68 -4.96
CA THR A 72 7.00 16.59 -4.60
C THR A 72 6.29 15.43 -5.29
N ASP A 73 7.05 14.50 -5.88
CA ASP A 73 6.44 13.33 -6.50
C ASP A 73 5.68 12.52 -5.44
N ALA A 74 4.46 12.10 -5.79
CA ALA A 74 3.62 11.39 -4.84
C ALA A 74 4.35 10.18 -4.27
N LYS A 75 4.99 9.39 -5.14
CA LYS A 75 5.71 8.21 -4.67
C LYS A 75 6.92 8.58 -3.83
N VAL A 76 7.59 9.70 -4.15
CA VAL A 76 8.77 10.10 -3.39
C VAL A 76 8.39 10.50 -1.98
N LYS A 77 7.37 11.35 -1.83
CA LYS A 77 6.92 11.73 -0.50
C LYS A 77 6.42 10.53 0.30
N LEU A 78 5.99 9.45 -0.38
CA LEU A 78 5.63 8.23 0.34
C LEU A 78 6.85 7.57 0.95
N ILE A 79 7.89 7.34 0.15
CA ILE A 79 9.08 6.71 0.71
C ILE A 79 9.85 7.66 1.61
N LYS A 80 9.80 8.96 1.33
CA LYS A 80 10.44 9.92 2.24
C LYS A 80 9.87 9.83 3.64
N GLN A 81 8.55 9.63 3.76
CA GLN A 81 7.97 9.52 5.09
C GLN A 81 8.08 8.11 5.66
N GLU A 82 8.13 7.09 4.80
CA GLU A 82 8.39 5.73 5.27
C GLU A 82 9.81 5.61 5.82
N LEU A 83 10.79 6.20 5.13
CA LEU A 83 12.16 6.15 5.62
C LEU A 83 12.30 6.87 6.95
N ASP A 84 11.57 7.97 7.14
CA ASP A 84 11.54 8.62 8.44
C ASP A 84 10.96 7.70 9.52
N LYS A 85 10.11 6.74 9.15
CA LYS A 85 9.70 5.72 10.11
C LYS A 85 10.86 4.82 10.50
N TYR A 86 11.72 4.49 9.53
CA TYR A 86 12.94 3.74 9.84
C TYR A 86 13.91 4.58 10.66
N LYS A 87 14.09 5.84 10.27
CA LYS A 87 15.08 6.70 10.94
C LYS A 87 14.66 7.05 12.36
N ASN A 88 13.35 7.19 12.61
CA ASN A 88 12.90 7.46 13.97
C ASN A 88 12.83 6.21 14.81
N ALA A 89 12.54 5.05 14.21
CA ALA A 89 12.55 3.81 14.97
C ALA A 89 13.95 3.51 15.50
N VAL A 90 14.97 3.81 14.70
CA VAL A 90 16.34 3.66 15.17
C VAL A 90 16.66 4.67 16.25
N THR A 91 16.21 5.92 16.07
CA THR A 91 16.43 6.95 17.10
C THR A 91 15.78 6.56 18.42
N GLU A 92 14.67 5.82 18.37
CA GLU A 92 13.96 5.45 19.59
C GLU A 92 14.73 4.37 20.36
N LEU A 93 15.25 3.37 19.67
CA LEU A 93 16.09 2.35 20.31
C LEU A 93 17.39 2.96 20.83
N GLN A 94 18.01 3.82 20.02
CA GLN A 94 19.23 4.52 20.43
C GLN A 94 19.01 5.27 21.74
N LEU A 95 17.79 5.76 21.97
CA LEU A 95 17.50 6.49 23.20
C LEU A 95 17.41 5.56 24.40
N LEU A 96 16.96 4.32 24.19
CA LEU A 96 16.93 3.34 25.28
C LEU A 96 18.32 3.08 25.83
N MET A 97 19.32 3.03 24.93
CA MET A 97 20.69 2.71 25.32
C MET A 97 21.48 3.95 25.72
N GLN A 98 20.84 4.93 26.35
CA GLN A 98 21.51 6.11 26.88
C GLN A 98 20.86 6.56 28.18
N PHE A 137 0.87 -21.26 47.20
CA PHE A 137 0.34 -20.72 48.46
C PHE A 137 1.48 -20.23 49.35
N LEU A 138 2.61 -20.92 49.30
CA LEU A 138 3.77 -20.61 50.13
C LEU A 138 4.80 -19.78 49.38
N GLY A 139 4.35 -18.83 48.56
CA GLY A 139 5.26 -17.99 47.79
C GLY A 139 6.25 -17.21 48.64
N PHE A 140 5.95 -17.05 49.93
CA PHE A 140 6.88 -16.39 50.83
C PHE A 140 8.07 -17.26 51.18
N LEU A 141 7.97 -18.58 51.01
CA LEU A 141 9.10 -19.46 51.22
C LEU A 141 10.05 -19.50 50.04
N LEU A 142 9.60 -19.06 48.86
CA LEU A 142 10.40 -19.13 47.64
C LEU A 142 11.56 -18.14 47.70
N GLY A 143 12.61 -18.44 46.93
CA GLY A 143 13.73 -17.54 46.78
C GLY A 143 13.43 -16.42 45.81
N VAL A 144 14.43 -15.55 45.65
CA VAL A 144 14.32 -14.42 44.74
C VAL A 144 15.54 -14.44 43.82
N GLY A 145 15.31 -14.62 42.52
CA GLY A 145 16.35 -14.56 41.52
C GLY A 145 16.01 -13.50 40.47
N SER A 146 16.97 -13.24 39.61
CA SER A 146 16.81 -12.31 38.49
C SER A 146 16.69 -13.14 37.21
N ALA A 147 15.47 -13.25 36.69
CA ALA A 147 15.19 -14.18 35.60
C ALA A 147 16.07 -13.90 34.38
N ILE A 148 16.26 -12.64 34.04
CA ILE A 148 16.94 -12.28 32.81
C ILE A 148 18.43 -12.09 33.04
N ALA A 149 18.92 -12.53 34.20
CA ALA A 149 20.34 -12.34 34.51
C ALA A 149 21.23 -12.98 33.46
N SER A 150 20.88 -14.20 33.04
CA SER A 150 21.70 -14.90 32.05
C SER A 150 21.72 -14.15 30.72
N GLY A 151 20.57 -13.58 30.32
CA GLY A 151 20.55 -12.80 29.09
C GLY A 151 21.20 -11.44 29.25
N VAL A 152 20.97 -10.78 30.38
CA VAL A 152 21.66 -9.51 30.64
C VAL A 152 23.17 -9.74 30.70
N ALA A 153 23.60 -10.88 31.27
CA ALA A 153 25.02 -11.20 31.30
C ALA A 153 25.61 -11.23 29.89
N VAL A 154 24.98 -12.00 28.99
CA VAL A 154 25.42 -12.06 27.60
C VAL A 154 25.38 -10.68 26.96
N CYS A 155 24.42 -9.85 27.37
CA CYS A 155 24.33 -8.50 26.83
C CYS A 155 25.59 -7.71 27.14
N LYS A 156 26.01 -7.69 28.41
CA LYS A 156 27.22 -6.96 28.77
C LYS A 156 28.46 -7.57 28.12
N VAL A 157 28.42 -8.87 27.82
CA VAL A 157 29.49 -9.46 27.02
C VAL A 157 29.57 -8.80 25.66
N LEU A 158 28.41 -8.48 25.06
CA LEU A 158 28.38 -7.90 23.73
C LEU A 158 28.86 -6.45 23.70
N HIS A 159 28.97 -5.78 24.84
CA HIS A 159 29.46 -4.41 24.85
C HIS A 159 30.94 -4.31 24.52
N LEU A 160 31.73 -5.30 24.94
CA LEU A 160 33.20 -5.21 24.85
C LEU A 160 33.64 -4.89 23.43
N GLU A 161 34.62 -4.01 23.31
CA GLU A 161 35.08 -3.57 22.00
C GLU A 161 35.65 -4.73 21.22
N GLY A 162 35.02 -5.05 20.09
CA GLY A 162 35.40 -6.17 19.26
C GLY A 162 34.38 -7.29 19.24
N GLU A 163 33.52 -7.37 20.25
CA GLU A 163 32.55 -8.48 20.30
C GLU A 163 31.49 -8.35 19.23
N VAL A 164 31.09 -7.14 18.86
CA VAL A 164 30.08 -6.98 17.83
C VAL A 164 30.67 -7.29 16.45
N ASN A 165 31.94 -6.94 16.23
CA ASN A 165 32.59 -7.25 14.96
C ASN A 165 32.64 -8.75 14.71
N LYS A 166 32.86 -9.54 15.77
CA LYS A 166 32.88 -10.99 15.63
C LYS A 166 31.55 -11.50 15.10
N ILE A 167 30.44 -10.91 15.56
CA ILE A 167 29.13 -11.35 15.13
C ILE A 167 28.91 -11.02 13.66
N LYS A 168 29.27 -9.81 13.23
CA LYS A 168 29.09 -9.44 11.84
C LYS A 168 30.03 -10.23 10.93
N SER A 169 31.27 -10.44 11.37
CA SER A 169 32.22 -11.21 10.55
C SER A 169 31.76 -12.65 10.40
N ALA A 170 31.18 -13.23 11.46
CA ALA A 170 30.62 -14.56 11.35
C ALA A 170 29.27 -14.57 10.65
N LEU A 171 28.60 -13.43 10.57
CA LEU A 171 27.35 -13.29 9.81
C LEU A 171 27.57 -12.57 8.48
N LEU A 172 28.82 -12.44 8.04
CA LEU A 172 29.11 -11.66 6.85
C LEU A 172 28.44 -12.24 5.61
N SER A 173 28.41 -13.57 5.50
CA SER A 173 27.89 -14.20 4.29
C SER A 173 26.79 -15.21 4.58
N THR A 174 26.44 -15.47 5.83
CA THR A 174 25.40 -16.44 6.18
C THR A 174 24.43 -15.80 7.15
N ASN A 175 23.19 -16.31 7.14
CA ASN A 175 22.14 -15.81 8.02
C ASN A 175 22.05 -16.59 9.33
N LYS A 176 23.06 -17.41 9.64
CA LYS A 176 23.07 -18.16 10.89
C LYS A 176 24.48 -18.63 11.15
N ALA A 177 25.01 -18.33 12.34
CA ALA A 177 26.38 -18.68 12.66
C ALA A 177 26.50 -18.97 14.16
N VAL A 178 27.41 -19.88 14.49
CA VAL A 178 27.70 -20.25 15.87
C VAL A 178 28.96 -19.49 16.28
N VAL A 179 28.78 -18.47 17.12
CA VAL A 179 29.89 -17.61 17.54
C VAL A 179 30.27 -17.95 18.96
N SER A 180 31.58 -18.07 19.20
CA SER A 180 32.11 -18.25 20.55
C SER A 180 32.52 -16.88 21.08
N LEU A 181 31.84 -16.42 22.12
CA LEU A 181 32.08 -15.09 22.66
C LEU A 181 33.42 -15.05 23.41
N SER A 182 33.71 -13.89 24.01
CA SER A 182 34.95 -13.71 24.74
C SER A 182 35.00 -14.61 25.97
N ASN A 183 33.87 -14.77 26.65
CA ASN A 183 33.83 -15.46 27.93
C ASN A 183 33.83 -16.99 27.81
N GLY A 184 34.03 -17.52 26.61
CA GLY A 184 34.06 -18.96 26.44
C GLY A 184 32.71 -19.61 26.40
N VAL A 185 31.71 -18.93 25.83
CA VAL A 185 30.38 -19.48 25.64
C VAL A 185 30.04 -19.42 24.16
N SER A 186 29.53 -20.52 23.60
CA SER A 186 29.07 -20.54 22.23
C SER A 186 27.58 -20.19 22.20
N VAL A 187 27.25 -19.15 21.45
CA VAL A 187 25.88 -18.65 21.33
C VAL A 187 25.46 -18.74 19.88
N LEU A 188 24.22 -19.17 19.66
CA LEU A 188 23.66 -19.18 18.31
C LEU A 188 23.32 -17.76 17.88
N THR A 189 23.73 -17.40 16.68
CA THR A 189 23.60 -16.02 16.19
C THR A 189 22.78 -15.99 14.92
N PHE A 190 21.91 -14.99 14.80
CA PHE A 190 20.94 -14.93 13.73
C PHE A 190 20.86 -13.52 13.16
N LYS A 191 21.02 -13.40 11.84
CA LYS A 191 20.72 -12.17 11.12
C LYS A 191 19.37 -12.34 10.45
N VAL A 192 18.41 -11.48 10.83
CA VAL A 192 17.01 -11.75 10.57
C VAL A 192 16.43 -10.90 9.44
N LEU A 193 16.93 -9.68 9.23
CA LEU A 193 16.29 -8.79 8.27
C LEU A 193 17.35 -8.00 7.52
N ASP A 194 17.14 -7.80 6.21
CA ASP A 194 18.03 -7.02 5.37
C ASP A 194 17.34 -5.70 5.01
N LEU A 195 17.48 -4.72 5.91
CA LEU A 195 17.10 -3.36 5.58
C LEU A 195 18.27 -2.57 5.03
N LYS A 196 19.50 -2.91 5.42
CA LYS A 196 20.66 -2.20 4.93
C LYS A 196 20.92 -2.51 3.46
N ASN A 197 20.84 -3.79 3.08
CA ASN A 197 21.08 -4.17 1.69
C ASN A 197 20.00 -3.64 0.75
N TYR A 198 18.82 -3.30 1.26
CA TYR A 198 17.81 -2.69 0.40
C TYR A 198 17.90 -1.16 0.42
N ILE A 199 18.06 -0.56 1.60
CA ILE A 199 18.07 0.89 1.69
C ILE A 199 19.39 1.45 1.16
N ASP A 200 20.52 0.88 1.59
CA ASP A 200 21.81 1.41 1.16
C ASP A 200 22.03 1.19 -0.33
N LYS A 201 21.70 0.00 -0.82
CA LYS A 201 22.05 -0.39 -2.18
C LYS A 201 21.06 0.08 -3.23
N GLN A 202 19.76 0.12 -2.88
CA GLN A 202 18.72 0.45 -3.86
C GLN A 202 17.95 1.72 -3.57
N LEU A 203 18.12 2.34 -2.41
CA LEU A 203 17.21 3.42 -2.03
C LEU A 203 17.92 4.70 -1.64
N LEU A 204 19.03 4.60 -0.91
CA LEU A 204 19.77 5.75 -0.41
C LEU A 204 20.44 6.59 -1.51
N PRO A 205 21.13 5.99 -2.49
CA PRO A 205 21.79 6.82 -3.51
C PRO A 205 20.85 7.63 -4.38
N ILE A 206 19.54 7.34 -4.37
CA ILE A 206 18.59 8.18 -5.06
C ILE A 206 18.16 9.35 -4.19
N LEU A 207 17.87 9.08 -2.92
CA LEU A 207 17.38 10.12 -2.03
C LEU A 207 18.47 11.15 -1.73
N ASN A 208 19.72 10.71 -1.58
CA ASN A 208 20.80 11.65 -1.30
C ASN A 208 21.30 12.37 -2.56
N LYS A 209 20.41 12.68 -3.49
CA LYS A 209 20.70 13.50 -4.66
C LYS A 209 19.69 14.64 -4.72
N GLN A 210 19.86 15.54 -5.69
CA GLN A 210 19.04 16.75 -5.71
C GLN A 210 17.60 16.46 -6.10
N SER A 211 17.41 15.81 -7.25
CA SER A 211 16.11 15.34 -7.69
C SER A 211 16.14 13.82 -7.81
N CYS A 212 15.03 13.19 -7.43
CA CYS A 212 14.95 11.75 -7.33
C CYS A 212 13.57 11.28 -7.80
N SER A 213 13.55 10.13 -8.45
CA SER A 213 12.35 9.59 -9.06
C SER A 213 12.19 8.13 -8.70
N ILE A 214 10.98 7.73 -8.32
CA ILE A 214 10.69 6.35 -7.94
C ILE A 214 10.01 5.64 -9.09
N SER A 215 10.55 4.51 -9.50
CA SER A 215 10.10 3.80 -10.69
C SER A 215 8.66 3.33 -10.56
N ASN A 216 8.42 2.42 -9.61
CA ASN A 216 7.17 1.68 -9.51
C ASN A 216 6.41 2.09 -8.25
N ILE A 217 5.08 1.99 -8.31
CA ILE A 217 4.30 2.08 -7.08
C ILE A 217 4.54 0.85 -6.21
N GLU A 218 4.77 -0.31 -6.85
CA GLU A 218 5.04 -1.53 -6.11
C GLU A 218 6.26 -1.40 -5.23
N THR A 219 7.19 -0.50 -5.58
CA THR A 219 8.35 -0.28 -4.73
C THR A 219 7.94 0.28 -3.37
N VAL A 220 6.99 1.21 -3.35
CA VAL A 220 6.52 1.77 -2.08
C VAL A 220 5.97 0.66 -1.19
N ILE A 221 5.07 -0.15 -1.75
CA ILE A 221 4.46 -1.24 -0.97
C ILE A 221 5.53 -2.23 -0.51
N GLU A 222 6.45 -2.61 -1.41
CA GLU A 222 7.50 -3.55 -1.02
C GLU A 222 8.32 -3.00 0.14
N PHE A 223 8.59 -1.70 0.12
CA PHE A 223 9.28 -1.08 1.24
C PHE A 223 8.51 -1.26 2.54
N GLN A 224 7.20 -0.97 2.52
CA GLN A 224 6.39 -1.10 3.72
C GLN A 224 6.50 -2.50 4.32
N GLN A 225 6.56 -3.53 3.48
CA GLN A 225 6.75 -4.89 3.98
C GLN A 225 8.08 -5.02 4.71
N LYS A 226 9.15 -4.50 4.12
CA LYS A 226 10.47 -4.62 4.75
C LYS A 226 10.53 -3.82 6.04
N ASN A 227 10.02 -2.59 6.02
CA ASN A 227 10.13 -1.71 7.17
C ASN A 227 9.16 -2.08 8.29
N ASN A 228 8.10 -2.82 7.99
CA ASN A 228 7.09 -3.11 9.01
C ASN A 228 7.67 -3.81 10.21
N ARG A 229 8.40 -4.91 9.99
CA ARG A 229 8.89 -5.71 11.11
C ARG A 229 9.74 -4.88 12.07
N LEU A 230 10.64 -4.04 11.53
CA LEU A 230 11.50 -3.24 12.41
C LEU A 230 10.68 -2.28 13.26
N LEU A 231 9.61 -1.73 12.70
CA LEU A 231 8.75 -0.83 13.46
C LEU A 231 8.04 -1.57 14.58
N GLU A 232 7.61 -2.80 14.31
CA GLU A 232 6.87 -3.56 15.31
C GLU A 232 7.79 -4.14 16.36
N ILE A 233 9.06 -4.35 16.04
CA ILE A 233 10.05 -4.68 17.05
C ILE A 233 10.29 -3.50 17.98
N THR A 234 10.45 -2.31 17.39
CA THR A 234 10.64 -1.11 18.20
C THR A 234 9.40 -0.83 19.06
N ARG A 235 8.22 -1.10 18.53
CA ARG A 235 6.99 -0.82 19.28
C ARG A 235 6.94 -1.61 20.59
N GLU A 236 7.33 -2.88 20.56
CA GLU A 236 7.31 -3.67 21.78
C GLU A 236 8.39 -3.22 22.76
N PHE A 237 9.60 -2.95 22.26
CA PHE A 237 10.70 -2.57 23.14
C PHE A 237 10.45 -1.20 23.79
N SER A 238 9.85 -0.27 23.05
CA SER A 238 9.61 1.06 23.61
C SER A 238 8.58 1.02 24.74
N VAL A 239 7.68 0.05 24.69
CA VAL A 239 6.57 -0.05 25.65
C VAL A 239 6.89 -0.99 26.81
N ASN A 240 7.93 -1.82 26.69
CA ASN A 240 8.31 -2.76 27.74
C ASN A 240 9.70 -2.48 28.31
N ALA A 241 10.27 -1.30 28.03
CA ALA A 241 11.58 -0.87 28.54
C ALA A 241 12.72 -1.80 28.12
N GLY A 242 12.62 -2.40 26.94
CA GLY A 242 13.70 -3.21 26.42
C GLY A 242 13.64 -4.69 26.76
N VAL A 243 12.66 -5.12 27.55
CA VAL A 243 12.51 -6.52 27.93
C VAL A 243 11.06 -6.91 27.76
N THR A 244 10.78 -7.83 26.84
CA THR A 244 9.42 -8.27 26.54
C THR A 244 9.28 -9.77 26.79
N THR A 245 8.11 -10.15 27.30
CA THR A 245 7.70 -11.54 27.44
C THR A 245 6.19 -11.58 27.53
N PRO A 246 5.51 -12.55 26.88
CA PRO A 246 6.08 -13.61 26.04
C PRO A 246 6.69 -13.09 24.74
N VAL A 247 7.69 -13.81 24.22
CA VAL A 247 8.43 -13.35 23.05
C VAL A 247 7.52 -13.49 21.82
N SER A 248 7.16 -12.36 21.23
CA SER A 248 6.17 -12.36 20.16
C SER A 248 6.74 -13.01 18.89
N THR A 249 5.83 -13.24 17.94
CA THR A 249 6.24 -13.69 16.61
C THR A 249 6.97 -12.62 15.83
N TYR A 250 6.98 -11.38 16.32
CA TYR A 250 7.79 -10.34 15.71
C TYR A 250 9.24 -10.47 16.12
N MET A 251 9.49 -10.72 17.41
CA MET A 251 10.85 -10.91 17.90
C MET A 251 11.44 -12.23 17.40
N LEU A 252 10.59 -13.17 16.99
CA LEU A 252 11.05 -14.49 16.56
C LEU A 252 9.89 -15.26 15.94
N THR A 253 9.90 -15.40 14.63
CA THR A 253 8.85 -16.13 13.95
C THR A 253 9.00 -17.63 14.16
N ASN A 254 7.90 -18.36 13.97
CA ASN A 254 7.93 -19.81 14.16
C ASN A 254 9.05 -20.46 13.34
N SER A 255 9.31 -19.93 12.13
CA SER A 255 10.39 -20.47 11.33
C SER A 255 11.75 -20.23 11.99
N GLU A 256 11.93 -19.06 12.60
CA GLU A 256 13.21 -18.76 13.26
C GLU A 256 13.34 -19.50 14.60
N LEU A 257 12.26 -19.55 15.38
CA LEU A 257 12.33 -20.21 16.67
C LEU A 257 12.60 -21.71 16.51
N LEU A 258 11.99 -22.34 15.51
CA LEU A 258 12.20 -23.76 15.31
C LEU A 258 13.61 -24.08 14.82
N SER A 259 14.20 -23.20 14.01
CA SER A 259 15.58 -23.42 13.57
C SER A 259 16.57 -23.16 14.69
N LEU A 260 16.21 -22.32 15.66
CA LEU A 260 17.01 -22.20 16.87
C LEU A 260 17.03 -23.51 17.65
N ILE A 261 15.84 -24.06 17.92
CA ILE A 261 15.72 -25.27 18.74
C ILE A 261 16.46 -26.43 18.11
N ASN A 262 16.26 -26.65 16.81
CA ASN A 262 16.89 -27.79 16.14
C ASN A 262 18.42 -27.71 16.21
N ASP A 263 18.98 -26.49 16.32
CA ASP A 263 20.43 -26.31 16.34
C ASP A 263 20.95 -25.87 17.70
N MET A 264 20.11 -25.95 18.75
CA MET A 264 20.59 -25.76 20.10
C MET A 264 21.41 -26.97 20.56
N PRO A 265 22.50 -26.75 21.29
CA PRO A 265 23.22 -27.89 21.89
C PRO A 265 22.39 -28.57 22.98
N ILE A 266 21.36 -29.31 22.58
CA ILE A 266 20.45 -29.97 23.50
C ILE A 266 20.11 -31.36 22.94
N THR A 267 19.31 -32.11 23.69
CA THR A 267 19.02 -33.49 23.36
C THR A 267 17.89 -33.58 22.33
N ASN A 268 17.90 -34.67 21.55
CA ASN A 268 16.86 -34.85 20.54
C ASN A 268 15.48 -35.03 21.15
N ASP A 269 15.41 -35.53 22.39
CA ASP A 269 14.14 -35.46 23.11
C ASP A 269 13.85 -34.05 23.58
N GLN A 270 14.89 -33.26 23.83
CA GLN A 270 14.68 -31.90 24.28
C GLN A 270 14.13 -31.02 23.16
N LYS A 271 14.55 -31.28 21.92
CA LYS A 271 14.04 -30.53 20.77
C LYS A 271 12.62 -30.99 20.41
N LYS A 272 12.37 -32.29 20.53
CA LYS A 272 11.04 -32.85 20.29
C LYS A 272 9.97 -32.15 21.12
N LEU A 273 10.27 -31.89 22.39
CA LEU A 273 9.28 -31.29 23.28
C LEU A 273 9.08 -29.81 22.98
N MET A 274 10.18 -29.08 22.75
CA MET A 274 10.08 -27.65 22.49
C MET A 274 9.31 -27.39 21.20
N SER A 275 9.50 -28.23 20.19
CA SER A 275 8.86 -28.00 18.90
C SER A 275 7.35 -28.14 18.97
N ASN A 276 6.84 -29.04 19.82
CA ASN A 276 5.40 -29.26 19.89
C ASN A 276 4.68 -28.18 20.68
N ASN A 277 5.37 -27.47 21.56
CA ASN A 277 4.77 -26.46 22.42
C ASN A 277 5.53 -25.15 22.31
N VAL A 278 5.69 -24.66 21.08
CA VAL A 278 6.35 -23.38 20.89
C VAL A 278 5.54 -22.25 21.53
N GLN A 279 4.22 -22.42 21.61
CA GLN A 279 3.39 -21.41 22.27
C GLN A 279 3.69 -21.30 23.75
N ILE A 280 4.29 -22.33 24.36
CA ILE A 280 4.69 -22.30 25.75
C ILE A 280 6.19 -22.02 25.84
N VAL A 281 6.94 -22.41 24.81
CA VAL A 281 8.33 -21.97 24.73
C VAL A 281 8.39 -20.45 24.66
N ARG A 282 7.35 -19.83 24.10
CA ARG A 282 7.34 -18.37 23.98
C ARG A 282 7.05 -17.73 25.33
N GLN A 283 6.05 -18.23 26.04
CA GLN A 283 5.65 -17.62 27.31
C GLN A 283 6.73 -17.75 28.38
N GLN A 284 7.68 -18.67 28.22
CA GLN A 284 8.76 -18.86 29.17
C GLN A 284 10.08 -18.30 28.66
N SER A 285 10.06 -17.46 27.62
CA SER A 285 11.25 -16.86 27.05
C SER A 285 11.23 -15.35 27.21
N TYR A 286 12.41 -14.75 27.13
CA TYR A 286 12.53 -13.30 27.16
C TYR A 286 13.29 -12.82 25.93
N SER A 287 13.03 -11.58 25.53
CA SER A 287 13.82 -10.90 24.52
C SER A 287 14.34 -9.61 25.13
N ILE A 288 15.65 -9.39 25.06
CA ILE A 288 16.31 -8.28 25.73
C ILE A 288 17.00 -7.42 24.70
N MET A 289 16.57 -6.16 24.59
CA MET A 289 17.26 -5.20 23.75
C MET A 289 18.64 -4.92 24.31
N CYS A 290 19.67 -5.06 23.48
CA CYS A 290 21.04 -5.06 23.96
C CYS A 290 21.82 -3.83 23.50
N ILE A 291 22.31 -3.84 22.26
CA ILE A 291 23.10 -2.74 21.72
C ILE A 291 22.72 -2.48 20.28
N ILE A 292 22.80 -1.20 19.89
CA ILE A 292 22.81 -0.79 18.49
C ILE A 292 24.14 -0.07 18.26
N LYS A 293 25.12 -0.79 17.71
CA LYS A 293 26.47 -0.26 17.50
C LYS A 293 26.86 -0.40 16.04
N GLU A 294 27.66 0.56 15.57
CA GLU A 294 28.08 0.64 14.19
C GLU A 294 26.87 0.60 13.26
N GLU A 295 26.68 -0.52 12.58
CA GLU A 295 25.52 -0.72 11.72
C GLU A 295 24.82 -2.03 12.06
N VAL A 296 24.84 -2.39 13.35
CA VAL A 296 24.30 -3.65 13.84
C VAL A 296 23.31 -3.36 14.96
N LEU A 297 22.15 -4.01 14.92
CA LEU A 297 21.14 -3.95 15.96
C LEU A 297 20.96 -5.35 16.51
N ALA A 298 21.37 -5.57 17.76
CA ALA A 298 21.38 -6.89 18.36
C ALA A 298 20.55 -6.91 19.63
N TYR A 299 19.62 -7.85 19.72
CA TYR A 299 18.83 -8.05 20.93
C TYR A 299 18.86 -9.53 21.30
N VAL A 300 19.06 -9.82 22.59
CA VAL A 300 19.27 -11.18 23.05
C VAL A 300 17.91 -11.81 23.36
N VAL A 301 17.71 -13.02 22.82
CA VAL A 301 16.56 -13.83 23.17
C VAL A 301 17.02 -14.91 24.14
N GLN A 302 16.36 -14.98 25.29
CA GLN A 302 16.73 -15.89 26.37
C GLN A 302 15.72 -17.04 26.36
N LEU A 303 16.12 -18.17 25.75
CA LEU A 303 15.23 -19.32 25.65
C LEU A 303 15.48 -20.31 26.78
N PRO A 304 14.41 -20.95 27.28
CA PRO A 304 14.56 -21.93 28.34
C PRO A 304 15.11 -23.25 27.84
N LEU A 305 15.93 -23.89 28.67
CA LEU A 305 16.32 -25.27 28.47
C LEU A 305 15.68 -26.12 29.56
N TYR A 306 15.07 -27.22 29.16
CA TYR A 306 14.34 -28.10 30.08
C TYR A 306 15.21 -29.31 30.39
N GLY A 307 15.75 -29.36 31.60
CA GLY A 307 16.71 -30.38 31.97
C GLY A 307 16.10 -31.56 32.70
N VAL A 308 14.84 -31.44 33.09
CA VAL A 308 14.09 -32.49 33.77
C VAL A 308 12.80 -32.70 33.00
N ILE A 309 12.69 -33.84 32.32
CA ILE A 309 11.59 -34.11 31.40
C ILE A 309 11.09 -35.52 31.65
N ASP A 310 9.78 -35.73 31.44
CA ASP A 310 9.15 -37.05 31.45
C ASP A 310 9.18 -37.73 32.82
N THR A 311 9.41 -36.99 33.89
CA THR A 311 9.17 -37.58 35.19
C THR A 311 7.72 -37.40 35.58
N PRO A 312 7.18 -38.28 36.43
CA PRO A 312 5.76 -38.18 36.79
C PRO A 312 5.50 -37.01 37.73
N CYS A 313 4.45 -36.24 37.41
CA CYS A 313 4.04 -35.08 38.21
C CYS A 313 2.68 -35.35 38.83
N TRP A 314 2.38 -34.55 39.85
CA TRP A 314 1.07 -34.62 40.49
C TRP A 314 0.75 -33.26 41.11
N LYS A 315 -0.52 -32.87 41.03
CA LYS A 315 -0.96 -31.57 41.52
C LYS A 315 -1.86 -31.77 42.73
N LEU A 316 -1.54 -31.08 43.82
CA LEU A 316 -2.31 -31.13 45.05
C LEU A 316 -3.24 -29.93 45.14
N HIS A 317 -4.49 -30.17 45.47
CA HIS A 317 -5.50 -29.13 45.64
C HIS A 317 -6.02 -29.16 47.06
N THR A 318 -6.13 -27.99 47.68
CA THR A 318 -6.53 -27.88 49.08
C THR A 318 -7.60 -26.80 49.26
N SER A 319 -8.49 -27.03 50.21
CA SER A 319 -9.55 -26.11 50.58
C SER A 319 -9.68 -26.10 52.09
N PRO A 320 -10.26 -25.03 52.65
CA PRO A 320 -10.41 -24.96 54.11
C PRO A 320 -11.24 -26.13 54.64
N LEU A 321 -10.87 -26.60 55.83
CA LEU A 321 -11.56 -27.70 56.50
C LEU A 321 -11.85 -27.28 57.93
N CYS A 322 -13.12 -27.13 58.27
CA CYS A 322 -13.57 -26.72 59.59
C CYS A 322 -14.43 -27.81 60.21
N THR A 323 -14.73 -27.64 61.50
CA THR A 323 -15.70 -28.50 62.18
C THR A 323 -17.10 -28.20 61.64
N THR A 324 -18.08 -28.95 62.15
CA THR A 324 -19.45 -28.89 61.63
C THR A 324 -20.45 -28.44 62.68
N ASN A 325 -20.02 -27.60 63.62
CA ASN A 325 -20.92 -27.10 64.67
C ASN A 325 -21.86 -26.03 64.10
N THR A 326 -23.07 -25.99 64.66
CA THR A 326 -24.10 -25.09 64.15
C THR A 326 -23.91 -23.65 64.65
N LYS A 327 -23.39 -23.48 65.86
CA LYS A 327 -23.30 -22.16 66.45
C LYS A 327 -22.18 -21.34 65.81
N GLU A 328 -22.39 -20.03 65.78
CA GLU A 328 -21.46 -19.12 65.14
C GLU A 328 -20.17 -18.99 65.95
N GLY A 329 -19.03 -18.98 65.26
CA GLY A 329 -17.76 -18.81 65.92
C GLY A 329 -17.33 -19.94 66.83
N SER A 330 -18.07 -21.04 66.84
CA SER A 330 -17.74 -22.21 67.64
C SER A 330 -17.00 -23.27 66.84
N ASN A 331 -16.40 -22.89 65.72
CA ASN A 331 -15.74 -23.81 64.82
C ASN A 331 -14.26 -23.49 64.72
N ILE A 332 -13.42 -24.54 64.75
CA ILE A 332 -11.98 -24.44 64.55
C ILE A 332 -11.67 -24.96 63.15
N CYS A 333 -10.78 -24.26 62.45
CA CYS A 333 -10.52 -24.53 61.04
C CYS A 333 -9.04 -24.82 60.80
N LEU A 334 -8.79 -25.72 59.85
CA LEU A 334 -7.46 -26.13 59.43
C LEU A 334 -7.45 -26.28 57.93
N THR A 335 -6.35 -25.90 57.30
CA THR A 335 -6.23 -25.98 55.84
C THR A 335 -4.85 -26.46 55.47
N ARG A 336 -4.79 -27.45 54.58
CA ARG A 336 -3.52 -27.95 54.08
C ARG A 336 -2.86 -26.88 53.21
N THR A 337 -1.65 -26.46 53.58
CA THR A 337 -0.97 -25.41 52.84
C THR A 337 0.23 -25.93 52.08
N ASP A 338 0.06 -27.07 51.40
CA ASP A 338 1.11 -27.61 50.53
C ASP A 338 0.57 -27.84 49.12
N ARG A 339 -0.40 -27.03 48.70
CA ARG A 339 -0.97 -27.20 47.37
C ARG A 339 -0.09 -26.55 46.31
N GLY A 340 -0.28 -27.00 45.07
CA GLY A 340 0.58 -26.58 43.99
C GLY A 340 1.02 -27.77 43.16
N TRP A 341 2.16 -27.66 42.47
CA TRP A 341 2.62 -28.75 41.63
C TRP A 341 3.82 -29.46 42.26
N TYR A 342 3.88 -30.76 42.04
CA TYR A 342 4.98 -31.60 42.47
C TYR A 342 5.48 -32.44 41.31
N CYS A 343 6.80 -32.53 41.16
CA CYS A 343 7.40 -33.35 40.12
C CYS A 343 8.71 -33.93 40.63
N ASP A 344 8.99 -35.17 40.22
CA ASP A 344 10.21 -35.83 40.65
C ASP A 344 11.42 -35.22 39.95
N ASN A 345 12.45 -34.91 40.74
CA ASN A 345 13.65 -34.26 40.21
C ASN A 345 14.84 -34.68 41.06
N ALA A 346 15.64 -35.60 40.52
CA ALA A 346 16.92 -36.03 41.11
C ALA A 346 16.74 -36.52 42.54
N GLY A 347 15.79 -37.43 42.75
CA GLY A 347 15.58 -38.05 44.04
C GLY A 347 14.78 -37.23 45.02
N SER A 348 14.54 -35.95 44.75
CA SER A 348 13.70 -35.10 45.58
C SER A 348 12.50 -34.64 44.75
N VAL A 349 11.62 -33.88 45.39
CA VAL A 349 10.38 -33.42 44.76
C VAL A 349 10.38 -31.90 44.72
N SER A 350 10.30 -31.35 43.51
CA SER A 350 10.24 -29.91 43.35
C SER A 350 8.80 -29.44 43.52
N PHE A 351 8.57 -28.61 44.53
CA PHE A 351 7.23 -28.14 44.89
C PHE A 351 7.04 -26.72 44.38
N PHE A 352 6.05 -26.53 43.51
CA PHE A 352 5.72 -25.19 43.02
C PHE A 352 4.43 -24.73 43.70
N PRO A 353 4.51 -23.82 44.67
CA PRO A 353 3.28 -23.39 45.36
C PRO A 353 2.35 -22.59 44.49
N GLN A 354 2.88 -21.84 43.52
CA GLN A 354 2.07 -21.03 42.62
C GLN A 354 1.77 -21.86 41.38
N ALA A 355 0.60 -22.50 41.36
CA ALA A 355 0.16 -23.23 40.17
C ALA A 355 -0.08 -22.32 38.98
N GLU A 356 -0.16 -21.00 39.20
CA GLU A 356 -0.35 -20.07 38.09
C GLU A 356 0.91 -19.92 37.26
N THR A 357 2.07 -20.11 37.88
CA THR A 357 3.33 -20.04 37.14
C THR A 357 3.55 -21.28 36.29
N CYS A 358 2.97 -22.41 36.67
CA CYS A 358 3.00 -23.60 35.83
C CYS A 358 1.86 -23.55 34.81
N LYS A 359 2.14 -24.10 33.63
CA LYS A 359 1.20 -24.06 32.51
C LYS A 359 0.97 -25.48 32.00
N VAL A 360 -0.29 -25.85 31.84
CA VAL A 360 -0.70 -27.24 31.60
C VAL A 360 -1.20 -27.36 30.17
N GLN A 361 -0.49 -28.15 29.36
CA GLN A 361 -0.89 -28.48 27.99
C GLN A 361 -1.11 -29.97 27.90
N SER A 362 -2.34 -30.38 27.59
CA SER A 362 -2.75 -31.79 27.63
C SER A 362 -2.41 -32.39 28.98
N ASN A 363 -1.44 -33.29 29.04
CA ASN A 363 -0.95 -33.83 30.29
C ASN A 363 0.47 -33.39 30.61
N ARG A 364 1.06 -32.51 29.80
CA ARG A 364 2.41 -32.01 30.05
C ARG A 364 2.32 -30.74 30.89
N VAL A 365 3.24 -30.61 31.85
CA VAL A 365 3.23 -29.53 32.83
C VAL A 365 4.55 -28.79 32.73
N PHE A 366 4.49 -27.52 32.32
CA PHE A 366 5.67 -26.68 32.17
C PHE A 366 5.79 -25.77 33.40
N CYS A 367 6.82 -26.00 34.21
CA CYS A 367 7.06 -25.19 35.40
C CYS A 367 8.43 -24.55 35.35
N ASP A 368 8.63 -23.56 36.21
CA ASP A 368 9.88 -22.84 36.33
C ASP A 368 10.43 -23.06 37.73
N THR A 369 11.65 -23.60 37.81
CA THR A 369 12.24 -23.90 39.12
C THR A 369 12.39 -22.64 39.97
N MET A 370 12.44 -21.46 39.37
CA MET A 370 12.52 -20.22 40.12
C MET A 370 11.37 -20.04 41.10
N ASN A 371 10.27 -20.75 40.89
CA ASN A 371 9.12 -20.74 41.80
C ASN A 371 8.93 -22.10 42.46
N SER A 372 10.02 -22.70 42.92
CA SER A 372 9.98 -24.04 43.48
C SER A 372 10.74 -24.11 44.79
N LEU A 373 10.35 -25.09 45.60
CA LEU A 373 11.13 -25.54 46.74
C LEU A 373 11.66 -26.94 46.46
N THR A 374 12.90 -27.19 46.87
CA THR A 374 13.52 -28.50 46.70
C THR A 374 13.33 -29.28 48.01
N LEU A 375 12.28 -30.11 48.04
CA LEU A 375 11.80 -30.84 49.21
C LEU A 375 12.15 -32.32 49.10
N PRO A 376 12.38 -33.00 50.24
CA PRO A 376 12.61 -34.44 50.20
C PRO A 376 11.38 -35.19 49.67
N SER A 377 11.61 -36.40 49.18
CA SER A 377 10.53 -37.20 48.63
C SER A 377 9.54 -37.68 49.69
N GLU A 378 9.78 -37.36 50.96
CA GLU A 378 8.84 -37.71 52.01
C GLU A 378 7.60 -36.82 52.03
N VAL A 379 7.62 -35.71 51.28
CA VAL A 379 6.42 -34.86 51.17
C VAL A 379 5.27 -35.63 50.53
N ASN A 380 5.58 -36.61 49.68
CA ASN A 380 4.54 -37.40 49.03
C ASN A 380 3.77 -38.24 50.05
N LEU A 381 4.42 -38.62 51.15
CA LEU A 381 3.76 -39.40 52.18
C LEU A 381 2.65 -38.62 52.88
N CYS A 382 2.64 -37.29 52.77
CA CYS A 382 1.63 -36.47 53.44
C CYS A 382 0.23 -36.67 52.87
N ASN A 383 0.06 -37.49 51.84
CA ASN A 383 -1.23 -37.66 51.21
C ASN A 383 -2.04 -38.79 51.84
N VAL A 384 -1.38 -39.91 52.16
CA VAL A 384 -2.07 -41.09 52.69
C VAL A 384 -2.27 -40.94 54.18
N ASP A 385 -1.18 -40.96 54.94
CA ASP A 385 -1.19 -40.69 56.37
C ASP A 385 -0.62 -39.28 56.59
N ILE A 386 -1.45 -38.40 57.15
CA ILE A 386 -1.04 -37.00 57.24
C ILE A 386 -0.03 -36.79 58.35
N PHE A 387 -0.13 -37.56 59.43
CA PHE A 387 0.77 -37.39 60.56
C PHE A 387 2.16 -37.95 60.25
N ASN A 388 2.32 -39.27 60.29
CA ASN A 388 3.52 -39.96 59.83
C ASN A 388 4.74 -39.65 60.69
N PRO A 389 5.83 -40.43 60.58
CA PRO A 389 7.05 -40.11 61.34
C PRO A 389 8.07 -39.32 60.55
N LYS A 390 8.15 -39.56 59.24
CA LYS A 390 9.28 -39.07 58.44
C LYS A 390 9.19 -37.56 58.19
N TYR A 391 8.15 -37.12 57.48
CA TYR A 391 8.02 -35.72 57.08
C TYR A 391 6.94 -35.02 57.92
N ASP A 392 7.19 -33.75 58.21
CA ASP A 392 6.31 -32.93 59.06
C ASP A 392 5.46 -32.07 58.14
N CYS A 393 4.22 -32.49 57.93
CA CYS A 393 3.36 -31.87 56.92
C CYS A 393 2.92 -30.48 57.38
N LYS A 394 2.81 -29.55 56.42
CA LYS A 394 2.57 -28.15 56.73
C LYS A 394 1.08 -27.83 56.66
N ILE A 395 0.61 -27.03 57.63
CA ILE A 395 -0.80 -26.71 57.80
C ILE A 395 -0.92 -25.28 58.33
N MET A 396 -2.06 -24.64 58.03
CA MET A 396 -2.43 -23.36 58.63
C MET A 396 -3.66 -23.53 59.51
N THR A 397 -3.80 -22.64 60.49
CA THR A 397 -4.92 -22.65 61.42
C THR A 397 -5.69 -21.34 61.34
N SER A 398 -7.00 -21.42 61.57
CA SER A 398 -7.89 -20.27 61.58
C SER A 398 -9.22 -20.71 62.18
N LYS A 399 -10.17 -19.76 62.24
CA LYS A 399 -11.53 -20.07 62.66
C LYS A 399 -12.55 -19.56 61.65
N THR A 400 -12.11 -19.23 60.43
CA THR A 400 -12.99 -18.71 59.40
C THR A 400 -13.75 -19.86 58.74
N ASP A 401 -15.03 -19.99 59.06
CA ASP A 401 -15.86 -21.09 58.57
C ASP A 401 -16.69 -20.66 57.36
N VAL A 402 -15.99 -20.31 56.28
CA VAL A 402 -16.62 -19.81 55.07
C VAL A 402 -16.54 -20.89 53.99
N SER A 403 -17.65 -21.12 53.31
CA SER A 403 -17.71 -22.15 52.28
C SER A 403 -16.95 -21.73 51.03
N SER A 404 -16.31 -22.71 50.38
CA SER A 404 -15.55 -22.45 49.17
C SER A 404 -15.35 -23.76 48.42
N SER A 405 -15.51 -23.72 47.10
CA SER A 405 -15.29 -24.87 46.25
C SER A 405 -14.00 -24.71 45.47
N VAL A 406 -13.29 -25.82 45.28
CA VAL A 406 -12.06 -25.84 44.51
C VAL A 406 -12.22 -26.87 43.40
N ILE A 407 -12.01 -26.44 42.15
CA ILE A 407 -12.12 -27.32 41.00
C ILE A 407 -10.77 -27.99 40.76
N THR A 408 -10.79 -29.31 40.67
CA THR A 408 -9.57 -30.09 40.48
C THR A 408 -9.41 -30.46 39.01
N SER A 409 -8.57 -31.46 38.73
CA SER A 409 -8.37 -31.90 37.35
C SER A 409 -9.56 -32.70 36.84
N LEU A 410 -10.13 -33.56 37.69
CA LEU A 410 -11.23 -34.43 37.30
C LEU A 410 -12.46 -34.23 38.18
N GLY A 411 -12.59 -33.09 38.83
CA GLY A 411 -13.71 -32.86 39.73
C GLY A 411 -13.69 -31.51 40.43
N ALA A 412 -14.35 -31.42 41.59
CA ALA A 412 -14.38 -30.17 42.33
C ALA A 412 -14.59 -30.46 43.81
N ILE A 413 -13.75 -29.87 44.65
CA ILE A 413 -13.88 -30.01 46.09
C ILE A 413 -15.01 -29.11 46.57
N VAL A 414 -15.83 -29.63 47.48
CA VAL A 414 -17.01 -28.93 47.98
C VAL A 414 -16.88 -28.80 49.49
N SER A 415 -16.70 -27.57 49.97
CA SER A 415 -16.69 -27.28 51.40
C SER A 415 -17.91 -26.40 51.70
N CYS A 416 -18.90 -26.99 52.39
CA CYS A 416 -20.19 -26.35 52.58
C CYS A 416 -20.49 -26.03 54.05
N TYR A 417 -19.71 -25.15 54.66
CA TYR A 417 -19.94 -24.78 56.04
C TYR A 417 -20.91 -23.61 56.14
N GLY A 418 -21.72 -23.61 57.21
CA GLY A 418 -22.66 -22.55 57.46
C GLY A 418 -24.00 -22.73 56.78
N LYS A 419 -24.69 -21.63 56.52
CA LYS A 419 -25.99 -21.63 55.86
C LYS A 419 -25.87 -21.67 54.34
N THR A 420 -24.65 -21.80 53.81
CA THR A 420 -24.47 -21.84 52.37
C THR A 420 -25.17 -23.06 51.77
N LYS A 421 -25.82 -22.84 50.64
CA LYS A 421 -26.54 -23.87 49.91
C LYS A 421 -25.64 -24.35 48.78
N CYS A 422 -25.15 -25.59 48.89
CA CYS A 422 -24.17 -26.13 47.95
C CYS A 422 -24.70 -27.41 47.31
N THR A 423 -24.53 -27.49 45.99
CA THR A 423 -25.18 -28.49 45.15
C THR A 423 -24.27 -28.81 43.97
N ALA A 424 -24.58 -29.92 43.29
CA ALA A 424 -23.89 -30.31 42.06
C ALA A 424 -24.92 -30.55 40.96
N SER A 425 -24.70 -29.94 39.80
CA SER A 425 -25.69 -29.92 38.74
C SER A 425 -25.23 -30.71 37.52
N ASN A 426 -26.20 -31.04 36.67
CA ASN A 426 -26.00 -31.68 35.38
C ASN A 426 -26.64 -30.80 34.31
N LYS A 427 -26.11 -30.85 33.08
CA LYS A 427 -26.64 -29.99 32.04
C LYS A 427 -28.00 -30.45 31.53
N ASN A 428 -28.34 -31.73 31.72
CA ASN A 428 -29.69 -32.19 31.41
C ASN A 428 -30.67 -31.75 32.49
N ARG A 429 -30.30 -31.91 33.75
CA ARG A 429 -31.11 -31.43 34.87
C ARG A 429 -30.18 -31.12 36.03
N GLY A 430 -30.20 -29.86 36.45
CA GLY A 430 -29.31 -29.41 37.50
C GLY A 430 -29.66 -29.99 38.86
N ILE A 431 -28.74 -29.75 39.79
CA ILE A 431 -28.92 -30.11 41.19
C ILE A 431 -29.27 -31.60 41.29
N ILE A 432 -28.39 -32.47 40.79
CA ILE A 432 -28.64 -33.91 40.86
C ILE A 432 -28.26 -34.45 42.23
N LYS A 433 -27.19 -33.94 42.83
CA LYS A 433 -26.78 -34.34 44.16
C LYS A 433 -26.63 -33.10 45.04
N THR A 434 -27.08 -33.21 46.29
CA THR A 434 -26.96 -32.14 47.27
C THR A 434 -25.93 -32.53 48.32
N PHE A 435 -25.21 -31.53 48.82
CA PHE A 435 -24.17 -31.73 49.81
C PHE A 435 -24.65 -31.28 51.19
N SER A 436 -24.36 -32.10 52.20
CA SER A 436 -24.53 -31.67 53.57
C SER A 436 -23.37 -30.76 53.96
N ASN A 437 -23.45 -30.20 55.16
CA ASN A 437 -22.41 -29.27 55.60
C ASN A 437 -21.13 -30.04 55.93
N GLY A 438 -20.02 -29.58 55.39
CA GLY A 438 -18.75 -30.25 55.45
C GLY A 438 -18.04 -30.21 54.12
N CYS A 439 -16.87 -30.84 54.08
CA CYS A 439 -16.02 -30.84 52.89
C CYS A 439 -16.15 -32.18 52.18
N ASP A 440 -16.88 -32.20 51.06
CA ASP A 440 -17.11 -33.39 50.26
C ASP A 440 -16.56 -33.18 48.84
N TYR A 441 -16.75 -34.18 47.98
CA TYR A 441 -16.17 -34.15 46.65
C TYR A 441 -17.00 -35.03 45.72
N VAL A 442 -17.05 -34.64 44.44
CA VAL A 442 -17.78 -35.36 43.41
C VAL A 442 -16.98 -35.33 42.11
N SER A 443 -16.96 -36.45 41.41
CA SER A 443 -16.20 -36.57 40.17
C SER A 443 -16.88 -35.79 39.04
N ASN A 444 -16.06 -35.40 38.05
CA ASN A 444 -16.58 -34.77 36.83
C ASN A 444 -17.33 -35.74 35.94
N LYS A 445 -17.21 -37.05 36.19
CA LYS A 445 -17.98 -38.05 35.47
C LYS A 445 -19.47 -37.86 35.74
N GLY A 446 -20.20 -37.40 34.72
CA GLY A 446 -21.63 -37.14 34.84
C GLY A 446 -22.00 -35.78 35.40
N VAL A 447 -21.08 -35.08 36.03
CA VAL A 447 -21.32 -33.75 36.57
C VAL A 447 -20.70 -32.72 35.64
N ASP A 448 -21.45 -31.68 35.32
CA ASP A 448 -20.99 -30.61 34.44
C ASP A 448 -20.76 -29.31 35.19
N THR A 449 -21.74 -28.86 35.98
CA THR A 449 -21.65 -27.62 36.73
C THR A 449 -21.86 -27.89 38.22
N VAL A 450 -21.35 -26.98 39.04
CA VAL A 450 -21.40 -27.09 40.50
C VAL A 450 -21.61 -25.70 41.07
N SER A 451 -22.52 -25.60 42.05
CA SER A 451 -22.86 -24.32 42.67
C SER A 451 -22.58 -24.38 44.17
N VAL A 452 -21.87 -23.38 44.68
CA VAL A 452 -21.67 -23.17 46.12
C VAL A 452 -22.03 -21.72 46.39
N GLY A 453 -23.21 -21.49 46.96
CA GLY A 453 -23.65 -20.13 47.18
C GLY A 453 -24.05 -19.48 45.87
N ASN A 454 -23.60 -18.24 45.67
CA ASN A 454 -23.91 -17.49 44.47
C ASN A 454 -22.89 -17.68 43.35
N THR A 455 -21.88 -18.52 43.56
CA THR A 455 -20.82 -18.77 42.59
C THR A 455 -21.04 -20.13 41.94
N LEU A 456 -21.31 -20.11 40.65
CA LEU A 456 -21.43 -21.34 39.87
C LEU A 456 -20.06 -21.73 39.33
N TYR A 457 -19.68 -22.99 39.54
CA TYR A 457 -18.42 -23.52 39.05
C TYR A 457 -18.69 -24.46 37.88
N TYR A 458 -17.91 -24.30 36.82
CA TYR A 458 -17.92 -25.24 35.71
C TYR A 458 -16.73 -26.18 35.86
N VAL A 459 -17.00 -27.48 35.91
CA VAL A 459 -15.98 -28.48 36.17
C VAL A 459 -15.32 -28.89 34.85
N ASN A 460 -14.02 -29.15 34.90
CA ASN A 460 -13.29 -29.58 33.72
C ASN A 460 -13.91 -30.83 33.13
N LYS A 461 -14.33 -30.75 31.86
CA LYS A 461 -14.90 -31.88 31.16
C LYS A 461 -13.86 -32.82 30.59
N GLN A 462 -12.63 -32.76 31.10
CA GLN A 462 -11.61 -33.72 30.71
C GLN A 462 -11.93 -35.08 31.30
N GLU A 463 -11.67 -36.13 30.53
CA GLU A 463 -12.02 -37.48 30.96
C GLU A 463 -10.93 -38.06 31.85
N GLY A 464 -11.30 -39.09 32.60
CA GLY A 464 -10.40 -39.74 33.52
C GLY A 464 -11.17 -40.44 34.63
N LYS A 465 -10.46 -41.32 35.34
CA LYS A 465 -11.07 -42.12 36.39
C LYS A 465 -10.85 -41.47 37.76
N SER A 466 -11.86 -41.63 38.62
CA SER A 466 -11.86 -41.02 39.94
C SER A 466 -11.86 -42.09 41.01
N LEU A 467 -11.35 -41.72 42.20
CA LEU A 467 -11.25 -42.64 43.33
C LEU A 467 -11.51 -41.86 44.60
N TYR A 468 -12.52 -42.28 45.36
CA TYR A 468 -12.93 -41.60 46.58
C TYR A 468 -12.28 -42.30 47.76
N VAL A 469 -11.40 -41.59 48.46
CA VAL A 469 -10.68 -42.13 49.61
C VAL A 469 -11.42 -41.67 50.87
N LYS A 470 -12.05 -42.62 51.56
CA LYS A 470 -12.86 -42.32 52.74
C LYS A 470 -12.00 -42.26 54.00
N GLY A 471 -12.49 -41.52 54.99
CA GLY A 471 -11.77 -41.35 56.24
C GLY A 471 -12.44 -40.34 57.14
N GLU A 472 -12.21 -40.43 58.44
CA GLU A 472 -12.84 -39.50 59.38
C GLU A 472 -12.12 -38.15 59.30
N PRO A 473 -12.87 -37.05 59.15
CA PRO A 473 -12.23 -35.73 59.07
C PRO A 473 -11.35 -35.46 60.28
N ILE A 474 -10.14 -34.98 60.02
CA ILE A 474 -9.10 -34.89 61.04
C ILE A 474 -9.38 -33.80 62.07
N ILE A 475 -10.30 -32.87 61.79
CA ILE A 475 -10.53 -31.77 62.72
C ILE A 475 -11.18 -32.28 64.00
N ASN A 476 -11.93 -33.37 63.93
CA ASN A 476 -12.57 -33.93 65.11
C ASN A 476 -11.57 -34.44 66.14
N PHE A 477 -10.30 -34.62 65.76
CA PHE A 477 -9.25 -35.07 66.68
C PHE A 477 -8.67 -33.96 67.54
N TYR A 478 -9.13 -32.72 67.37
CA TYR A 478 -8.58 -31.57 68.07
C TYR A 478 -9.59 -31.00 69.05
N ASP A 479 -9.12 -30.62 70.22
CA ASP A 479 -9.95 -29.96 71.21
C ASP A 479 -10.02 -28.48 70.89
N PRO A 480 -11.20 -27.91 70.67
CA PRO A 480 -11.29 -26.48 70.33
C PRO A 480 -11.04 -25.59 71.54
N LEU A 481 -10.59 -26.20 72.65
CA LEU A 481 -10.50 -25.49 73.92
C LEU A 481 -9.47 -24.37 73.86
N VAL A 482 -8.20 -24.70 73.68
CA VAL A 482 -7.15 -23.69 73.56
C VAL A 482 -6.49 -23.86 72.20
N PHE A 483 -7.28 -24.15 71.19
CA PHE A 483 -6.77 -24.39 69.85
C PHE A 483 -6.20 -23.10 69.26
N PRO A 484 -4.90 -23.01 69.01
CA PRO A 484 -4.33 -21.78 68.43
C PRO A 484 -4.90 -21.53 67.05
N SER A 485 -5.55 -20.38 66.88
CA SER A 485 -6.35 -20.11 65.69
C SER A 485 -5.72 -19.07 64.76
N ASP A 486 -4.46 -18.71 64.99
CA ASP A 486 -3.77 -17.72 64.17
C ASP A 486 -2.36 -18.18 63.85
N GLU A 487 -2.24 -19.45 63.45
CA GLU A 487 -0.97 -20.02 63.01
C GLU A 487 -1.00 -20.08 61.48
N PHE A 488 -0.43 -19.04 60.85
CA PHE A 488 -0.43 -18.97 59.39
C PHE A 488 0.49 -20.03 58.79
N ASP A 489 1.72 -20.12 59.27
CA ASP A 489 2.69 -21.11 58.81
C ASP A 489 3.11 -21.95 60.02
N ALA A 490 2.55 -23.15 60.12
CA ALA A 490 2.90 -24.09 61.17
C ALA A 490 2.89 -25.49 60.56
N SER A 491 2.98 -26.51 61.41
CA SER A 491 3.03 -27.88 60.96
C SER A 491 2.43 -28.79 62.02
N ILE A 492 2.33 -30.09 61.70
CA ILE A 492 1.66 -31.03 62.59
C ILE A 492 2.45 -31.22 63.88
N SER A 493 3.73 -31.56 63.77
CA SER A 493 4.56 -31.67 64.97
C SER A 493 4.71 -30.33 65.67
N GLN A 494 4.45 -29.23 64.96
CA GLN A 494 4.39 -27.91 65.60
C GLN A 494 3.02 -27.65 66.21
N VAL A 495 1.97 -28.25 65.65
CA VAL A 495 0.64 -28.13 66.25
C VAL A 495 0.53 -28.97 67.52
N ASN A 496 1.15 -30.15 67.52
CA ASN A 496 1.11 -30.98 68.72
C ASN A 496 1.92 -30.36 69.85
N GLU A 497 3.04 -29.68 69.53
CA GLU A 497 3.74 -28.90 70.55
C GLU A 497 2.95 -27.65 70.91
N LYS A 498 2.20 -27.09 69.96
CA LYS A 498 1.26 -26.01 70.28
C LYS A 498 0.11 -26.52 71.13
N ILE A 499 -0.16 -27.81 71.11
CA ILE A 499 -1.12 -28.40 72.04
C ILE A 499 -0.50 -28.57 73.41
N ASN A 500 0.65 -29.24 73.49
CA ASN A 500 1.28 -29.54 74.78
C ASN A 500 1.63 -28.28 75.56
N GLN A 501 1.91 -27.16 74.87
CA GLN A 501 2.21 -25.92 75.58
C GLN A 501 0.98 -25.35 76.27
N SER A 502 -0.20 -25.52 75.66
CA SER A 502 -1.45 -25.06 76.26
C SER A 502 -2.28 -26.20 76.86
N LEU A 503 -1.95 -27.46 76.53
CA LEU A 503 -2.59 -28.59 77.18
C LEU A 503 -1.87 -28.93 78.49
N ALA A 504 -0.62 -29.38 78.40
CA ALA A 504 0.08 -29.91 79.56
C ALA A 504 0.32 -28.82 80.60
N PHE A 505 0.71 -27.62 80.17
CA PHE A 505 1.08 -26.59 81.13
C PHE A 505 -0.13 -26.09 81.91
N ILE A 506 -1.28 -25.94 81.25
CA ILE A 506 -2.47 -25.47 81.95
C ILE A 506 -3.01 -26.54 82.88
N ARG A 507 -2.86 -27.82 82.51
CA ARG A 507 -3.29 -28.91 83.38
C ARG A 507 -2.52 -28.90 84.69
N LYS A 508 -1.20 -28.76 84.63
CA LYS A 508 -0.37 -28.80 85.83
C LYS A 508 -0.62 -27.64 86.77
N SER A 509 -1.20 -26.55 86.27
CA SER A 509 -1.47 -25.39 87.12
C SER A 509 -2.91 -25.37 87.61
N GLN B 26 32.63 6.14 44.45
CA GLN B 26 31.18 6.00 44.56
C GLN B 26 30.71 4.78 43.77
N ASN B 27 30.10 5.02 42.61
CA ASN B 27 29.55 3.98 41.74
C ASN B 27 28.67 3.03 42.54
N ILE B 28 28.76 1.73 42.28
CA ILE B 28 27.88 0.74 42.91
C ILE B 28 28.70 -0.13 43.86
N THR B 29 28.30 -0.17 45.12
CA THR B 29 28.92 -1.01 46.13
C THR B 29 27.85 -1.81 46.87
N GLU B 30 28.26 -2.94 47.42
CA GLU B 30 27.35 -3.82 48.14
C GLU B 30 28.03 -4.38 49.38
N GLU B 31 27.25 -4.63 50.42
CA GLU B 31 27.74 -5.18 51.67
C GLU B 31 26.84 -6.32 52.13
N PHE B 32 27.44 -7.32 52.77
CA PHE B 32 26.72 -8.46 53.29
C PHE B 32 26.99 -8.60 54.78
N TYR B 33 25.95 -8.92 55.54
CA TYR B 33 26.03 -9.03 57.00
C TYR B 33 25.80 -10.48 57.38
N GLN B 34 26.87 -11.17 57.80
CA GLN B 34 26.74 -12.58 58.13
C GLN B 34 25.87 -12.80 59.35
N SER B 35 25.75 -11.79 60.22
CA SER B 35 24.98 -11.97 61.45
C SER B 35 23.48 -11.94 61.18
N THR B 36 23.03 -11.14 60.21
CA THR B 36 21.61 -10.95 59.96
C THR B 36 21.13 -11.59 58.66
N CYS B 37 22.03 -12.26 57.92
CA CYS B 37 21.69 -12.90 56.65
C CYS B 37 20.98 -11.93 55.72
N SER B 38 21.60 -10.78 55.50
CA SER B 38 21.03 -9.73 54.67
C SER B 38 22.15 -9.01 53.93
N ALA B 39 21.77 -8.26 52.91
CA ALA B 39 22.74 -7.51 52.12
C ALA B 39 22.10 -6.22 51.64
N VAL B 40 22.93 -5.20 51.45
CA VAL B 40 22.50 -3.89 50.98
C VAL B 40 23.37 -3.48 49.80
N SER B 41 22.75 -2.88 48.78
CA SER B 41 23.44 -2.43 47.59
C SER B 41 23.30 -0.91 47.51
N LYS B 42 24.35 -0.18 47.86
CA LYS B 42 24.32 1.27 47.83
C LYS B 42 25.09 1.81 46.63
N GLY B 43 25.00 3.13 46.48
CA GLY B 43 25.56 3.82 45.33
C GLY B 43 24.58 4.13 44.23
N TYR B 44 23.28 3.93 44.45
CA TYR B 44 22.26 4.24 43.46
C TYR B 44 21.74 5.66 43.64
N LEU B 45 21.21 6.21 42.55
CA LEU B 45 20.60 7.54 42.55
C LEU B 45 19.08 7.43 42.55
N SER B 46 18.42 8.49 42.98
CA SER B 46 16.98 8.46 43.15
C SER B 46 16.24 8.99 41.94
N ALA B 47 14.97 8.62 41.85
CA ALA B 47 14.05 9.08 40.81
C ALA B 47 12.63 8.79 41.27
N LEU B 48 12.27 9.29 42.44
CA LEU B 48 10.97 8.99 43.04
C LEU B 48 9.88 9.83 42.39
N ARG B 49 8.71 9.23 42.23
CA ARG B 49 7.56 9.92 41.61
C ARG B 49 6.71 10.56 42.71
N THR B 50 6.75 11.89 42.80
CA THR B 50 5.98 12.57 43.83
C THR B 50 4.53 12.77 43.41
N GLY B 51 4.31 13.33 42.23
CA GLY B 51 2.96 13.64 41.80
C GLY B 51 2.71 13.48 40.32
N TRP B 52 1.63 14.09 39.83
CA TRP B 52 1.20 13.97 38.44
C TRP B 52 1.23 15.34 37.76
N TYR B 53 1.25 15.30 36.42
CA TYR B 53 1.00 16.46 35.59
C TYR B 53 -0.03 16.06 34.53
N THR B 54 -0.94 16.99 34.21
CA THR B 54 -2.08 16.71 33.35
C THR B 54 -1.97 17.50 32.06
N SER B 55 -2.00 16.79 30.92
CA SER B 55 -1.94 17.38 29.60
C SER B 55 -3.11 16.88 28.76
N VAL B 56 -3.67 17.76 27.94
CA VAL B 56 -4.84 17.44 27.13
C VAL B 56 -4.40 17.34 25.68
N ILE B 57 -4.62 16.18 25.08
CA ILE B 57 -4.30 15.93 23.68
C ILE B 57 -5.60 15.96 22.88
N THR B 58 -5.54 16.59 21.71
CA THR B 58 -6.71 16.73 20.84
C THR B 58 -6.43 16.12 19.48
N ILE B 59 -7.46 15.49 18.92
CA ILE B 59 -7.47 15.00 17.55
C ILE B 59 -8.67 15.63 16.86
N GLU B 60 -8.43 16.33 15.76
CA GLU B 60 -9.53 17.01 15.08
C GLU B 60 -10.32 16.01 14.25
N LEU B 61 -11.63 15.94 14.50
CA LEU B 61 -12.52 14.95 13.92
C LEU B 61 -13.32 15.55 12.77
N SER B 62 -14.18 14.73 12.16
CA SER B 62 -14.93 15.15 10.98
C SER B 62 -16.37 14.66 11.09
N ASN B 63 -17.31 15.61 11.02
CA ASN B 63 -18.74 15.29 11.11
C ASN B 63 -19.18 14.70 9.78
N ILE B 64 -18.96 13.40 9.61
CA ILE B 64 -19.22 12.71 8.35
C ILE B 64 -20.29 11.66 8.57
N LYS B 65 -21.25 11.61 7.66
CA LYS B 65 -22.27 10.57 7.66
C LYS B 65 -22.24 9.93 6.27
N GLU B 66 -23.34 9.27 5.91
CA GLU B 66 -23.41 8.52 4.66
C GLU B 66 -23.09 9.41 3.46
N ASN B 67 -22.11 8.98 2.67
CA ASN B 67 -21.67 9.73 1.51
C ASN B 67 -22.48 9.30 0.29
N LYS B 68 -22.43 10.14 -0.74
CA LYS B 68 -23.36 10.05 -1.86
C LYS B 68 -22.77 9.43 -3.11
N CYS B 69 -21.46 9.20 -3.17
CA CYS B 69 -20.86 8.60 -4.36
C CYS B 69 -20.88 7.09 -4.23
N ASN B 70 -21.25 6.43 -5.33
CA ASN B 70 -21.23 4.96 -5.42
C ASN B 70 -20.45 4.52 -6.63
N GLY B 71 -19.30 5.14 -6.86
CA GLY B 71 -18.45 4.75 -7.95
C GLY B 71 -18.07 3.28 -7.88
N THR B 72 -17.72 2.69 -9.02
CA THR B 72 -17.35 1.30 -9.08
C THR B 72 -15.86 1.12 -9.39
N ASP B 73 -15.07 2.18 -9.27
CA ASP B 73 -13.63 2.12 -9.54
C ASP B 73 -12.91 1.62 -8.31
N ALA B 74 -11.94 0.73 -8.52
CA ALA B 74 -11.25 0.08 -7.41
C ALA B 74 -10.62 1.09 -6.46
N LYS B 75 -10.04 2.16 -6.99
CA LYS B 75 -9.47 3.20 -6.13
C LYS B 75 -10.56 3.86 -5.30
N VAL B 76 -11.75 4.06 -5.88
CA VAL B 76 -12.84 4.70 -5.16
C VAL B 76 -13.36 3.79 -4.06
N LYS B 77 -13.55 2.50 -4.39
CA LYS B 77 -14.02 1.54 -3.40
C LYS B 77 -13.04 1.41 -2.24
N LEU B 78 -11.75 1.64 -2.50
CA LEU B 78 -10.74 1.46 -1.46
C LEU B 78 -10.77 2.61 -0.46
N ILE B 79 -11.00 3.83 -0.92
CA ILE B 79 -11.16 4.95 0.00
C ILE B 79 -12.52 4.86 0.69
N LYS B 80 -13.54 4.40 -0.04
CA LYS B 80 -14.84 4.12 0.57
C LYS B 80 -14.69 3.25 1.82
N GLN B 81 -13.97 2.14 1.70
CA GLN B 81 -13.83 1.25 2.85
C GLN B 81 -12.84 1.79 3.86
N GLU B 82 -11.76 2.44 3.41
CA GLU B 82 -10.80 3.02 4.34
C GLU B 82 -11.45 4.09 5.20
N LEU B 83 -12.41 4.83 4.61
CA LEU B 83 -13.18 5.81 5.38
C LEU B 83 -14.19 5.13 6.29
N ASP B 84 -14.72 3.98 5.88
CA ASP B 84 -15.62 3.24 6.75
C ASP B 84 -14.92 2.80 8.03
N LYS B 85 -13.64 2.43 7.93
CA LYS B 85 -12.83 2.18 9.13
C LYS B 85 -12.82 3.40 10.03
N TYR B 86 -12.65 4.58 9.44
CA TYR B 86 -12.69 5.84 10.19
C TYR B 86 -14.08 6.09 10.76
N LYS B 87 -15.12 6.04 9.92
CA LYS B 87 -16.46 6.39 10.38
C LYS B 87 -16.95 5.42 11.45
N ASN B 88 -16.44 4.19 11.45
CA ASN B 88 -16.81 3.23 12.49
C ASN B 88 -15.90 3.30 13.71
N ALA B 89 -14.67 3.81 13.56
CA ALA B 89 -13.80 3.94 14.73
C ALA B 89 -14.25 5.08 15.63
N VAL B 90 -14.63 6.22 15.04
CA VAL B 90 -15.19 7.31 15.84
C VAL B 90 -16.54 6.92 16.42
N THR B 91 -17.17 5.87 15.89
CA THR B 91 -18.38 5.34 16.49
C THR B 91 -18.06 4.47 17.70
N GLU B 92 -16.96 3.70 17.63
CA GLU B 92 -16.52 2.93 18.78
C GLU B 92 -16.23 3.85 19.96
N LEU B 93 -15.53 4.95 19.71
CA LEU B 93 -15.20 5.88 20.78
C LEU B 93 -16.45 6.54 21.35
N GLN B 94 -17.49 6.74 20.53
CA GLN B 94 -18.69 7.42 20.99
C GLN B 94 -19.42 6.65 22.09
N LEU B 95 -19.23 5.33 22.16
CA LEU B 95 -19.78 4.58 23.28
C LEU B 95 -18.96 4.80 24.55
N LEU B 96 -17.66 5.08 24.40
CA LEU B 96 -16.80 5.21 25.57
C LEU B 96 -17.07 6.49 26.34
N MET B 97 -17.62 7.52 25.70
CA MET B 97 -17.94 8.74 26.44
C MET B 97 -19.28 8.63 27.16
N GLN B 98 -20.18 7.76 26.72
CA GLN B 98 -21.46 7.60 27.38
C GLN B 98 -21.52 6.24 28.09
N PHE B 137 7.88 -7.11 50.85
CA PHE B 137 7.08 -7.90 51.76
C PHE B 137 6.02 -7.05 52.45
N LEU B 138 6.40 -5.82 52.80
CA LEU B 138 5.54 -4.93 53.58
C LEU B 138 4.66 -4.05 52.70
N GLY B 139 4.14 -4.58 51.60
CA GLY B 139 3.25 -3.81 50.74
C GLY B 139 1.91 -3.50 51.36
N PHE B 140 1.51 -4.26 52.40
CA PHE B 140 0.24 -4.01 53.06
C PHE B 140 0.27 -2.72 53.88
N LEU B 141 1.45 -2.23 54.27
CA LEU B 141 1.56 -1.00 55.04
C LEU B 141 1.45 0.25 54.18
N LEU B 142 1.52 0.13 52.85
CA LEU B 142 1.48 1.31 52.01
C LEU B 142 0.05 1.86 51.92
N GLY B 143 -0.05 3.10 51.44
CA GLY B 143 -1.34 3.72 51.28
C GLY B 143 -2.06 3.26 50.02
N VAL B 144 -3.38 3.46 50.03
CA VAL B 144 -4.25 3.08 48.93
C VAL B 144 -4.71 4.35 48.22
N GLY B 145 -4.54 4.39 46.91
CA GLY B 145 -4.88 5.57 46.15
C GLY B 145 -5.54 5.22 44.83
N SER B 146 -6.31 6.18 44.32
CA SER B 146 -6.88 6.09 42.98
C SER B 146 -5.90 6.80 42.06
N ALA B 147 -5.15 6.02 41.27
CA ALA B 147 -4.06 6.58 40.50
C ALA B 147 -4.55 7.58 39.45
N ILE B 148 -5.69 7.28 38.81
CA ILE B 148 -6.18 8.07 37.69
C ILE B 148 -7.11 9.17 38.19
N ALA B 149 -7.13 9.39 39.51
CA ALA B 149 -8.00 10.42 40.06
C ALA B 149 -7.58 11.82 39.61
N SER B 150 -6.29 12.01 39.30
CA SER B 150 -5.85 13.29 38.78
C SER B 150 -6.43 13.55 37.40
N GLY B 151 -6.39 12.55 36.53
CA GLY B 151 -6.89 12.74 35.17
C GLY B 151 -8.40 12.83 35.10
N VAL B 152 -9.09 11.91 35.79
CA VAL B 152 -10.55 11.87 35.76
C VAL B 152 -11.13 13.21 36.22
N ALA B 153 -10.53 13.80 37.27
CA ALA B 153 -10.98 15.10 37.72
C ALA B 153 -10.73 16.17 36.67
N VAL B 154 -9.60 16.09 35.96
CA VAL B 154 -9.32 17.03 34.89
C VAL B 154 -10.31 16.85 33.75
N CYS B 155 -10.65 15.59 33.41
CA CYS B 155 -11.62 15.33 32.36
C CYS B 155 -12.96 16.01 32.65
N LYS B 156 -13.38 16.01 33.92
CA LYS B 156 -14.66 16.63 34.27
C LYS B 156 -14.70 18.11 33.93
N VAL B 157 -13.53 18.77 33.89
CA VAL B 157 -13.50 20.17 33.50
C VAL B 157 -13.72 20.32 32.00
N LEU B 158 -13.41 19.28 31.22
CA LEU B 158 -13.69 19.36 29.78
C LEU B 158 -15.18 19.26 29.49
N HIS B 159 -15.95 18.61 30.38
CA HIS B 159 -17.39 18.52 30.22
C HIS B 159 -18.08 19.88 30.18
N LEU B 160 -17.42 20.93 30.67
CA LEU B 160 -18.07 22.23 30.78
C LEU B 160 -18.49 22.74 29.41
N GLU B 161 -19.59 23.50 29.40
CA GLU B 161 -20.30 23.80 28.17
C GLU B 161 -19.48 24.64 27.19
N GLY B 162 -18.40 25.27 27.64
CA GLY B 162 -17.66 26.17 26.79
C GLY B 162 -16.16 25.99 26.79
N GLU B 163 -15.66 25.07 27.62
CA GLU B 163 -14.23 24.85 27.70
C GLU B 163 -13.68 24.17 26.45
N VAL B 164 -14.52 23.45 25.71
CA VAL B 164 -14.04 22.70 24.55
C VAL B 164 -13.72 23.64 23.39
N ASN B 165 -14.54 24.67 23.20
CA ASN B 165 -14.24 25.65 22.15
C ASN B 165 -13.01 26.48 22.49
N LYS B 166 -12.73 26.68 23.78
CA LYS B 166 -11.53 27.41 24.18
C LYS B 166 -10.28 26.74 23.64
N ILE B 167 -10.23 25.40 23.72
CA ILE B 167 -9.07 24.66 23.21
C ILE B 167 -8.99 24.78 21.69
N LYS B 168 -10.12 24.73 21.00
CA LYS B 168 -10.08 24.85 19.54
C LYS B 168 -9.60 26.23 19.11
N SER B 169 -10.04 27.29 19.81
CA SER B 169 -9.56 28.62 19.50
C SER B 169 -8.05 28.71 19.74
N ALA B 170 -7.56 28.11 20.82
CA ALA B 170 -6.14 28.14 21.11
C ALA B 170 -5.33 27.34 20.09
N LEU B 171 -5.95 26.34 19.47
CA LEU B 171 -5.27 25.51 18.47
C LEU B 171 -5.71 25.84 17.05
N LEU B 172 -6.41 26.96 16.85
CA LEU B 172 -6.80 27.34 15.50
C LEU B 172 -5.58 27.59 14.62
N SER B 173 -4.54 28.22 15.19
CA SER B 173 -3.39 28.66 14.42
C SER B 173 -2.09 27.93 14.77
N THR B 174 -2.09 27.10 15.80
CA THR B 174 -0.87 26.42 16.25
C THR B 174 -1.20 24.98 16.62
N ASN B 175 -0.14 24.18 16.76
CA ASN B 175 -0.25 22.77 17.12
C ASN B 175 0.13 22.52 18.57
N LYS B 176 0.28 23.57 19.36
CA LYS B 176 0.63 23.44 20.78
C LYS B 176 0.31 24.76 21.46
N ALA B 177 -0.58 24.73 22.45
CA ALA B 177 -1.00 25.93 23.15
C ALA B 177 -1.18 25.63 24.63
N VAL B 178 -1.05 26.67 25.45
CA VAL B 178 -1.19 26.57 26.89
C VAL B 178 -2.50 27.25 27.29
N VAL B 179 -3.46 26.46 27.75
CA VAL B 179 -4.82 26.92 28.01
C VAL B 179 -5.07 26.94 29.51
N SER B 180 -5.65 28.03 29.99
CA SER B 180 -6.12 28.10 31.37
C SER B 180 -7.57 27.62 31.43
N LEU B 181 -7.83 26.62 32.27
CA LEU B 181 -9.17 26.06 32.37
C LEU B 181 -10.08 27.00 33.16
N SER B 182 -11.34 26.59 33.30
CA SER B 182 -12.34 27.46 33.92
C SER B 182 -11.96 27.81 35.36
N ASN B 183 -11.72 26.79 36.19
CA ASN B 183 -11.42 26.98 37.60
C ASN B 183 -9.94 27.25 37.87
N GLY B 184 -9.25 27.92 36.95
CA GLY B 184 -7.93 28.44 37.21
C GLY B 184 -6.80 27.43 37.25
N VAL B 185 -7.06 26.16 36.95
CA VAL B 185 -6.00 25.16 36.85
C VAL B 185 -5.56 25.11 35.40
N SER B 186 -4.34 25.56 35.14
CA SER B 186 -3.83 25.64 33.78
C SER B 186 -3.31 24.28 33.32
N VAL B 187 -3.72 23.86 32.13
CA VAL B 187 -3.22 22.65 31.49
C VAL B 187 -2.54 23.06 30.18
N LEU B 188 -1.76 22.15 29.64
CA LEU B 188 -1.07 22.36 28.38
C LEU B 188 -1.77 21.55 27.30
N THR B 189 -1.91 22.13 26.11
CA THR B 189 -2.77 21.58 25.07
C THR B 189 -1.98 21.32 23.80
N PHE B 190 -2.24 20.16 23.19
CA PHE B 190 -1.66 19.78 21.90
C PHE B 190 -2.76 19.52 20.88
N LYS B 191 -2.38 19.64 19.61
CA LYS B 191 -3.14 19.10 18.48
C LYS B 191 -2.19 18.23 17.68
N VAL B 192 -2.32 16.91 17.83
CA VAL B 192 -1.31 15.99 17.33
C VAL B 192 -1.64 15.43 15.96
N LEU B 193 -2.91 15.42 15.55
CA LEU B 193 -3.29 14.80 14.29
C LEU B 193 -4.42 15.62 13.66
N ASP B 194 -4.32 15.83 12.34
CA ASP B 194 -5.29 16.61 11.59
C ASP B 194 -5.82 15.73 10.46
N LEU B 195 -6.85 14.94 10.77
CA LEU B 195 -7.58 14.24 9.72
C LEU B 195 -8.64 15.14 9.09
N LYS B 196 -9.32 15.96 9.91
CA LYS B 196 -10.45 16.75 9.41
C LYS B 196 -10.08 17.54 8.17
N ASN B 197 -8.99 18.31 8.23
CA ASN B 197 -8.63 19.17 7.11
C ASN B 197 -8.36 18.40 5.84
N TYR B 198 -8.05 17.11 5.94
CA TYR B 198 -7.90 16.30 4.74
C TYR B 198 -9.22 15.68 4.30
N ILE B 199 -10.05 15.25 5.25
CA ILE B 199 -11.30 14.59 4.90
C ILE B 199 -12.33 15.62 4.44
N ASP B 200 -12.45 16.74 5.17
CA ASP B 200 -13.48 17.72 4.86
C ASP B 200 -13.14 18.58 3.64
N LYS B 201 -11.86 18.64 3.24
CA LYS B 201 -11.46 19.50 2.15
C LYS B 201 -11.15 18.76 0.86
N GLN B 202 -10.71 17.51 0.94
CA GLN B 202 -10.34 16.76 -0.26
C GLN B 202 -11.00 15.38 -0.34
N LEU B 203 -11.90 15.05 0.57
CA LEU B 203 -12.62 13.79 0.49
C LEU B 203 -14.13 13.97 0.58
N LEU B 204 -14.62 14.85 1.44
CA LEU B 204 -16.05 15.12 1.50
C LEU B 204 -16.63 15.65 0.19
N PRO B 205 -16.05 16.68 -0.46
CA PRO B 205 -16.69 17.22 -1.66
C PRO B 205 -16.69 16.27 -2.85
N ILE B 206 -15.85 15.25 -2.86
CA ILE B 206 -15.83 14.28 -3.95
C ILE B 206 -16.83 13.16 -3.72
N LEU B 207 -16.95 12.73 -2.47
CA LEU B 207 -17.80 11.59 -2.14
C LEU B 207 -19.26 11.98 -2.00
N ASN B 208 -19.53 13.24 -1.66
CA ASN B 208 -20.92 13.71 -1.52
C ASN B 208 -21.51 14.09 -2.86
N LYS B 209 -20.99 13.51 -3.94
CA LYS B 209 -21.46 13.77 -5.29
C LYS B 209 -21.69 12.46 -6.01
N GLN B 210 -22.57 12.48 -7.02
CA GLN B 210 -23.12 11.24 -7.55
C GLN B 210 -22.04 10.34 -8.16
N SER B 211 -21.14 10.92 -8.95
CA SER B 211 -20.04 10.19 -9.55
C SER B 211 -18.73 10.80 -9.08
N CYS B 212 -17.81 9.95 -8.61
CA CYS B 212 -16.57 10.43 -8.05
C CYS B 212 -15.41 9.61 -8.59
N SER B 213 -14.24 10.25 -8.70
CA SER B 213 -13.05 9.61 -9.22
C SER B 213 -11.86 9.96 -8.34
N ILE B 214 -11.01 8.96 -8.08
CA ILE B 214 -9.78 9.17 -7.32
C ILE B 214 -8.62 9.36 -8.29
N SER B 215 -7.79 10.36 -8.02
CA SER B 215 -6.74 10.75 -8.96
C SER B 215 -5.67 9.68 -9.07
N ASN B 216 -5.00 9.35 -7.97
CA ASN B 216 -3.86 8.45 -7.99
C ASN B 216 -4.02 7.36 -6.94
N ILE B 217 -3.35 6.23 -7.19
CA ILE B 217 -3.29 5.18 -6.18
C ILE B 217 -2.49 5.65 -4.98
N GLU B 218 -1.56 6.59 -5.18
CA GLU B 218 -0.81 7.13 -4.05
C GLU B 218 -1.73 7.88 -3.09
N THR B 219 -2.87 8.38 -3.58
CA THR B 219 -3.83 9.05 -2.73
C THR B 219 -4.47 8.08 -1.74
N VAL B 220 -4.77 6.86 -2.20
CA VAL B 220 -5.31 5.85 -1.31
C VAL B 220 -4.33 5.53 -0.18
N ILE B 221 -3.05 5.37 -0.54
CA ILE B 221 -2.06 4.94 0.44
C ILE B 221 -1.73 6.05 1.43
N GLU B 222 -1.67 7.30 0.95
CA GLU B 222 -1.49 8.44 1.84
C GLU B 222 -2.59 8.48 2.89
N PHE B 223 -3.83 8.17 2.51
CA PHE B 223 -4.95 8.24 3.43
C PHE B 223 -4.85 7.20 4.54
N GLN B 224 -4.29 6.01 4.26
CA GLN B 224 -4.14 5.02 5.31
C GLN B 224 -3.19 5.49 6.39
N GLN B 225 -2.11 6.17 6.02
CA GLN B 225 -1.17 6.68 7.00
C GLN B 225 -1.82 7.73 7.89
N LYS B 226 -2.59 8.64 7.30
CA LYS B 226 -3.32 9.63 8.09
C LYS B 226 -4.23 8.95 9.10
N ASN B 227 -4.95 7.93 8.66
CA ASN B 227 -5.95 7.24 9.46
C ASN B 227 -5.36 6.11 10.30
N ASN B 228 -4.09 5.77 10.10
CA ASN B 228 -3.51 4.61 10.79
C ASN B 228 -3.35 4.88 12.28
N ARG B 229 -2.95 6.10 12.66
CA ARG B 229 -2.79 6.40 14.07
C ARG B 229 -4.12 6.37 14.81
N LEU B 230 -5.17 6.90 14.18
CA LEU B 230 -6.46 6.96 14.86
C LEU B 230 -7.01 5.56 15.14
N LEU B 231 -6.93 4.68 14.14
CA LEU B 231 -7.45 3.33 14.34
C LEU B 231 -6.72 2.61 15.46
N GLU B 232 -5.40 2.80 15.57
CA GLU B 232 -4.64 2.16 16.64
C GLU B 232 -4.99 2.73 18.00
N ILE B 233 -5.22 4.04 18.07
CA ILE B 233 -5.62 4.67 19.33
C ILE B 233 -6.93 4.08 19.82
N THR B 234 -7.89 3.87 18.91
CA THR B 234 -9.16 3.26 19.29
C THR B 234 -8.99 1.80 19.68
N ARG B 235 -8.08 1.08 19.01
CA ARG B 235 -7.84 -0.32 19.36
C ARG B 235 -7.38 -0.45 20.80
N GLU B 236 -6.45 0.42 21.24
CA GLU B 236 -5.97 0.36 22.60
C GLU B 236 -7.05 0.78 23.60
N PHE B 237 -7.90 1.73 23.22
CA PHE B 237 -8.93 2.22 24.12
C PHE B 237 -10.09 1.24 24.26
N SER B 238 -10.46 0.55 23.16
CA SER B 238 -11.67 -0.27 23.16
C SER B 238 -11.54 -1.53 24.00
N VAL B 239 -10.32 -2.02 24.23
CA VAL B 239 -10.11 -3.18 25.11
C VAL B 239 -9.63 -2.77 26.49
N ASN B 240 -9.20 -1.52 26.69
CA ASN B 240 -8.75 -1.04 27.97
C ASN B 240 -9.79 -0.17 28.67
N ALA B 241 -10.99 -0.07 28.11
CA ALA B 241 -12.08 0.70 28.71
C ALA B 241 -11.66 2.14 28.97
N GLY B 242 -10.81 2.67 28.08
CA GLY B 242 -10.42 4.07 28.12
C GLY B 242 -9.20 4.41 28.96
N VAL B 243 -8.56 3.42 29.57
CA VAL B 243 -7.40 3.66 30.42
C VAL B 243 -6.26 2.76 29.94
N THR B 244 -5.26 3.38 29.32
CA THR B 244 -4.12 2.65 28.76
C THR B 244 -2.87 3.00 29.55
N THR B 245 -2.19 1.97 30.07
CA THR B 245 -0.90 2.14 30.69
C THR B 245 -0.04 0.94 30.34
N PRO B 246 1.21 1.15 29.92
CA PRO B 246 1.86 2.45 29.69
C PRO B 246 1.30 3.19 28.47
N VAL B 247 1.65 4.47 28.36
CA VAL B 247 1.18 5.29 27.24
C VAL B 247 1.95 4.91 25.98
N SER B 248 1.22 4.46 24.97
CA SER B 248 1.84 3.93 23.76
C SER B 248 2.47 5.04 22.93
N THR B 249 3.33 4.62 21.99
CA THR B 249 3.85 5.57 21.02
C THR B 249 2.76 6.07 20.10
N TYR B 250 1.71 5.28 19.90
CA TYR B 250 0.56 5.72 19.10
C TYR B 250 -0.19 6.83 19.81
N MET B 251 -0.22 6.79 21.14
CA MET B 251 -0.94 7.80 21.92
C MET B 251 -0.19 9.12 21.94
N LEU B 252 1.14 9.06 22.02
CA LEU B 252 1.98 10.25 22.07
C LEU B 252 3.36 9.86 21.57
N THR B 253 3.74 10.36 20.39
CA THR B 253 5.05 10.04 19.84
C THR B 253 6.16 10.68 20.68
N ASN B 254 7.40 10.25 20.43
CA ASN B 254 8.52 10.76 21.22
C ASN B 254 8.73 12.25 20.99
N SER B 255 8.57 12.71 19.75
CA SER B 255 8.67 14.14 19.48
C SER B 255 7.62 14.92 20.28
N GLU B 256 6.42 14.36 20.41
CA GLU B 256 5.36 15.05 21.16
C GLU B 256 5.61 14.93 22.66
N LEU B 257 6.01 13.76 23.13
CA LEU B 257 6.25 13.58 24.56
C LEU B 257 7.47 14.36 25.02
N LEU B 258 8.49 14.50 24.17
CA LEU B 258 9.60 15.39 24.50
C LEU B 258 9.17 16.85 24.39
N SER B 259 8.23 17.16 23.49
CA SER B 259 7.68 18.50 23.41
C SER B 259 6.94 18.87 24.68
N LEU B 260 6.33 17.88 25.35
CA LEU B 260 5.74 18.10 26.67
C LEU B 260 6.79 18.49 27.69
N ILE B 261 7.84 17.67 27.82
CA ILE B 261 8.84 17.86 28.87
C ILE B 261 9.54 19.20 28.72
N ASN B 262 9.95 19.55 27.49
CA ASN B 262 10.62 20.82 27.26
C ASN B 262 9.69 22.01 27.49
N ASP B 263 8.38 21.78 27.52
CA ASP B 263 7.40 22.82 27.83
C ASP B 263 6.70 22.59 29.16
N MET B 264 7.18 21.64 29.98
CA MET B 264 6.70 21.48 31.34
C MET B 264 7.42 22.47 32.26
N PRO B 265 6.69 23.12 33.17
CA PRO B 265 7.35 24.02 34.12
C PRO B 265 8.07 23.25 35.22
N ILE B 266 9.18 22.60 34.88
CA ILE B 266 9.99 21.83 35.82
C ILE B 266 11.45 22.27 35.65
N THR B 267 12.33 21.66 36.45
CA THR B 267 13.75 22.00 36.41
C THR B 267 14.40 21.47 35.14
N ASN B 268 15.40 22.21 34.66
CA ASN B 268 16.22 21.72 33.55
C ASN B 268 16.86 20.38 33.88
N ASP B 269 17.22 20.16 35.14
CA ASP B 269 17.79 18.87 35.56
C ASP B 269 16.73 17.79 35.60
N GLN B 270 15.51 18.13 36.06
CA GLN B 270 14.42 17.16 36.07
C GLN B 270 13.99 16.80 34.65
N LYS B 271 13.93 17.78 33.74
CA LYS B 271 13.67 17.46 32.35
C LYS B 271 14.76 16.55 31.79
N LYS B 272 16.02 16.79 32.18
CA LYS B 272 17.13 15.95 31.73
C LYS B 272 16.90 14.50 32.11
N LEU B 273 16.32 14.26 33.29
CA LEU B 273 16.03 12.89 33.70
C LEU B 273 14.97 12.26 32.82
N MET B 274 13.85 12.96 32.62
CA MET B 274 12.76 12.40 31.83
C MET B 274 13.15 12.18 30.38
N SER B 275 14.04 13.01 29.83
CA SER B 275 14.37 12.93 28.41
C SER B 275 15.08 11.63 28.07
N ASN B 276 15.92 11.12 28.97
CA ASN B 276 16.66 9.90 28.72
C ASN B 276 15.89 8.64 29.12
N ASN B 277 14.74 8.80 29.77
CA ASN B 277 13.95 7.67 30.28
C ASN B 277 12.50 7.81 29.86
N VAL B 278 12.26 8.17 28.60
CA VAL B 278 10.89 8.28 28.11
C VAL B 278 10.19 6.93 28.24
N GLN B 279 10.92 5.83 28.01
CA GLN B 279 10.38 4.50 28.20
C GLN B 279 9.95 4.28 29.65
N ILE B 280 10.67 4.88 30.60
CA ILE B 280 10.26 4.78 32.00
C ILE B 280 9.16 5.78 32.32
N VAL B 281 9.19 6.95 31.68
CA VAL B 281 8.09 7.90 31.85
C VAL B 281 6.79 7.32 31.31
N ARG B 282 6.86 6.53 30.23
CA ARG B 282 5.67 5.92 29.66
C ARG B 282 5.03 4.92 30.63
N GLN B 283 5.85 4.05 31.23
CA GLN B 283 5.30 3.00 32.08
C GLN B 283 4.65 3.54 33.35
N GLN B 284 4.99 4.76 33.76
CA GLN B 284 4.40 5.39 34.94
C GLN B 284 3.36 6.44 34.57
N SER B 285 2.99 6.54 33.31
CA SER B 285 1.94 7.46 32.87
C SER B 285 0.66 6.69 32.57
N TYR B 286 -0.41 7.44 32.34
CA TYR B 286 -1.70 6.90 31.94
C TYR B 286 -2.24 7.75 30.79
N SER B 287 -3.14 7.16 30.01
CA SER B 287 -3.83 7.88 28.95
C SER B 287 -5.32 7.72 29.17
N ILE B 288 -6.02 8.83 29.38
CA ILE B 288 -7.42 8.84 29.77
C ILE B 288 -8.23 9.41 28.62
N MET B 289 -8.99 8.55 27.93
CA MET B 289 -9.93 9.00 26.93
C MET B 289 -11.01 9.86 27.59
N CYS B 290 -11.07 11.13 27.22
CA CYS B 290 -11.93 12.06 27.95
C CYS B 290 -13.28 12.24 27.26
N ILE B 291 -13.35 13.11 26.25
CA ILE B 291 -14.61 13.40 25.58
C ILE B 291 -14.44 13.39 24.07
N ILE B 292 -15.57 13.29 23.38
CA ILE B 292 -15.63 13.35 21.93
C ILE B 292 -16.88 14.14 21.57
N LYS B 293 -16.75 15.47 21.51
CA LYS B 293 -17.86 16.36 21.26
C LYS B 293 -17.52 17.28 20.09
N GLU B 294 -18.57 17.81 19.46
CA GLU B 294 -18.40 18.78 18.38
C GLU B 294 -17.57 18.19 17.25
N GLU B 295 -16.31 18.63 17.15
CA GLU B 295 -15.38 18.15 16.15
C GLU B 295 -14.04 17.76 16.78
N VAL B 296 -14.04 17.45 18.07
CA VAL B 296 -12.84 17.28 18.86
C VAL B 296 -12.82 15.89 19.49
N LEU B 297 -11.66 15.26 19.45
CA LEU B 297 -11.39 14.08 20.26
C LEU B 297 -10.31 14.43 21.26
N ALA B 298 -10.64 14.37 22.55
CA ALA B 298 -9.73 14.76 23.60
C ALA B 298 -9.51 13.59 24.54
N TYR B 299 -8.26 13.19 24.71
CA TYR B 299 -7.86 12.30 25.79
C TYR B 299 -6.84 12.99 26.66
N VAL B 300 -6.72 12.52 27.90
CA VAL B 300 -5.88 13.12 28.92
C VAL B 300 -4.70 12.20 29.18
N VAL B 301 -3.48 12.71 28.96
CA VAL B 301 -2.26 11.98 29.24
C VAL B 301 -1.74 12.44 30.60
N GLN B 302 -1.79 11.54 31.57
CA GLN B 302 -1.41 11.85 32.96
C GLN B 302 0.06 11.51 33.14
N LEU B 303 0.92 12.56 33.21
CA LEU B 303 2.33 12.23 33.30
C LEU B 303 2.80 12.26 34.75
N PRO B 304 3.83 11.48 35.10
CA PRO B 304 4.37 11.51 36.45
C PRO B 304 5.40 12.62 36.64
N LEU B 305 5.41 13.16 37.85
CA LEU B 305 6.37 14.18 38.26
C LEU B 305 7.33 13.58 39.28
N TYR B 306 8.62 13.73 39.03
CA TYR B 306 9.66 13.27 39.95
C TYR B 306 10.18 14.49 40.71
N GLY B 307 9.68 14.67 41.93
CA GLY B 307 10.13 15.76 42.77
C GLY B 307 11.32 15.43 43.67
N VAL B 308 11.71 14.16 43.73
CA VAL B 308 12.84 13.72 44.54
C VAL B 308 13.83 13.05 43.59
N ILE B 309 14.89 13.76 43.22
CA ILE B 309 15.86 13.29 42.25
C ILE B 309 17.26 13.44 42.84
N ASP B 310 18.16 12.54 42.46
CA ASP B 310 19.58 12.59 42.79
C ASP B 310 19.84 12.54 44.29
N THR B 311 18.92 11.92 45.04
CA THR B 311 19.26 11.55 46.41
C THR B 311 19.73 10.10 46.44
N PRO B 312 20.66 9.74 47.33
CA PRO B 312 21.21 8.38 47.30
C PRO B 312 20.16 7.33 47.68
N CYS B 313 20.16 6.22 46.93
CA CYS B 313 19.26 5.10 47.16
C CYS B 313 20.07 3.85 47.51
N TRP B 314 19.38 2.88 48.09
CA TRP B 314 20.00 1.61 48.43
C TRP B 314 18.94 0.52 48.56
N LYS B 315 19.27 -0.67 48.08
CA LYS B 315 18.34 -1.81 48.05
C LYS B 315 18.74 -2.82 49.10
N LEU B 316 17.81 -3.19 49.97
CA LEU B 316 18.03 -4.23 50.96
C LEU B 316 17.55 -5.57 50.43
N HIS B 317 18.40 -6.60 50.63
CA HIS B 317 18.03 -7.98 50.35
C HIS B 317 18.08 -8.75 51.66
N THR B 318 17.08 -9.61 51.88
CA THR B 318 17.00 -10.42 53.09
C THR B 318 16.71 -11.87 52.71
N SER B 319 17.18 -12.79 53.56
CA SER B 319 17.07 -14.21 53.34
C SER B 319 16.93 -14.90 54.69
N PRO B 320 16.28 -16.06 54.75
CA PRO B 320 16.10 -16.74 56.04
C PRO B 320 17.41 -17.10 56.72
N LEU B 321 17.42 -16.99 58.05
CA LEU B 321 18.55 -17.35 58.89
C LEU B 321 18.09 -18.41 59.89
N CYS B 322 18.62 -19.62 59.79
CA CYS B 322 18.23 -20.73 60.64
C CYS B 322 19.44 -21.30 61.36
N THR B 323 19.18 -22.15 62.35
CA THR B 323 20.22 -22.89 63.04
C THR B 323 20.66 -24.09 62.21
N THR B 324 21.60 -24.87 62.74
CA THR B 324 22.19 -26.00 62.01
C THR B 324 22.06 -27.30 62.78
N ASN B 325 20.94 -27.49 63.47
CA ASN B 325 20.67 -28.76 64.12
C ASN B 325 20.36 -29.82 63.06
N THR B 326 20.40 -31.08 63.47
CA THR B 326 20.22 -32.19 62.54
C THR B 326 18.75 -32.52 62.30
N LYS B 327 17.92 -32.52 63.35
CA LYS B 327 16.50 -32.84 63.19
C LYS B 327 15.79 -31.67 62.53
N GLU B 328 15.13 -31.95 61.39
CA GLU B 328 14.44 -30.90 60.65
C GLU B 328 13.43 -30.16 61.52
N GLY B 329 12.81 -30.86 62.46
CA GLY B 329 11.93 -30.21 63.42
C GLY B 329 12.62 -29.64 64.63
N SER B 330 13.94 -29.55 64.63
CA SER B 330 14.71 -29.04 65.76
C SER B 330 15.37 -27.71 65.49
N ASN B 331 15.07 -27.06 64.36
CA ASN B 331 15.67 -25.79 64.01
C ASN B 331 14.67 -24.66 64.21
N ILE B 332 15.20 -23.46 64.44
CA ILE B 332 14.41 -22.23 64.49
C ILE B 332 14.99 -21.29 63.44
N CYS B 333 14.10 -20.66 62.66
CA CYS B 333 14.49 -19.80 61.56
C CYS B 333 14.11 -18.35 61.84
N LEU B 334 14.82 -17.43 61.20
CA LEU B 334 14.62 -16.01 61.43
C LEU B 334 14.96 -15.27 60.15
N THR B 335 13.98 -14.57 59.59
CA THR B 335 14.16 -13.81 58.35
C THR B 335 13.80 -12.36 58.61
N ARG B 336 14.70 -11.45 58.25
CA ARG B 336 14.34 -10.03 58.26
C ARG B 336 13.25 -9.76 57.24
N THR B 337 12.18 -9.10 57.68
CA THR B 337 11.05 -8.82 56.81
C THR B 337 10.89 -7.32 56.55
N ASP B 338 11.98 -6.67 56.15
CA ASP B 338 11.99 -5.24 55.84
C ASP B 338 12.71 -4.98 54.52
N ARG B 339 12.63 -5.93 53.57
CA ARG B 339 13.38 -5.85 52.33
C ARG B 339 12.67 -4.94 51.33
N GLY B 340 13.46 -4.45 50.38
CA GLY B 340 12.96 -3.61 49.32
C GLY B 340 13.97 -2.54 48.97
N TRP B 341 13.48 -1.53 48.25
CA TRP B 341 14.31 -0.37 47.91
C TRP B 341 14.14 0.73 48.95
N TYR B 342 15.24 1.44 49.19
CA TYR B 342 15.25 2.58 50.10
C TYR B 342 15.89 3.77 49.39
N CYS B 343 15.34 4.96 49.61
CA CYS B 343 15.85 6.18 48.99
C CYS B 343 15.76 7.34 49.96
N ASP B 344 16.75 8.22 49.92
CA ASP B 344 16.68 9.46 50.66
C ASP B 344 15.64 10.39 50.02
N ASN B 345 14.88 11.07 50.87
CA ASN B 345 13.71 11.81 50.37
C ASN B 345 13.35 12.88 51.39
N ALA B 346 13.66 14.14 51.05
CA ALA B 346 13.28 15.30 51.87
C ALA B 346 13.75 15.15 53.31
N GLY B 347 14.98 14.67 53.47
CA GLY B 347 15.53 14.38 54.78
C GLY B 347 15.01 13.12 55.44
N SER B 348 13.92 12.55 54.93
CA SER B 348 13.42 11.26 55.38
C SER B 348 13.83 10.20 54.36
N VAL B 349 13.49 8.95 54.66
CA VAL B 349 13.84 7.81 53.83
C VAL B 349 12.54 7.14 53.37
N SER B 350 12.31 7.17 52.06
CA SER B 350 11.12 6.55 51.48
C SER B 350 11.37 5.06 51.30
N PHE B 351 10.54 4.23 51.92
CA PHE B 351 10.71 2.78 51.91
C PHE B 351 9.75 2.16 50.90
N PHE B 352 10.31 1.41 49.95
CA PHE B 352 9.51 0.70 48.97
C PHE B 352 9.62 -0.80 49.22
N PRO B 353 8.63 -1.43 49.85
CA PRO B 353 8.72 -2.87 50.13
C PRO B 353 8.65 -3.74 48.89
N GLN B 354 8.13 -3.23 47.78
CA GLN B 354 8.00 -4.00 46.55
C GLN B 354 9.09 -3.54 45.59
N ALA B 355 10.23 -4.24 45.62
CA ALA B 355 11.30 -3.99 44.68
C ALA B 355 10.93 -4.36 43.25
N GLU B 356 9.81 -5.06 43.05
CA GLU B 356 9.33 -5.34 41.71
C GLU B 356 8.72 -4.10 41.07
N THR B 357 7.90 -3.37 41.83
CA THR B 357 7.25 -2.17 41.29
C THR B 357 8.23 -1.04 41.04
N CYS B 358 9.43 -1.10 41.62
CA CYS B 358 10.48 -0.13 41.34
C CYS B 358 11.30 -0.61 40.16
N LYS B 359 11.57 0.30 39.22
CA LYS B 359 12.20 -0.03 37.95
C LYS B 359 13.62 0.55 37.93
N VAL B 360 14.59 -0.33 37.69
CA VAL B 360 16.01 0.01 37.77
C VAL B 360 16.54 0.25 36.36
N GLN B 361 17.11 1.43 36.15
CA GLN B 361 17.77 1.80 34.89
C GLN B 361 19.19 2.22 35.24
N SER B 362 20.16 1.35 34.95
CA SER B 362 21.58 1.55 35.25
C SER B 362 21.71 1.72 36.77
N ASN B 363 22.16 2.87 37.27
CA ASN B 363 22.23 3.11 38.70
C ASN B 363 21.06 3.95 39.21
N ARG B 364 20.14 4.35 38.33
CA ARG B 364 18.98 5.13 38.72
C ARG B 364 17.84 4.19 39.11
N VAL B 365 17.07 4.59 40.11
CA VAL B 365 15.98 3.78 40.65
C VAL B 365 14.69 4.58 40.52
N PHE B 366 13.82 4.16 39.61
CA PHE B 366 12.53 4.82 39.41
C PHE B 366 11.49 4.14 40.29
N CYS B 367 10.86 4.91 41.17
CA CYS B 367 9.97 4.36 42.18
C CYS B 367 8.74 5.24 42.30
N ASP B 368 7.64 4.64 42.73
CA ASP B 368 6.36 5.31 42.84
C ASP B 368 6.06 5.55 44.32
N THR B 369 6.04 6.82 44.73
CA THR B 369 5.79 7.13 46.14
C THR B 369 4.42 6.66 46.61
N MET B 370 3.48 6.43 45.69
CA MET B 370 2.21 5.80 46.05
C MET B 370 2.42 4.45 46.71
N ASN B 371 3.55 3.82 46.46
CA ASN B 371 3.95 2.56 47.10
C ASN B 371 5.12 2.80 48.05
N SER B 372 5.11 3.90 48.79
CA SER B 372 6.20 4.26 49.67
C SER B 372 5.70 4.52 51.08
N LEU B 373 6.62 4.34 52.04
CA LEU B 373 6.42 4.80 53.41
C LEU B 373 7.53 5.80 53.72
N THR B 374 7.15 6.94 54.29
CA THR B 374 8.11 7.99 54.63
C THR B 374 8.58 7.76 56.07
N LEU B 375 9.77 7.17 56.21
CA LEU B 375 10.31 6.80 57.51
C LEU B 375 11.60 7.57 57.80
N PRO B 376 11.87 7.85 59.07
CA PRO B 376 13.16 8.46 59.42
C PRO B 376 14.32 7.53 59.11
N SER B 377 15.51 8.13 59.00
CA SER B 377 16.69 7.39 58.59
C SER B 377 17.22 6.46 59.68
N GLU B 378 16.64 6.47 60.88
CA GLU B 378 17.07 5.56 61.94
C GLU B 378 16.83 4.10 61.59
N VAL B 379 16.01 3.81 60.58
CA VAL B 379 15.79 2.43 60.16
C VAL B 379 17.04 1.86 59.50
N ASN B 380 17.94 2.71 58.98
CA ASN B 380 19.13 2.22 58.28
C ASN B 380 20.12 1.56 59.22
N LEU B 381 20.09 1.91 60.51
CA LEU B 381 20.96 1.26 61.49
C LEU B 381 20.57 -0.18 61.76
N CYS B 382 19.41 -0.62 61.25
CA CYS B 382 18.98 -2.01 61.46
C CYS B 382 19.85 -3.01 60.72
N ASN B 383 20.70 -2.56 59.80
CA ASN B 383 21.58 -3.45 59.06
C ASN B 383 22.93 -3.64 59.74
N VAL B 384 23.44 -2.61 60.42
CA VAL B 384 24.73 -2.72 61.11
C VAL B 384 24.56 -3.18 62.55
N ASP B 385 23.47 -2.79 63.22
CA ASP B 385 23.17 -3.20 64.58
C ASP B 385 21.69 -3.54 64.64
N ILE B 386 21.38 -4.84 64.53
CA ILE B 386 19.97 -5.24 64.56
C ILE B 386 19.43 -5.23 65.99
N PHE B 387 20.28 -5.42 66.99
CA PHE B 387 19.87 -5.40 68.38
C PHE B 387 19.87 -4.00 68.98
N ASN B 388 19.97 -2.97 68.15
CA ASN B 388 19.92 -1.61 68.67
C ASN B 388 18.55 -1.32 69.27
N PRO B 389 18.49 -0.50 70.32
CA PRO B 389 17.21 -0.10 70.88
C PRO B 389 16.61 1.15 70.25
N LYS B 390 17.35 1.81 69.35
CA LYS B 390 16.85 3.03 68.72
C LYS B 390 15.68 2.73 67.78
N TYR B 391 15.86 1.74 66.90
CA TYR B 391 14.79 1.29 66.01
C TYR B 391 14.48 -0.18 66.30
N ASP B 392 13.19 -0.51 66.28
CA ASP B 392 12.74 -1.89 66.45
C ASP B 392 12.65 -2.52 65.08
N CYS B 393 13.72 -3.20 64.68
CA CYS B 393 13.77 -3.81 63.35
C CYS B 393 12.79 -4.97 63.25
N LYS B 394 12.09 -5.03 62.12
CA LYS B 394 11.05 -6.03 61.93
C LYS B 394 11.67 -7.33 61.42
N ILE B 395 11.22 -8.45 62.00
CA ILE B 395 11.66 -9.78 61.60
C ILE B 395 10.47 -10.71 61.65
N MET B 396 10.71 -11.95 61.21
CA MET B 396 9.73 -13.03 61.31
C MET B 396 10.42 -14.27 61.80
N THR B 397 9.65 -15.19 62.36
CA THR B 397 10.17 -16.44 62.91
C THR B 397 9.40 -17.62 62.34
N SER B 398 10.08 -18.76 62.28
CA SER B 398 9.47 -20.00 61.81
C SER B 398 10.42 -21.14 62.14
N LYS B 399 9.95 -22.36 61.92
CA LYS B 399 10.77 -23.55 62.00
C LYS B 399 10.98 -24.17 60.62
N THR B 400 10.55 -23.49 59.57
CA THR B 400 10.63 -23.99 58.20
C THR B 400 12.07 -23.80 57.71
N ASP B 401 12.87 -24.87 57.81
CA ASP B 401 14.26 -24.82 57.35
C ASP B 401 14.35 -25.31 55.90
N VAL B 402 13.69 -24.56 55.01
CA VAL B 402 13.71 -24.81 53.57
C VAL B 402 14.74 -23.90 52.92
N SER B 403 15.47 -24.44 51.95
CA SER B 403 16.60 -23.74 51.35
C SER B 403 16.15 -22.85 50.19
N SER B 404 16.77 -21.67 50.10
CA SER B 404 16.47 -20.72 49.05
C SER B 404 17.61 -19.72 48.96
N SER B 405 17.93 -19.30 47.74
CA SER B 405 18.97 -18.30 47.53
C SER B 405 18.35 -16.99 47.07
N VAL B 406 18.99 -15.89 47.46
CA VAL B 406 18.54 -14.55 47.10
C VAL B 406 19.64 -13.90 46.26
N ILE B 407 19.34 -13.68 44.98
CA ILE B 407 20.29 -13.02 44.09
C ILE B 407 20.21 -11.51 44.34
N THR B 408 21.38 -10.88 44.51
CA THR B 408 21.45 -9.48 44.84
C THR B 408 22.00 -8.69 43.64
N SER B 409 22.48 -7.47 43.91
CA SER B 409 22.97 -6.64 42.82
C SER B 409 24.39 -7.03 42.40
N LEU B 410 25.26 -7.32 43.36
CA LEU B 410 26.65 -7.68 43.06
C LEU B 410 27.01 -9.09 43.53
N GLY B 411 26.03 -9.90 43.93
CA GLY B 411 26.31 -11.24 44.39
C GLY B 411 25.05 -12.06 44.61
N ALA B 412 25.12 -13.02 45.53
CA ALA B 412 23.99 -13.90 45.81
C ALA B 412 24.07 -14.37 47.26
N ILE B 413 22.95 -14.25 47.97
CA ILE B 413 22.82 -14.76 49.33
C ILE B 413 22.31 -16.19 49.26
N VAL B 414 22.94 -17.08 50.01
CA VAL B 414 22.66 -18.51 49.95
C VAL B 414 22.26 -18.99 51.34
N SER B 415 21.15 -19.73 51.42
CA SER B 415 20.64 -20.29 52.66
C SER B 415 20.52 -21.80 52.47
N CYS B 416 21.51 -22.55 52.97
CA CYS B 416 21.63 -23.98 52.72
C CYS B 416 21.41 -24.75 54.02
N TYR B 417 20.16 -24.83 54.44
CA TYR B 417 19.79 -25.58 55.64
C TYR B 417 19.22 -26.94 55.27
N GLY B 418 19.56 -27.96 56.05
CA GLY B 418 19.03 -29.28 55.85
C GLY B 418 19.86 -30.17 54.94
N LYS B 419 19.17 -30.99 54.15
CA LYS B 419 19.80 -31.95 53.25
C LYS B 419 19.98 -31.39 51.85
N THR B 420 19.61 -30.14 51.61
CA THR B 420 19.69 -29.55 50.28
C THR B 420 21.15 -29.36 49.89
N LYS B 421 21.51 -29.89 48.71
CA LYS B 421 22.85 -29.73 48.17
C LYS B 421 22.95 -28.36 47.49
N CYS B 422 23.90 -27.53 47.93
CA CYS B 422 24.04 -26.17 47.43
C CYS B 422 25.49 -25.92 47.04
N THR B 423 25.68 -25.29 45.88
CA THR B 423 27.01 -25.07 45.32
C THR B 423 27.10 -23.67 44.72
N ALA B 424 28.32 -23.28 44.35
CA ALA B 424 28.58 -22.06 43.61
C ALA B 424 29.50 -22.40 42.45
N SER B 425 29.00 -22.25 41.23
CA SER B 425 29.70 -22.69 40.03
C SER B 425 30.24 -21.49 39.24
N ASN B 426 31.28 -21.75 38.45
CA ASN B 426 31.79 -20.83 37.46
C ASN B 426 31.80 -21.51 36.11
N LYS B 427 31.73 -20.73 35.04
CA LYS B 427 31.63 -21.30 33.70
C LYS B 427 32.93 -21.92 33.24
N ASN B 428 34.06 -21.55 33.84
CA ASN B 428 35.36 -22.08 33.41
C ASN B 428 35.80 -23.32 34.20
N ARG B 429 35.54 -23.35 35.50
CA ARG B 429 36.00 -24.43 36.35
C ARG B 429 34.89 -25.34 36.86
N GLY B 430 33.63 -24.94 36.72
CA GLY B 430 32.57 -25.67 37.38
C GLY B 430 32.36 -25.16 38.79
N ILE B 431 32.01 -26.04 39.72
CA ILE B 431 31.80 -25.63 41.10
C ILE B 431 33.12 -25.20 41.72
N ILE B 432 33.12 -24.03 42.37
CA ILE B 432 34.31 -23.54 43.06
C ILE B 432 34.12 -23.51 44.58
N LYS B 433 32.89 -23.45 45.07
CA LYS B 433 32.65 -23.34 46.50
C LYS B 433 31.36 -24.08 46.85
N THR B 434 31.43 -24.98 47.82
CA THR B 434 30.27 -25.67 48.35
C THR B 434 29.91 -25.06 49.69
N PHE B 435 28.62 -24.75 49.87
CA PHE B 435 28.17 -24.08 51.09
C PHE B 435 27.79 -25.08 52.16
N SER B 436 28.21 -24.81 53.39
CA SER B 436 27.79 -25.56 54.56
C SER B 436 26.47 -25.02 55.10
N ASN B 437 25.92 -25.73 56.07
CA ASN B 437 24.66 -25.30 56.68
C ASN B 437 24.81 -23.93 57.31
N GLY B 438 23.98 -23.00 56.89
CA GLY B 438 24.07 -21.61 57.29
C GLY B 438 23.92 -20.69 56.10
N CYS B 439 23.76 -19.40 56.42
CA CYS B 439 23.53 -18.37 55.42
C CYS B 439 24.84 -17.70 55.06
N ASP B 440 25.33 -17.98 53.85
CA ASP B 440 26.58 -17.41 53.35
C ASP B 440 26.27 -16.44 52.21
N TYR B 441 27.30 -16.10 51.44
CA TYR B 441 27.19 -15.12 50.36
C TYR B 441 28.47 -15.18 49.55
N VAL B 442 28.37 -14.83 48.27
CA VAL B 442 29.54 -14.76 47.39
C VAL B 442 29.25 -13.71 46.33
N SER B 443 30.30 -13.03 45.87
CA SER B 443 30.15 -11.96 44.91
C SER B 443 30.11 -12.51 43.49
N ASN B 444 29.44 -11.77 42.60
CA ASN B 444 29.41 -12.14 41.19
C ASN B 444 30.78 -12.04 40.55
N LYS B 445 31.74 -11.40 41.20
CA LYS B 445 33.14 -11.43 40.78
C LYS B 445 33.67 -12.85 40.95
N GLY B 446 33.95 -13.54 39.84
CA GLY B 446 34.42 -14.90 39.89
C GLY B 446 33.34 -15.96 39.88
N VAL B 447 32.10 -15.59 40.14
CA VAL B 447 30.96 -16.52 40.16
C VAL B 447 29.99 -16.13 39.05
N ASP B 448 29.43 -17.13 38.38
CA ASP B 448 28.49 -16.90 37.30
C ASP B 448 27.12 -17.51 37.57
N THR B 449 27.06 -18.70 38.17
CA THR B 449 25.81 -19.35 38.54
C THR B 449 25.87 -19.79 39.99
N VAL B 450 24.69 -19.93 40.59
CA VAL B 450 24.52 -20.40 41.96
C VAL B 450 23.40 -21.44 41.98
N SER B 451 23.60 -22.51 42.73
CA SER B 451 22.67 -23.62 42.78
C SER B 451 22.20 -23.85 44.21
N VAL B 452 20.91 -24.17 44.36
CA VAL B 452 20.31 -24.51 45.65
C VAL B 452 19.37 -25.70 45.42
N GLY B 453 19.90 -26.90 45.57
CA GLY B 453 19.09 -28.07 45.26
C GLY B 453 18.94 -28.23 43.76
N ASN B 454 17.70 -28.42 43.31
CA ASN B 454 17.40 -28.60 41.90
C ASN B 454 17.13 -27.30 41.18
N THR B 455 17.28 -26.16 41.84
CA THR B 455 16.97 -24.84 41.30
C THR B 455 18.27 -24.13 40.97
N LEU B 456 18.47 -23.84 39.68
CA LEU B 456 19.67 -23.14 39.24
C LEU B 456 19.37 -21.65 39.13
N TYR B 457 20.25 -20.83 39.71
CA TYR B 457 20.10 -19.38 39.73
C TYR B 457 21.29 -18.75 39.02
N TYR B 458 21.02 -17.90 38.04
CA TYR B 458 22.06 -17.08 37.44
C TYR B 458 22.21 -15.79 38.27
N VAL B 459 23.47 -15.34 38.40
CA VAL B 459 23.80 -14.19 39.24
C VAL B 459 23.91 -12.95 38.38
N ASN B 460 23.60 -11.80 38.96
CA ASN B 460 23.69 -10.52 38.25
C ASN B 460 25.17 -10.16 38.05
N LYS B 461 25.62 -10.16 36.80
CA LYS B 461 27.03 -9.92 36.48
C LYS B 461 27.34 -8.44 36.25
N GLN B 462 26.62 -7.53 36.90
CA GLN B 462 27.01 -6.13 36.91
C GLN B 462 28.19 -5.93 37.85
N GLU B 463 29.09 -5.02 37.48
CA GLU B 463 30.35 -4.89 38.20
C GLU B 463 30.19 -4.01 39.44
N GLY B 464 31.13 -4.15 40.35
CA GLY B 464 31.06 -3.46 41.62
C GLY B 464 31.73 -4.27 42.71
N LYS B 465 32.06 -3.57 43.79
CA LYS B 465 32.77 -4.18 44.90
C LYS B 465 31.80 -4.61 45.99
N SER B 466 32.07 -5.79 46.57
CA SER B 466 31.28 -6.35 47.65
C SER B 466 32.11 -6.38 48.93
N LEU B 467 31.42 -6.34 50.06
CA LEU B 467 32.06 -6.33 51.37
C LEU B 467 31.38 -7.40 52.24
N TYR B 468 32.19 -8.26 52.85
CA TYR B 468 31.70 -9.38 53.63
C TYR B 468 31.98 -9.07 55.10
N VAL B 469 30.94 -8.71 55.85
CA VAL B 469 31.06 -8.31 57.25
C VAL B 469 30.67 -9.51 58.11
N LYS B 470 31.65 -10.07 58.81
CA LYS B 470 31.40 -11.24 59.64
C LYS B 470 30.58 -10.86 60.87
N GLY B 471 30.17 -11.90 61.60
CA GLY B 471 29.31 -11.75 62.75
C GLY B 471 28.66 -13.07 63.11
N GLU B 472 28.37 -13.28 64.37
CA GLU B 472 27.73 -14.51 64.80
C GLU B 472 26.27 -14.50 64.36
N PRO B 473 25.78 -15.57 63.71
CA PRO B 473 24.37 -15.64 63.34
C PRO B 473 23.46 -15.40 64.54
N ILE B 474 22.63 -14.37 64.45
CA ILE B 474 21.87 -13.87 65.59
C ILE B 474 20.77 -14.85 66.02
N ILE B 475 20.70 -16.00 65.35
CA ILE B 475 19.71 -16.99 65.72
C ILE B 475 20.18 -17.82 66.93
N ASN B 476 21.47 -17.84 67.20
CA ASN B 476 22.00 -18.62 68.31
C ASN B 476 21.79 -17.95 69.67
N PHE B 477 21.52 -16.63 69.68
CA PHE B 477 21.32 -15.89 70.92
C PHE B 477 19.93 -16.09 71.52
N TYR B 478 19.08 -16.88 70.88
CA TYR B 478 17.71 -17.07 71.33
C TYR B 478 17.53 -18.46 71.91
N ASP B 479 16.63 -18.57 72.89
CA ASP B 479 16.38 -19.84 73.55
C ASP B 479 15.30 -20.60 72.80
N PRO B 480 15.61 -21.76 72.18
CA PRO B 480 14.59 -22.47 71.39
C PRO B 480 13.38 -22.92 72.18
N LEU B 481 13.48 -23.05 73.49
CA LEU B 481 12.34 -23.51 74.27
C LEU B 481 11.24 -22.44 74.33
N VAL B 482 11.62 -21.18 74.53
CA VAL B 482 10.67 -20.08 74.62
C VAL B 482 10.76 -19.14 73.42
N PHE B 483 11.45 -19.56 72.37
CA PHE B 483 11.51 -18.76 71.16
C PHE B 483 10.16 -18.78 70.46
N PRO B 484 9.49 -17.63 70.30
CA PRO B 484 8.21 -17.62 69.57
C PRO B 484 8.42 -18.06 68.13
N SER B 485 7.81 -19.20 67.78
CA SER B 485 8.09 -19.87 66.51
C SER B 485 7.01 -19.65 65.45
N ASP B 486 6.16 -18.64 65.63
CA ASP B 486 5.13 -18.34 64.65
C ASP B 486 4.82 -16.86 64.66
N GLU B 487 5.85 -16.02 64.59
CA GLU B 487 5.68 -14.57 64.54
C GLU B 487 5.84 -14.14 63.08
N PHE B 488 4.71 -13.92 62.41
CA PHE B 488 4.75 -13.54 61.01
C PHE B 488 5.03 -12.05 60.85
N ASP B 489 4.41 -11.22 61.67
CA ASP B 489 4.62 -9.77 61.67
C ASP B 489 4.96 -9.36 63.10
N ALA B 490 6.27 -9.24 63.38
CA ALA B 490 6.74 -8.90 64.71
C ALA B 490 7.98 -8.02 64.57
N SER B 491 8.71 -7.87 65.67
CA SER B 491 9.92 -7.04 65.71
C SER B 491 10.81 -7.52 66.84
N ILE B 492 11.97 -6.88 66.97
CA ILE B 492 12.94 -7.26 68.01
C ILE B 492 12.30 -7.15 69.39
N SER B 493 11.64 -6.01 69.67
CA SER B 493 11.02 -5.83 70.96
C SER B 493 9.83 -6.78 71.16
N GLN B 494 9.12 -7.10 70.08
CA GLN B 494 8.01 -8.05 70.19
C GLN B 494 8.53 -9.46 70.45
N VAL B 495 9.69 -9.82 69.91
CA VAL B 495 10.26 -11.13 70.17
C VAL B 495 10.78 -11.23 71.60
N ASN B 496 11.48 -10.18 72.07
CA ASN B 496 12.03 -10.21 73.41
C ASN B 496 10.92 -10.23 74.47
N GLU B 497 9.88 -9.42 74.28
CA GLU B 497 8.79 -9.39 75.26
C GLU B 497 7.97 -10.67 75.26
N LYS B 498 7.99 -11.44 74.17
CA LYS B 498 7.30 -12.71 74.14
C LYS B 498 8.08 -13.82 74.83
N ILE B 499 9.39 -13.61 75.05
CA ILE B 499 10.19 -14.61 75.74
C ILE B 499 10.05 -14.48 77.26
N ASN B 500 10.07 -13.24 77.78
CA ASN B 500 9.99 -13.05 79.22
C ASN B 500 8.62 -13.43 79.77
N GLN B 501 7.58 -13.34 78.94
CA GLN B 501 6.25 -13.77 79.39
C GLN B 501 6.18 -15.28 79.56
N SER B 502 6.95 -16.03 78.75
CA SER B 502 6.95 -17.48 78.84
C SER B 502 7.84 -18.01 79.96
N LEU B 503 8.73 -17.18 80.51
CA LEU B 503 9.56 -17.62 81.62
C LEU B 503 8.85 -17.51 82.96
N ALA B 504 7.99 -16.50 83.12
CA ALA B 504 7.30 -16.30 84.39
C ALA B 504 6.39 -17.48 84.71
N PHE B 505 5.60 -17.91 83.73
CA PHE B 505 4.53 -18.88 83.99
C PHE B 505 5.07 -20.19 84.58
N ILE B 506 6.25 -20.63 84.15
CA ILE B 506 6.81 -21.85 84.69
C ILE B 506 7.52 -21.59 86.01
N ARG B 507 8.22 -20.45 86.12
CA ARG B 507 8.98 -20.16 87.32
C ARG B 507 8.12 -19.70 88.49
N LYS B 508 6.90 -19.21 88.23
CA LYS B 508 6.05 -18.73 89.31
C LYS B 508 5.72 -19.82 90.32
N SER B 509 5.67 -21.08 89.88
CA SER B 509 5.26 -22.18 90.75
C SER B 509 6.43 -22.89 91.42
N ASP B 510 7.67 -22.65 90.98
CA ASP B 510 8.81 -23.23 91.67
C ASP B 510 8.97 -22.64 93.07
N GLU B 511 8.70 -21.34 93.22
CA GLU B 511 8.66 -20.72 94.53
C GLU B 511 7.32 -20.96 95.22
N LEU B 512 6.27 -21.17 94.45
CA LEU B 512 4.93 -21.40 94.98
C LEU B 512 4.62 -22.89 95.09
N ASN C 27 -26.31 9.21 42.81
CA ASN C 27 -26.83 8.81 44.11
C ASN C 27 -25.83 7.91 44.83
N ILE C 28 -24.75 8.51 45.33
CA ILE C 28 -23.72 7.80 46.07
C ILE C 28 -23.58 8.45 47.44
N THR C 29 -23.68 7.63 48.48
CA THR C 29 -23.56 8.09 49.85
C THR C 29 -22.49 7.28 50.57
N GLU C 30 -21.91 7.87 51.62
CA GLU C 30 -20.84 7.23 52.36
C GLU C 30 -20.94 7.58 53.84
N GLU C 31 -20.73 6.59 54.69
CA GLU C 31 -20.74 6.76 56.13
C GLU C 31 -19.44 6.22 56.72
N PHE C 32 -18.75 7.05 57.50
CA PHE C 32 -17.54 6.65 58.21
C PHE C 32 -17.88 6.32 59.66
N TYR C 33 -17.15 5.36 60.21
CA TYR C 33 -17.37 4.91 61.58
C TYR C 33 -16.07 5.10 62.35
N GLN C 34 -16.05 6.08 63.24
CA GLN C 34 -14.84 6.39 63.99
C GLN C 34 -14.35 5.22 64.83
N SER C 35 -15.24 4.27 65.15
CA SER C 35 -14.86 3.16 66.02
C SER C 35 -13.93 2.18 65.31
N THR C 36 -14.15 1.95 64.01
CA THR C 36 -13.42 0.93 63.27
C THR C 36 -12.48 1.49 62.21
N CYS C 37 -12.35 2.81 62.11
CA CYS C 37 -11.46 3.44 61.12
C CYS C 37 -11.75 2.90 59.72
N SER C 38 -13.03 2.85 59.38
CA SER C 38 -13.48 2.30 58.11
C SER C 38 -14.67 3.10 57.61
N ALA C 39 -14.90 3.02 56.30
CA ALA C 39 -16.01 3.72 55.66
C ALA C 39 -16.69 2.80 54.66
N VAL C 40 -17.97 3.08 54.40
CA VAL C 40 -18.79 2.29 53.50
C VAL C 40 -19.42 3.22 52.47
N SER C 41 -19.27 2.89 51.19
CA SER C 41 -19.78 3.69 50.07
C SER C 41 -20.93 2.94 49.41
N LYS C 42 -22.16 3.37 49.67
CA LYS C 42 -23.35 2.75 49.13
C LYS C 42 -23.85 3.50 47.90
N GLY C 43 -24.76 2.87 47.17
CA GLY C 43 -25.40 3.47 46.04
C GLY C 43 -24.98 2.98 44.67
N TYR C 44 -24.38 1.81 44.57
CA TYR C 44 -23.93 1.26 43.29
C TYR C 44 -24.89 0.15 42.84
N LEU C 45 -24.93 -0.06 41.52
CA LEU C 45 -25.83 -1.04 40.92
C LEU C 45 -25.07 -2.27 40.47
N SER C 46 -25.78 -3.39 40.41
CA SER C 46 -25.17 -4.71 40.26
C SER C 46 -24.79 -5.01 38.82
N ALA C 47 -23.74 -5.80 38.67
CA ALA C 47 -23.32 -6.35 37.39
C ALA C 47 -22.42 -7.55 37.64
N LEU C 48 -22.97 -8.58 38.27
CA LEU C 48 -22.21 -9.76 38.67
C LEU C 48 -22.18 -10.78 37.54
N ARG C 49 -21.04 -11.47 37.41
CA ARG C 49 -20.89 -12.55 36.44
C ARG C 49 -21.33 -13.85 37.10
N THR C 50 -22.51 -14.35 36.73
CA THR C 50 -23.01 -15.58 37.32
C THR C 50 -22.58 -16.82 36.55
N GLY C 51 -22.49 -16.73 35.22
CA GLY C 51 -22.14 -17.88 34.41
C GLY C 51 -21.59 -17.47 33.06
N TRP C 52 -21.35 -18.48 32.24
CA TRP C 52 -20.75 -18.30 30.93
C TRP C 52 -21.73 -18.69 29.83
N TYR C 53 -21.53 -18.10 28.65
CA TYR C 53 -22.22 -18.49 27.43
C TYR C 53 -21.16 -18.71 26.36
N THR C 54 -21.25 -19.84 25.67
CA THR C 54 -20.27 -20.21 24.67
C THR C 54 -20.78 -19.87 23.27
N SER C 55 -19.89 -19.34 22.45
CA SER C 55 -20.17 -19.07 21.05
C SER C 55 -18.96 -19.46 20.23
N VAL C 56 -19.20 -19.94 19.01
CA VAL C 56 -18.16 -20.46 18.14
C VAL C 56 -18.04 -19.53 16.93
N ILE C 57 -16.81 -19.16 16.60
CA ILE C 57 -16.52 -18.25 15.50
C ILE C 57 -15.73 -19.02 14.44
N THR C 58 -16.20 -18.99 13.20
CA THR C 58 -15.62 -19.78 12.12
C THR C 58 -15.09 -18.87 11.01
N ILE C 59 -13.96 -19.29 10.42
CA ILE C 59 -13.33 -18.61 9.29
C ILE C 59 -13.05 -19.66 8.23
N GLU C 60 -13.65 -19.51 7.05
CA GLU C 60 -13.37 -20.45 5.97
C GLU C 60 -11.99 -20.22 5.40
N LEU C 61 -11.29 -21.32 5.14
CA LEU C 61 -9.90 -21.32 4.71
C LEU C 61 -9.80 -21.84 3.28
N SER C 62 -8.58 -21.97 2.78
CA SER C 62 -8.33 -22.50 1.44
C SER C 62 -7.16 -23.45 1.50
N ASN C 63 -7.39 -24.70 1.06
CA ASN C 63 -6.40 -25.77 1.22
C ASN C 63 -5.47 -25.78 0.01
N ILE C 64 -4.54 -24.82 0.00
CA ILE C 64 -3.59 -24.69 -1.12
C ILE C 64 -2.21 -24.37 -0.58
N LYS C 65 -1.19 -24.86 -1.30
CA LYS C 65 0.20 -24.58 -1.00
C LYS C 65 1.04 -24.86 -2.24
N GLU C 66 2.21 -24.21 -2.29
CA GLU C 66 3.19 -24.40 -3.36
C GLU C 66 2.57 -24.14 -4.73
N ASN C 67 2.58 -22.87 -5.15
CA ASN C 67 1.96 -22.48 -6.40
C ASN C 67 2.93 -22.60 -7.57
N LYS C 68 2.37 -22.90 -8.75
CA LYS C 68 3.19 -23.25 -9.90
C LYS C 68 3.76 -22.03 -10.62
N CYS C 69 3.12 -20.87 -10.53
CA CYS C 69 3.66 -19.68 -11.17
C CYS C 69 4.94 -19.26 -10.48
N ASN C 70 5.95 -18.90 -11.28
CA ASN C 70 7.19 -18.36 -10.74
C ASN C 70 7.48 -17.01 -11.38
N GLY C 71 6.44 -16.24 -11.68
CA GLY C 71 6.62 -15.01 -12.43
C GLY C 71 7.42 -13.98 -11.65
N THR C 72 8.23 -13.21 -12.37
CA THR C 72 9.04 -12.16 -11.79
C THR C 72 8.34 -10.80 -11.80
N ASP C 73 7.05 -10.77 -12.14
CA ASP C 73 6.31 -9.51 -12.17
C ASP C 73 6.23 -8.93 -10.77
N ALA C 74 6.46 -7.61 -10.67
CA ALA C 74 6.45 -6.97 -9.36
C ALA C 74 5.11 -7.19 -8.64
N LYS C 75 4.00 -7.12 -9.37
CA LYS C 75 2.70 -7.34 -8.75
C LYS C 75 2.46 -8.81 -8.43
N VAL C 76 2.97 -9.72 -9.26
CA VAL C 76 2.84 -11.14 -8.97
C VAL C 76 3.64 -11.48 -7.71
N LYS C 77 4.87 -10.99 -7.62
CA LYS C 77 5.71 -11.25 -6.46
C LYS C 77 5.08 -10.75 -5.16
N LEU C 78 4.24 -9.72 -5.26
CA LEU C 78 3.61 -9.15 -4.07
C LEU C 78 2.48 -10.04 -3.56
N ILE C 79 1.61 -10.50 -4.47
CA ILE C 79 0.53 -11.41 -4.08
C ILE C 79 1.09 -12.70 -3.53
N LYS C 80 2.14 -13.23 -4.15
CA LYS C 80 2.78 -14.45 -3.68
C LYS C 80 3.16 -14.35 -2.20
N GLN C 81 3.92 -13.31 -1.84
CA GLN C 81 4.46 -13.25 -0.48
C GLN C 81 3.38 -12.87 0.53
N GLU C 82 2.34 -12.15 0.11
CA GLU C 82 1.20 -11.94 1.00
C GLU C 82 0.38 -13.21 1.15
N LEU C 83 0.31 -14.03 0.10
CA LEU C 83 -0.28 -15.36 0.24
C LEU C 83 0.57 -16.25 1.15
N ASP C 84 1.89 -16.07 1.12
CA ASP C 84 2.76 -16.81 2.03
C ASP C 84 2.44 -16.46 3.48
N LYS C 85 2.03 -15.22 3.75
CA LYS C 85 1.61 -14.85 5.10
C LYS C 85 0.41 -15.68 5.54
N TYR C 86 -0.60 -15.78 4.69
CA TYR C 86 -1.75 -16.64 4.93
C TYR C 86 -1.34 -18.08 5.14
N LYS C 87 -0.61 -18.66 4.18
CA LYS C 87 -0.26 -20.07 4.29
C LYS C 87 0.62 -20.35 5.50
N ASN C 88 1.41 -19.36 5.94
CA ASN C 88 2.17 -19.54 7.17
C ASN C 88 1.30 -19.35 8.40
N ALA C 89 0.34 -18.41 8.34
CA ALA C 89 -0.56 -18.21 9.47
C ALA C 89 -1.35 -19.47 9.77
N VAL C 90 -1.80 -20.17 8.72
CA VAL C 90 -2.47 -21.45 8.93
C VAL C 90 -1.49 -22.49 9.44
N THR C 91 -0.24 -22.42 8.96
CA THR C 91 0.79 -23.33 9.45
C THR C 91 1.04 -23.12 10.95
N GLU C 92 0.84 -21.91 11.46
CA GLU C 92 1.04 -21.67 12.88
C GLU C 92 -0.09 -22.24 13.72
N LEU C 93 -1.35 -21.98 13.32
CA LEU C 93 -2.46 -22.44 14.12
C LEU C 93 -2.58 -23.96 14.11
N GLN C 94 -2.35 -24.59 12.96
CA GLN C 94 -2.38 -26.04 12.90
C GLN C 94 -1.40 -26.67 13.88
N LEU C 95 -0.31 -25.98 14.18
CA LEU C 95 0.69 -26.50 15.10
C LEU C 95 0.23 -26.40 16.55
N LEU C 96 -0.44 -25.29 16.91
CA LEU C 96 -0.86 -25.09 18.29
C LEU C 96 -1.76 -26.22 18.77
N MET C 97 -2.54 -26.82 17.87
CA MET C 97 -3.45 -27.89 18.26
C MET C 97 -2.79 -29.26 18.11
N PHE C 137 -8.47 -8.34 50.57
CA PHE C 137 -7.53 -8.77 51.59
C PHE C 137 -7.62 -10.27 51.86
N LEU C 138 -8.83 -10.82 51.78
CA LEU C 138 -9.05 -12.24 52.08
C LEU C 138 -8.91 -13.12 50.85
N GLY C 139 -7.88 -12.91 50.04
CA GLY C 139 -7.70 -13.74 48.86
C GLY C 139 -7.46 -15.20 49.19
N PHE C 140 -6.89 -15.47 50.37
CA PHE C 140 -6.65 -16.83 50.80
C PHE C 140 -7.93 -17.56 51.21
N LEU C 141 -9.04 -16.83 51.41
CA LEU C 141 -10.31 -17.45 51.72
C LEU C 141 -11.17 -17.70 50.49
N LEU C 142 -10.77 -17.19 49.32
CA LEU C 142 -11.52 -17.42 48.10
C LEU C 142 -11.36 -18.87 47.62
N GLY C 143 -12.32 -19.32 46.82
CA GLY C 143 -12.23 -20.61 46.20
C GLY C 143 -11.41 -20.58 44.92
N VAL C 144 -11.18 -21.77 44.36
CA VAL C 144 -10.37 -21.94 43.15
C VAL C 144 -11.26 -22.55 42.08
N GLY C 145 -11.19 -22.02 40.87
CA GLY C 145 -11.98 -22.53 39.77
C GLY C 145 -11.27 -22.38 38.45
N SER C 146 -11.76 -23.12 37.45
CA SER C 146 -11.29 -22.99 36.09
C SER C 146 -12.18 -22.00 35.36
N ALA C 147 -11.57 -20.92 34.86
CA ALA C 147 -12.35 -19.85 34.25
C ALA C 147 -12.94 -20.27 32.91
N ILE C 148 -12.13 -20.89 32.06
CA ILE C 148 -12.53 -21.21 30.70
C ILE C 148 -13.10 -22.63 30.59
N ALA C 149 -13.56 -23.21 31.71
CA ALA C 149 -13.98 -24.61 31.68
C ALA C 149 -15.17 -24.82 30.74
N SER C 150 -16.17 -23.94 30.79
CA SER C 150 -17.35 -24.10 29.96
C SER C 150 -17.01 -24.05 28.48
N GLY C 151 -16.10 -23.15 28.09
CA GLY C 151 -15.73 -23.05 26.69
C GLY C 151 -14.80 -24.18 26.26
N VAL C 152 -13.81 -24.51 27.09
CA VAL C 152 -12.96 -25.65 26.81
C VAL C 152 -13.80 -26.91 26.68
N ALA C 153 -14.90 -26.99 27.45
CA ALA C 153 -15.82 -28.11 27.29
C ALA C 153 -16.39 -28.17 25.88
N VAL C 154 -16.64 -27.00 25.28
CA VAL C 154 -17.15 -26.97 23.91
C VAL C 154 -16.11 -27.51 22.94
N CYS C 155 -14.84 -27.37 23.26
CA CYS C 155 -13.79 -27.82 22.34
C CYS C 155 -13.74 -29.34 22.23
N LYS C 156 -13.88 -30.05 23.36
CA LYS C 156 -13.94 -31.50 23.27
C LYS C 156 -15.18 -31.98 22.52
N VAL C 157 -16.23 -31.16 22.46
CA VAL C 157 -17.41 -31.51 21.66
C VAL C 157 -17.17 -31.20 20.18
N LEU C 158 -16.37 -30.18 19.87
CA LEU C 158 -16.12 -29.82 18.48
C LEU C 158 -15.21 -30.82 17.77
N HIS C 159 -14.39 -31.57 18.51
CA HIS C 159 -13.54 -32.57 17.87
C HIS C 159 -14.33 -33.78 17.39
N LEU C 160 -15.56 -33.95 17.87
CA LEU C 160 -16.35 -35.13 17.52
C LEU C 160 -16.64 -35.15 16.02
N GLU C 161 -16.61 -36.36 15.45
CA GLU C 161 -16.77 -36.53 14.01
C GLU C 161 -18.08 -35.93 13.54
N GLY C 162 -18.00 -34.94 12.66
CA GLY C 162 -19.16 -34.31 12.08
C GLY C 162 -19.61 -33.04 12.76
N GLU C 163 -19.09 -32.73 13.95
CA GLU C 163 -19.43 -31.48 14.60
C GLU C 163 -18.93 -30.28 13.81
N VAL C 164 -17.85 -30.47 13.04
CA VAL C 164 -17.34 -29.36 12.23
C VAL C 164 -18.26 -29.08 11.05
N ASN C 165 -18.82 -30.13 10.45
CA ASN C 165 -19.56 -29.98 9.19
C ASN C 165 -20.96 -29.43 9.40
N LYS C 166 -21.58 -29.67 10.56
CA LYS C 166 -22.89 -29.09 10.83
C LYS C 166 -22.83 -27.57 10.79
N ILE C 167 -21.78 -27.00 11.37
CA ILE C 167 -21.67 -25.54 11.44
C ILE C 167 -21.43 -24.96 10.06
N LYS C 168 -20.56 -25.60 9.27
CA LYS C 168 -20.33 -25.16 7.89
C LYS C 168 -21.62 -25.18 7.09
N SER C 169 -22.48 -26.18 7.35
CA SER C 169 -23.76 -26.27 6.64
C SER C 169 -24.73 -25.17 7.08
N ALA C 170 -24.71 -24.81 8.37
CA ALA C 170 -25.64 -23.80 8.85
C ALA C 170 -25.25 -22.40 8.44
N LEU C 171 -24.00 -22.19 8.02
CA LEU C 171 -23.49 -20.88 7.62
C LEU C 171 -23.26 -20.77 6.12
N LEU C 172 -23.77 -21.70 5.32
CA LEU C 172 -23.60 -21.64 3.88
C LEU C 172 -24.37 -20.47 3.27
N SER C 173 -25.55 -20.16 3.81
CA SER C 173 -26.41 -19.12 3.26
C SER C 173 -26.42 -17.83 4.06
N THR C 174 -26.02 -17.85 5.33
CA THR C 174 -26.05 -16.66 6.17
C THR C 174 -24.77 -16.60 7.01
N ASN C 175 -24.64 -15.53 7.80
CA ASN C 175 -23.44 -15.27 8.57
C ASN C 175 -23.62 -15.51 10.06
N LYS C 176 -24.77 -16.05 10.47
CA LYS C 176 -25.02 -16.37 11.88
C LYS C 176 -26.19 -17.32 11.96
N ALA C 177 -26.03 -18.39 12.73
CA ALA C 177 -27.06 -19.42 12.84
C ALA C 177 -26.94 -20.06 14.22
N VAL C 178 -28.04 -20.69 14.65
CA VAL C 178 -28.11 -21.35 15.94
C VAL C 178 -28.08 -22.85 15.70
N VAL C 179 -27.01 -23.51 16.15
CA VAL C 179 -26.81 -24.94 15.92
C VAL C 179 -26.74 -25.65 17.25
N SER C 180 -27.46 -26.76 17.38
CA SER C 180 -27.39 -27.59 18.57
C SER C 180 -26.31 -28.64 18.38
N LEU C 181 -25.42 -28.75 19.37
CA LEU C 181 -24.36 -29.75 19.34
C LEU C 181 -24.92 -31.10 19.76
N SER C 182 -24.05 -32.13 19.73
CA SER C 182 -24.50 -33.48 20.01
C SER C 182 -24.93 -33.64 21.47
N ASN C 183 -24.26 -32.94 22.39
CA ASN C 183 -24.61 -32.99 23.81
C ASN C 183 -25.79 -32.08 24.17
N GLY C 184 -26.63 -31.74 23.19
CA GLY C 184 -27.83 -30.98 23.48
C GLY C 184 -27.59 -29.59 24.05
N VAL C 185 -26.69 -28.82 23.44
CA VAL C 185 -26.45 -27.44 23.81
C VAL C 185 -26.61 -26.57 22.57
N SER C 186 -27.23 -25.42 22.74
CA SER C 186 -27.53 -24.50 21.64
C SER C 186 -26.48 -23.40 21.65
N VAL C 187 -25.49 -23.52 20.78
CA VAL C 187 -24.41 -22.55 20.67
C VAL C 187 -24.63 -21.68 19.44
N LEU C 188 -24.40 -20.39 19.60
CA LEU C 188 -24.52 -19.45 18.50
C LEU C 188 -23.26 -19.50 17.64
N THR C 189 -23.42 -19.71 16.34
CA THR C 189 -22.30 -19.85 15.42
C THR C 189 -22.22 -18.66 14.47
N PHE C 190 -20.99 -18.33 14.08
CA PHE C 190 -20.73 -17.18 13.22
C PHE C 190 -19.68 -17.52 12.17
N LYS C 191 -19.87 -16.98 10.97
CA LYS C 191 -18.84 -16.95 9.93
C LYS C 191 -18.51 -15.49 9.71
N VAL C 192 -17.26 -15.11 9.99
CA VAL C 192 -16.91 -13.69 10.03
C VAL C 192 -16.16 -13.29 8.78
N LEU C 193 -15.32 -14.18 8.26
CA LEU C 193 -14.36 -13.77 7.26
C LEU C 193 -14.27 -14.83 6.17
N ASP C 194 -14.34 -14.40 4.92
CA ASP C 194 -14.26 -15.28 3.76
C ASP C 194 -13.04 -14.89 2.92
N LEU C 195 -11.92 -15.54 3.21
CA LEU C 195 -10.77 -15.52 2.33
C LEU C 195 -10.85 -16.58 1.24
N LYS C 196 -11.48 -17.71 1.55
CA LYS C 196 -11.61 -18.82 0.61
C LYS C 196 -12.23 -18.37 -0.71
N ASN C 197 -13.41 -17.75 -0.63
CA ASN C 197 -14.12 -17.35 -1.84
C ASN C 197 -13.32 -16.38 -2.70
N TYR C 198 -12.38 -15.65 -2.12
CA TYR C 198 -11.53 -14.76 -2.91
C TYR C 198 -10.26 -15.44 -3.37
N ILE C 199 -9.65 -16.25 -2.51
CA ILE C 199 -8.44 -16.96 -2.89
C ILE C 199 -8.75 -18.06 -3.90
N ASP C 200 -9.72 -18.93 -3.58
CA ASP C 200 -9.99 -20.07 -4.43
C ASP C 200 -10.61 -19.68 -5.77
N LYS C 201 -11.27 -18.53 -5.83
CA LYS C 201 -11.93 -18.13 -7.07
C LYS C 201 -11.17 -17.06 -7.85
N GLN C 202 -10.30 -16.28 -7.20
CA GLN C 202 -9.62 -15.20 -7.88
C GLN C 202 -8.10 -15.29 -7.86
N LEU C 203 -7.52 -16.21 -7.10
CA LEU C 203 -6.07 -16.30 -7.08
C LEU C 203 -5.57 -17.69 -7.43
N LEU C 204 -6.33 -18.72 -7.05
CA LEU C 204 -5.87 -20.09 -7.30
C LEU C 204 -5.77 -20.41 -8.79
N PRO C 205 -6.78 -20.17 -9.63
CA PRO C 205 -6.63 -20.47 -11.06
C PRO C 205 -5.51 -19.69 -11.74
N ILE C 206 -5.06 -18.59 -11.15
CA ILE C 206 -3.98 -17.77 -11.72
C ILE C 206 -2.64 -18.30 -11.24
N LEU C 207 -2.47 -18.36 -9.91
CA LEU C 207 -1.17 -18.71 -9.35
C LEU C 207 -0.75 -20.12 -9.74
N ASN C 208 -1.70 -21.05 -9.83
CA ASN C 208 -1.36 -22.43 -10.18
C ASN C 208 -1.31 -22.67 -11.69
N LYS C 209 -0.77 -21.69 -12.42
CA LYS C 209 -0.45 -21.82 -13.84
C LYS C 209 1.01 -21.42 -14.05
N GLN C 210 1.54 -21.77 -15.22
CA GLN C 210 2.96 -21.53 -15.49
C GLN C 210 3.29 -20.04 -15.43
N SER C 211 2.55 -19.23 -16.17
CA SER C 211 2.79 -17.79 -16.24
C SER C 211 1.54 -17.06 -15.77
N CYS C 212 1.70 -16.23 -14.73
CA CYS C 212 0.58 -15.50 -14.16
C CYS C 212 0.81 -14.00 -14.31
N SER C 213 -0.25 -13.23 -14.05
CA SER C 213 -0.24 -11.79 -14.28
C SER C 213 -1.30 -11.14 -13.43
N ILE C 214 -0.91 -10.18 -12.61
CA ILE C 214 -1.84 -9.41 -11.79
C ILE C 214 -2.32 -8.23 -12.61
N SER C 215 -3.63 -8.00 -12.61
CA SER C 215 -4.21 -6.94 -13.44
C SER C 215 -3.97 -5.56 -12.82
N ASN C 216 -4.51 -5.32 -11.62
CA ASN C 216 -4.46 -4.03 -10.97
C ASN C 216 -3.49 -4.05 -9.80
N ILE C 217 -2.89 -2.89 -9.52
CA ILE C 217 -2.17 -2.70 -8.27
C ILE C 217 -3.15 -2.50 -7.13
N GLU C 218 -4.35 -2.03 -7.42
CA GLU C 218 -5.42 -1.95 -6.44
C GLU C 218 -5.93 -3.33 -6.04
N THR C 219 -5.51 -4.40 -6.74
CA THR C 219 -5.82 -5.76 -6.29
C THR C 219 -4.85 -6.21 -5.21
N VAL C 220 -3.58 -5.84 -5.33
CA VAL C 220 -2.59 -6.20 -4.30
C VAL C 220 -2.96 -5.58 -2.96
N ILE C 221 -3.48 -4.35 -2.99
CA ILE C 221 -3.83 -3.68 -1.74
C ILE C 221 -5.07 -4.32 -1.11
N GLU C 222 -6.06 -4.69 -1.93
CA GLU C 222 -7.27 -5.27 -1.39
C GLU C 222 -7.01 -6.64 -0.79
N PHE C 223 -6.05 -7.39 -1.35
CA PHE C 223 -5.67 -8.65 -0.73
C PHE C 223 -5.07 -8.43 0.66
N GLN C 224 -4.28 -7.37 0.83
CA GLN C 224 -3.74 -7.04 2.15
C GLN C 224 -4.86 -6.85 3.16
N GLN C 225 -5.94 -6.18 2.77
CA GLN C 225 -7.03 -5.88 3.70
C GLN C 225 -7.71 -7.15 4.18
N LYS C 226 -8.06 -8.04 3.23
CA LYS C 226 -8.76 -9.27 3.60
C LYS C 226 -7.89 -10.14 4.51
N ASN C 227 -6.58 -10.19 4.25
CA ASN C 227 -5.67 -11.07 4.98
C ASN C 227 -5.26 -10.52 6.34
N ASN C 228 -5.43 -9.22 6.58
CA ASN C 228 -4.88 -8.59 7.78
C ASN C 228 -5.46 -9.19 9.06
N ARG C 229 -6.79 -9.29 9.12
CA ARG C 229 -7.45 -9.79 10.33
C ARG C 229 -6.98 -11.20 10.68
N LEU C 230 -6.89 -12.09 9.69
CA LEU C 230 -6.45 -13.46 9.97
C LEU C 230 -5.06 -13.47 10.60
N LEU C 231 -4.15 -12.64 10.09
CA LEU C 231 -2.80 -12.61 10.63
C LEU C 231 -2.78 -12.08 12.05
N GLU C 232 -3.49 -10.99 12.31
CA GLU C 232 -3.53 -10.43 13.66
C GLU C 232 -4.22 -11.38 14.63
N ILE C 233 -5.22 -12.13 14.17
CA ILE C 233 -5.82 -13.18 15.00
C ILE C 233 -4.76 -14.22 15.36
N THR C 234 -3.97 -14.64 14.37
CA THR C 234 -2.91 -15.61 14.61
C THR C 234 -1.87 -15.09 15.59
N ARG C 235 -1.58 -13.79 15.56
CA ARG C 235 -0.57 -13.23 16.43
C ARG C 235 -1.00 -13.28 17.89
N GLU C 236 -2.28 -13.03 18.16
CA GLU C 236 -2.75 -13.10 19.54
C GLU C 236 -2.74 -14.54 20.04
N PHE C 237 -3.05 -15.51 19.18
CA PHE C 237 -3.07 -16.90 19.59
C PHE C 237 -1.68 -17.47 19.78
N SER C 238 -0.68 -16.97 19.05
CA SER C 238 0.65 -17.55 19.11
C SER C 238 1.40 -17.19 20.39
N VAL C 239 1.07 -16.07 21.03
CA VAL C 239 1.76 -15.66 22.25
C VAL C 239 0.93 -15.92 23.50
N ASN C 240 -0.37 -16.19 23.36
CA ASN C 240 -1.23 -16.46 24.51
C ASN C 240 -1.62 -17.92 24.61
N ALA C 241 -0.91 -18.81 23.92
CA ALA C 241 -1.15 -20.24 23.99
C ALA C 241 -2.59 -20.59 23.63
N GLY C 242 -3.22 -19.77 22.77
CA GLY C 242 -4.54 -20.07 22.26
C GLY C 242 -5.69 -19.52 23.08
N VAL C 243 -5.42 -18.80 24.16
CA VAL C 243 -6.46 -18.22 25.00
C VAL C 243 -6.09 -16.77 25.25
N THR C 244 -6.94 -15.85 24.80
CA THR C 244 -6.70 -14.41 24.94
C THR C 244 -7.84 -13.76 25.73
N THR C 245 -7.48 -12.86 26.64
CA THR C 245 -8.40 -12.00 27.36
C THR C 245 -7.59 -10.76 27.72
N PRO C 246 -8.16 -9.55 27.57
CA PRO C 246 -9.47 -9.24 26.99
C PRO C 246 -9.60 -9.60 25.51
N VAL C 247 -10.83 -9.88 25.08
CA VAL C 247 -11.09 -10.29 23.70
C VAL C 247 -10.98 -9.06 22.79
N SER C 248 -9.92 -9.03 21.98
CA SER C 248 -9.68 -7.88 21.13
C SER C 248 -10.72 -7.77 20.02
N THR C 249 -10.74 -6.60 19.37
CA THR C 249 -11.63 -6.42 18.23
C THR C 249 -11.23 -7.29 17.04
N TYR C 250 -9.98 -7.77 17.01
CA TYR C 250 -9.58 -8.71 15.98
C TYR C 250 -10.27 -10.06 16.14
N MET C 251 -10.46 -10.51 17.38
CA MET C 251 -11.20 -11.73 17.64
C MET C 251 -12.68 -11.57 17.29
N LEU C 252 -13.18 -10.35 17.38
CA LEU C 252 -14.62 -10.09 17.32
C LEU C 252 -14.87 -8.59 17.30
N THR C 253 -15.39 -8.06 16.19
CA THR C 253 -15.61 -6.62 16.10
C THR C 253 -16.81 -6.20 16.95
N ASN C 254 -16.94 -4.89 17.16
CA ASN C 254 -18.09 -4.39 17.90
C ASN C 254 -19.39 -4.69 17.16
N SER C 255 -19.37 -4.60 15.83
CA SER C 255 -20.54 -5.02 15.05
C SER C 255 -20.88 -6.47 15.36
N GLU C 256 -19.87 -7.34 15.33
CA GLU C 256 -20.12 -8.76 15.55
C GLU C 256 -20.52 -9.04 17.00
N LEU C 257 -19.90 -8.35 17.97
CA LEU C 257 -20.21 -8.63 19.36
C LEU C 257 -21.61 -8.18 19.72
N LEU C 258 -22.07 -7.05 19.15
CA LEU C 258 -23.45 -6.64 19.35
C LEU C 258 -24.42 -7.55 18.62
N SER C 259 -23.98 -8.18 17.52
CA SER C 259 -24.82 -9.15 16.84
C SER C 259 -24.97 -10.42 17.67
N LEU C 260 -23.95 -10.77 18.46
CA LEU C 260 -24.06 -11.93 19.34
C LEU C 260 -25.04 -11.66 20.47
N ILE C 261 -24.92 -10.49 21.12
CA ILE C 261 -25.75 -10.17 22.27
C ILE C 261 -27.22 -10.09 21.88
N ASN C 262 -27.52 -9.36 20.79
CA ASN C 262 -28.92 -9.18 20.38
C ASN C 262 -29.57 -10.50 19.98
N ASP C 263 -28.78 -11.52 19.67
CA ASP C 263 -29.30 -12.85 19.36
C ASP C 263 -29.02 -13.87 20.46
N MET C 264 -28.54 -13.42 21.62
CA MET C 264 -28.39 -14.34 22.74
C MET C 264 -29.75 -14.59 23.40
N PRO C 265 -30.02 -15.84 23.80
CA PRO C 265 -31.27 -16.11 24.53
C PRO C 265 -31.18 -15.64 25.97
N ILE C 266 -31.15 -14.33 26.17
CA ILE C 266 -31.17 -13.71 27.49
C ILE C 266 -32.19 -12.58 27.47
N THR C 267 -32.38 -11.95 28.64
CA THR C 267 -33.45 -10.97 28.79
C THR C 267 -33.16 -9.70 27.99
N ASN C 268 -34.23 -8.92 27.74
CA ASN C 268 -34.06 -7.66 27.02
C ASN C 268 -33.26 -6.65 27.85
N ASP C 269 -33.31 -6.77 29.17
CA ASP C 269 -32.54 -5.86 30.03
C ASP C 269 -31.09 -6.30 30.19
N GLN C 270 -30.81 -7.60 30.08
CA GLN C 270 -29.42 -8.04 30.05
C GLN C 270 -28.73 -7.59 28.77
N LYS C 271 -29.40 -7.75 27.62
CA LYS C 271 -28.82 -7.31 26.37
C LYS C 271 -28.57 -5.81 26.37
N LYS C 272 -29.45 -5.04 27.00
CA LYS C 272 -29.29 -3.59 27.07
C LYS C 272 -28.06 -3.21 27.89
N LEU C 273 -27.73 -3.99 28.92
CA LEU C 273 -26.56 -3.68 29.74
C LEU C 273 -25.26 -4.09 29.06
N MET C 274 -25.25 -5.27 28.43
CA MET C 274 -24.05 -5.73 27.73
C MET C 274 -23.70 -4.83 26.56
N SER C 275 -24.70 -4.19 25.95
CA SER C 275 -24.45 -3.37 24.76
C SER C 275 -23.75 -2.07 25.12
N ASN C 276 -24.12 -1.44 26.23
CA ASN C 276 -23.59 -0.13 26.58
C ASN C 276 -22.18 -0.19 27.15
N ASN C 277 -21.68 -1.37 27.50
CA ASN C 277 -20.39 -1.52 28.16
C ASN C 277 -19.60 -2.65 27.52
N VAL C 278 -19.50 -2.62 26.20
CA VAL C 278 -18.83 -3.69 25.46
C VAL C 278 -17.37 -3.80 25.87
N GLN C 279 -16.75 -2.66 26.20
CA GLN C 279 -15.37 -2.69 26.66
C GLN C 279 -15.23 -3.52 27.94
N ILE C 280 -16.27 -3.54 28.78
CA ILE C 280 -16.25 -4.36 29.99
C ILE C 280 -16.64 -5.79 29.68
N VAL C 281 -17.54 -5.98 28.71
CA VAL C 281 -17.83 -7.32 28.22
C VAL C 281 -16.55 -7.97 27.70
N ARG C 282 -15.70 -7.19 27.04
CA ARG C 282 -14.47 -7.73 26.46
C ARG C 282 -13.50 -8.19 27.53
N GLN C 283 -13.27 -7.35 28.55
CA GLN C 283 -12.25 -7.68 29.54
C GLN C 283 -12.66 -8.86 30.43
N GLN C 284 -13.95 -9.13 30.56
CA GLN C 284 -14.44 -10.25 31.35
C GLN C 284 -14.74 -11.47 30.49
N SER C 285 -14.32 -11.45 29.21
CA SER C 285 -14.53 -12.54 28.28
C SER C 285 -13.21 -13.21 27.94
N TYR C 286 -13.30 -14.39 27.35
CA TYR C 286 -12.12 -15.10 26.88
C TYR C 286 -12.33 -15.49 25.43
N SER C 287 -11.22 -15.73 24.74
CA SER C 287 -11.23 -16.17 23.35
C SER C 287 -10.36 -17.42 23.25
N ILE C 288 -10.99 -18.57 23.04
CA ILE C 288 -10.33 -19.86 23.14
C ILE C 288 -10.20 -20.47 21.75
N MET C 289 -8.95 -20.70 21.32
CA MET C 289 -8.69 -21.36 20.05
C MET C 289 -9.02 -22.85 20.15
N CYS C 290 -9.82 -23.33 19.19
CA CYS C 290 -10.38 -24.67 19.31
C CYS C 290 -9.74 -25.57 18.27
N ILE C 291 -10.28 -25.66 17.05
CA ILE C 291 -9.70 -26.49 16.00
C ILE C 291 -9.70 -25.76 14.67
N ILE C 292 -8.98 -26.35 13.71
CA ILE C 292 -8.87 -25.82 12.37
C ILE C 292 -8.90 -27.01 11.41
N LYS C 293 -10.12 -27.43 11.04
CA LYS C 293 -10.34 -28.71 10.40
C LYS C 293 -11.05 -28.52 9.07
N GLU C 294 -10.69 -29.39 8.12
CA GLU C 294 -11.24 -29.35 6.76
C GLU C 294 -10.92 -28.00 6.11
N GLU C 295 -11.93 -27.14 5.94
CA GLU C 295 -11.70 -25.79 5.47
C GLU C 295 -12.23 -24.75 6.45
N VAL C 296 -12.24 -25.11 7.74
CA VAL C 296 -12.83 -24.29 8.80
C VAL C 296 -11.78 -24.01 9.85
N LEU C 297 -11.67 -22.75 10.25
CA LEU C 297 -10.94 -22.32 11.43
C LEU C 297 -11.95 -21.86 12.47
N ALA C 298 -11.96 -22.52 13.63
CA ALA C 298 -12.99 -22.30 14.63
C ALA C 298 -12.34 -21.96 15.97
N TYR C 299 -12.74 -20.84 16.56
CA TYR C 299 -12.31 -20.47 17.89
C TYR C 299 -13.51 -20.04 18.71
N VAL C 300 -13.51 -20.41 19.99
CA VAL C 300 -14.65 -20.20 20.86
C VAL C 300 -14.49 -18.90 21.62
N VAL C 301 -15.49 -18.03 21.53
CA VAL C 301 -15.55 -16.79 22.30
C VAL C 301 -16.46 -17.06 23.49
N GLN C 302 -15.89 -17.10 24.69
CA GLN C 302 -16.64 -17.34 25.91
C GLN C 302 -17.17 -16.00 26.42
N LEU C 303 -18.50 -15.81 26.32
CA LEU C 303 -19.08 -14.56 26.79
C LEU C 303 -19.68 -14.73 28.17
N PRO C 304 -19.59 -13.72 29.02
CA PRO C 304 -20.14 -13.82 30.37
C PRO C 304 -21.65 -13.60 30.41
N LEU C 305 -22.28 -14.23 31.39
CA LEU C 305 -23.71 -14.10 31.65
C LEU C 305 -23.92 -13.32 32.94
N TYR C 306 -24.82 -12.35 32.91
CA TYR C 306 -25.07 -11.46 34.05
C TYR C 306 -26.43 -11.81 34.66
N GLY C 307 -26.41 -12.69 35.65
CA GLY C 307 -27.65 -13.11 36.29
C GLY C 307 -28.12 -12.24 37.43
N VAL C 308 -27.29 -11.33 37.92
CA VAL C 308 -27.63 -10.42 39.01
C VAL C 308 -27.45 -9.00 38.51
N ILE C 309 -28.54 -8.24 38.49
CA ILE C 309 -28.56 -6.89 37.95
C ILE C 309 -29.41 -6.00 38.84
N ASP C 310 -28.97 -4.75 39.00
CA ASP C 310 -29.73 -3.68 39.67
C ASP C 310 -30.00 -3.96 41.14
N THR C 311 -29.26 -4.87 41.76
CA THR C 311 -29.32 -4.86 43.21
C THR C 311 -28.26 -3.92 43.75
N PRO C 312 -28.42 -3.41 44.98
CA PRO C 312 -27.47 -2.42 45.49
C PRO C 312 -26.13 -3.05 45.88
N CYS C 313 -25.05 -2.46 45.37
CA CYS C 313 -23.69 -2.78 45.79
C CYS C 313 -23.18 -1.71 46.75
N TRP C 314 -22.12 -2.04 47.49
CA TRP C 314 -21.43 -1.05 48.30
C TRP C 314 -20.02 -1.53 48.58
N LYS C 315 -19.10 -0.57 48.68
CA LYS C 315 -17.67 -0.83 48.79
C LYS C 315 -17.20 -0.46 50.20
N LEU C 316 -16.51 -1.41 50.85
CA LEU C 316 -15.92 -1.18 52.16
C LEU C 316 -14.50 -0.68 52.02
N HIS C 317 -14.12 0.26 52.89
CA HIS C 317 -12.79 0.86 52.91
C HIS C 317 -12.27 0.81 54.33
N THR C 318 -11.01 0.40 54.50
CA THR C 318 -10.41 0.32 55.82
C THR C 318 -9.01 0.92 55.78
N SER C 319 -8.52 1.32 56.95
CA SER C 319 -7.19 1.88 57.13
C SER C 319 -6.69 1.46 58.51
N PRO C 320 -5.38 1.50 58.74
CA PRO C 320 -4.86 1.05 60.04
C PRO C 320 -5.30 1.96 61.17
N LEU C 321 -5.66 1.34 62.30
CA LEU C 321 -6.06 2.05 63.51
C LEU C 321 -5.12 1.64 64.65
N CYS C 322 -4.33 2.60 65.12
CA CYS C 322 -3.43 2.39 66.24
C CYS C 322 -3.74 3.41 67.33
N THR C 323 -3.14 3.21 68.50
CA THR C 323 -3.27 4.16 69.59
C THR C 323 -2.21 5.26 69.46
N THR C 324 -2.50 6.40 70.09
CA THR C 324 -1.70 7.61 69.94
C THR C 324 -0.78 7.85 71.13
N ASN C 325 -0.37 6.79 71.83
CA ASN C 325 0.57 6.97 72.92
C ASN C 325 1.89 7.50 72.41
N THR C 326 2.64 8.13 73.31
CA THR C 326 3.86 8.84 72.96
C THR C 326 5.07 7.90 72.88
N LYS C 327 5.13 6.89 73.74
CA LYS C 327 6.27 5.98 73.74
C LYS C 327 6.07 4.89 72.69
N GLU C 328 7.12 4.64 71.91
CA GLU C 328 7.06 3.61 70.89
C GLU C 328 7.14 2.21 71.53
N GLY C 329 6.55 1.24 70.84
CA GLY C 329 6.44 -0.09 71.41
C GLY C 329 5.37 -0.23 72.46
N SER C 330 4.60 0.84 72.71
CA SER C 330 3.53 0.83 73.70
C SER C 330 2.17 1.12 73.07
N ASN C 331 2.02 0.87 71.77
CA ASN C 331 0.79 1.15 71.05
C ASN C 331 0.23 -0.12 70.41
N ILE C 332 -1.06 -0.36 70.63
CA ILE C 332 -1.76 -1.49 70.03
C ILE C 332 -2.40 -1.03 68.72
N CYS C 333 -2.18 -1.79 67.65
CA CYS C 333 -2.79 -1.53 66.35
C CYS C 333 -3.83 -2.59 66.04
N LEU C 334 -4.91 -2.15 65.39
CA LEU C 334 -5.99 -3.04 64.99
C LEU C 334 -6.57 -2.53 63.69
N THR C 335 -6.66 -3.40 62.70
CA THR C 335 -7.34 -3.10 61.44
C THR C 335 -8.28 -4.24 61.11
N ARG C 336 -9.52 -3.91 60.77
CA ARG C 336 -10.49 -4.92 60.40
C ARG C 336 -10.34 -5.23 58.92
N THR C 337 -10.13 -6.49 58.60
CA THR C 337 -9.64 -6.85 57.27
C THR C 337 -10.60 -7.74 56.49
N ASP C 338 -11.84 -7.27 56.28
CA ASP C 338 -12.76 -7.87 55.35
C ASP C 338 -13.16 -6.86 54.29
N ARG C 339 -12.19 -6.10 53.81
CA ARG C 339 -12.43 -4.95 52.95
C ARG C 339 -12.69 -5.38 51.51
N GLY C 340 -13.57 -4.65 50.84
CA GLY C 340 -13.81 -4.86 49.42
C GLY C 340 -15.24 -4.53 49.05
N TRP C 341 -15.65 -5.08 47.91
CA TRP C 341 -16.98 -4.83 47.37
C TRP C 341 -17.98 -5.79 47.96
N TYR C 342 -19.19 -5.28 48.22
CA TYR C 342 -20.29 -6.08 48.73
C TYR C 342 -21.49 -5.83 47.84
N CYS C 343 -22.35 -6.84 47.71
CA CYS C 343 -23.53 -6.66 46.88
C CYS C 343 -24.57 -7.72 47.20
N ASP C 344 -25.83 -7.29 47.26
CA ASP C 344 -26.93 -8.19 47.59
C ASP C 344 -27.18 -9.17 46.45
N ASN C 345 -27.35 -10.45 46.80
CA ASN C 345 -27.52 -11.50 45.81
C ASN C 345 -28.32 -12.64 46.45
N ALA C 346 -29.55 -12.84 45.98
CA ALA C 346 -30.42 -13.91 46.46
C ALA C 346 -30.56 -13.87 47.97
N GLY C 347 -30.89 -12.68 48.48
CA GLY C 347 -31.03 -12.47 49.92
C GLY C 347 -29.73 -12.46 50.69
N SER C 348 -28.62 -12.91 50.11
CA SER C 348 -27.32 -12.88 50.75
C SER C 348 -26.54 -11.65 50.27
N VAL C 349 -25.26 -11.61 50.58
CA VAL C 349 -24.38 -10.51 50.20
C VAL C 349 -23.12 -11.08 49.57
N SER C 350 -22.90 -10.79 48.29
CA SER C 350 -21.72 -11.27 47.58
C SER C 350 -20.54 -10.35 47.89
N PHE C 351 -19.56 -10.87 48.61
CA PHE C 351 -18.43 -10.09 49.11
C PHE C 351 -17.21 -10.32 48.22
N PHE C 352 -16.76 -9.24 47.57
CA PHE C 352 -15.60 -9.29 46.69
C PHE C 352 -14.42 -8.62 47.39
N PRO C 353 -13.48 -9.39 47.96
CA PRO C 353 -12.40 -8.76 48.73
C PRO C 353 -11.46 -7.93 47.88
N GLN C 354 -11.11 -8.38 46.69
CA GLN C 354 -10.20 -7.66 45.80
C GLN C 354 -10.98 -6.59 45.05
N ALA C 355 -10.91 -5.35 45.53
CA ALA C 355 -11.50 -4.23 44.82
C ALA C 355 -10.79 -3.90 43.52
N GLU C 356 -9.66 -4.56 43.24
CA GLU C 356 -8.98 -4.39 41.97
C GLU C 356 -9.63 -5.21 40.87
N THR C 357 -10.24 -6.34 41.23
CA THR C 357 -10.89 -7.20 40.23
C THR C 357 -12.12 -6.52 39.65
N CYS C 358 -12.96 -5.93 40.50
CA CYS C 358 -14.14 -5.24 40.03
C CYS C 358 -13.74 -3.97 39.27
N LYS C 359 -14.58 -3.57 38.32
CA LYS C 359 -14.37 -2.36 37.54
C LYS C 359 -15.59 -1.45 37.68
N VAL C 360 -15.32 -0.18 37.97
CA VAL C 360 -16.37 0.79 38.29
C VAL C 360 -16.62 1.65 37.06
N GLN C 361 -17.84 1.59 36.55
CA GLN C 361 -18.29 2.43 35.44
C GLN C 361 -19.52 3.20 35.89
N SER C 362 -19.36 4.51 36.09
CA SER C 362 -20.41 5.36 36.66
C SER C 362 -20.89 4.80 37.99
N ASN C 363 -22.18 4.48 38.09
CA ASN C 363 -22.73 3.85 39.29
C ASN C 363 -22.88 2.34 39.14
N ARG C 364 -22.45 1.78 38.02
CA ARG C 364 -22.58 0.36 37.75
C ARG C 364 -21.24 -0.33 38.01
N VAL C 365 -21.24 -1.37 38.84
CA VAL C 365 -20.03 -2.05 39.26
C VAL C 365 -20.05 -3.47 38.70
N PHE C 366 -19.04 -3.80 37.89
CA PHE C 366 -18.95 -5.09 37.22
C PHE C 366 -17.99 -5.99 37.99
N CYS C 367 -18.54 -6.97 38.69
CA CYS C 367 -17.77 -7.90 39.50
C CYS C 367 -17.98 -9.34 39.02
N ASP C 368 -17.04 -10.20 39.35
CA ASP C 368 -17.08 -11.61 39.00
C ASP C 368 -17.27 -12.42 40.28
N THR C 369 -18.38 -13.16 40.36
CA THR C 369 -18.63 -13.99 41.53
C THR C 369 -17.58 -15.08 41.71
N MET C 370 -16.73 -15.33 40.71
CA MET C 370 -15.61 -16.24 40.88
C MET C 370 -14.62 -15.75 41.93
N ASN C 371 -14.62 -14.44 42.23
CA ASN C 371 -13.80 -13.90 43.30
C ASN C 371 -14.66 -13.31 44.40
N SER C 372 -15.71 -14.04 44.81
CA SER C 372 -16.67 -13.52 45.78
C SER C 372 -16.88 -14.52 46.91
N LEU C 373 -17.20 -13.99 48.08
CA LEU C 373 -17.75 -14.73 49.19
C LEU C 373 -19.22 -14.37 49.33
N THR C 374 -20.07 -15.38 49.51
CA THR C 374 -21.50 -15.18 49.68
C THR C 374 -21.80 -15.24 51.19
N LEU C 375 -21.92 -14.06 51.81
CA LEU C 375 -22.13 -13.90 53.24
C LEU C 375 -23.59 -13.59 53.54
N PRO C 376 -24.06 -13.83 54.77
CA PRO C 376 -25.44 -13.46 55.11
C PRO C 376 -25.58 -11.95 55.25
N SER C 377 -26.83 -11.49 55.05
CA SER C 377 -27.08 -10.06 55.03
C SER C 377 -26.75 -9.40 56.36
N GLU C 378 -26.76 -10.17 57.45
CA GLU C 378 -26.43 -9.62 58.77
C GLU C 378 -24.97 -9.21 58.89
N VAL C 379 -24.14 -9.47 57.88
CA VAL C 379 -22.73 -9.09 57.97
C VAL C 379 -22.54 -7.60 57.73
N ASN C 380 -23.53 -6.90 57.18
CA ASN C 380 -23.35 -5.50 56.80
C ASN C 380 -23.10 -4.62 58.03
N LEU C 381 -23.78 -4.91 59.14
CA LEU C 381 -23.68 -4.06 60.33
C LEU C 381 -22.32 -4.14 61.01
N CYS C 382 -21.42 -5.03 60.55
CA CYS C 382 -20.06 -5.07 61.11
C CYS C 382 -19.38 -3.71 61.07
N ASN C 383 -19.84 -2.82 60.20
CA ASN C 383 -19.32 -1.46 60.13
C ASN C 383 -20.04 -0.53 61.11
N VAL C 384 -21.35 -0.70 61.29
CA VAL C 384 -22.09 0.15 62.21
C VAL C 384 -21.79 -0.23 63.65
N ASP C 385 -22.02 -1.49 64.00
CA ASP C 385 -21.81 -2.01 65.35
C ASP C 385 -20.87 -3.20 65.26
N ILE C 386 -19.56 -2.95 65.39
CA ILE C 386 -18.59 -4.02 65.27
C ILE C 386 -18.75 -5.03 66.39
N PHE C 387 -19.21 -4.58 67.56
CA PHE C 387 -19.48 -5.47 68.68
C PHE C 387 -20.90 -6.05 68.64
N ASN C 388 -21.52 -6.08 67.46
CA ASN C 388 -22.77 -6.80 67.30
C ASN C 388 -22.55 -8.29 67.58
N PRO C 389 -23.62 -9.03 67.84
CA PRO C 389 -23.51 -10.49 68.00
C PRO C 389 -23.92 -11.31 66.78
N LYS C 390 -24.39 -10.68 65.70
CA LYS C 390 -24.89 -11.45 64.57
C LYS C 390 -23.75 -12.02 63.74
N TYR C 391 -22.74 -11.21 63.43
CA TYR C 391 -21.58 -11.64 62.66
C TYR C 391 -20.30 -11.28 63.40
N ASP C 392 -19.37 -12.24 63.46
CA ASP C 392 -18.08 -12.06 64.11
C ASP C 392 -17.12 -11.46 63.08
N CYS C 393 -16.85 -10.16 63.20
CA CYS C 393 -16.10 -9.45 62.17
C CYS C 393 -14.63 -9.83 62.21
N LYS C 394 -14.05 -10.09 61.04
CA LYS C 394 -12.67 -10.54 60.94
C LYS C 394 -11.71 -9.37 61.16
N ILE C 395 -10.78 -9.54 62.10
CA ILE C 395 -9.80 -8.50 62.42
C ILE C 395 -8.41 -9.12 62.44
N MET C 396 -7.41 -8.27 62.56
CA MET C 396 -6.03 -8.70 62.75
C MET C 396 -5.36 -7.75 63.73
N THR C 397 -4.29 -8.24 64.36
CA THR C 397 -3.57 -7.52 65.40
C THR C 397 -2.12 -7.32 64.98
N SER C 398 -1.58 -6.16 65.29
CA SER C 398 -0.20 -5.82 64.95
C SER C 398 0.29 -4.76 65.92
N LYS C 399 1.57 -4.37 65.75
CA LYS C 399 2.16 -3.26 66.50
C LYS C 399 2.84 -2.27 65.57
N THR C 400 2.59 -2.35 64.27
CA THR C 400 3.26 -1.50 63.27
C THR C 400 2.43 -0.25 63.05
N ASP C 401 2.77 0.81 63.78
CA ASP C 401 2.02 2.07 63.78
C ASP C 401 2.60 3.06 62.77
N VAL C 402 2.65 2.63 61.51
CA VAL C 402 3.19 3.46 60.43
C VAL C 402 2.03 4.11 59.68
N SER C 403 2.24 5.37 59.30
CA SER C 403 1.17 6.15 58.70
C SER C 403 0.85 5.68 57.29
N SER C 404 -0.43 5.77 56.92
CA SER C 404 -0.90 5.38 55.59
C SER C 404 -2.30 5.92 55.38
N SER C 405 -2.52 6.53 54.22
CA SER C 405 -3.81 7.10 53.84
C SER C 405 -4.50 6.21 52.82
N VAL C 406 -5.83 6.08 52.95
CA VAL C 406 -6.64 5.27 52.04
C VAL C 406 -7.67 6.19 51.39
N ILE C 407 -7.59 6.33 50.06
CA ILE C 407 -8.54 7.15 49.32
C ILE C 407 -9.79 6.32 49.03
N THR C 408 -10.95 6.84 49.44
CA THR C 408 -12.21 6.16 49.29
C THR C 408 -12.97 6.70 48.09
N SER C 409 -14.21 6.21 47.91
CA SER C 409 -15.05 6.71 46.84
C SER C 409 -15.41 8.18 47.07
N LEU C 410 -15.77 8.52 48.32
CA LEU C 410 -16.29 9.85 48.65
C LEU C 410 -15.41 10.56 49.68
N GLY C 411 -14.11 10.30 49.68
CA GLY C 411 -13.24 10.98 50.63
C GLY C 411 -11.85 10.40 50.67
N ALA C 412 -11.24 10.50 51.85
CA ALA C 412 -9.86 10.07 52.06
C ALA C 412 -9.64 9.84 53.55
N ILE C 413 -9.47 8.58 53.95
CA ILE C 413 -9.19 8.27 55.35
C ILE C 413 -7.70 8.47 55.60
N VAL C 414 -7.38 9.15 56.70
CA VAL C 414 -6.00 9.49 57.03
C VAL C 414 -5.60 8.78 58.31
N SER C 415 -4.45 8.12 58.28
CA SER C 415 -3.80 7.58 59.47
C SER C 415 -2.46 8.29 59.59
N CYS C 416 -2.35 9.23 60.54
CA CYS C 416 -1.18 10.06 60.66
C CYS C 416 -0.50 9.86 62.01
N TYR C 417 -0.05 8.64 62.28
CA TYR C 417 0.61 8.34 63.55
C TYR C 417 2.09 8.71 63.50
N GLY C 418 2.64 9.00 64.67
CA GLY C 418 4.06 9.29 64.76
C GLY C 418 4.41 10.71 64.32
N LYS C 419 5.64 10.87 63.84
CA LYS C 419 6.19 12.16 63.46
C LYS C 419 5.85 12.56 62.03
N THR C 420 5.07 11.76 61.32
CA THR C 420 4.71 12.07 59.95
C THR C 420 3.85 13.31 59.89
N LYS C 421 4.19 14.22 58.96
CA LYS C 421 3.39 15.42 58.74
C LYS C 421 2.39 15.16 57.63
N CYS C 422 1.10 15.43 57.91
CA CYS C 422 0.01 15.10 57.01
C CYS C 422 -0.88 16.32 56.85
N THR C 423 -1.01 16.81 55.61
CA THR C 423 -1.80 18.00 55.31
C THR C 423 -2.70 17.73 54.10
N ALA C 424 -3.81 18.47 54.04
CA ALA C 424 -4.72 18.47 52.90
C ALA C 424 -4.77 19.88 52.33
N SER C 425 -4.39 20.03 51.06
CA SER C 425 -4.31 21.33 50.43
C SER C 425 -5.18 21.36 49.18
N ASN C 426 -5.63 22.57 48.83
CA ASN C 426 -6.34 22.82 47.58
C ASN C 426 -5.48 23.69 46.69
N LYS C 427 -5.36 23.29 45.42
CA LYS C 427 -4.45 23.98 44.51
C LYS C 427 -4.83 25.44 44.33
N ASN C 428 -6.10 25.80 44.57
CA ASN C 428 -6.54 27.16 44.32
C ASN C 428 -6.07 28.11 45.41
N ARG C 429 -6.17 27.72 46.67
CA ARG C 429 -5.86 28.61 47.77
C ARG C 429 -4.74 28.12 48.70
N GLY C 430 -4.26 26.91 48.54
CA GLY C 430 -3.17 26.40 49.34
C GLY C 430 -3.62 25.43 50.41
N ILE C 431 -2.70 25.18 51.35
CA ILE C 431 -2.97 24.25 52.43
C ILE C 431 -4.15 24.74 53.25
N ILE C 432 -5.08 23.84 53.56
CA ILE C 432 -6.31 24.20 54.25
C ILE C 432 -6.44 23.46 55.58
N LYS C 433 -5.89 22.25 55.65
CA LYS C 433 -6.01 21.47 56.89
C LYS C 433 -4.75 20.65 57.11
N THR C 434 -4.39 20.47 58.38
CA THR C 434 -3.33 19.57 58.81
C THR C 434 -3.92 18.60 59.83
N PHE C 435 -3.81 17.31 59.55
CA PHE C 435 -4.40 16.29 60.39
C PHE C 435 -3.60 16.13 61.67
N SER C 436 -4.22 15.47 62.66
CA SER C 436 -3.62 15.18 63.94
C SER C 436 -3.29 13.69 64.03
N ASN C 437 -2.69 13.30 65.15
CA ASN C 437 -2.34 11.90 65.36
C ASN C 437 -3.59 11.09 65.69
N GLY C 438 -3.83 10.04 64.91
CA GLY C 438 -5.00 9.21 65.05
C GLY C 438 -5.68 8.99 63.70
N CYS C 439 -6.57 8.00 63.61
CA CYS C 439 -7.33 7.79 62.38
C CYS C 439 -8.34 8.90 62.21
N ASP C 440 -8.17 9.71 61.17
CA ASP C 440 -9.11 10.76 60.84
C ASP C 440 -9.89 10.40 59.57
N TYR C 441 -10.83 11.28 59.21
CA TYR C 441 -11.70 11.07 58.08
C TYR C 441 -12.07 12.44 57.51
N VAL C 442 -11.96 12.57 56.19
CA VAL C 442 -12.29 13.81 55.51
C VAL C 442 -13.07 13.46 54.24
N SER C 443 -13.93 14.38 53.82
CA SER C 443 -14.71 14.23 52.59
C SER C 443 -14.01 14.94 51.45
N ASN C 444 -14.17 14.38 50.24
CA ASN C 444 -13.56 14.95 49.03
C ASN C 444 -14.24 16.24 48.59
N LYS C 445 -15.34 16.63 49.22
CA LYS C 445 -15.90 17.97 49.00
C LYS C 445 -14.91 19.02 49.48
N GLY C 446 -14.49 19.88 48.56
CA GLY C 446 -13.56 20.95 48.88
C GLY C 446 -12.13 20.52 49.14
N VAL C 447 -11.84 19.22 49.16
CA VAL C 447 -10.47 18.72 49.29
C VAL C 447 -10.01 18.21 47.94
N ASP C 448 -8.77 18.53 47.58
CA ASP C 448 -8.20 18.10 46.30
C ASP C 448 -6.98 17.21 46.44
N THR C 449 -6.14 17.43 47.46
CA THR C 449 -4.94 16.63 47.63
C THR C 449 -4.77 16.27 49.11
N VAL C 450 -4.08 15.16 49.35
CA VAL C 450 -3.78 14.67 50.70
C VAL C 450 -2.33 14.22 50.71
N SER C 451 -1.58 14.63 51.72
CA SER C 451 -0.19 14.27 51.88
C SER C 451 0.01 13.52 53.20
N VAL C 452 0.83 12.47 53.17
CA VAL C 452 1.27 11.76 54.36
C VAL C 452 2.77 11.54 54.23
N GLY C 453 3.57 12.40 54.85
CA GLY C 453 4.99 12.36 54.60
C GLY C 453 5.29 12.92 53.23
N ASN C 454 6.09 12.20 52.46
CA ASN C 454 6.42 12.58 51.09
C ASN C 454 5.52 11.89 50.06
N THR C 455 4.48 11.20 50.52
CA THR C 455 3.54 10.51 49.63
C THR C 455 2.37 11.45 49.35
N LEU C 456 2.25 11.88 48.10
CA LEU C 456 1.18 12.76 47.68
C LEU C 456 0.04 11.92 47.11
N TYR C 457 -1.19 12.24 47.53
CA TYR C 457 -2.39 11.59 47.03
C TYR C 457 -3.29 12.61 46.35
N TYR C 458 -3.85 12.23 45.21
CA TYR C 458 -4.91 13.01 44.55
C TYR C 458 -6.24 12.32 44.81
N VAL C 459 -7.19 13.06 45.40
CA VAL C 459 -8.45 12.44 45.82
C VAL C 459 -9.42 12.38 44.64
N ASN C 460 -10.48 11.61 44.81
CA ASN C 460 -11.49 11.47 43.78
C ASN C 460 -12.46 12.63 43.83
N LYS C 461 -12.64 13.30 42.68
CA LYS C 461 -13.64 14.34 42.54
C LYS C 461 -15.00 13.81 42.08
N GLN C 462 -15.28 12.54 42.39
CA GLN C 462 -16.61 11.99 42.20
C GLN C 462 -17.53 12.52 43.30
N GLU C 463 -18.79 12.79 42.95
CA GLU C 463 -19.70 13.45 43.87
C GLU C 463 -20.36 12.46 44.83
N GLY C 464 -20.84 12.99 45.95
CA GLY C 464 -21.53 12.19 46.94
C GLY C 464 -21.59 12.91 48.28
N LYS C 465 -22.40 12.33 49.17
CA LYS C 465 -22.53 12.84 50.53
C LYS C 465 -21.64 12.07 51.50
N SER C 466 -21.33 12.71 52.62
CA SER C 466 -20.44 12.15 53.62
C SER C 466 -21.01 12.38 55.02
N LEU C 467 -20.85 11.39 55.88
CA LEU C 467 -21.33 11.45 57.26
C LEU C 467 -20.27 10.89 58.18
N TYR C 468 -19.99 11.58 59.27
CA TYR C 468 -18.96 11.18 60.23
C TYR C 468 -19.66 10.70 61.50
N VAL C 469 -19.74 9.39 61.66
CA VAL C 469 -20.39 8.78 62.82
C VAL C 469 -19.36 8.64 63.93
N LYS C 470 -19.57 9.37 65.03
CA LYS C 470 -18.60 9.36 66.13
C LYS C 470 -18.70 8.08 66.94
N GLY C 471 -17.62 7.80 67.67
CA GLY C 471 -17.51 6.59 68.48
C GLY C 471 -16.07 6.30 68.86
N GLU C 472 -15.85 5.71 70.02
CA GLU C 472 -14.49 5.46 70.48
C GLU C 472 -13.84 4.36 69.66
N PRO C 473 -12.60 4.52 69.21
CA PRO C 473 -11.87 3.40 68.61
C PRO C 473 -11.78 2.24 69.59
N ILE C 474 -12.24 1.06 69.15
CA ILE C 474 -12.43 -0.08 70.04
C ILE C 474 -11.10 -0.64 70.53
N ILE C 475 -9.98 -0.10 70.04
CA ILE C 475 -8.67 -0.50 70.53
C ILE C 475 -8.47 -0.16 71.99
N ASN C 476 -9.33 0.69 72.56
CA ASN C 476 -9.23 1.09 73.96
C ASN C 476 -9.93 0.14 74.91
N PHE C 477 -10.81 -0.73 74.39
CA PHE C 477 -11.41 -1.80 75.21
C PHE C 477 -10.43 -2.91 75.54
N TYR C 478 -9.25 -2.92 74.95
CA TYR C 478 -8.31 -4.04 75.05
C TYR C 478 -7.10 -3.63 75.89
N ASP C 479 -6.64 -4.56 76.72
CA ASP C 479 -5.51 -4.29 77.61
C ASP C 479 -4.21 -4.58 76.88
N PRO C 480 -3.36 -3.58 76.64
CA PRO C 480 -2.14 -3.82 75.86
C PRO C 480 -1.15 -4.79 76.51
N LEU C 481 -1.31 -5.12 77.79
CA LEU C 481 -0.36 -5.98 78.47
C LEU C 481 -0.58 -7.45 78.15
N VAL C 482 -1.83 -7.87 77.97
CA VAL C 482 -2.17 -9.25 77.66
C VAL C 482 -2.93 -9.36 76.34
N PHE C 483 -2.83 -8.35 75.48
CA PHE C 483 -3.48 -8.41 74.18
C PHE C 483 -2.61 -9.19 73.19
N PRO C 484 -3.16 -10.18 72.51
CA PRO C 484 -2.35 -10.93 71.53
C PRO C 484 -1.93 -10.05 70.37
N SER C 485 -0.62 -9.88 70.20
CA SER C 485 -0.07 -8.93 69.22
C SER C 485 0.48 -9.62 67.97
N ASP C 486 0.05 -10.84 67.70
CA ASP C 486 0.46 -11.57 66.50
C ASP C 486 -0.68 -12.46 66.00
N GLU C 487 -1.86 -11.86 65.87
CA GLU C 487 -3.04 -12.56 65.38
C GLU C 487 -3.24 -12.14 63.92
N PHE C 488 -3.08 -13.08 63.01
CA PHE C 488 -3.04 -12.76 61.59
C PHE C 488 -4.42 -12.80 60.94
N ASP C 489 -5.21 -13.85 61.21
CA ASP C 489 -6.54 -14.03 60.63
C ASP C 489 -7.47 -14.44 61.78
N ALA C 490 -7.88 -13.45 62.58
CA ALA C 490 -8.70 -13.70 63.76
C ALA C 490 -10.06 -13.03 63.66
N SER C 491 -10.74 -12.88 64.79
CA SER C 491 -12.03 -12.21 64.87
C SER C 491 -12.21 -11.64 66.27
N ILE C 492 -13.36 -11.00 66.48
CA ILE C 492 -13.64 -10.36 67.77
C ILE C 492 -13.72 -11.41 68.87
N SER C 493 -14.60 -12.40 68.71
CA SER C 493 -14.73 -13.44 69.71
C SER C 493 -13.47 -14.29 69.81
N GLN C 494 -12.70 -14.39 68.73
CA GLN C 494 -11.46 -15.15 68.76
C GLN C 494 -10.36 -14.39 69.51
N VAL C 495 -10.43 -13.07 69.53
CA VAL C 495 -9.47 -12.27 70.28
C VAL C 495 -9.92 -12.07 71.73
N ASN C 496 -11.22 -11.98 71.98
CA ASN C 496 -11.70 -11.73 73.34
C ASN C 496 -11.43 -12.93 74.24
N GLU C 497 -11.70 -14.15 73.76
CA GLU C 497 -11.44 -15.33 74.57
C GLU C 497 -9.95 -15.52 74.83
N LYS C 498 -9.10 -15.05 73.90
CA LYS C 498 -7.66 -15.09 74.12
C LYS C 498 -7.21 -14.07 75.15
N ILE C 499 -8.04 -13.08 75.44
CA ILE C 499 -7.79 -12.16 76.55
C ILE C 499 -8.40 -12.70 77.85
N ASN C 500 -9.59 -13.31 77.77
CA ASN C 500 -10.17 -13.95 78.94
C ASN C 500 -9.27 -15.06 79.48
N GLN C 501 -8.52 -15.72 78.59
CA GLN C 501 -7.54 -16.71 79.05
C GLN C 501 -6.32 -16.05 79.68
N SER C 502 -5.91 -14.89 79.16
CA SER C 502 -4.74 -14.20 79.70
C SER C 502 -5.01 -13.56 81.06
N LEU C 503 -6.27 -13.29 81.38
CA LEU C 503 -6.60 -12.79 82.71
C LEU C 503 -6.55 -13.86 83.78
N ALA C 504 -6.70 -15.13 83.40
CA ALA C 504 -6.68 -16.21 84.38
C ALA C 504 -5.37 -16.27 85.14
N PHE C 505 -4.24 -16.14 84.42
CA PHE C 505 -2.93 -16.18 85.06
C PHE C 505 -2.70 -14.99 85.98
N ILE C 506 -3.41 -13.88 85.77
CA ILE C 506 -3.34 -12.76 86.70
C ILE C 506 -4.13 -13.07 87.97
N ARG C 507 -5.26 -13.76 87.83
CA ARG C 507 -6.07 -14.12 88.98
C ARG C 507 -5.33 -15.11 89.88
N LYS C 508 -4.66 -16.11 89.28
CA LYS C 508 -3.99 -17.14 90.05
C LYS C 508 -2.78 -16.59 90.80
N SER C 509 -2.15 -15.54 90.27
CA SER C 509 -0.99 -14.94 90.93
C SER C 509 -1.03 -13.41 90.82
N GLN D 1 23.09 24.73 0.18
CA GLN D 1 23.47 25.78 -0.76
C GLN D 1 24.72 25.39 -1.54
N VAL D 2 24.57 24.46 -2.47
CA VAL D 2 25.69 24.06 -3.30
C VAL D 2 25.98 25.15 -4.32
N GLN D 3 27.26 25.39 -4.58
CA GLN D 3 27.68 26.40 -5.53
C GLN D 3 28.95 25.93 -6.22
N LEU D 4 28.99 26.05 -7.54
CA LEU D 4 30.14 25.66 -8.34
C LEU D 4 30.72 26.89 -9.01
N VAL D 5 31.95 27.24 -8.65
CA VAL D 5 32.60 28.47 -9.13
C VAL D 5 33.80 28.08 -9.98
N GLN D 6 33.80 28.51 -11.23
CA GLN D 6 34.88 28.18 -12.14
C GLN D 6 35.94 29.28 -12.17
N SER D 7 37.07 28.96 -12.79
CA SER D 7 38.14 29.93 -12.98
C SER D 7 37.70 31.02 -13.96
N GLY D 8 38.52 32.06 -14.06
CA GLY D 8 38.20 33.20 -14.89
C GLY D 8 38.51 32.98 -16.36
N ALA D 9 38.16 33.99 -17.16
CA ALA D 9 38.37 33.92 -18.61
C ALA D 9 39.85 33.83 -18.95
N GLU D 10 40.16 33.02 -19.96
CA GLU D 10 41.53 32.83 -20.43
C GLU D 10 41.64 33.20 -21.91
N VAL D 11 42.82 33.70 -22.27
CA VAL D 11 43.18 33.95 -23.67
C VAL D 11 44.47 33.19 -23.93
N LYS D 12 44.43 32.26 -24.89
CA LYS D 12 45.56 31.39 -25.15
C LYS D 12 45.93 31.44 -26.63
N LYS D 13 47.20 31.20 -26.90
CA LYS D 13 47.74 31.26 -28.25
C LYS D 13 47.71 29.87 -28.88
N PRO D 14 47.57 29.81 -30.20
CA PRO D 14 47.44 28.51 -30.88
C PRO D 14 48.56 27.55 -30.48
N GLY D 15 48.16 26.33 -30.10
CA GLY D 15 49.08 25.32 -29.65
C GLY D 15 49.35 25.31 -28.16
N ALA D 16 48.70 26.17 -27.39
CA ALA D 16 48.99 26.26 -25.95
C ALA D 16 48.16 25.24 -25.18
N THR D 17 48.09 25.43 -23.86
CA THR D 17 47.34 24.54 -22.99
C THR D 17 46.63 25.39 -21.92
N VAL D 18 45.34 25.17 -21.74
CA VAL D 18 44.52 25.95 -20.82
C VAL D 18 44.10 25.04 -19.66
N LYS D 19 44.05 25.61 -18.45
CA LYS D 19 43.55 24.92 -17.27
C LYS D 19 42.35 25.69 -16.71
N VAL D 20 41.22 25.00 -16.59
CA VAL D 20 39.98 25.56 -16.09
C VAL D 20 39.59 24.79 -14.83
N SER D 21 39.21 25.52 -13.79
CA SER D 21 38.87 24.94 -12.51
C SER D 21 37.35 24.89 -12.32
N CYS D 22 36.92 24.02 -11.40
CA CYS D 22 35.54 23.97 -10.93
C CYS D 22 35.60 23.62 -9.44
N LYS D 23 35.44 24.63 -8.59
CA LYS D 23 35.49 24.44 -7.14
C LYS D 23 34.08 24.26 -6.60
N ILE D 24 33.94 23.32 -5.67
CA ILE D 24 32.65 22.87 -5.16
C ILE D 24 32.51 23.33 -3.72
N SER D 25 31.46 24.08 -3.44
CA SER D 25 31.13 24.51 -2.08
C SER D 25 29.74 23.99 -1.71
N GLY D 26 29.59 23.60 -0.45
CA GLY D 26 28.34 23.04 0.00
C GLY D 26 28.13 21.57 -0.32
N HIS D 27 29.13 20.90 -0.88
CA HIS D 27 28.97 19.51 -1.28
C HIS D 27 30.35 18.85 -1.30
N THR D 28 30.34 17.53 -1.41
CA THR D 28 31.56 16.75 -1.45
C THR D 28 31.78 16.19 -2.84
N LEU D 29 33.04 16.06 -3.24
CA LEU D 29 33.35 15.59 -4.59
C LEU D 29 33.14 14.09 -4.75
N ILE D 30 33.26 13.32 -3.67
CA ILE D 30 33.17 11.86 -3.79
C ILE D 30 31.74 11.37 -3.98
N LYS D 31 30.74 12.24 -3.83
CA LYS D 31 29.36 11.87 -4.05
C LYS D 31 28.77 12.54 -5.29
N LEU D 32 29.59 13.23 -6.07
CA LEU D 32 29.12 14.06 -7.17
C LEU D 32 29.66 13.58 -8.51
N SER D 33 28.89 13.87 -9.55
CA SER D 33 29.33 13.71 -10.93
C SER D 33 29.66 15.09 -11.48
N ILE D 34 30.84 15.22 -12.08
CA ILE D 34 31.32 16.50 -12.60
C ILE D 34 31.82 16.26 -14.02
N HIS D 35 31.12 16.84 -14.99
CA HIS D 35 31.49 16.74 -16.40
C HIS D 35 31.63 18.12 -17.00
N TRP D 36 32.48 18.23 -18.02
CA TRP D 36 32.74 19.48 -18.70
C TRP D 36 31.93 19.53 -19.99
N VAL D 37 31.20 20.63 -20.20
CA VAL D 37 30.42 20.85 -21.40
C VAL D 37 30.79 22.21 -21.96
N ARG D 38 31.16 22.25 -23.24
CA ARG D 38 31.59 23.49 -23.88
C ARG D 38 30.60 23.93 -24.94
N GLN D 39 30.61 25.23 -25.22
CA GLN D 39 29.71 25.82 -26.21
C GLN D 39 30.50 26.85 -27.00
N ALA D 40 30.86 26.50 -28.24
CA ALA D 40 31.45 27.47 -29.14
C ALA D 40 30.46 28.60 -29.39
N PRO D 41 30.94 29.79 -29.78
CA PRO D 41 30.03 30.91 -29.99
C PRO D 41 28.94 30.58 -31.00
N GLY D 42 27.69 30.83 -30.60
CA GLY D 42 26.53 30.64 -31.46
C GLY D 42 26.27 29.20 -31.88
N LYS D 43 26.92 28.23 -31.26
CA LYS D 43 26.76 26.83 -31.65
C LYS D 43 26.17 26.06 -30.47
N GLY D 44 25.91 24.76 -30.69
CA GLY D 44 25.26 23.94 -29.71
C GLY D 44 26.16 23.55 -28.55
N LEU D 45 25.66 22.63 -27.74
CA LEU D 45 26.41 22.10 -26.60
C LEU D 45 27.16 20.83 -27.01
N GLU D 46 28.35 20.67 -26.45
CA GLU D 46 29.22 19.55 -26.77
C GLU D 46 29.87 19.04 -25.50
N TRP D 47 29.69 17.76 -25.21
CA TRP D 47 30.32 17.13 -24.05
C TRP D 47 31.74 16.73 -24.38
N MET D 48 32.64 16.89 -23.40
CA MET D 48 34.05 16.60 -23.56
C MET D 48 34.48 15.41 -22.70
N GLY D 49 34.28 15.50 -21.39
CA GLY D 49 34.66 14.45 -20.48
C GLY D 49 34.20 14.79 -19.08
N GLY D 50 34.49 13.90 -18.15
CA GLY D 50 34.05 14.15 -16.80
C GLY D 50 34.56 13.11 -15.83
N TYR D 51 34.10 13.24 -14.58
CA TYR D 51 34.54 12.40 -13.48
C TYR D 51 33.33 11.98 -12.65
N GLU D 52 33.20 10.69 -12.41
CA GLU D 52 32.12 10.15 -11.60
C GLU D 52 32.67 9.87 -10.20
N GLY D 53 32.22 10.65 -9.22
CA GLY D 53 32.79 10.57 -7.88
C GLY D 53 32.53 9.24 -7.21
N GLU D 54 31.36 8.64 -7.47
CA GLU D 54 31.00 7.39 -6.81
C GLU D 54 31.92 6.25 -7.20
N VAL D 55 32.37 6.23 -8.46
CA VAL D 55 33.26 5.16 -8.94
C VAL D 55 34.73 5.57 -8.96
N ASP D 56 35.02 6.87 -8.88
CA ASP D 56 36.38 7.40 -9.04
C ASP D 56 36.98 6.97 -10.38
N GLU D 57 36.21 7.21 -11.44
CA GLU D 57 36.66 6.96 -12.81
C GLU D 57 36.50 8.22 -13.64
N ILE D 58 37.40 8.42 -14.59
CA ILE D 58 37.41 9.58 -15.46
C ILE D 58 37.10 9.13 -16.88
N PHE D 59 36.16 9.82 -17.52
CA PHE D 59 35.74 9.49 -18.87
C PHE D 59 36.11 10.60 -19.84
N TYR D 60 36.36 10.19 -21.09
CA TYR D 60 36.68 11.12 -22.16
C TYR D 60 35.94 10.71 -23.41
N ALA D 61 35.41 11.69 -24.14
CA ALA D 61 34.97 11.41 -25.49
C ALA D 61 36.18 11.13 -26.36
N GLN D 62 36.03 10.21 -27.31
CA GLN D 62 37.17 9.83 -28.14
C GLN D 62 37.70 10.97 -28.98
N LYS D 63 36.88 12.00 -29.21
CA LYS D 63 37.33 13.16 -29.99
C LYS D 63 38.40 13.96 -29.23
N PHE D 64 38.36 13.96 -27.90
CA PHE D 64 39.30 14.76 -27.11
C PHE D 64 40.23 13.92 -26.23
N GLN D 65 40.17 12.60 -26.31
CA GLN D 65 40.86 11.76 -25.33
C GLN D 65 42.38 11.88 -25.44
N HIS D 66 42.88 12.19 -26.64
CA HIS D 66 44.31 12.30 -26.87
C HIS D 66 44.93 13.58 -26.32
N ARG D 67 44.13 14.63 -26.09
CA ARG D 67 44.69 15.91 -25.68
C ARG D 67 43.93 16.56 -24.52
N LEU D 68 43.11 15.80 -23.79
CA LEU D 68 42.37 16.32 -22.65
C LEU D 68 42.61 15.44 -21.43
N THR D 69 42.86 16.09 -20.29
CA THR D 69 43.00 15.42 -19.01
C THR D 69 42.05 16.05 -18.01
N VAL D 70 41.40 15.21 -17.21
CA VAL D 70 40.56 15.65 -16.11
C VAL D 70 41.18 15.16 -14.82
N ILE D 71 41.22 16.03 -13.81
CA ILE D 71 41.83 15.71 -12.53
C ILE D 71 40.82 16.00 -11.42
N ALA D 72 40.73 15.09 -10.45
CA ALA D 72 39.82 15.23 -9.32
C ALA D 72 40.63 15.28 -8.03
N ASP D 73 40.57 16.41 -7.35
CA ASP D 73 41.24 16.60 -6.06
C ASP D 73 40.15 16.55 -4.99
N THR D 74 40.06 15.42 -4.29
CA THR D 74 39.01 15.22 -3.31
C THR D 74 39.21 16.06 -2.06
N ALA D 75 40.45 16.46 -1.77
CA ALA D 75 40.70 17.17 -0.51
C ALA D 75 40.22 18.62 -0.56
N THR D 76 40.20 19.22 -1.76
CA THR D 76 39.79 20.61 -1.92
C THR D 76 38.50 20.76 -2.72
N ASP D 77 37.85 19.66 -3.06
CA ASP D 77 36.59 19.67 -3.83
C ASP D 77 36.75 20.47 -5.12
N THR D 78 37.83 20.19 -5.84
CA THR D 78 38.19 20.93 -7.04
C THR D 78 38.44 19.97 -8.19
N VAL D 79 37.81 20.24 -9.33
CA VAL D 79 38.01 19.48 -10.55
C VAL D 79 38.56 20.42 -11.60
N TYR D 80 39.57 19.95 -12.34
CA TYR D 80 40.19 20.71 -13.42
C TYR D 80 39.97 20.01 -14.76
N MET D 81 40.01 20.79 -15.83
CA MET D 81 40.15 20.26 -17.18
C MET D 81 41.41 20.86 -17.79
N GLU D 82 42.16 20.03 -18.51
CA GLU D 82 43.44 20.45 -19.09
C GLU D 82 43.45 20.08 -20.56
N LEU D 83 43.29 21.08 -21.43
CA LEU D 83 43.15 20.87 -22.87
C LEU D 83 44.28 21.60 -23.59
N GLY D 84 45.09 20.83 -24.33
CA GLY D 84 46.23 21.36 -25.04
C GLY D 84 46.07 21.30 -26.55
N ARG D 85 47.11 21.78 -27.24
CA ARG D 85 47.12 21.88 -28.69
C ARG D 85 45.88 22.62 -29.20
N LEU D 86 45.57 23.73 -28.53
CA LEU D 86 44.37 24.49 -28.84
C LEU D 86 44.44 25.08 -30.23
N THR D 87 43.28 25.18 -30.88
CA THR D 87 43.11 25.80 -32.18
C THR D 87 41.95 26.79 -32.09
N SER D 88 41.73 27.52 -33.19
CA SER D 88 40.62 28.47 -33.22
C SER D 88 39.27 27.78 -33.04
N ASP D 89 39.18 26.49 -33.37
CA ASP D 89 37.94 25.75 -33.15
C ASP D 89 37.67 25.50 -31.66
N ASP D 90 38.64 25.71 -30.79
CA ASP D 90 38.45 25.51 -29.36
C ASP D 90 37.96 26.75 -28.63
N THR D 91 37.89 27.90 -29.31
CA THR D 91 37.32 29.10 -28.71
C THR D 91 35.88 28.85 -28.31
N ALA D 92 35.61 28.73 -27.01
CA ALA D 92 34.29 28.34 -26.53
C ALA D 92 34.18 28.70 -25.06
N VAL D 93 32.96 28.57 -24.54
CA VAL D 93 32.67 28.72 -23.13
C VAL D 93 32.56 27.34 -22.51
N TYR D 94 33.34 27.10 -21.45
CA TYR D 94 33.44 25.79 -20.84
C TYR D 94 32.69 25.78 -19.51
N PHE D 95 31.77 24.83 -19.38
CA PHE D 95 30.94 24.68 -18.19
C PHE D 95 31.27 23.37 -17.50
N CYS D 96 31.25 23.38 -16.17
CA CYS D 96 31.24 22.17 -15.39
C CYS D 96 29.81 21.93 -14.90
N GLY D 97 29.32 20.72 -15.12
CA GLY D 97 27.94 20.40 -14.78
C GLY D 97 27.81 18.98 -14.29
N THR D 98 26.84 18.78 -13.41
CA THR D 98 26.56 17.47 -12.82
C THR D 98 25.61 16.70 -13.75
N LEU D 99 26.19 16.10 -14.78
CA LEU D 99 25.40 15.37 -15.75
C LEU D 99 25.04 13.96 -15.31
N GLY D 100 25.81 13.38 -14.37
CA GLY D 100 25.66 11.97 -14.06
C GLY D 100 24.28 11.62 -13.54
N VAL D 101 23.82 10.43 -13.91
CA VAL D 101 22.57 9.87 -13.44
C VAL D 101 22.87 8.52 -12.80
N THR D 102 22.34 8.30 -11.60
CA THR D 102 22.51 7.05 -10.88
C THR D 102 21.18 6.31 -10.87
N VAL D 103 21.22 5.04 -11.28
CA VAL D 103 20.02 4.22 -11.46
C VAL D 103 20.11 3.02 -10.51
N THR D 104 19.02 2.75 -9.80
CA THR D 104 18.87 1.53 -9.02
C THR D 104 17.48 0.95 -9.32
N GLU D 105 17.12 -0.11 -8.59
CA GLU D 105 15.87 -0.79 -8.87
C GLU D 105 14.66 -0.03 -8.33
N ALA D 106 14.84 0.72 -7.25
CA ALA D 106 13.73 1.49 -6.71
C ALA D 106 13.43 2.72 -7.55
N GLY D 107 14.43 3.26 -8.23
CA GLY D 107 14.23 4.42 -9.07
C GLY D 107 15.52 4.97 -9.65
N LEU D 108 15.65 6.30 -9.71
CA LEU D 108 16.85 6.92 -10.25
C LEU D 108 16.88 8.39 -9.83
N GLY D 109 18.09 8.89 -9.58
CA GLY D 109 18.27 10.26 -9.14
C GLY D 109 19.36 10.96 -9.94
N ILE D 110 19.34 12.29 -9.86
CA ILE D 110 20.27 13.13 -10.61
C ILE D 110 20.53 14.41 -9.84
N ASP D 111 21.71 14.98 -10.05
CA ASP D 111 22.09 16.29 -9.54
C ASP D 111 22.03 17.29 -10.68
N ASP D 112 21.68 18.54 -10.37
CA ASP D 112 21.67 19.62 -11.36
C ASP D 112 22.36 20.85 -10.78
N TYR D 113 23.68 20.78 -10.69
CA TYR D 113 24.50 21.89 -10.22
C TYR D 113 25.45 22.30 -11.34
N TRP D 114 25.57 23.60 -11.59
CA TRP D 114 26.39 24.09 -12.68
C TRP D 114 27.22 25.27 -12.20
N GLY D 115 28.39 25.42 -12.82
CA GLY D 115 29.20 26.59 -12.63
C GLY D 115 28.64 27.78 -13.39
N GLN D 116 29.49 28.81 -13.52
CA GLN D 116 29.12 30.00 -14.26
C GLN D 116 29.70 30.03 -15.67
N GLY D 117 30.58 29.10 -16.00
CA GLY D 117 31.20 29.09 -17.31
C GLY D 117 32.56 29.77 -17.30
N THR D 118 33.42 29.36 -18.22
CA THR D 118 34.75 29.95 -18.37
C THR D 118 35.01 30.17 -19.84
N LEU D 119 35.19 31.43 -20.24
CA LEU D 119 35.45 31.77 -21.63
C LEU D 119 36.94 31.57 -21.94
N VAL D 120 37.23 30.89 -23.04
CA VAL D 120 38.59 30.67 -23.51
C VAL D 120 38.66 31.14 -24.96
N THR D 121 39.34 32.25 -25.20
CA THR D 121 39.48 32.81 -26.55
C THR D 121 40.86 32.44 -27.09
N VAL D 122 40.88 31.69 -28.18
CA VAL D 122 42.12 31.18 -28.77
C VAL D 122 42.30 31.86 -30.12
N SER D 123 43.20 32.84 -30.15
CA SER D 123 43.69 33.41 -31.39
C SER D 123 45.08 33.97 -31.13
N SER D 124 45.86 34.10 -32.20
CA SER D 124 47.19 34.69 -32.12
C SER D 124 47.07 36.19 -32.36
N ALA D 125 46.48 36.85 -31.37
CA ALA D 125 46.18 38.28 -31.45
C ALA D 125 46.61 38.97 -30.16
N SER D 126 46.96 40.24 -30.29
CA SER D 126 47.19 41.14 -29.18
C SER D 126 46.03 42.11 -29.05
N THR D 127 45.99 42.83 -27.94
CA THR D 127 44.95 43.83 -27.74
C THR D 127 45.07 44.90 -28.82
N LYS D 128 43.93 45.25 -29.42
CA LYS D 128 43.93 46.23 -30.50
C LYS D 128 42.63 47.01 -30.49
N GLY D 129 42.73 48.33 -30.59
CA GLY D 129 41.57 49.17 -30.73
C GLY D 129 41.02 49.15 -32.13
N PRO D 130 39.71 49.36 -32.27
CA PRO D 130 39.05 49.27 -33.57
C PRO D 130 39.13 50.55 -34.38
N SER D 131 39.01 50.38 -35.69
CA SER D 131 38.66 51.48 -36.59
C SER D 131 37.15 51.55 -36.72
N VAL D 132 36.63 52.76 -36.89
CA VAL D 132 35.20 52.97 -37.03
C VAL D 132 34.95 53.57 -38.41
N PHE D 133 34.32 52.80 -39.28
CA PHE D 133 33.98 53.23 -40.63
C PHE D 133 32.48 53.44 -40.75
N PRO D 134 32.05 54.49 -41.46
CA PRO D 134 30.63 54.84 -41.49
C PRO D 134 29.85 54.07 -42.54
N LEU D 135 28.63 53.71 -42.19
CA LEU D 135 27.65 53.14 -43.11
C LEU D 135 26.64 54.24 -43.41
N ALA D 136 26.94 55.07 -44.44
CA ALA D 136 26.23 56.30 -44.75
C ALA D 136 24.90 56.00 -45.47
N PRO D 137 23.84 56.73 -45.14
CA PRO D 137 22.54 56.49 -45.78
C PRO D 137 22.46 57.13 -47.17
N SER D 138 21.47 56.69 -47.93
CA SER D 138 21.21 57.26 -49.25
C SER D 138 19.88 58.02 -49.28
N GLY D 144 12.86 55.04 -48.61
CA GLY D 144 11.76 55.93 -48.95
C GLY D 144 11.43 56.93 -47.86
N GLY D 145 10.56 56.52 -46.94
CA GLY D 145 10.16 57.37 -45.84
C GLY D 145 11.06 57.27 -44.63
N THR D 146 11.71 56.11 -44.46
CA THR D 146 12.65 55.86 -43.38
C THR D 146 14.00 55.45 -43.94
N ALA D 147 15.07 55.99 -43.37
CA ALA D 147 16.43 55.76 -43.83
C ALA D 147 17.23 55.03 -42.77
N ALA D 148 18.23 54.26 -43.22
CA ALA D 148 19.07 53.47 -42.34
C ALA D 148 20.52 53.91 -42.44
N LEU D 149 21.20 53.98 -41.30
CA LEU D 149 22.60 54.34 -41.25
C LEU D 149 23.22 53.64 -40.06
N GLY D 150 24.55 53.62 -40.02
CA GLY D 150 25.21 52.91 -38.95
C GLY D 150 26.71 53.06 -39.00
N CYS D 151 27.38 52.32 -38.10
CA CYS D 151 28.82 52.33 -37.97
C CYS D 151 29.36 50.92 -38.05
N LEU D 152 30.56 50.80 -38.61
CA LEU D 152 31.25 49.53 -38.79
C LEU D 152 32.45 49.51 -37.86
N VAL D 153 32.35 48.77 -36.76
CA VAL D 153 33.44 48.66 -35.79
C VAL D 153 34.26 47.43 -36.18
N LYS D 154 35.36 47.66 -36.90
CA LYS D 154 36.11 46.58 -37.53
C LYS D 154 37.52 46.45 -36.95
N ASP D 155 37.98 45.19 -36.87
CA ASP D 155 39.37 44.84 -36.61
C ASP D 155 39.80 45.26 -35.21
N TYR D 156 39.16 44.65 -34.22
CA TYR D 156 39.54 44.83 -32.83
C TYR D 156 39.64 43.47 -32.15
N PHE D 157 40.25 43.48 -30.97
CA PHE D 157 40.52 42.30 -30.15
C PHE D 157 41.05 42.79 -28.81
N PRO D 158 40.59 42.23 -27.70
CA PRO D 158 39.55 41.20 -27.67
C PRO D 158 38.16 41.79 -27.49
N GLU D 159 37.16 40.92 -27.38
CA GLU D 159 35.83 41.36 -27.02
C GLU D 159 35.86 42.04 -25.66
N PRO D 160 34.87 42.90 -25.37
CA PRO D 160 33.78 43.34 -26.24
C PRO D 160 33.89 44.81 -26.63
N VAL D 161 32.94 45.29 -27.42
CA VAL D 161 32.85 46.69 -27.83
C VAL D 161 31.43 47.15 -27.60
N THR D 162 31.28 48.35 -27.03
CA THR D 162 29.98 48.95 -26.79
C THR D 162 29.78 50.11 -27.76
N VAL D 163 28.54 50.28 -28.23
CA VAL D 163 28.20 51.35 -29.16
C VAL D 163 26.93 52.03 -28.68
N SER D 164 26.96 53.36 -28.63
CA SER D 164 25.78 54.18 -28.38
C SER D 164 25.61 55.18 -29.53
N TRP D 165 24.49 55.88 -29.54
CA TRP D 165 24.19 56.82 -30.61
C TRP D 165 23.81 58.17 -30.03
N ASN D 166 24.50 59.22 -30.47
CA ASN D 166 24.36 60.56 -29.93
C ASN D 166 24.43 60.55 -28.39
N SER D 167 25.50 59.93 -27.90
CA SER D 167 25.82 59.91 -26.46
C SER D 167 24.66 59.38 -25.62
N GLY D 168 23.94 58.41 -26.18
CA GLY D 168 22.84 57.78 -25.49
C GLY D 168 21.48 58.39 -25.70
N ALA D 169 21.39 59.54 -26.38
CA ALA D 169 20.10 60.19 -26.57
C ALA D 169 19.27 59.44 -27.62
N LEU D 170 19.91 58.94 -28.67
CA LEU D 170 19.23 58.22 -29.74
C LEU D 170 19.18 56.74 -29.38
N THR D 171 17.98 56.23 -29.11
CA THR D 171 17.79 54.84 -28.70
C THR D 171 16.82 54.09 -29.59
N SER D 172 15.79 54.77 -30.09
CA SER D 172 14.77 54.10 -30.88
C SER D 172 15.33 53.69 -32.24
N GLY D 173 15.17 52.42 -32.58
CA GLY D 173 15.56 51.92 -33.89
C GLY D 173 17.00 51.46 -33.99
N VAL D 174 17.75 51.47 -32.91
CA VAL D 174 19.14 51.04 -32.94
C VAL D 174 19.20 49.52 -32.93
N HIS D 175 20.16 48.96 -33.67
CA HIS D 175 20.40 47.51 -33.67
C HIS D 175 21.92 47.30 -33.73
N THR D 176 22.53 47.07 -32.57
CA THR D 176 23.95 46.75 -32.50
C THR D 176 24.11 45.23 -32.58
N PHE D 177 24.70 44.76 -33.67
CA PHE D 177 24.84 43.33 -33.92
C PHE D 177 25.91 42.73 -33.02
N PRO D 178 25.86 41.41 -32.80
CA PRO D 178 26.98 40.75 -32.14
C PRO D 178 28.19 40.67 -33.06
N ALA D 179 29.37 40.77 -32.47
CA ALA D 179 30.61 40.70 -33.24
C ALA D 179 30.81 39.33 -33.83
N VAL D 180 31.52 39.28 -34.96
CA VAL D 180 31.96 38.03 -35.55
C VAL D 180 33.47 37.98 -35.50
N LEU D 181 34.01 36.77 -35.39
CA LEU D 181 35.46 36.55 -35.33
C LEU D 181 35.97 36.38 -36.75
N GLN D 182 36.68 37.38 -37.26
CA GLN D 182 37.13 37.38 -38.63
C GLN D 182 38.25 36.36 -38.83
N SER D 183 38.52 36.02 -40.10
CA SER D 183 39.60 35.10 -40.41
C SER D 183 40.96 35.63 -39.99
N SER D 184 41.07 36.94 -39.76
CA SER D 184 42.29 37.58 -39.28
C SER D 184 42.55 37.32 -37.80
N GLY D 185 41.58 36.81 -37.05
CA GLY D 185 41.72 36.69 -35.62
C GLY D 185 41.21 37.89 -34.86
N LEU D 186 40.68 38.91 -35.54
CA LEU D 186 40.12 40.09 -34.90
C LEU D 186 38.60 40.07 -35.05
N TYR D 187 37.92 40.54 -34.01
CA TYR D 187 36.47 40.66 -34.05
C TYR D 187 36.07 41.89 -34.86
N SER D 188 34.78 41.96 -35.20
CA SER D 188 34.22 43.08 -35.94
C SER D 188 32.71 43.00 -35.88
N LEU D 189 32.07 44.17 -35.73
CA LEU D 189 30.62 44.22 -35.67
C LEU D 189 30.12 45.53 -36.28
N SER D 190 28.85 45.53 -36.65
CA SER D 190 28.16 46.71 -37.12
C SER D 190 27.06 47.09 -36.14
N SER D 191 26.78 48.38 -36.07
CA SER D 191 25.60 48.91 -35.38
C SER D 191 24.84 49.80 -36.36
N VAL D 192 23.52 49.59 -36.47
CA VAL D 192 22.68 50.31 -37.40
C VAL D 192 21.51 50.94 -36.65
N VAL D 193 21.00 52.03 -37.22
CA VAL D 193 19.81 52.69 -36.71
C VAL D 193 19.00 53.18 -37.91
N THR D 194 17.68 53.09 -37.81
CA THR D 194 16.77 53.56 -38.84
C THR D 194 16.11 54.86 -38.37
N VAL D 195 16.16 55.88 -39.21
CA VAL D 195 15.64 57.20 -38.87
C VAL D 195 14.74 57.67 -40.00
N PRO D 196 13.82 58.59 -39.72
CA PRO D 196 13.06 59.23 -40.80
C PRO D 196 14.00 59.93 -41.77
N SER D 197 13.81 59.66 -43.06
CA SER D 197 14.68 60.25 -44.08
C SER D 197 14.68 61.76 -44.01
N SER D 198 13.55 62.36 -43.61
CA SER D 198 13.45 63.81 -43.53
C SER D 198 14.38 64.40 -42.47
N SER D 199 14.85 63.59 -41.51
CA SER D 199 15.74 64.08 -40.47
C SER D 199 17.21 64.03 -40.88
N LEU D 200 17.53 63.46 -42.04
CA LEU D 200 18.93 63.36 -42.47
C LEU D 200 19.58 64.72 -42.67
N GLY D 201 18.79 65.76 -42.95
CA GLY D 201 19.34 67.07 -43.24
C GLY D 201 19.53 67.95 -42.04
N THR D 202 18.87 67.63 -40.94
CA THR D 202 18.90 68.44 -39.73
C THR D 202 19.66 67.78 -38.59
N GLN D 203 19.23 66.60 -38.15
CA GLN D 203 19.81 65.98 -36.97
C GLN D 203 21.11 65.25 -37.31
N THR D 204 22.16 65.51 -36.53
CA THR D 204 23.46 64.89 -36.73
C THR D 204 23.52 63.58 -35.94
N TYR D 205 23.98 62.52 -36.61
CA TYR D 205 24.05 61.19 -36.01
C TYR D 205 25.51 60.80 -35.83
N ILE D 206 25.92 60.62 -34.57
CA ILE D 206 27.26 60.17 -34.22
C ILE D 206 27.12 58.88 -33.42
N CYS D 207 27.99 57.91 -33.72
CA CYS D 207 28.06 56.68 -32.94
C CYS D 207 29.26 56.76 -32.01
N ASN D 208 29.04 56.42 -30.74
CA ASN D 208 30.07 56.47 -29.72
C ASN D 208 30.51 55.05 -29.43
N VAL D 209 31.74 54.72 -29.79
CA VAL D 209 32.31 53.39 -29.62
C VAL D 209 33.32 53.45 -28.49
N ASN D 210 33.25 52.48 -27.58
CA ASN D 210 34.22 52.35 -26.50
C ASN D 210 34.77 50.93 -26.51
N HIS D 211 36.09 50.81 -26.53
CA HIS D 211 36.77 49.52 -26.42
C HIS D 211 37.71 49.61 -25.22
N LYS D 212 37.22 49.22 -24.06
CA LYS D 212 37.98 49.38 -22.82
C LYS D 212 39.29 48.59 -22.78
N PRO D 213 39.39 47.36 -23.30
CA PRO D 213 40.68 46.65 -23.24
C PRO D 213 41.86 47.42 -23.83
N SER D 214 41.62 48.33 -24.76
CA SER D 214 42.67 49.14 -25.34
C SER D 214 42.54 50.63 -25.02
N ASN D 215 41.55 51.00 -24.20
CA ASN D 215 41.24 52.40 -23.89
C ASN D 215 41.04 53.19 -25.18
N THR D 216 40.22 52.66 -26.07
CA THR D 216 39.92 53.27 -27.36
C THR D 216 38.47 53.75 -27.34
N LYS D 217 38.27 55.06 -27.39
CA LYS D 217 36.96 55.65 -27.61
C LYS D 217 37.01 56.46 -28.89
N VAL D 218 36.02 56.26 -29.75
CA VAL D 218 35.91 56.96 -31.03
C VAL D 218 34.48 57.43 -31.21
N ASP D 219 34.29 58.74 -31.39
CA ASP D 219 33.03 59.29 -31.82
C ASP D 219 33.10 59.53 -33.32
N LYS D 220 32.30 58.80 -34.08
CA LYS D 220 32.33 58.87 -35.54
C LYS D 220 31.03 59.48 -36.02
N LYS D 221 31.14 60.60 -36.74
CA LYS D 221 29.98 61.30 -37.28
C LYS D 221 29.62 60.71 -38.64
N VAL D 222 28.34 60.39 -38.82
CA VAL D 222 27.87 59.68 -39.99
C VAL D 222 26.98 60.64 -40.78
N GLU D 223 27.54 61.21 -41.84
CA GLU D 223 26.84 62.15 -42.70
C GLU D 223 26.34 61.47 -43.96
N PRO D 224 25.25 61.96 -44.54
CA PRO D 224 24.75 61.38 -45.80
C PRO D 224 25.71 61.59 -46.95
N LYS D 225 25.64 60.67 -47.92
CA LYS D 225 26.51 60.69 -49.09
C LYS D 225 25.69 60.34 -50.32
N SER D 226 25.75 61.19 -51.34
CA SER D 226 24.95 60.99 -52.56
C SER D 226 25.86 60.85 -53.78
N GLU E 1 28.81 5.59 -33.24
CA GLU E 1 28.49 6.52 -32.15
C GLU E 1 27.03 6.92 -32.21
N ILE E 2 26.49 7.39 -31.09
CA ILE E 2 25.12 7.89 -31.06
C ILE E 2 25.10 9.29 -31.66
N VAL E 3 24.17 9.51 -32.59
CA VAL E 3 23.95 10.83 -33.19
C VAL E 3 22.49 11.18 -32.96
N LEU E 4 22.26 12.22 -32.15
CA LEU E 4 20.92 12.68 -31.80
C LEU E 4 20.52 13.82 -32.73
N THR E 5 19.28 13.75 -33.22
CA THR E 5 18.71 14.81 -34.04
C THR E 5 17.42 15.30 -33.39
N GLN E 6 17.18 16.60 -33.49
CA GLN E 6 15.95 17.18 -32.97
C GLN E 6 15.20 17.90 -34.08
N SER E 7 13.90 18.09 -33.88
CA SER E 7 13.05 18.72 -34.87
C SER E 7 11.86 19.33 -34.16
N PRO E 8 11.36 20.49 -34.64
CA PRO E 8 11.95 21.23 -35.75
C PRO E 8 13.15 22.05 -35.29
N GLY E 9 13.83 22.74 -36.20
CA GLY E 9 14.91 23.63 -35.81
C GLY E 9 14.39 24.74 -34.92
N THR E 10 13.46 25.52 -35.44
CA THR E 10 12.84 26.62 -34.70
C THR E 10 11.35 26.33 -34.56
N LEU E 11 10.86 26.38 -33.33
CA LEU E 11 9.44 26.18 -33.03
C LEU E 11 8.84 27.52 -32.64
N SER E 12 7.91 28.01 -33.45
CA SER E 12 7.29 29.31 -33.24
C SER E 12 5.90 29.10 -32.64
N LEU E 13 5.70 29.62 -31.43
CA LEU E 13 4.46 29.45 -30.69
C LEU E 13 4.23 30.67 -29.81
N SER E 14 2.99 30.85 -29.37
CA SER E 14 2.62 31.91 -28.46
C SER E 14 2.33 31.37 -27.07
N PRO E 15 2.47 32.19 -26.03
CA PRO E 15 2.15 31.72 -24.68
C PRO E 15 0.71 31.24 -24.56
N GLY E 16 0.54 30.09 -23.91
CA GLY E 16 -0.74 29.43 -23.80
C GLY E 16 -0.89 28.26 -24.76
N GLU E 17 -0.05 28.17 -25.77
CA GLU E 17 -0.07 27.09 -26.74
C GLU E 17 0.83 25.95 -26.26
N ARG E 18 0.58 24.77 -26.81
CA ARG E 18 1.33 23.58 -26.44
C ARG E 18 2.59 23.46 -27.30
N ALA E 19 3.73 23.26 -26.64
CA ALA E 19 4.99 22.98 -27.31
C ALA E 19 5.24 21.49 -27.31
N THR E 20 5.75 20.98 -28.45
CA THR E 20 6.04 19.55 -28.59
C THR E 20 7.37 19.42 -29.31
N LEU E 21 8.42 19.01 -28.59
CA LEU E 21 9.79 19.02 -29.08
C LEU E 21 10.30 17.59 -29.19
N SER E 22 10.87 17.25 -30.34
CA SER E 22 11.31 15.89 -30.61
C SER E 22 12.82 15.75 -30.49
N CYS E 23 13.26 14.54 -30.16
CA CYS E 23 14.66 14.17 -30.10
C CYS E 23 14.77 12.71 -30.49
N ARG E 24 15.57 12.41 -31.51
CA ARG E 24 15.62 11.09 -32.10
C ARG E 24 17.06 10.59 -32.19
N ALA E 25 17.26 9.31 -31.88
CA ALA E 25 18.58 8.72 -31.74
C ALA E 25 18.89 7.76 -32.87
N SER E 26 20.15 7.75 -33.30
CA SER E 26 20.60 6.82 -34.32
C SER E 26 20.56 5.37 -33.84
N GLN E 27 20.66 5.16 -32.53
CA GLN E 27 20.52 3.82 -31.97
C GLN E 27 19.79 3.93 -30.65
N ILE E 28 19.26 2.80 -30.18
CA ILE E 28 18.40 2.79 -29.01
C ILE E 28 19.16 3.33 -27.81
N VAL E 29 18.55 4.25 -27.07
CA VAL E 29 19.15 4.79 -25.85
C VAL E 29 18.28 4.40 -24.66
N SER E 30 18.93 4.25 -23.51
CA SER E 30 18.24 3.79 -22.31
C SER E 30 17.31 4.87 -21.77
N ARG E 31 16.10 4.46 -21.40
CA ARG E 31 15.09 5.44 -20.99
C ARG E 31 15.50 6.17 -19.71
N ASN E 32 16.27 5.52 -18.84
CA ASN E 32 16.82 6.19 -17.66
C ASN E 32 17.82 7.28 -18.03
N HIS E 33 18.44 7.19 -19.20
CA HIS E 33 19.59 8.00 -19.54
C HIS E 33 19.29 8.99 -20.67
N LEU E 34 18.09 9.57 -20.65
CA LEU E 34 17.75 10.65 -21.57
C LEU E 34 17.18 11.81 -20.76
N ALA E 35 17.72 13.01 -20.95
CA ALA E 35 17.32 14.17 -20.17
C ALA E 35 17.00 15.34 -21.10
N TRP E 36 16.29 16.32 -20.55
CA TRP E 36 15.89 17.53 -21.27
C TRP E 36 16.42 18.74 -20.52
N TYR E 37 17.26 19.53 -21.19
CA TYR E 37 17.86 20.72 -20.61
C TYR E 37 17.38 22.00 -21.29
N GLN E 38 17.28 23.05 -20.49
CA GLN E 38 16.87 24.38 -20.94
C GLN E 38 18.04 25.34 -20.77
N GLN E 39 18.31 26.14 -21.80
CA GLN E 39 19.41 27.11 -21.75
C GLN E 39 18.94 28.42 -22.35
N LYS E 40 18.95 29.45 -21.53
CA LYS E 40 18.74 30.79 -22.06
C LYS E 40 20.07 31.46 -22.34
N PRO E 41 20.10 32.43 -23.25
CA PRO E 41 21.37 33.08 -23.60
C PRO E 41 22.05 33.67 -22.39
N GLY E 42 23.36 33.40 -22.26
CA GLY E 42 24.18 33.93 -21.19
C GLY E 42 24.25 33.06 -19.94
N GLN E 43 23.45 32.01 -19.87
CA GLN E 43 23.34 31.21 -18.65
C GLN E 43 23.79 29.78 -18.92
N ALA E 44 24.01 29.05 -17.84
CA ALA E 44 24.36 27.64 -17.94
C ALA E 44 23.11 26.81 -18.23
N PRO E 45 23.29 25.60 -18.77
CA PRO E 45 22.14 24.72 -18.99
C PRO E 45 21.42 24.41 -17.68
N ARG E 46 20.13 24.11 -17.81
CA ARG E 46 19.26 23.84 -16.67
C ARG E 46 18.46 22.57 -16.97
N LEU E 47 18.43 21.65 -16.02
CA LEU E 47 17.74 20.39 -16.22
C LEU E 47 16.24 20.55 -16.01
N LEU E 48 15.46 20.03 -16.95
CA LEU E 48 14.00 20.03 -16.87
C LEU E 48 13.50 18.62 -16.56
N ILE E 49 13.69 17.69 -17.49
CA ILE E 49 13.18 16.33 -17.41
C ILE E 49 14.36 15.39 -17.48
N PHE E 50 14.49 14.52 -16.49
CA PHE E 50 15.51 13.47 -16.51
C PHE E 50 14.82 12.12 -16.54
N GLY E 51 15.57 11.10 -16.95
CA GLY E 51 15.02 9.76 -17.03
C GLY E 51 13.75 9.70 -17.85
N ALA E 52 13.79 10.31 -19.03
CA ALA E 52 12.72 10.22 -20.03
C ALA E 52 11.46 10.97 -19.62
N SER E 53 10.83 10.56 -18.51
CA SER E 53 9.57 11.15 -18.10
C SER E 53 9.58 11.74 -16.70
N SER E 54 10.55 11.38 -15.86
CA SER E 54 10.63 11.96 -14.53
C SER E 54 10.94 13.45 -14.61
N ARG E 55 10.35 14.21 -13.71
CA ARG E 55 10.53 15.66 -13.68
C ARG E 55 11.47 16.06 -12.57
N ALA E 56 12.30 17.07 -12.84
CA ALA E 56 13.32 17.51 -11.89
C ALA E 56 12.70 18.32 -10.76
N THR E 57 13.41 18.40 -9.64
CA THR E 57 12.92 19.12 -8.48
C THR E 57 12.69 20.58 -8.81
N GLY E 58 11.45 21.04 -8.61
CA GLY E 58 11.12 22.43 -8.83
C GLY E 58 10.85 22.83 -10.27
N ILE E 59 10.52 21.89 -11.13
CA ILE E 59 10.16 22.17 -12.51
C ILE E 59 8.63 22.21 -12.57
N PRO E 60 8.02 23.23 -13.18
CA PRO E 60 6.56 23.32 -13.23
C PRO E 60 5.89 22.08 -13.80
N VAL E 61 4.60 21.88 -13.47
CA VAL E 61 3.89 20.69 -13.95
C VAL E 61 3.70 20.71 -15.45
N ARG E 62 3.79 21.88 -16.09
CA ARG E 62 3.57 21.96 -17.53
C ARG E 62 4.64 21.21 -18.30
N PHE E 63 5.78 20.93 -17.70
CA PHE E 63 6.83 20.17 -18.37
C PHE E 63 6.57 18.67 -18.17
N SER E 64 6.47 17.95 -19.28
CA SER E 64 6.28 16.50 -19.22
C SER E 64 7.15 15.84 -20.26
N GLY E 65 7.76 14.72 -19.88
CA GLY E 65 8.58 13.93 -20.77
C GLY E 65 7.87 12.64 -21.16
N SER E 66 8.35 12.06 -22.25
CA SER E 66 7.84 10.79 -22.75
C SER E 66 8.78 10.30 -23.82
N GLY E 67 8.66 9.02 -24.16
CA GLY E 67 9.48 8.44 -25.20
C GLY E 67 10.21 7.17 -24.78
N SER E 68 10.60 6.37 -25.77
CA SER E 68 11.28 5.11 -25.51
C SER E 68 12.00 4.67 -26.78
N GLY E 69 13.03 3.85 -26.61
CA GLY E 69 13.76 3.33 -27.74
C GLY E 69 14.62 4.36 -28.44
N THR E 70 14.06 5.00 -29.48
CA THR E 70 14.80 5.99 -30.27
C THR E 70 14.11 7.33 -30.38
N ASP E 71 12.83 7.42 -30.06
CA ASP E 71 12.06 8.65 -30.25
C ASP E 71 11.58 9.17 -28.91
N PHE E 72 11.86 10.44 -28.62
CA PHE E 72 11.51 11.03 -27.35
C PHE E 72 10.83 12.38 -27.57
N THR E 73 10.07 12.81 -26.56
CA THR E 73 9.20 13.97 -26.72
C THR E 73 9.11 14.73 -25.40
N LEU E 74 9.53 15.98 -25.42
CA LEU E 74 9.30 16.93 -24.33
C LEU E 74 8.06 17.75 -24.65
N THR E 75 7.15 17.86 -23.70
CA THR E 75 5.85 18.48 -23.93
C THR E 75 5.62 19.56 -22.89
N ILE E 76 5.56 20.81 -23.33
CA ILE E 76 5.19 21.93 -22.49
C ILE E 76 3.73 22.25 -22.78
N ASN E 77 2.88 22.05 -21.78
CA ASN E 77 1.42 22.14 -21.96
C ASN E 77 0.98 23.54 -21.52
N GLY E 78 1.24 24.51 -22.39
CA GLY E 78 0.95 25.90 -22.06
C GLY E 78 2.22 26.69 -21.81
N LEU E 79 2.73 27.33 -22.86
CA LEU E 79 4.02 28.01 -22.76
C LEU E 79 3.90 29.28 -21.93
N ALA E 80 4.86 29.47 -21.04
CA ALA E 80 5.03 30.70 -20.29
C ALA E 80 6.12 31.54 -20.92
N PRO E 81 6.12 32.86 -20.69
CA PRO E 81 7.14 33.71 -21.32
C PRO E 81 8.57 33.35 -20.96
N GLU E 82 8.83 32.86 -19.74
CA GLU E 82 10.19 32.48 -19.42
C GLU E 82 10.62 31.19 -20.10
N ASP E 83 9.71 30.48 -20.76
CA ASP E 83 10.02 29.19 -21.36
C ASP E 83 10.60 29.31 -22.76
N PHE E 84 10.56 30.48 -23.38
CA PHE E 84 11.13 30.65 -24.71
C PHE E 84 12.65 30.70 -24.67
N ALA E 85 13.29 29.56 -24.90
CA ALA E 85 14.75 29.50 -25.01
C ALA E 85 15.13 28.34 -25.92
N VAL E 86 16.30 27.76 -25.70
CA VAL E 86 16.74 26.58 -26.44
C VAL E 86 16.60 25.37 -25.53
N TYR E 87 16.11 24.27 -26.09
CA TYR E 87 15.93 23.02 -25.36
C TYR E 87 16.78 21.94 -26.01
N TYR E 88 17.71 21.38 -25.24
CA TYR E 88 18.60 20.32 -25.68
C TYR E 88 18.17 19.00 -25.02
N CYS E 89 18.26 17.91 -25.79
CA CYS E 89 18.15 16.57 -25.24
C CYS E 89 19.55 15.98 -25.06
N LEU E 90 19.68 15.10 -24.06
CA LEU E 90 20.97 14.54 -23.68
C LEU E 90 20.84 13.05 -23.40
N SER E 91 21.53 12.22 -24.17
CA SER E 91 21.53 10.78 -23.96
C SER E 91 22.85 10.34 -23.35
N SER E 92 22.86 9.16 -22.73
CA SER E 92 24.09 8.60 -22.18
C SER E 92 24.03 7.08 -22.27
N ASP E 93 25.10 6.50 -22.80
CA ASP E 93 25.25 5.05 -22.88
C ASP E 93 26.63 4.71 -22.36
N SER E 94 26.67 4.03 -21.20
CA SER E 94 27.93 3.64 -20.56
C SER E 94 28.79 4.87 -20.27
N SER E 95 28.17 5.89 -19.69
CA SER E 95 28.86 7.11 -19.27
C SER E 95 29.52 7.81 -20.45
N ILE E 96 28.87 7.79 -21.60
CA ILE E 96 29.32 8.50 -22.79
C ILE E 96 28.19 9.44 -23.20
N PHE E 97 28.39 10.74 -22.96
CA PHE E 97 27.32 11.72 -23.10
C PHE E 97 27.31 12.33 -24.48
N THR E 98 26.11 12.58 -25.00
CA THR E 98 25.94 13.13 -26.34
C THR E 98 24.73 14.06 -26.32
N PHE E 99 24.91 15.24 -26.91
CA PHE E 99 23.86 16.29 -26.90
C PHE E 99 23.23 16.45 -28.27
N GLY E 100 21.94 16.77 -28.27
CA GLY E 100 21.17 16.99 -29.50
C GLY E 100 21.50 18.32 -30.13
N PRO E 101 21.15 18.51 -31.40
CA PRO E 101 21.50 19.74 -32.06
C PRO E 101 20.87 20.94 -31.35
N GLY E 102 19.61 20.83 -30.96
CA GLY E 102 18.92 21.93 -30.27
C GLY E 102 17.70 22.39 -31.04
N THR E 103 16.62 22.68 -30.32
CA THR E 103 15.32 23.15 -30.85
C THR E 103 15.09 24.53 -30.24
N LYS E 104 14.81 25.56 -31.04
CA LYS E 104 14.67 26.90 -30.42
C LYS E 104 13.21 27.29 -30.37
N VAL E 105 12.74 27.71 -29.20
CA VAL E 105 11.33 28.08 -29.05
C VAL E 105 11.22 29.59 -29.24
N ASP E 106 10.47 29.99 -30.27
CA ASP E 106 10.45 31.33 -30.81
C ASP E 106 9.11 32.00 -30.49
N PHE E 107 9.11 33.33 -30.43
CA PHE E 107 7.87 34.06 -30.26
C PHE E 107 7.18 34.17 -31.61
N LYS E 108 5.93 33.70 -31.69
CA LYS E 108 5.21 33.73 -32.95
C LYS E 108 4.69 35.13 -33.22
N ARG E 109 5.12 35.69 -34.35
CA ARG E 109 4.67 36.97 -34.85
C ARG E 109 4.02 36.78 -36.22
N THR E 110 3.16 37.73 -36.60
CA THR E 110 2.73 37.78 -37.99
C THR E 110 3.93 37.92 -38.91
N VAL E 111 3.83 37.31 -40.09
CA VAL E 111 4.96 37.31 -41.01
C VAL E 111 5.29 38.75 -41.41
N ALA E 112 6.56 39.09 -41.34
CA ALA E 112 7.03 40.44 -41.65
C ALA E 112 8.26 40.34 -42.54
N ALA E 113 8.16 40.92 -43.74
CA ALA E 113 9.28 40.91 -44.66
C ALA E 113 10.37 41.86 -44.17
N PRO E 114 11.60 41.68 -44.64
CA PRO E 114 12.70 42.56 -44.21
C PRO E 114 12.85 43.82 -45.02
N SER E 115 13.16 44.91 -44.33
CA SER E 115 13.63 46.12 -44.99
C SER E 115 15.11 45.94 -45.31
N VAL E 116 15.46 45.97 -46.59
CA VAL E 116 16.83 45.70 -47.03
C VAL E 116 17.51 47.02 -47.35
N PHE E 117 18.71 47.20 -46.79
CA PHE E 117 19.56 48.35 -47.07
C PHE E 117 20.95 47.84 -47.38
N ILE E 118 21.65 48.51 -48.29
CA ILE E 118 23.00 48.11 -48.69
C ILE E 118 23.92 49.32 -48.55
N PHE E 119 25.10 49.10 -47.97
CA PHE E 119 26.02 50.18 -47.64
C PHE E 119 27.34 49.97 -48.36
N PRO E 120 27.81 50.93 -49.15
CA PRO E 120 29.12 50.78 -49.80
C PRO E 120 30.24 50.89 -48.77
N PRO E 121 31.49 50.61 -49.17
CA PRO E 121 32.61 50.90 -48.28
C PRO E 121 32.88 52.40 -48.26
N SER E 122 33.13 52.92 -47.06
CA SER E 122 33.51 54.31 -46.95
C SER E 122 34.87 54.53 -47.59
N ASP E 123 35.09 55.73 -48.11
CA ASP E 123 36.39 56.04 -48.71
C ASP E 123 37.51 56.02 -47.68
N GLU E 124 37.18 56.20 -46.40
CA GLU E 124 38.20 56.16 -45.36
C GLU E 124 38.74 54.75 -45.17
N GLN E 125 37.90 53.73 -45.34
CA GLN E 125 38.34 52.36 -45.19
C GLN E 125 39.09 51.87 -46.43
N LEU E 126 38.72 52.36 -47.62
CA LEU E 126 39.38 51.94 -48.84
C LEU E 126 40.87 52.30 -48.86
N LYS E 127 41.23 53.44 -48.24
CA LYS E 127 42.62 53.85 -48.20
C LYS E 127 43.50 52.92 -47.36
N SER E 128 42.90 52.05 -46.55
CA SER E 128 43.65 51.07 -45.78
C SER E 128 43.84 49.74 -46.52
N GLY E 129 43.23 49.58 -47.69
CA GLY E 129 43.42 48.39 -48.50
C GLY E 129 42.33 47.34 -48.45
N THR E 130 41.29 47.55 -47.63
CA THR E 130 40.22 46.58 -47.47
C THR E 130 38.87 47.27 -47.60
N ALA E 131 37.93 46.62 -48.28
CA ALA E 131 36.60 47.18 -48.52
C ALA E 131 35.55 46.29 -47.87
N SER E 132 34.76 46.87 -46.97
CA SER E 132 33.65 46.16 -46.33
C SER E 132 32.34 46.64 -46.95
N VAL E 133 31.65 45.74 -47.63
CA VAL E 133 30.30 45.97 -48.11
C VAL E 133 29.34 45.32 -47.13
N VAL E 134 28.40 46.09 -46.61
CA VAL E 134 27.45 45.62 -45.59
C VAL E 134 26.06 45.64 -46.20
N CYS E 135 25.35 44.52 -46.06
CA CYS E 135 23.95 44.41 -46.45
C CYS E 135 23.10 44.17 -45.21
N LEU E 136 22.12 45.04 -44.97
CA LEU E 136 21.33 45.04 -43.76
C LEU E 136 19.93 44.51 -44.06
N LEU E 137 19.52 43.48 -43.32
CA LEU E 137 18.15 42.98 -43.33
C LEU E 137 17.54 43.37 -41.99
N ASN E 138 16.55 44.26 -42.02
CA ASN E 138 16.11 44.98 -40.82
C ASN E 138 14.69 44.61 -40.43
N ASN E 139 14.50 44.27 -39.16
CA ASN E 139 13.20 44.02 -38.53
C ASN E 139 12.29 43.14 -39.39
N PHE E 140 12.54 41.82 -39.35
CA PHE E 140 11.80 40.86 -40.16
C PHE E 140 11.45 39.64 -39.32
N TYR E 141 10.58 38.79 -39.86
CA TYR E 141 10.17 37.57 -39.17
C TYR E 141 9.48 36.62 -40.16
N PRO E 142 9.73 35.30 -40.09
CA PRO E 142 10.62 34.61 -39.14
C PRO E 142 12.11 34.80 -39.44
N ARG E 143 12.97 34.08 -38.75
CA ARG E 143 14.40 34.31 -38.89
C ARG E 143 14.95 33.73 -40.18
N GLU E 144 14.37 32.64 -40.68
CA GLU E 144 14.85 32.00 -41.90
C GLU E 144 14.95 33.02 -43.03
N ALA E 145 16.18 33.41 -43.34
CA ALA E 145 16.47 34.34 -44.42
C ALA E 145 17.76 33.90 -45.10
N LYS E 146 17.83 34.10 -46.41
CA LYS E 146 19.02 33.76 -47.18
C LYS E 146 19.50 34.98 -47.94
N VAL E 147 20.78 35.31 -47.79
CA VAL E 147 21.40 36.45 -48.45
C VAL E 147 22.41 35.93 -49.45
N GLN E 148 22.35 36.46 -50.68
CA GLN E 148 23.30 36.11 -51.73
C GLN E 148 23.97 37.37 -52.22
N TRP E 149 25.29 37.32 -52.38
CA TRP E 149 26.06 38.44 -52.92
C TRP E 149 26.34 38.20 -54.40
N LYS E 150 26.19 39.24 -55.21
CA LYS E 150 26.47 39.19 -56.63
C LYS E 150 27.31 40.40 -57.02
N VAL E 151 28.59 40.19 -57.29
CA VAL E 151 29.48 41.23 -57.79
C VAL E 151 29.58 41.07 -59.31
N ASP E 152 29.04 42.04 -60.04
CA ASP E 152 28.90 41.97 -61.50
C ASP E 152 28.20 40.68 -61.89
N ASN E 153 27.10 40.39 -61.19
CA ASN E 153 26.22 39.26 -61.46
C ASN E 153 26.91 37.92 -61.24
N ALA E 154 28.16 37.95 -60.77
CA ALA E 154 28.89 36.74 -60.42
C ALA E 154 28.62 36.40 -58.96
N LEU E 155 28.21 35.16 -58.70
CA LEU E 155 27.82 34.74 -57.37
C LEU E 155 29.04 34.72 -56.44
N GLN E 156 28.99 35.53 -55.38
CA GLN E 156 30.10 35.62 -54.44
C GLN E 156 30.06 34.48 -53.43
N SER E 157 31.24 33.94 -53.13
CA SER E 157 31.34 32.75 -52.29
C SER E 157 32.57 32.83 -51.41
N GLY E 158 32.40 32.56 -50.12
CA GLY E 158 33.49 32.40 -49.18
C GLY E 158 34.03 33.68 -48.56
N ASN E 159 33.44 34.83 -48.85
CA ASN E 159 33.98 36.11 -48.40
C ASN E 159 32.95 36.93 -47.62
N SER E 160 31.93 36.29 -47.05
CA SER E 160 30.91 36.99 -46.29
C SER E 160 30.67 36.32 -44.95
N GLN E 161 30.16 37.11 -44.00
CA GLN E 161 29.86 36.68 -42.64
C GLN E 161 28.57 37.36 -42.18
N GLU E 162 27.63 36.57 -41.66
CA GLU E 162 26.37 37.09 -41.17
C GLU E 162 26.35 37.19 -39.66
N SER E 163 25.62 38.18 -39.15
CA SER E 163 25.41 38.37 -37.73
C SER E 163 23.93 38.66 -37.51
N VAL E 164 23.30 37.90 -36.61
CA VAL E 164 21.87 38.00 -36.35
C VAL E 164 21.66 38.56 -34.95
N THR E 165 20.69 39.45 -34.82
CA THR E 165 20.31 39.93 -33.50
C THR E 165 19.35 38.96 -32.83
N GLU E 166 19.24 39.09 -31.51
CA GLU E 166 18.21 38.36 -30.81
C GLU E 166 16.84 38.96 -31.11
N GLN E 167 15.80 38.13 -31.00
CA GLN E 167 14.45 38.53 -31.34
C GLN E 167 14.02 39.72 -30.48
N ASP E 168 13.68 40.82 -31.13
CA ASP E 168 13.47 42.09 -30.45
C ASP E 168 12.36 41.98 -29.40
N SER E 169 12.67 42.41 -28.19
CA SER E 169 11.78 42.24 -27.05
C SER E 169 10.46 42.99 -27.20
N LYS E 170 10.35 43.89 -28.18
CA LYS E 170 9.14 44.69 -28.38
C LYS E 170 8.27 44.16 -29.51
N ASP E 171 8.81 44.09 -30.73
CA ASP E 171 8.03 43.70 -31.90
C ASP E 171 8.22 42.24 -32.29
N SER E 172 9.18 41.54 -31.67
CA SER E 172 9.45 40.12 -31.95
C SER E 172 9.88 39.92 -33.40
N THR E 173 10.84 40.73 -33.84
CA THR E 173 11.40 40.64 -35.19
C THR E 173 12.89 40.32 -35.10
N TYR E 174 13.50 40.11 -36.26
CA TYR E 174 14.91 39.82 -36.37
C TYR E 174 15.57 40.86 -37.28
N SER E 175 16.87 41.04 -37.09
CA SER E 175 17.68 41.86 -37.96
C SER E 175 18.99 41.14 -38.24
N LEU E 176 19.48 41.27 -39.46
CA LEU E 176 20.64 40.50 -39.90
C LEU E 176 21.54 41.41 -40.71
N SER E 177 22.85 41.28 -40.48
CA SER E 177 23.84 42.03 -41.23
C SER E 177 24.78 41.05 -41.91
N SER E 178 24.82 41.08 -43.23
CA SER E 178 25.82 40.36 -44.00
C SER E 178 26.92 41.32 -44.41
N THR E 179 28.17 40.88 -44.29
CA THR E 179 29.33 41.74 -44.51
C THR E 179 30.24 41.11 -45.55
N LEU E 180 30.42 41.78 -46.68
CA LEU E 180 31.27 41.33 -47.77
C LEU E 180 32.63 42.01 -47.66
N THR E 181 33.70 41.22 -47.55
CA THR E 181 35.03 41.75 -47.28
C THR E 181 35.95 41.42 -48.44
N LEU E 182 36.37 42.47 -49.17
CA LEU E 182 37.22 42.34 -50.34
C LEU E 182 38.49 43.17 -50.17
N SER E 183 39.54 42.76 -50.88
CA SER E 183 40.73 43.60 -50.97
C SER E 183 40.43 44.83 -51.84
N LYS E 184 41.20 45.89 -51.62
CA LYS E 184 40.96 47.12 -52.38
C LYS E 184 41.09 46.87 -53.88
N ALA E 185 41.99 45.97 -54.28
CA ALA E 185 42.13 45.63 -55.69
C ALA E 185 40.84 45.00 -56.22
N ASP E 186 40.33 43.99 -55.51
CA ASP E 186 39.16 43.27 -55.98
C ASP E 186 37.91 44.15 -55.98
N TYR E 187 37.81 45.10 -55.05
CA TYR E 187 36.62 45.95 -55.04
C TYR E 187 36.67 47.02 -56.13
N GLU E 188 37.86 47.40 -56.60
CA GLU E 188 37.97 48.36 -57.69
C GLU E 188 37.91 47.72 -59.07
N LYS E 189 38.14 46.42 -59.17
CA LYS E 189 38.13 45.74 -60.47
C LYS E 189 36.73 45.40 -60.97
N HIS E 190 35.69 45.78 -60.23
CA HIS E 190 34.32 45.43 -60.58
C HIS E 190 33.41 46.63 -60.43
N LYS E 191 32.17 46.48 -60.91
CA LYS E 191 31.22 47.58 -60.98
C LYS E 191 30.00 47.36 -60.09
N VAL E 192 29.18 46.35 -60.38
CA VAL E 192 27.89 46.18 -59.73
C VAL E 192 28.05 45.36 -58.45
N TYR E 193 27.60 45.92 -57.32
CA TYR E 193 27.63 45.23 -56.04
C TYR E 193 26.19 45.11 -55.57
N ALA E 194 25.68 43.89 -55.56
CA ALA E 194 24.26 43.62 -55.33
C ALA E 194 24.07 42.65 -54.19
N CYS E 195 23.04 42.89 -53.39
CA CYS E 195 22.67 42.04 -52.27
C CYS E 195 21.29 41.48 -52.52
N GLU E 196 21.20 40.15 -52.67
CA GLU E 196 19.96 39.46 -52.98
C GLU E 196 19.42 38.82 -51.71
N VAL E 197 18.15 39.05 -51.42
CA VAL E 197 17.53 38.62 -50.16
C VAL E 197 16.28 37.83 -50.49
N THR E 198 16.23 36.58 -50.03
CA THR E 198 15.05 35.74 -50.10
C THR E 198 14.48 35.55 -48.69
N HIS E 199 13.14 35.50 -48.60
CA HIS E 199 12.45 35.40 -47.32
C HIS E 199 11.00 35.03 -47.58
N GLN E 200 10.42 34.26 -46.64
CA GLN E 200 9.04 33.84 -46.78
C GLN E 200 8.09 35.04 -46.90
N GLY E 201 8.46 36.17 -46.30
CA GLY E 201 7.62 37.36 -46.36
C GLY E 201 7.58 38.02 -47.72
N LEU E 202 8.57 37.75 -48.56
CA LEU E 202 8.64 38.34 -49.90
C LEU E 202 8.19 37.31 -50.93
N SER E 203 7.20 37.68 -51.74
CA SER E 203 6.71 36.78 -52.77
C SER E 203 7.83 36.34 -53.71
N SER E 204 8.71 37.27 -54.08
CA SER E 204 9.85 37.03 -54.94
C SER E 204 11.06 37.76 -54.36
N PRO E 205 12.28 37.29 -54.64
CA PRO E 205 13.45 37.85 -53.97
C PRO E 205 13.63 39.34 -54.23
N VAL E 206 14.30 40.01 -53.29
CA VAL E 206 14.54 41.44 -53.34
C VAL E 206 16.04 41.67 -53.46
N THR E 207 16.44 42.57 -54.36
CA THR E 207 17.85 42.86 -54.61
C THR E 207 18.08 44.35 -54.51
N LYS E 208 19.02 44.74 -53.64
CA LYS E 208 19.49 46.11 -53.54
C LYS E 208 20.95 46.18 -53.99
N SER E 209 21.23 47.07 -54.92
CA SER E 209 22.54 47.14 -55.55
C SER E 209 22.96 48.59 -55.74
N PHE E 210 24.26 48.79 -55.92
CA PHE E 210 24.81 50.09 -56.25
C PHE E 210 25.99 49.87 -57.19
N ASN E 211 26.34 50.93 -57.91
CA ASN E 211 27.57 50.95 -58.69
C ASN E 211 28.67 51.63 -57.88
N ARG E 212 29.91 51.25 -58.15
CA ARG E 212 31.03 51.73 -57.35
C ARG E 212 31.23 53.24 -57.51
N GLY E 213 31.03 53.77 -58.71
CA GLY E 213 31.11 55.20 -58.93
C GLY E 213 30.06 56.01 -58.18
N GLN F 1 -34.94 9.72 -4.19
CA GLN F 1 -34.21 9.93 -5.44
C GLN F 1 -34.14 11.40 -5.80
N VAL F 2 -32.98 11.84 -6.26
CA VAL F 2 -32.80 13.23 -6.70
C VAL F 2 -33.53 13.43 -8.02
N GLN F 3 -34.44 14.40 -8.05
CA GLN F 3 -35.21 14.71 -9.25
C GLN F 3 -35.23 16.21 -9.47
N LEU F 4 -35.00 16.61 -10.72
CA LEU F 4 -35.18 17.99 -11.15
C LEU F 4 -36.46 18.07 -11.98
N VAL F 5 -37.33 19.01 -11.62
CA VAL F 5 -38.59 19.22 -12.31
C VAL F 5 -38.67 20.69 -12.74
N GLN F 6 -38.92 20.92 -14.02
CA GLN F 6 -38.95 22.26 -14.58
C GLN F 6 -40.40 22.73 -14.73
N SER F 7 -40.55 23.94 -15.24
CA SER F 7 -41.87 24.50 -15.48
C SER F 7 -42.45 23.95 -16.77
N GLY F 8 -43.75 24.20 -16.97
CA GLY F 8 -44.41 23.76 -18.18
C GLY F 8 -43.97 24.56 -19.38
N ALA F 9 -44.39 24.06 -20.56
CA ALA F 9 -44.08 24.73 -21.82
C ALA F 9 -44.71 26.12 -21.85
N GLU F 10 -44.03 27.04 -22.54
CA GLU F 10 -44.43 28.43 -22.63
C GLU F 10 -44.49 28.84 -24.09
N VAL F 11 -45.44 29.71 -24.42
CA VAL F 11 -45.48 30.38 -25.71
C VAL F 11 -45.39 31.87 -25.44
N LYS F 12 -44.34 32.51 -25.96
CA LYS F 12 -44.09 33.92 -25.73
C LYS F 12 -44.05 34.66 -27.06
N LYS F 13 -44.59 35.88 -27.05
CA LYS F 13 -44.56 36.72 -28.23
C LYS F 13 -43.14 37.27 -28.46
N PRO F 14 -42.82 37.65 -29.68
CA PRO F 14 -41.51 38.27 -29.93
C PRO F 14 -41.30 39.50 -29.06
N GLY F 15 -40.15 39.56 -28.41
CA GLY F 15 -39.79 40.70 -27.57
C GLY F 15 -40.15 40.55 -26.10
N ALA F 16 -40.93 39.54 -25.73
CA ALA F 16 -41.35 39.38 -24.35
C ALA F 16 -40.21 38.88 -23.46
N THR F 17 -40.56 38.38 -22.28
CA THR F 17 -39.59 37.83 -21.34
C THR F 17 -40.18 36.54 -20.77
N VAL F 18 -39.39 35.46 -20.79
CA VAL F 18 -39.83 34.15 -20.33
C VAL F 18 -39.05 33.77 -19.07
N LYS F 19 -39.75 33.17 -18.11
CA LYS F 19 -39.17 32.68 -16.88
C LYS F 19 -39.45 31.19 -16.77
N VAL F 20 -38.40 30.39 -16.67
CA VAL F 20 -38.50 28.94 -16.57
C VAL F 20 -37.90 28.49 -15.25
N SER F 21 -38.61 27.62 -14.55
CA SER F 21 -38.20 27.19 -13.22
C SER F 21 -37.48 25.85 -13.25
N CYS F 22 -36.78 25.55 -12.16
CA CYS F 22 -36.13 24.26 -11.97
C CYS F 22 -36.20 23.92 -10.48
N LYS F 23 -37.16 23.08 -10.10
CA LYS F 23 -37.35 22.69 -8.72
C LYS F 23 -36.53 21.45 -8.42
N ILE F 24 -35.69 21.53 -7.39
CA ILE F 24 -34.85 20.41 -6.95
C ILE F 24 -35.53 19.74 -5.77
N SER F 25 -35.66 18.42 -5.83
CA SER F 25 -36.23 17.63 -4.75
C SER F 25 -35.33 16.42 -4.49
N GLY F 26 -35.17 16.08 -3.22
CA GLY F 26 -34.23 15.06 -2.85
C GLY F 26 -32.78 15.50 -2.80
N HIS F 27 -32.52 16.81 -2.88
CA HIS F 27 -31.17 17.35 -2.78
C HIS F 27 -31.27 18.81 -2.38
N THR F 28 -30.21 19.30 -1.75
CA THR F 28 -30.15 20.68 -1.29
C THR F 28 -29.52 21.57 -2.35
N LEU F 29 -29.99 22.82 -2.42
CA LEU F 29 -29.50 23.72 -3.45
C LEU F 29 -28.09 24.20 -3.17
N ILE F 30 -27.69 24.26 -1.90
CA ILE F 30 -26.37 24.79 -1.56
C ILE F 30 -25.25 23.82 -1.89
N LYS F 31 -25.56 22.55 -2.17
CA LYS F 31 -24.55 21.55 -2.49
C LYS F 31 -24.53 21.17 -3.96
N LEU F 32 -25.24 21.93 -4.81
CA LEU F 32 -25.46 21.53 -6.19
C LEU F 32 -25.02 22.64 -7.15
N SER F 33 -24.58 22.20 -8.32
CA SER F 33 -24.41 23.07 -9.48
C SER F 33 -25.67 22.97 -10.33
N ILE F 34 -26.19 24.11 -10.77
CA ILE F 34 -27.38 24.15 -11.61
C ILE F 34 -27.11 25.11 -12.76
N HIS F 35 -27.17 24.61 -13.99
CA HIS F 35 -26.91 25.41 -15.17
C HIS F 35 -28.03 25.23 -16.19
N TRP F 36 -28.17 26.23 -17.04
CA TRP F 36 -29.18 26.23 -18.11
C TRP F 36 -28.50 25.95 -19.45
N VAL F 37 -28.91 24.86 -20.08
CA VAL F 37 -28.38 24.43 -21.36
C VAL F 37 -29.56 24.33 -22.33
N ARG F 38 -29.58 25.17 -23.35
CA ARG F 38 -30.68 25.18 -24.30
C ARG F 38 -30.30 24.45 -25.58
N GLN F 39 -31.33 24.06 -26.34
CA GLN F 39 -31.14 23.28 -27.56
C GLN F 39 -32.23 23.68 -28.54
N ALA F 40 -31.84 24.44 -29.57
CA ALA F 40 -32.77 24.76 -30.65
C ALA F 40 -33.23 23.48 -31.34
N PRO F 41 -34.37 23.51 -32.03
CA PRO F 41 -34.89 22.28 -32.64
C PRO F 41 -33.90 21.69 -33.64
N GLY F 42 -33.70 20.37 -33.52
CA GLY F 42 -32.83 19.62 -34.41
C GLY F 42 -31.36 20.00 -34.38
N LYS F 43 -30.94 20.87 -33.47
CA LYS F 43 -29.55 21.32 -33.43
C LYS F 43 -28.93 20.90 -32.09
N GLY F 44 -27.70 21.37 -31.84
CA GLY F 44 -26.93 20.93 -30.69
C GLY F 44 -27.22 21.71 -29.43
N LEU F 45 -26.45 21.37 -28.37
CA LEU F 45 -26.58 21.99 -27.07
C LEU F 45 -25.81 23.30 -27.03
N GLU F 46 -26.34 24.28 -26.29
CA GLU F 46 -25.68 25.56 -26.12
C GLU F 46 -25.81 25.99 -24.67
N TRP F 47 -24.67 26.22 -24.02
CA TRP F 47 -24.67 26.68 -22.65
C TRP F 47 -25.09 28.14 -22.56
N MET F 48 -25.88 28.47 -21.55
CA MET F 48 -26.30 29.85 -21.29
C MET F 48 -25.78 30.41 -19.98
N GLY F 49 -25.61 29.59 -18.96
CA GLY F 49 -25.20 30.08 -17.66
C GLY F 49 -25.75 29.18 -16.58
N GLY F 50 -25.45 29.55 -15.34
CA GLY F 50 -25.91 28.75 -14.23
C GLY F 50 -25.47 29.30 -12.89
N TYR F 51 -25.67 28.48 -11.86
CA TYR F 51 -25.45 28.83 -10.46
C TYR F 51 -24.66 27.73 -9.77
N GLU F 52 -23.63 28.12 -9.03
CA GLU F 52 -22.80 27.19 -8.27
C GLU F 52 -23.09 27.39 -6.79
N GLY F 53 -23.64 26.37 -6.15
CA GLY F 53 -24.05 26.50 -4.76
C GLY F 53 -22.90 26.58 -3.78
N GLU F 54 -21.76 25.96 -4.12
CA GLU F 54 -20.63 25.96 -3.19
C GLU F 54 -20.06 27.37 -3.00
N VAL F 55 -19.98 28.15 -4.09
CA VAL F 55 -19.46 29.51 -4.01
C VAL F 55 -20.59 30.55 -3.96
N ASP F 56 -21.83 30.14 -4.20
CA ASP F 56 -22.96 31.06 -4.35
C ASP F 56 -22.64 32.16 -5.37
N GLU F 57 -22.19 31.74 -6.54
CA GLU F 57 -21.85 32.64 -7.62
C GLU F 57 -22.52 32.17 -8.90
N ILE F 58 -23.02 33.14 -9.67
CA ILE F 58 -23.80 32.88 -10.86
C ILE F 58 -22.99 33.32 -12.08
N PHE F 59 -23.00 32.50 -13.12
CA PHE F 59 -22.22 32.78 -14.31
C PHE F 59 -23.11 32.73 -15.54
N TYR F 60 -22.74 33.55 -16.52
CA TYR F 60 -23.47 33.67 -17.77
C TYR F 60 -22.50 33.44 -18.93
N ALA F 61 -23.02 32.95 -20.04
CA ALA F 61 -22.24 32.89 -21.27
C ALA F 61 -22.22 34.26 -21.92
N GLN F 62 -21.07 34.65 -22.48
CA GLN F 62 -20.94 35.97 -23.07
C GLN F 62 -22.05 36.28 -24.08
N LYS F 63 -22.67 35.24 -24.64
CA LYS F 63 -23.72 35.47 -25.61
C LYS F 63 -24.99 36.03 -24.97
N PHE F 64 -25.18 35.81 -23.67
CA PHE F 64 -26.47 36.09 -23.04
C PHE F 64 -26.38 37.02 -21.83
N GLN F 65 -25.19 37.50 -21.46
CA GLN F 65 -25.05 38.24 -20.21
C GLN F 65 -25.98 39.45 -20.16
N HIS F 66 -26.14 40.15 -21.28
CA HIS F 66 -26.92 41.38 -21.30
C HIS F 66 -28.42 41.14 -21.14
N ARG F 67 -28.92 39.92 -21.45
CA ARG F 67 -30.35 39.70 -21.46
C ARG F 67 -30.77 38.37 -20.83
N LEU F 68 -29.94 37.79 -19.96
CA LEU F 68 -30.28 36.57 -19.25
C LEU F 68 -30.06 36.77 -17.76
N THR F 69 -30.96 36.20 -16.95
CA THR F 69 -30.92 36.37 -15.50
C THR F 69 -31.12 35.02 -14.83
N VAL F 70 -30.22 34.66 -13.93
CA VAL F 70 -30.36 33.46 -13.11
C VAL F 70 -30.55 33.91 -11.66
N ILE F 71 -31.55 33.33 -10.99
CA ILE F 71 -31.81 33.59 -9.59
C ILE F 71 -31.92 32.26 -8.86
N ALA F 72 -31.14 32.10 -7.80
CA ALA F 72 -31.14 30.89 -6.98
C ALA F 72 -31.81 31.21 -5.65
N ASP F 73 -32.80 30.42 -5.30
CA ASP F 73 -33.53 30.57 -4.05
C ASP F 73 -33.19 29.39 -3.17
N THR F 74 -32.19 29.58 -2.29
CA THR F 74 -31.80 28.50 -1.39
C THR F 74 -32.92 28.13 -0.43
N ALA F 75 -33.91 29.01 -0.26
CA ALA F 75 -34.98 28.74 0.69
C ALA F 75 -36.07 27.86 0.08
N THR F 76 -36.38 28.05 -1.20
CA THR F 76 -37.36 27.23 -1.91
C THR F 76 -36.71 26.20 -2.83
N ASP F 77 -35.37 26.05 -2.76
CA ASP F 77 -34.64 25.03 -3.54
C ASP F 77 -34.96 25.14 -5.03
N THR F 78 -35.20 26.35 -5.51
CA THR F 78 -35.61 26.59 -6.89
C THR F 78 -34.66 27.56 -7.55
N VAL F 79 -34.29 27.25 -8.80
CA VAL F 79 -33.45 28.10 -9.63
C VAL F 79 -34.23 28.46 -10.88
N TYR F 80 -34.27 29.74 -11.21
CA TYR F 80 -34.98 30.23 -12.39
C TYR F 80 -33.98 30.79 -13.39
N MET F 81 -34.37 30.77 -14.66
CA MET F 81 -33.72 31.54 -15.71
C MET F 81 -34.73 32.54 -16.26
N GLU F 82 -34.25 33.74 -16.57
CA GLU F 82 -35.09 34.82 -17.08
C GLU F 82 -34.44 35.39 -18.34
N LEU F 83 -35.01 35.05 -19.50
CA LEU F 83 -34.52 35.53 -20.79
C LEU F 83 -35.55 36.49 -21.38
N GLY F 84 -35.09 37.69 -21.73
CA GLY F 84 -35.93 38.68 -22.38
C GLY F 84 -35.53 38.91 -23.82
N ARG F 85 -36.23 39.85 -24.46
CA ARG F 85 -35.97 40.23 -25.84
C ARG F 85 -35.92 38.97 -26.72
N LEU F 86 -37.01 38.20 -26.66
CA LEU F 86 -37.07 36.93 -27.36
C LEU F 86 -37.32 37.14 -28.85
N THR F 87 -36.57 36.40 -29.66
CA THR F 87 -36.80 36.29 -31.09
C THR F 87 -36.95 34.81 -31.43
N SER F 88 -37.09 34.52 -32.73
CA SER F 88 -37.35 33.15 -33.14
C SER F 88 -36.16 32.23 -32.87
N ASP F 89 -34.94 32.78 -32.87
CA ASP F 89 -33.78 31.95 -32.57
C ASP F 89 -33.78 31.43 -31.13
N ASP F 90 -34.59 32.03 -30.26
CA ASP F 90 -34.65 31.57 -28.88
C ASP F 90 -35.55 30.36 -28.71
N THR F 91 -36.38 30.05 -29.71
CA THR F 91 -37.22 28.86 -29.67
C THR F 91 -36.37 27.62 -29.47
N ALA F 92 -36.46 27.01 -28.30
CA ALA F 92 -35.59 25.89 -27.95
C ALA F 92 -36.18 25.17 -26.74
N VAL F 93 -35.62 24.00 -26.46
CA VAL F 93 -35.84 23.30 -25.21
C VAL F 93 -34.76 23.73 -24.24
N TYR F 94 -35.16 24.07 -23.01
CA TYR F 94 -34.25 24.60 -22.01
C TYR F 94 -34.12 23.59 -20.87
N PHE F 95 -32.89 23.19 -20.56
CA PHE F 95 -32.60 22.17 -19.58
C PHE F 95 -31.84 22.78 -18.40
N CYS F 96 -32.17 22.34 -17.19
CA CYS F 96 -31.34 22.64 -16.04
C CYS F 96 -30.56 21.39 -15.67
N GLY F 97 -29.23 21.52 -15.61
CA GLY F 97 -28.36 20.38 -15.46
C GLY F 97 -27.18 20.71 -14.58
N THR F 98 -26.71 19.68 -13.87
CA THR F 98 -25.66 19.83 -12.86
C THR F 98 -24.28 19.68 -13.50
N LEU F 99 -23.90 20.70 -14.27
CA LEU F 99 -22.67 20.63 -15.07
C LEU F 99 -21.39 20.76 -14.25
N GLY F 100 -21.43 21.39 -13.08
CA GLY F 100 -20.21 21.73 -12.38
C GLY F 100 -19.45 20.50 -11.90
N VAL F 101 -18.12 20.55 -12.06
CA VAL F 101 -17.21 19.56 -11.51
C VAL F 101 -16.43 20.21 -10.38
N THR F 102 -16.28 19.51 -9.26
CA THR F 102 -15.39 19.93 -8.20
C THR F 102 -14.12 19.09 -8.26
N VAL F 103 -12.98 19.73 -8.00
CA VAL F 103 -11.66 19.11 -8.14
C VAL F 103 -10.87 19.39 -6.88
N THR F 104 -10.47 18.33 -6.17
CA THR F 104 -9.56 18.42 -5.04
C THR F 104 -8.36 17.51 -5.29
N GLU F 105 -7.45 17.46 -4.32
CA GLU F 105 -6.20 16.73 -4.56
C GLU F 105 -6.43 15.22 -4.62
N ALA F 106 -7.42 14.70 -3.89
CA ALA F 106 -7.66 13.26 -3.91
C ALA F 106 -8.27 12.81 -5.23
N GLY F 107 -8.96 13.69 -5.93
CA GLY F 107 -9.59 13.36 -7.19
C GLY F 107 -10.60 14.43 -7.56
N LEU F 108 -11.68 13.99 -8.21
CA LEU F 108 -12.71 14.93 -8.60
C LEU F 108 -14.05 14.19 -8.69
N GLY F 109 -15.13 14.95 -8.51
CA GLY F 109 -16.46 14.40 -8.51
C GLY F 109 -17.42 15.30 -9.25
N ILE F 110 -18.58 14.73 -9.58
CA ILE F 110 -19.57 15.41 -10.41
C ILE F 110 -20.94 14.83 -10.13
N ASP F 111 -21.94 15.70 -10.15
CA ASP F 111 -23.34 15.30 -10.11
C ASP F 111 -23.91 15.35 -11.53
N ASP F 112 -24.82 14.43 -11.85
CA ASP F 112 -25.38 14.33 -13.20
C ASP F 112 -26.92 14.27 -13.11
N TYR F 113 -27.52 15.37 -12.66
CA TYR F 113 -28.96 15.45 -12.46
C TYR F 113 -29.51 16.52 -13.40
N TRP F 114 -30.52 16.15 -14.18
CA TRP F 114 -31.12 17.03 -15.18
C TRP F 114 -32.62 17.11 -14.99
N GLY F 115 -33.20 18.22 -15.45
CA GLY F 115 -34.63 18.31 -15.61
C GLY F 115 -35.08 17.61 -16.88
N GLN F 116 -36.35 17.80 -17.22
CA GLN F 116 -36.94 17.18 -18.40
C GLN F 116 -36.95 18.11 -19.61
N GLY F 117 -36.56 19.36 -19.43
CA GLY F 117 -36.61 20.32 -20.52
C GLY F 117 -37.93 21.06 -20.57
N THR F 118 -37.85 22.32 -20.98
CA THR F 118 -39.01 23.20 -21.12
C THR F 118 -38.99 23.79 -22.52
N LEU F 119 -40.06 23.57 -23.28
CA LEU F 119 -40.18 24.09 -24.64
C LEU F 119 -40.64 25.54 -24.58
N VAL F 120 -39.86 26.44 -25.18
CA VAL F 120 -40.21 27.85 -25.26
C VAL F 120 -40.40 28.16 -26.74
N THR F 121 -41.65 28.32 -27.17
CA THR F 121 -41.98 28.57 -28.58
C THR F 121 -42.27 30.05 -28.76
N VAL F 122 -41.48 30.70 -29.60
CA VAL F 122 -41.59 32.14 -29.84
C VAL F 122 -42.28 32.36 -31.18
N SER F 123 -43.47 32.99 -31.14
CA SER F 123 -44.19 33.38 -32.34
C SER F 123 -45.36 34.28 -31.96
N SER F 124 -45.64 35.26 -32.81
CA SER F 124 -46.83 36.11 -32.66
C SER F 124 -47.98 35.47 -33.42
N ALA F 125 -48.45 34.34 -32.88
CA ALA F 125 -49.45 33.54 -33.55
C ALA F 125 -50.47 33.04 -32.53
N SER F 126 -51.69 32.84 -33.00
CA SER F 126 -52.77 32.21 -32.24
C SER F 126 -53.05 30.84 -32.83
N THR F 127 -53.92 30.09 -32.14
CA THR F 127 -54.27 28.75 -32.60
C THR F 127 -54.92 28.83 -33.97
N LYS F 128 -54.37 28.09 -34.94
CA LYS F 128 -54.84 28.13 -36.31
C LYS F 128 -54.74 26.74 -36.93
N GLY F 129 -55.78 26.36 -37.67
CA GLY F 129 -55.79 25.10 -38.37
C GLY F 129 -54.94 25.12 -39.63
N PRO F 130 -54.50 23.94 -40.07
CA PRO F 130 -53.61 23.86 -41.23
C PRO F 130 -54.34 23.86 -42.57
N SER F 131 -53.61 24.30 -43.60
CA SER F 131 -54.00 24.15 -44.99
C SER F 131 -53.23 22.98 -45.58
N VAL F 132 -53.93 22.11 -46.31
CA VAL F 132 -53.33 20.91 -46.89
C VAL F 132 -53.40 21.02 -48.41
N PHE F 133 -52.23 21.03 -49.05
CA PHE F 133 -52.11 21.12 -50.51
C PHE F 133 -51.51 19.85 -51.09
N PRO F 134 -51.91 19.46 -52.30
CA PRO F 134 -51.43 18.20 -52.87
C PRO F 134 -50.09 18.30 -53.59
N LEU F 135 -49.15 17.40 -53.27
CA LEU F 135 -47.91 17.25 -54.02
C LEU F 135 -48.15 16.13 -55.04
N ALA F 136 -48.50 16.52 -56.28
CA ALA F 136 -49.01 15.59 -57.26
C ALA F 136 -47.87 14.81 -57.92
N PRO F 137 -48.05 13.51 -58.13
CA PRO F 137 -47.01 12.69 -58.75
C PRO F 137 -46.96 12.90 -60.28
N SER F 138 -46.01 12.21 -60.90
CA SER F 138 -45.85 12.28 -62.36
C SER F 138 -45.82 10.89 -62.98
N GLY F 144 -39.23 6.24 -62.84
CA GLY F 144 -39.49 5.22 -63.86
C GLY F 144 -40.60 4.25 -63.50
N GLY F 145 -40.31 3.35 -62.58
CA GLY F 145 -41.26 2.33 -62.18
C GLY F 145 -41.98 2.61 -60.88
N THR F 146 -41.36 3.41 -60.01
CA THR F 146 -41.95 3.80 -58.74
C THR F 146 -42.15 5.31 -58.72
N ALA F 147 -43.32 5.74 -58.24
CA ALA F 147 -43.67 7.15 -58.14
C ALA F 147 -43.78 7.55 -56.68
N ALA F 148 -43.88 8.86 -56.45
CA ALA F 148 -43.98 9.41 -55.11
C ALA F 148 -45.04 10.50 -55.07
N LEU F 149 -45.75 10.57 -53.95
CA LEU F 149 -46.82 11.56 -53.80
C LEU F 149 -46.91 11.96 -52.33
N GLY F 150 -47.51 13.11 -52.08
CA GLY F 150 -47.55 13.62 -50.73
C GLY F 150 -48.52 14.76 -50.55
N CYS F 151 -48.54 15.27 -49.31
CA CYS F 151 -49.38 16.39 -48.89
C CYS F 151 -48.51 17.43 -48.19
N LEU F 152 -48.82 18.70 -48.43
CA LEU F 152 -48.11 19.82 -47.80
C LEU F 152 -49.02 20.43 -46.74
N VAL F 153 -48.69 20.22 -45.47
CA VAL F 153 -49.45 20.73 -44.34
C VAL F 153 -48.78 22.03 -43.92
N LYS F 154 -49.28 23.15 -44.44
CA LYS F 154 -48.65 24.44 -44.29
C LYS F 154 -49.46 25.34 -43.36
N ASP F 155 -48.74 26.11 -42.53
CA ASP F 155 -49.32 27.23 -41.78
C ASP F 155 -50.32 26.80 -40.72
N TYR F 156 -49.87 26.08 -39.70
CA TYR F 156 -50.72 25.73 -38.56
C TYR F 156 -49.98 26.04 -37.26
N PHE F 157 -50.72 25.95 -36.15
CA PHE F 157 -50.19 26.23 -34.81
C PHE F 157 -51.24 25.87 -33.77
N PRO F 158 -50.84 25.31 -32.61
CA PRO F 158 -49.50 24.82 -32.27
C PRO F 158 -49.32 23.36 -32.64
N GLU F 159 -48.22 22.75 -32.20
CA GLU F 159 -48.03 21.33 -32.41
C GLU F 159 -49.02 20.53 -31.57
N PRO F 160 -49.31 19.28 -31.96
CA PRO F 160 -48.86 18.55 -33.14
C PRO F 160 -49.96 18.36 -34.18
N VAL F 161 -49.59 17.82 -35.34
CA VAL F 161 -50.56 17.31 -36.30
C VAL F 161 -50.24 15.85 -36.57
N THR F 162 -51.24 15.11 -37.04
CA THR F 162 -51.08 13.72 -37.43
C THR F 162 -51.51 13.57 -38.89
N VAL F 163 -50.79 12.71 -39.62
CA VAL F 163 -51.09 12.42 -41.02
C VAL F 163 -51.12 10.91 -41.21
N SER F 164 -52.21 10.40 -41.76
CA SER F 164 -52.35 9.01 -42.17
C SER F 164 -52.81 8.99 -43.62
N TRP F 165 -52.68 7.83 -44.25
CA TRP F 165 -52.99 7.68 -45.67
C TRP F 165 -54.09 6.64 -45.87
N ASN F 166 -55.10 7.01 -46.64
CA ASN F 166 -56.25 6.13 -46.91
C ASN F 166 -56.83 5.60 -45.60
N SER F 167 -56.96 6.51 -44.64
CA SER F 167 -57.52 6.24 -43.31
C SER F 167 -56.73 5.16 -42.57
N GLY F 168 -55.42 5.07 -42.84
CA GLY F 168 -54.53 4.18 -42.15
C GLY F 168 -54.23 2.88 -42.88
N ALA F 169 -55.00 2.54 -43.92
CA ALA F 169 -54.74 1.33 -44.66
C ALA F 169 -53.34 1.32 -45.25
N LEU F 170 -52.84 2.49 -45.64
CA LEU F 170 -51.54 2.62 -46.30
C LEU F 170 -50.53 3.16 -45.30
N THR F 171 -49.61 2.29 -44.87
CA THR F 171 -48.51 2.67 -43.99
C THR F 171 -47.13 2.41 -44.59
N SER F 172 -47.02 1.50 -45.54
CA SER F 172 -45.72 1.14 -46.11
C SER F 172 -45.17 2.29 -46.95
N GLY F 173 -43.91 2.67 -46.68
CA GLY F 173 -43.25 3.69 -47.45
C GLY F 173 -43.67 5.11 -47.12
N VAL F 174 -44.40 5.32 -46.04
CA VAL F 174 -44.88 6.64 -45.65
C VAL F 174 -43.83 7.33 -44.80
N HIS F 175 -43.33 8.47 -45.27
CA HIS F 175 -42.41 9.32 -44.51
C HIS F 175 -43.12 10.63 -44.20
N THR F 176 -43.29 10.91 -42.91
CA THR F 176 -43.92 12.15 -42.44
C THR F 176 -42.85 13.01 -41.79
N PHE F 177 -42.44 14.07 -42.48
CA PHE F 177 -41.31 14.86 -42.04
C PHE F 177 -41.65 15.65 -40.78
N PRO F 178 -40.68 15.84 -39.88
CA PRO F 178 -40.90 16.71 -38.74
C PRO F 178 -41.20 18.13 -39.18
N ALA F 179 -42.10 18.78 -38.46
CA ALA F 179 -42.53 20.12 -38.83
C ALA F 179 -41.41 21.13 -38.63
N VAL F 180 -41.44 22.18 -39.45
CA VAL F 180 -40.55 23.31 -39.29
C VAL F 180 -41.40 24.52 -38.93
N LEU F 181 -40.94 25.29 -37.94
CA LEU F 181 -41.57 26.55 -37.61
C LEU F 181 -41.09 27.60 -38.61
N GLN F 182 -42.00 28.09 -39.45
CA GLN F 182 -41.60 29.02 -40.49
C GLN F 182 -41.33 30.40 -39.90
N SER F 183 -40.72 31.25 -40.73
CA SER F 183 -40.42 32.61 -40.31
C SER F 183 -41.67 33.39 -39.95
N SER F 184 -42.80 33.04 -40.58
CA SER F 184 -44.07 33.73 -40.32
C SER F 184 -44.62 33.42 -38.93
N GLY F 185 -44.19 32.34 -38.31
CA GLY F 185 -44.66 31.95 -37.00
C GLY F 185 -45.54 30.72 -36.97
N LEU F 186 -45.83 30.16 -38.14
CA LEU F 186 -46.69 28.99 -38.24
C LEU F 186 -45.89 27.78 -38.70
N TYR F 187 -46.38 26.60 -38.31
CA TYR F 187 -45.70 25.35 -38.62
C TYR F 187 -46.02 24.90 -40.05
N SER F 188 -45.14 24.04 -40.57
CA SER F 188 -45.28 23.59 -41.95
C SER F 188 -44.48 22.30 -42.13
N LEU F 189 -45.15 21.22 -42.52
CA LEU F 189 -44.48 19.96 -42.78
C LEU F 189 -45.05 19.32 -44.03
N SER F 190 -44.32 18.31 -44.52
CA SER F 190 -44.76 17.49 -45.63
C SER F 190 -44.78 16.03 -45.20
N SER F 191 -45.70 15.26 -45.78
CA SER F 191 -45.78 13.82 -45.59
C SER F 191 -45.92 13.17 -46.96
N VAL F 192 -45.04 12.21 -47.26
CA VAL F 192 -44.96 11.63 -48.59
C VAL F 192 -45.00 10.11 -48.50
N VAL F 193 -45.25 9.49 -49.65
CA VAL F 193 -45.23 8.03 -49.80
C VAL F 193 -44.83 7.70 -51.22
N THR F 194 -44.09 6.61 -51.38
CA THR F 194 -43.75 6.08 -52.69
C THR F 194 -44.66 4.90 -53.00
N VAL F 195 -45.28 4.93 -54.18
CA VAL F 195 -46.26 3.93 -54.57
C VAL F 195 -45.90 3.39 -55.94
N PRO F 196 -46.34 2.18 -56.27
CA PRO F 196 -46.13 1.68 -57.63
C PRO F 196 -46.81 2.60 -58.66
N SER F 197 -46.05 2.94 -59.71
CA SER F 197 -46.58 3.85 -60.72
C SER F 197 -47.79 3.25 -61.44
N SER F 198 -47.84 1.93 -61.59
CA SER F 198 -48.98 1.30 -62.24
C SER F 198 -50.27 1.50 -61.46
N SER F 199 -50.17 1.77 -60.16
CA SER F 199 -51.36 1.95 -59.33
C SER F 199 -51.88 3.37 -59.31
N LEU F 200 -51.16 4.31 -59.91
CA LEU F 200 -51.59 5.71 -59.91
C LEU F 200 -52.96 5.88 -60.57
N GLY F 201 -53.23 5.08 -61.61
CA GLY F 201 -54.51 5.16 -62.27
C GLY F 201 -55.64 4.42 -61.58
N THR F 202 -55.32 3.57 -60.61
CA THR F 202 -56.31 2.71 -59.98
C THR F 202 -56.56 3.07 -58.52
N GLN F 203 -55.51 3.09 -57.69
CA GLN F 203 -55.70 3.25 -56.26
C GLN F 203 -55.87 4.73 -55.90
N THR F 204 -56.87 5.01 -55.07
CA THR F 204 -57.10 6.36 -54.59
C THR F 204 -56.18 6.66 -53.41
N TYR F 205 -55.53 7.81 -53.44
CA TYR F 205 -54.64 8.23 -52.36
C TYR F 205 -55.18 9.49 -51.70
N ILE F 206 -55.56 9.37 -50.42
CA ILE F 206 -56.09 10.49 -49.65
C ILE F 206 -55.31 10.56 -48.35
N CYS F 207 -54.82 11.75 -48.02
CA CYS F 207 -54.12 11.99 -46.77
C CYS F 207 -55.09 12.59 -45.76
N ASN F 208 -55.14 12.00 -44.57
CA ASN F 208 -55.98 12.49 -43.48
C ASN F 208 -55.11 13.26 -42.51
N VAL F 209 -55.37 14.56 -42.39
CA VAL F 209 -54.63 15.44 -41.50
C VAL F 209 -55.52 15.80 -40.33
N ASN F 210 -55.02 15.60 -39.11
CA ASN F 210 -55.79 15.83 -37.89
C ASN F 210 -55.02 16.78 -36.99
N HIS F 211 -55.59 17.97 -36.75
CA HIS F 211 -55.00 19.01 -35.92
C HIS F 211 -55.96 19.24 -34.74
N LYS F 212 -55.80 18.44 -33.69
CA LYS F 212 -56.75 18.47 -32.58
C LYS F 212 -56.79 19.78 -31.78
N PRO F 213 -55.70 20.55 -31.63
CA PRO F 213 -55.83 21.83 -30.89
C PRO F 213 -56.89 22.75 -31.45
N SER F 214 -57.17 22.69 -32.75
CA SER F 214 -58.20 23.51 -33.36
C SER F 214 -59.42 22.72 -33.79
N ASN F 215 -59.49 21.43 -33.44
CA ASN F 215 -60.56 20.54 -33.87
C ASN F 215 -60.73 20.62 -35.39
N THR F 216 -59.61 20.57 -36.09
CA THR F 216 -59.55 20.76 -37.53
C THR F 216 -59.05 19.47 -38.17
N LYS F 217 -59.91 18.79 -38.92
CA LYS F 217 -59.53 17.61 -39.68
C LYS F 217 -59.78 17.88 -41.15
N VAL F 218 -58.79 17.57 -41.99
CA VAL F 218 -58.89 17.78 -43.43
C VAL F 218 -58.48 16.49 -44.14
N ASP F 219 -59.29 16.07 -45.10
CA ASP F 219 -58.99 14.90 -45.92
C ASP F 219 -58.79 15.38 -47.36
N LYS F 220 -57.55 15.33 -47.84
CA LYS F 220 -57.21 15.82 -49.17
C LYS F 220 -56.88 14.65 -50.09
N LYS F 221 -57.62 14.57 -51.19
CA LYS F 221 -57.41 13.56 -52.21
C LYS F 221 -56.30 13.99 -53.16
N VAL F 222 -55.36 13.09 -53.43
CA VAL F 222 -54.15 13.40 -54.18
C VAL F 222 -54.22 12.70 -55.53
N GLU F 223 -54.49 13.45 -56.58
CA GLU F 223 -54.56 12.97 -57.94
C GLU F 223 -53.31 13.35 -58.72
N PRO F 224 -52.98 12.61 -59.77
CA PRO F 224 -51.81 12.96 -60.59
C PRO F 224 -52.04 14.24 -61.38
N LYS F 225 -50.94 14.87 -61.78
CA LYS F 225 -50.98 16.15 -62.49
C LYS F 225 -50.82 15.97 -63.99
N SER F 226 -51.64 15.10 -64.60
CA SER F 226 -51.61 14.89 -66.04
C SER F 226 -52.59 15.81 -66.74
N GLU G 1 -15.17 31.96 -25.03
CA GLU G 1 -14.27 32.22 -26.16
C GLU G 1 -13.76 30.91 -26.75
N ILE G 2 -13.56 29.91 -25.89
CA ILE G 2 -13.07 28.62 -26.36
C ILE G 2 -14.04 28.05 -27.39
N VAL G 3 -13.50 27.59 -28.52
CA VAL G 3 -14.28 27.02 -29.60
C VAL G 3 -13.82 25.57 -29.78
N LEU G 4 -14.74 24.64 -29.55
CA LEU G 4 -14.46 23.22 -29.71
C LEU G 4 -14.99 22.74 -31.04
N THR G 5 -14.31 21.73 -31.61
CA THR G 5 -14.75 21.07 -32.83
C THR G 5 -14.75 19.57 -32.60
N GLN G 6 -15.58 18.86 -33.36
CA GLN G 6 -15.66 17.42 -33.27
C GLN G 6 -15.70 16.82 -34.68
N SER G 7 -15.06 15.67 -34.83
CA SER G 7 -14.99 15.02 -36.10
C SER G 7 -14.99 13.52 -35.84
N PRO G 8 -15.64 12.72 -36.70
CA PRO G 8 -16.35 13.15 -37.91
C PRO G 8 -17.70 13.81 -37.62
N GLY G 9 -18.36 14.31 -38.66
CA GLY G 9 -19.70 14.84 -38.48
C GLY G 9 -20.70 13.73 -38.20
N THR G 10 -20.72 12.70 -39.04
CA THR G 10 -21.55 11.52 -38.84
C THR G 10 -20.65 10.29 -38.98
N LEU G 11 -20.66 9.45 -37.94
CA LEU G 11 -19.72 8.32 -37.84
C LEU G 11 -20.49 7.02 -38.10
N SER G 12 -20.41 6.53 -39.34
CA SER G 12 -21.19 5.37 -39.76
C SER G 12 -20.45 4.10 -39.35
N LEU G 13 -21.05 3.32 -38.45
CA LEU G 13 -20.49 2.06 -37.99
C LEU G 13 -21.59 1.07 -37.70
N SER G 14 -21.29 -0.21 -37.94
CA SER G 14 -22.21 -1.29 -37.57
C SER G 14 -21.97 -1.68 -36.11
N PRO G 15 -23.01 -2.16 -35.43
CA PRO G 15 -22.84 -2.63 -34.06
C PRO G 15 -21.74 -3.67 -33.95
N GLY G 16 -20.97 -3.59 -32.87
CA GLY G 16 -19.85 -4.48 -32.65
C GLY G 16 -18.50 -3.91 -33.05
N GLU G 17 -18.48 -2.81 -33.80
CA GLU G 17 -17.24 -2.15 -34.17
C GLU G 17 -16.88 -1.08 -33.15
N ARG G 18 -15.67 -0.54 -33.26
CA ARG G 18 -15.18 0.46 -32.32
C ARG G 18 -15.35 1.86 -32.89
N ALA G 19 -16.06 2.72 -32.16
CA ALA G 19 -16.19 4.13 -32.49
C ALA G 19 -15.13 4.93 -31.75
N THR G 20 -14.48 5.84 -32.46
CA THR G 20 -13.50 6.74 -31.85
C THR G 20 -13.86 8.17 -32.24
N LEU G 21 -14.29 8.95 -31.25
CA LEU G 21 -14.84 10.28 -31.44
C LEU G 21 -13.83 11.31 -30.97
N SER G 22 -13.54 12.31 -31.81
CA SER G 22 -12.54 13.30 -31.47
C SER G 22 -13.20 14.61 -31.07
N CYS G 23 -12.54 15.32 -30.16
CA CYS G 23 -12.92 16.67 -29.75
C CYS G 23 -11.64 17.48 -29.66
N ARG G 24 -11.56 18.55 -30.44
CA ARG G 24 -10.36 19.39 -30.50
C ARG G 24 -10.71 20.81 -30.09
N ALA G 25 -9.95 21.34 -29.15
CA ALA G 25 -10.23 22.66 -28.58
C ALA G 25 -9.30 23.71 -29.16
N SER G 26 -9.85 24.92 -29.37
CA SER G 26 -9.06 26.02 -29.91
C SER G 26 -7.84 26.33 -29.03
N GLN G 27 -7.94 26.09 -27.73
CA GLN G 27 -6.83 26.35 -26.82
C GLN G 27 -6.78 25.25 -25.79
N ILE G 28 -5.73 25.27 -24.98
CA ILE G 28 -5.49 24.18 -24.04
C ILE G 28 -6.52 24.23 -22.92
N VAL G 29 -7.32 23.18 -22.80
CA VAL G 29 -8.33 23.07 -21.76
C VAL G 29 -7.87 22.02 -20.75
N SER G 30 -8.18 22.28 -19.48
CA SER G 30 -7.75 21.41 -18.41
C SER G 30 -8.32 20.01 -18.61
N ARG G 31 -7.48 19.00 -18.36
CA ARG G 31 -7.98 17.63 -18.41
C ARG G 31 -9.07 17.40 -17.38
N ASN G 32 -9.10 18.20 -16.31
CA ASN G 32 -10.12 18.05 -15.29
C ASN G 32 -11.50 18.49 -15.77
N HIS G 33 -11.55 19.33 -16.80
CA HIS G 33 -12.77 20.06 -17.17
C HIS G 33 -13.13 19.82 -18.63
N LEU G 34 -13.09 18.55 -19.06
CA LEU G 34 -13.60 18.18 -20.38
C LEU G 34 -14.35 16.85 -20.24
N ALA G 35 -15.67 16.92 -20.24
CA ALA G 35 -16.51 15.74 -20.11
C ALA G 35 -17.14 15.38 -21.45
N TRP G 36 -17.80 14.22 -21.47
CA TRP G 36 -18.52 13.75 -22.64
C TRP G 36 -19.96 13.46 -22.25
N TYR G 37 -20.89 13.82 -23.13
CA TYR G 37 -22.31 13.63 -22.90
C TYR G 37 -22.95 12.88 -24.06
N GLN G 38 -23.84 11.96 -23.73
CA GLN G 38 -24.68 11.25 -24.69
C GLN G 38 -26.07 11.84 -24.65
N GLN G 39 -26.65 12.11 -25.83
CA GLN G 39 -28.02 12.58 -25.92
C GLN G 39 -28.75 11.77 -26.99
N LYS G 40 -29.80 11.08 -26.57
CA LYS G 40 -30.75 10.40 -27.43
C LYS G 40 -31.91 11.34 -27.73
N PRO G 41 -32.66 11.08 -28.80
CA PRO G 41 -33.75 11.99 -29.15
C PRO G 41 -34.78 12.11 -28.03
N GLY G 42 -35.13 13.36 -27.71
CA GLY G 42 -36.17 13.66 -26.76
C GLY G 42 -35.76 13.66 -25.30
N GLN G 43 -34.51 13.29 -25.00
CA GLN G 43 -34.05 13.21 -23.62
C GLN G 43 -33.08 14.34 -23.30
N ALA G 44 -32.90 14.58 -22.01
CA ALA G 44 -31.82 15.45 -21.56
C ALA G 44 -30.49 14.72 -21.76
N PRO G 45 -29.40 15.46 -21.84
CA PRO G 45 -28.09 14.81 -21.96
C PRO G 45 -27.76 14.03 -20.70
N ARG G 46 -26.99 12.95 -20.87
CA ARG G 46 -26.47 12.19 -19.76
C ARG G 46 -24.95 12.17 -19.86
N LEU G 47 -24.28 11.96 -18.73
CA LEU G 47 -22.83 12.08 -18.65
C LEU G 47 -22.17 10.71 -18.75
N LEU G 48 -21.21 10.59 -19.66
CA LEU G 48 -20.48 9.33 -19.83
C LEU G 48 -19.12 9.40 -19.15
N ILE G 49 -18.24 10.25 -19.68
CA ILE G 49 -16.90 10.48 -19.15
C ILE G 49 -16.86 11.90 -18.61
N PHE G 50 -16.25 12.08 -17.44
CA PHE G 50 -16.07 13.40 -16.83
C PHE G 50 -14.64 13.53 -16.34
N GLY G 51 -14.07 14.71 -16.51
CA GLY G 51 -12.66 14.89 -16.20
C GLY G 51 -11.76 14.08 -17.11
N ALA G 52 -11.92 14.25 -18.43
CA ALA G 52 -11.09 13.64 -19.46
C ALA G 52 -11.31 12.14 -19.62
N SER G 53 -10.97 11.35 -18.61
CA SER G 53 -10.98 9.90 -18.72
C SER G 53 -11.67 9.19 -17.56
N SER G 54 -12.18 9.92 -16.57
CA SER G 54 -12.92 9.31 -15.48
C SER G 54 -14.37 9.10 -15.88
N ARG G 55 -14.90 7.93 -15.51
CA ARG G 55 -16.18 7.46 -16.02
C ARG G 55 -17.27 7.61 -14.96
N ALA G 56 -18.38 8.24 -15.36
CA ALA G 56 -19.48 8.52 -14.43
C ALA G 56 -20.11 7.21 -13.94
N THR G 57 -20.83 7.32 -12.82
CA THR G 57 -21.39 6.13 -12.19
C THR G 57 -22.41 5.46 -13.08
N GLY G 58 -22.26 4.16 -13.29
CA GLY G 58 -23.19 3.37 -14.06
C GLY G 58 -22.98 3.39 -15.56
N ILE G 59 -21.82 3.82 -16.03
CA ILE G 59 -21.50 3.84 -17.45
C ILE G 59 -20.71 2.58 -17.76
N PRO G 60 -21.04 1.84 -18.83
CA PRO G 60 -20.33 0.58 -19.10
C PRO G 60 -18.88 0.80 -19.49
N VAL G 61 -18.05 -0.22 -19.24
CA VAL G 61 -16.62 -0.11 -19.45
C VAL G 61 -16.22 0.01 -20.90
N ARG G 62 -17.15 -0.16 -21.83
CA ARG G 62 -16.82 0.07 -23.23
C ARG G 62 -16.57 1.55 -23.53
N PHE G 63 -17.10 2.45 -22.69
CA PHE G 63 -16.85 3.87 -22.84
C PHE G 63 -15.53 4.24 -22.16
N SER G 64 -14.64 4.88 -22.89
CA SER G 64 -13.34 5.26 -22.35
C SER G 64 -12.92 6.61 -22.91
N GLY G 65 -12.19 7.38 -22.08
CA GLY G 65 -11.71 8.69 -22.46
C GLY G 65 -10.19 8.73 -22.46
N SER G 66 -9.67 9.80 -23.03
CA SER G 66 -8.24 10.03 -23.13
C SER G 66 -8.02 11.45 -23.62
N GLY G 67 -6.76 11.86 -23.73
CA GLY G 67 -6.40 13.10 -24.36
C GLY G 67 -5.98 14.18 -23.36
N SER G 68 -5.33 15.20 -23.90
CA SER G 68 -4.88 16.34 -23.12
C SER G 68 -4.56 17.48 -24.07
N GLY G 69 -4.39 18.67 -23.50
CA GLY G 69 -4.01 19.83 -24.29
C GLY G 69 -5.14 20.37 -25.13
N THR G 70 -5.02 20.22 -26.45
CA THR G 70 -6.06 20.67 -27.38
C THR G 70 -6.75 19.53 -28.10
N ASP G 71 -6.35 18.29 -27.87
CA ASP G 71 -6.88 17.13 -28.57
C ASP G 71 -7.35 16.09 -27.55
N PHE G 72 -8.57 15.56 -27.76
CA PHE G 72 -9.15 14.56 -26.88
C PHE G 72 -9.86 13.50 -27.70
N THR G 73 -10.31 12.45 -27.01
CA THR G 73 -10.81 11.25 -27.69
C THR G 73 -11.74 10.49 -26.74
N LEU G 74 -12.97 10.25 -27.19
CA LEU G 74 -13.87 9.31 -26.54
C LEU G 74 -13.93 8.04 -27.37
N THR G 75 -13.80 6.89 -26.73
CA THR G 75 -13.66 5.64 -27.47
C THR G 75 -14.65 4.61 -26.94
N ILE G 76 -15.58 4.19 -27.80
CA ILE G 76 -16.56 3.16 -27.47
C ILE G 76 -16.03 1.86 -28.05
N ASN G 77 -15.61 0.94 -27.17
CA ASN G 77 -14.95 -0.29 -27.62
C ASN G 77 -15.97 -1.38 -27.95
N GLY G 78 -16.81 -1.09 -28.94
CA GLY G 78 -17.83 -2.01 -29.37
C GLY G 78 -19.23 -1.46 -29.25
N LEU G 79 -19.70 -0.79 -30.30
CA LEU G 79 -21.01 -0.14 -30.28
C LEU G 79 -22.15 -1.11 -30.03
N ALA G 80 -22.79 -0.99 -28.87
CA ALA G 80 -24.05 -1.66 -28.58
C ALA G 80 -25.19 -0.91 -29.26
N PRO G 81 -26.36 -1.53 -29.42
CA PRO G 81 -27.45 -0.83 -30.13
C PRO G 81 -27.92 0.43 -29.43
N GLU G 82 -28.00 0.45 -28.10
CA GLU G 82 -28.44 1.63 -27.36
C GLU G 82 -27.39 2.73 -27.32
N ASP G 83 -26.24 2.53 -27.97
CA ASP G 83 -25.19 3.53 -28.01
C ASP G 83 -25.32 4.49 -29.18
N PHE G 84 -26.09 4.11 -30.20
CA PHE G 84 -26.21 4.91 -31.42
C PHE G 84 -27.02 6.17 -31.12
N ALA G 85 -26.32 7.29 -30.99
CA ALA G 85 -26.93 8.58 -30.67
C ALA G 85 -25.89 9.66 -30.92
N VAL G 86 -26.21 10.89 -30.52
CA VAL G 86 -25.30 12.01 -30.67
C VAL G 86 -24.49 12.14 -29.39
N TYR G 87 -23.19 12.44 -29.54
CA TYR G 87 -22.29 12.61 -28.41
C TYR G 87 -21.67 14.00 -28.47
N TYR G 88 -21.69 14.71 -27.34
CA TYR G 88 -21.15 16.05 -27.22
C TYR G 88 -19.98 16.04 -26.25
N CYS G 89 -19.00 16.92 -26.48
CA CYS G 89 -17.92 17.16 -25.54
C CYS G 89 -18.11 18.53 -24.89
N LEU G 90 -17.93 18.60 -23.57
CA LEU G 90 -18.21 19.80 -22.79
C LEU G 90 -16.95 20.30 -22.12
N SER G 91 -16.44 21.45 -22.57
CA SER G 91 -15.30 22.10 -21.97
C SER G 91 -15.74 23.13 -20.95
N SER G 92 -14.83 23.48 -20.03
CA SER G 92 -15.13 24.52 -19.05
C SER G 92 -13.83 25.13 -18.55
N ASP G 93 -13.83 26.46 -18.43
CA ASP G 93 -12.69 27.19 -17.88
C ASP G 93 -13.25 28.32 -17.03
N SER G 94 -13.01 28.25 -15.72
CA SER G 94 -13.50 29.25 -14.77
C SER G 94 -15.02 29.36 -14.83
N SER G 95 -15.69 28.21 -14.90
CA SER G 95 -17.15 28.11 -14.93
C SER G 95 -17.76 28.78 -16.17
N ILE G 96 -17.04 28.72 -17.30
CA ILE G 96 -17.56 29.17 -18.59
C ILE G 96 -17.55 27.96 -19.51
N PHE G 97 -18.75 27.44 -19.79
CA PHE G 97 -18.92 26.14 -20.44
C PHE G 97 -19.15 26.31 -21.94
N THR G 98 -18.62 25.37 -22.72
CA THR G 98 -18.80 25.38 -24.15
C THR G 98 -19.01 23.94 -24.64
N PHE G 99 -20.03 23.76 -25.45
CA PHE G 99 -20.35 22.42 -26.00
C PHE G 99 -19.85 22.38 -27.44
N GLY G 100 -19.41 21.22 -27.89
CA GLY G 100 -18.93 21.03 -29.26
C GLY G 100 -20.06 20.85 -30.24
N PRO G 101 -19.75 20.77 -31.54
CA PRO G 101 -20.79 20.61 -32.55
C PRO G 101 -21.60 19.33 -32.34
N GLY G 102 -20.94 18.25 -31.92
CA GLY G 102 -21.61 16.97 -31.64
C GLY G 102 -21.37 16.05 -32.81
N THR G 103 -21.03 14.80 -32.53
CA THR G 103 -20.80 13.81 -33.60
C THR G 103 -21.95 12.82 -33.52
N LYS G 104 -22.64 12.57 -34.62
CA LYS G 104 -23.78 11.63 -34.58
C LYS G 104 -23.25 10.26 -35.02
N VAL G 105 -23.60 9.22 -34.28
CA VAL G 105 -23.15 7.88 -34.62
C VAL G 105 -24.29 7.16 -35.32
N ASP G 106 -24.04 6.75 -36.56
CA ASP G 106 -25.04 6.28 -37.50
C ASP G 106 -25.04 4.75 -37.54
N PHE G 107 -26.13 4.19 -38.05
CA PHE G 107 -26.20 2.76 -38.33
C PHE G 107 -25.67 2.54 -39.74
N LYS G 108 -24.50 1.92 -39.86
CA LYS G 108 -23.85 1.83 -41.16
C LYS G 108 -24.63 0.90 -42.08
N ARG G 109 -25.01 1.44 -43.24
CA ARG G 109 -25.72 0.75 -44.30
C ARG G 109 -24.85 0.78 -45.55
N THR G 110 -25.09 -0.18 -46.44
CA THR G 110 -24.50 -0.10 -47.77
C THR G 110 -25.03 1.14 -48.48
N VAL G 111 -24.18 1.75 -49.32
CA VAL G 111 -24.53 3.03 -49.92
C VAL G 111 -25.80 2.91 -50.75
N ALA G 112 -26.66 3.92 -50.64
CA ALA G 112 -27.96 3.93 -51.32
C ALA G 112 -28.22 5.31 -51.87
N ALA G 113 -28.38 5.40 -53.19
CA ALA G 113 -28.63 6.69 -53.82
C ALA G 113 -30.05 7.15 -53.54
N PRO G 114 -30.26 8.46 -53.39
CA PRO G 114 -31.62 8.97 -53.16
C PRO G 114 -32.45 8.98 -54.43
N SER G 115 -33.72 8.64 -54.27
CA SER G 115 -34.71 8.87 -55.32
C SER G 115 -35.18 10.32 -55.20
N VAL G 116 -34.91 11.11 -56.23
CA VAL G 116 -35.17 12.55 -56.21
C VAL G 116 -36.44 12.85 -56.99
N PHE G 117 -37.36 13.56 -56.36
CA PHE G 117 -38.58 14.04 -56.99
C PHE G 117 -38.68 15.55 -56.74
N ILE G 118 -39.43 16.24 -57.61
CA ILE G 118 -39.66 17.66 -57.43
C ILE G 118 -41.13 17.95 -57.70
N PHE G 119 -41.78 18.64 -56.76
CA PHE G 119 -43.21 18.89 -56.82
C PHE G 119 -43.46 20.38 -57.01
N PRO G 120 -44.13 20.79 -58.08
CA PRO G 120 -44.47 22.21 -58.24
C PRO G 120 -45.53 22.62 -57.25
N PRO G 121 -45.72 23.92 -57.01
CA PRO G 121 -46.80 24.36 -56.11
C PRO G 121 -48.15 24.08 -56.73
N SER G 122 -49.10 23.70 -55.87
CA SER G 122 -50.46 23.44 -56.33
C SER G 122 -51.18 24.76 -56.64
N ASP G 123 -52.06 24.72 -57.63
CA ASP G 123 -52.83 25.91 -57.98
C ASP G 123 -53.73 26.35 -56.84
N GLU G 124 -54.11 25.42 -55.96
CA GLU G 124 -54.90 25.77 -54.79
C GLU G 124 -54.14 26.70 -53.86
N GLN G 125 -52.85 26.41 -53.63
CA GLN G 125 -52.03 27.30 -52.82
C GLN G 125 -51.85 28.65 -53.49
N LEU G 126 -51.61 28.64 -54.81
CA LEU G 126 -51.33 29.89 -55.52
C LEU G 126 -52.43 30.92 -55.29
N LYS G 127 -53.69 30.47 -55.19
CA LYS G 127 -54.79 31.39 -54.90
C LYS G 127 -54.54 32.20 -53.63
N SER G 128 -53.86 31.60 -52.64
CA SER G 128 -53.59 32.30 -51.40
C SER G 128 -52.44 33.28 -51.51
N GLY G 129 -51.59 33.15 -52.52
CA GLY G 129 -50.51 34.09 -52.74
C GLY G 129 -49.14 33.64 -52.28
N THR G 130 -48.94 32.35 -52.03
CA THR G 130 -47.64 31.79 -51.65
C THR G 130 -47.38 30.56 -52.50
N ALA G 131 -46.11 30.36 -52.86
CA ALA G 131 -45.70 29.23 -53.68
C ALA G 131 -44.67 28.41 -52.91
N SER G 132 -44.96 27.13 -52.72
CA SER G 132 -44.05 26.21 -52.04
C SER G 132 -43.60 25.16 -53.04
N VAL G 133 -42.32 25.18 -53.40
CA VAL G 133 -41.71 24.17 -54.26
C VAL G 133 -40.94 23.22 -53.37
N VAL G 134 -41.23 21.91 -53.50
CA VAL G 134 -40.70 20.89 -52.59
C VAL G 134 -39.86 19.91 -53.39
N CYS G 135 -38.67 19.59 -52.88
CA CYS G 135 -37.80 18.58 -53.46
C CYS G 135 -37.56 17.47 -52.44
N LEU G 136 -37.83 16.23 -52.84
CA LEU G 136 -37.78 15.08 -51.96
C LEU G 136 -36.57 14.21 -52.29
N LEU G 137 -35.81 13.84 -51.26
CA LEU G 137 -34.74 12.86 -51.36
C LEU G 137 -35.14 11.65 -50.51
N ASN G 138 -35.34 10.50 -51.15
CA ASN G 138 -35.97 9.36 -50.51
C ASN G 138 -35.01 8.19 -50.39
N ASN G 139 -34.88 7.64 -49.17
CA ASN G 139 -34.13 6.43 -48.89
C ASN G 139 -32.71 6.50 -49.40
N PHE G 140 -31.84 7.18 -48.67
CA PHE G 140 -30.45 7.38 -49.06
C PHE G 140 -29.53 7.20 -47.86
N TYR G 141 -28.27 6.90 -48.14
CA TYR G 141 -27.28 6.70 -47.11
C TYR G 141 -25.90 6.94 -47.71
N PRO G 142 -24.98 7.62 -47.00
CA PRO G 142 -25.14 8.16 -45.64
C PRO G 142 -25.88 9.48 -45.58
N ARG G 143 -25.85 10.12 -44.40
CA ARG G 143 -26.66 11.29 -44.15
C ARG G 143 -26.25 12.48 -45.03
N GLU G 144 -24.95 12.63 -45.28
CA GLU G 144 -24.46 13.81 -46.00
C GLU G 144 -25.11 13.92 -47.36
N ALA G 145 -25.85 15.01 -47.58
CA ALA G 145 -26.45 15.30 -48.87
C ALA G 145 -26.59 16.81 -49.02
N LYS G 146 -26.37 17.31 -50.24
CA LYS G 146 -26.52 18.71 -50.57
C LYS G 146 -27.62 18.88 -51.61
N VAL G 147 -28.56 19.78 -51.32
CA VAL G 147 -29.65 20.11 -52.24
C VAL G 147 -29.46 21.56 -52.66
N GLN G 148 -29.39 21.79 -53.95
CA GLN G 148 -29.29 23.12 -54.52
C GLN G 148 -30.52 23.42 -55.35
N TRP G 149 -31.20 24.51 -55.03
CA TRP G 149 -32.26 25.03 -55.88
C TRP G 149 -31.66 25.90 -56.98
N LYS G 150 -32.27 25.86 -58.15
CA LYS G 150 -31.85 26.67 -59.29
C LYS G 150 -33.09 27.12 -60.05
N VAL G 151 -33.34 28.43 -60.06
CA VAL G 151 -34.49 29.01 -60.74
C VAL G 151 -33.98 29.80 -61.93
N ASP G 152 -34.30 29.31 -63.14
CA ASP G 152 -33.77 29.87 -64.38
C ASP G 152 -32.25 29.98 -64.33
N ASN G 153 -31.61 28.92 -63.83
CA ASN G 153 -30.17 28.78 -63.67
C ASN G 153 -29.61 29.67 -62.57
N ALA G 154 -30.45 30.32 -61.77
CA ALA G 154 -30.00 31.21 -60.70
C ALA G 154 -30.09 30.48 -59.36
N LEU G 155 -28.93 30.30 -58.71
CA LEU G 155 -28.89 29.61 -57.43
C LEU G 155 -29.67 30.39 -56.36
N GLN G 156 -30.71 29.76 -55.84
CA GLN G 156 -31.47 30.33 -54.72
C GLN G 156 -30.74 30.08 -53.41
N SER G 157 -30.76 31.08 -52.53
CA SER G 157 -30.15 30.97 -51.22
C SER G 157 -30.94 31.78 -50.22
N GLY G 158 -31.25 31.18 -49.08
CA GLY G 158 -31.91 31.87 -47.99
C GLY G 158 -33.42 31.72 -47.92
N ASN G 159 -34.04 31.09 -48.91
CA ASN G 159 -35.48 30.91 -48.93
C ASN G 159 -35.89 29.44 -48.94
N SER G 160 -34.96 28.55 -48.60
CA SER G 160 -35.18 27.11 -48.62
C SER G 160 -34.83 26.52 -47.27
N GLN G 161 -35.63 25.56 -46.81
CA GLN G 161 -35.45 24.91 -45.51
C GLN G 161 -35.48 23.41 -45.70
N GLU G 162 -34.43 22.73 -45.25
CA GLU G 162 -34.41 21.28 -45.24
C GLU G 162 -34.93 20.74 -43.92
N SER G 163 -35.63 19.61 -44.01
CA SER G 163 -36.11 18.88 -42.86
C SER G 163 -35.85 17.40 -43.15
N VAL G 164 -35.38 16.67 -42.13
CA VAL G 164 -34.88 15.31 -42.31
C VAL G 164 -35.60 14.36 -41.35
N THR G 165 -35.92 13.17 -41.84
CA THR G 165 -36.50 12.12 -41.02
C THR G 165 -35.47 11.51 -40.09
N GLU G 166 -35.94 10.67 -39.18
CA GLU G 166 -35.03 9.82 -38.43
C GLU G 166 -34.53 8.71 -39.33
N GLN G 167 -33.39 8.14 -38.96
CA GLN G 167 -32.90 6.96 -39.67
C GLN G 167 -33.89 5.82 -39.49
N ASP G 168 -34.45 5.36 -40.60
CA ASP G 168 -35.53 4.38 -40.57
C ASP G 168 -35.14 3.15 -39.76
N SER G 169 -36.07 2.70 -38.92
CA SER G 169 -35.83 1.54 -38.07
C SER G 169 -35.72 0.25 -38.86
N LYS G 170 -36.13 0.24 -40.14
CA LYS G 170 -36.15 -0.97 -40.95
C LYS G 170 -35.00 -1.05 -41.94
N ASP G 171 -34.83 -0.04 -42.79
CA ASP G 171 -33.77 -0.06 -43.80
C ASP G 171 -32.60 0.86 -43.48
N SER G 172 -32.61 1.51 -42.31
CA SER G 172 -31.51 2.37 -41.87
C SER G 172 -31.20 3.48 -42.87
N THR G 173 -32.22 3.96 -43.57
CA THR G 173 -32.04 5.02 -44.56
C THR G 173 -32.54 6.35 -44.01
N TYR G 174 -32.41 7.38 -44.83
CA TYR G 174 -32.84 8.73 -44.50
C TYR G 174 -33.83 9.21 -45.55
N SER G 175 -34.52 10.30 -45.23
CA SER G 175 -35.38 10.96 -46.18
C SER G 175 -35.41 12.45 -45.88
N LEU G 176 -35.25 13.27 -46.92
CA LEU G 176 -35.07 14.71 -46.78
C LEU G 176 -36.04 15.44 -47.69
N SER G 177 -36.54 16.59 -47.22
CA SER G 177 -37.44 17.44 -47.98
C SER G 177 -36.95 18.88 -47.88
N SER G 178 -36.51 19.44 -49.01
CA SER G 178 -36.08 20.83 -49.09
C SER G 178 -37.22 21.64 -49.72
N THR G 179 -37.70 22.65 -48.99
CA THR G 179 -38.92 23.36 -49.36
C THR G 179 -38.59 24.81 -49.69
N LEU G 180 -38.73 25.16 -50.97
CA LEU G 180 -38.50 26.51 -51.46
C LEU G 180 -39.81 27.30 -51.42
N THR G 181 -39.81 28.43 -50.73
CA THR G 181 -41.00 29.25 -50.52
C THR G 181 -40.79 30.62 -51.15
N LEU G 182 -41.51 30.89 -52.24
CA LEU G 182 -41.50 32.16 -52.93
C LEU G 182 -42.86 32.84 -52.78
N SER G 183 -42.89 34.14 -53.03
CA SER G 183 -44.18 34.80 -53.20
C SER G 183 -44.78 34.39 -54.54
N LYS G 184 -46.10 34.53 -54.65
CA LYS G 184 -46.76 34.18 -55.91
C LYS G 184 -46.25 35.05 -57.06
N ALA G 185 -46.05 36.35 -56.81
CA ALA G 185 -45.55 37.24 -57.85
C ALA G 185 -44.17 36.81 -58.31
N ASP G 186 -43.26 36.54 -57.37
CA ASP G 186 -41.91 36.12 -57.74
C ASP G 186 -41.92 34.80 -58.48
N TYR G 187 -42.77 33.86 -58.05
CA TYR G 187 -42.82 32.56 -58.70
C TYR G 187 -43.15 32.69 -60.18
N GLU G 188 -44.13 33.53 -60.52
CA GLU G 188 -44.55 33.71 -61.90
C GLU G 188 -43.60 34.60 -62.70
N LYS G 189 -42.51 35.07 -62.09
CA LYS G 189 -41.52 35.88 -62.80
C LYS G 189 -40.44 35.03 -63.46
N HIS G 190 -40.33 33.76 -63.10
CA HIS G 190 -39.33 32.85 -63.66
C HIS G 190 -40.03 31.59 -64.18
N LYS G 191 -39.23 30.68 -64.73
CA LYS G 191 -39.78 29.56 -65.48
C LYS G 191 -39.21 28.20 -65.07
N VAL G 192 -37.90 28.02 -65.20
CA VAL G 192 -37.28 26.72 -64.99
C VAL G 192 -36.89 26.59 -63.52
N TYR G 193 -37.53 25.65 -62.82
CA TYR G 193 -37.25 25.35 -61.42
C TYR G 193 -36.61 23.97 -61.32
N ALA G 194 -35.36 23.95 -60.83
CA ALA G 194 -34.58 22.72 -60.79
C ALA G 194 -34.09 22.46 -59.37
N CYS G 195 -33.84 21.18 -59.08
CA CYS G 195 -33.36 20.74 -57.77
C CYS G 195 -32.15 19.84 -57.98
N GLU G 196 -30.97 20.33 -57.62
CA GLU G 196 -29.72 19.63 -57.89
C GLU G 196 -29.22 18.95 -56.62
N VAL G 197 -29.11 17.63 -56.66
CA VAL G 197 -28.73 16.82 -55.50
C VAL G 197 -27.40 16.15 -55.78
N THR G 198 -26.41 16.39 -54.92
CA THR G 198 -25.16 15.65 -54.93
C THR G 198 -25.15 14.68 -53.76
N HIS G 199 -24.66 13.46 -54.01
CA HIS G 199 -24.65 12.45 -52.96
C HIS G 199 -23.64 11.38 -53.34
N GLN G 200 -23.17 10.67 -52.31
CA GLN G 200 -22.09 9.69 -52.49
C GLN G 200 -22.53 8.53 -53.38
N GLY G 201 -23.80 8.13 -53.30
CA GLY G 201 -24.29 7.04 -54.13
C GLY G 201 -24.61 7.39 -55.56
N LEU G 202 -24.56 8.68 -55.91
CA LEU G 202 -24.81 9.14 -57.27
C LEU G 202 -23.49 9.38 -57.97
N SER G 203 -23.34 8.84 -59.19
CA SER G 203 -22.10 9.01 -59.92
C SER G 203 -21.91 10.45 -60.40
N SER G 204 -23.01 11.18 -60.57
CA SER G 204 -22.98 12.59 -60.96
C SER G 204 -24.13 13.27 -60.28
N PRO G 205 -24.06 14.58 -60.01
CA PRO G 205 -25.16 15.29 -59.37
C PRO G 205 -26.47 15.15 -60.16
N VAL G 206 -27.54 14.84 -59.44
CA VAL G 206 -28.87 14.67 -60.02
C VAL G 206 -29.62 16.00 -59.95
N THR G 207 -30.32 16.34 -61.04
CA THR G 207 -31.14 17.55 -61.09
C THR G 207 -32.51 17.19 -61.64
N LYS G 208 -33.55 17.55 -60.89
CA LYS G 208 -34.94 17.38 -61.30
C LYS G 208 -35.55 18.76 -61.51
N SER G 209 -36.07 19.00 -62.70
CA SER G 209 -36.56 20.32 -63.08
C SER G 209 -37.93 20.21 -63.73
N PHE G 210 -38.61 21.36 -63.84
CA PHE G 210 -39.88 21.45 -64.54
C PHE G 210 -40.05 22.86 -65.08
N ASN G 211 -40.74 22.98 -66.21
CA ASN G 211 -41.09 24.26 -66.79
C ASN G 211 -42.51 24.63 -66.37
N ARG G 212 -42.66 25.77 -65.70
CA ARG G 212 -43.93 26.21 -65.14
C ARG G 212 -45.06 26.28 -66.17
N GLN H 1 8.62 -29.30 -14.82
CA GLN H 1 8.83 -30.72 -15.08
C GLN H 1 7.69 -31.32 -15.90
N VAL H 2 6.76 -30.47 -16.33
CA VAL H 2 5.73 -30.92 -17.26
C VAL H 2 6.38 -31.26 -18.59
N GLN H 3 5.80 -32.22 -19.29
CA GLN H 3 6.33 -32.64 -20.58
C GLN H 3 5.20 -33.20 -21.43
N LEU H 4 5.10 -32.70 -22.66
CA LEU H 4 4.13 -33.19 -23.64
C LEU H 4 4.87 -34.01 -24.68
N VAL H 5 4.54 -35.29 -24.78
CA VAL H 5 5.16 -36.21 -25.72
C VAL H 5 4.11 -36.67 -26.73
N GLN H 6 4.48 -36.68 -28.00
CA GLN H 6 3.56 -36.96 -29.08
C GLN H 6 3.97 -38.25 -29.78
N SER H 7 3.09 -38.73 -30.66
CA SER H 7 3.33 -39.98 -31.35
C SER H 7 4.41 -39.80 -32.42
N GLY H 8 4.87 -40.92 -32.95
CA GLY H 8 5.91 -40.91 -33.97
C GLY H 8 5.37 -40.48 -35.32
N ALA H 9 6.29 -40.35 -36.27
CA ALA H 9 5.94 -39.87 -37.60
C ALA H 9 4.97 -40.84 -38.28
N GLU H 10 3.93 -40.29 -38.90
CA GLU H 10 2.91 -41.08 -39.55
C GLU H 10 2.94 -40.84 -41.06
N VAL H 11 2.57 -41.87 -41.82
CA VAL H 11 2.47 -41.79 -43.28
C VAL H 11 1.14 -42.39 -43.68
N LYS H 12 0.29 -41.59 -44.33
CA LYS H 12 -1.07 -42.00 -44.65
C LYS H 12 -1.37 -41.78 -46.13
N LYS H 13 -2.22 -42.64 -46.67
CA LYS H 13 -2.70 -42.52 -48.04
C LYS H 13 -3.87 -41.54 -48.10
N PRO H 14 -4.10 -40.91 -49.26
CA PRO H 14 -5.24 -40.00 -49.39
C PRO H 14 -6.56 -40.67 -49.08
N GLY H 15 -7.32 -40.07 -48.17
CA GLY H 15 -8.63 -40.56 -47.79
C GLY H 15 -8.69 -41.26 -46.44
N ALA H 16 -7.55 -41.67 -45.90
CA ALA H 16 -7.52 -42.46 -44.68
C ALA H 16 -7.69 -41.54 -43.47
N THR H 17 -7.40 -42.08 -42.28
CA THR H 17 -7.53 -41.37 -41.03
C THR H 17 -6.25 -41.54 -40.22
N VAL H 18 -5.78 -40.45 -39.64
CA VAL H 18 -4.56 -40.45 -38.83
C VAL H 18 -4.91 -40.08 -37.39
N LYS H 19 -4.28 -40.77 -36.45
CA LYS H 19 -4.47 -40.54 -35.02
C LYS H 19 -3.12 -40.24 -34.39
N VAL H 20 -3.00 -39.05 -33.80
CA VAL H 20 -1.76 -38.58 -33.17
C VAL H 20 -2.01 -38.41 -31.69
N SER H 21 -1.06 -38.87 -30.87
CA SER H 21 -1.20 -38.85 -29.42
C SER H 21 -0.43 -37.67 -28.80
N CYS H 22 -0.76 -37.39 -27.55
CA CYS H 22 -0.13 -36.28 -26.81
C CYS H 22 -0.16 -36.66 -25.33
N LYS H 23 0.89 -37.35 -24.88
CA LYS H 23 0.99 -37.77 -23.48
C LYS H 23 1.44 -36.59 -22.62
N ILE H 24 0.79 -36.42 -21.48
CA ILE H 24 1.12 -35.36 -20.53
C ILE H 24 1.76 -36.00 -19.30
N SER H 25 2.94 -35.51 -18.95
CA SER H 25 3.66 -35.98 -17.77
C SER H 25 4.04 -34.79 -16.91
N GLY H 26 4.17 -35.04 -15.60
CA GLY H 26 4.43 -33.96 -14.68
C GLY H 26 3.26 -33.06 -14.42
N HIS H 27 2.08 -33.41 -14.95
CA HIS H 27 0.86 -32.65 -14.77
C HIS H 27 -0.30 -33.59 -15.06
N THR H 28 -1.49 -33.20 -14.61
CA THR H 28 -2.69 -33.97 -14.85
C THR H 28 -3.54 -33.31 -15.94
N LEU H 29 -4.34 -34.14 -16.61
CA LEU H 29 -5.09 -33.66 -17.76
C LEU H 29 -6.21 -32.70 -17.37
N ILE H 30 -6.82 -32.90 -16.21
CA ILE H 30 -8.05 -32.17 -15.90
C ILE H 30 -7.80 -30.67 -15.70
N LYS H 31 -6.59 -30.27 -15.35
CA LYS H 31 -6.29 -28.86 -15.10
C LYS H 31 -5.55 -28.19 -16.25
N LEU H 32 -5.39 -28.87 -17.38
CA LEU H 32 -4.64 -28.34 -18.52
C LEU H 32 -5.53 -28.14 -19.73
N SER H 33 -5.13 -27.20 -20.58
CA SER H 33 -5.75 -26.98 -21.87
C SER H 33 -4.82 -27.53 -22.94
N ILE H 34 -5.35 -28.37 -23.83
CA ILE H 34 -4.54 -29.06 -24.84
C ILE H 34 -5.21 -28.85 -26.19
N HIS H 35 -4.63 -27.99 -27.02
CA HIS H 35 -5.15 -27.71 -28.35
C HIS H 35 -4.21 -28.27 -29.41
N TRP H 36 -4.75 -28.41 -30.63
CA TRP H 36 -4.01 -28.95 -31.76
C TRP H 36 -3.74 -27.85 -32.77
N VAL H 37 -2.46 -27.63 -33.08
CA VAL H 37 -2.02 -26.60 -34.01
C VAL H 37 -1.10 -27.28 -35.02
N ARG H 38 -1.48 -27.22 -36.30
CA ARG H 38 -0.70 -27.82 -37.37
C ARG H 38 -0.02 -26.75 -38.22
N GLN H 39 1.04 -27.16 -38.94
CA GLN H 39 1.85 -26.24 -39.73
C GLN H 39 2.28 -26.92 -41.02
N ALA H 40 1.70 -26.50 -42.14
CA ALA H 40 2.10 -27.03 -43.43
C ALA H 40 3.54 -26.63 -43.73
N PRO H 41 4.19 -27.34 -44.66
CA PRO H 41 5.57 -27.00 -45.03
C PRO H 41 5.69 -25.56 -45.49
N GLY H 42 6.55 -24.80 -44.80
CA GLY H 42 6.83 -23.43 -45.18
C GLY H 42 5.71 -22.44 -44.96
N LYS H 43 4.58 -22.85 -44.40
CA LYS H 43 3.46 -21.95 -44.17
C LYS H 43 3.27 -21.75 -42.67
N GLY H 44 2.25 -20.96 -42.34
CA GLY H 44 2.04 -20.53 -40.97
C GLY H 44 1.28 -21.53 -40.12
N LEU H 45 0.85 -21.06 -38.95
CA LEU H 45 0.21 -21.90 -37.95
C LEU H 45 -1.30 -21.87 -38.11
N GLU H 46 -1.93 -23.03 -37.96
CA GLU H 46 -3.35 -23.20 -38.20
C GLU H 46 -3.97 -23.93 -37.02
N TRP H 47 -4.86 -23.23 -36.30
CA TRP H 47 -5.54 -23.84 -35.17
C TRP H 47 -6.59 -24.83 -35.66
N MET H 48 -6.57 -26.04 -35.11
CA MET H 48 -7.51 -27.07 -35.51
C MET H 48 -8.62 -27.29 -34.48
N GLY H 49 -8.25 -27.42 -33.22
CA GLY H 49 -9.22 -27.62 -32.18
C GLY H 49 -8.50 -27.82 -30.87
N GLY H 50 -9.16 -28.47 -29.93
CA GLY H 50 -8.52 -28.76 -28.67
C GLY H 50 -9.54 -29.07 -27.59
N TYR H 51 -9.01 -29.17 -26.36
CA TYR H 51 -9.74 -29.55 -25.17
C TYR H 51 -9.41 -28.57 -24.05
N GLU H 52 -10.45 -28.13 -23.35
CA GLU H 52 -10.30 -27.16 -22.27
C GLU H 52 -10.62 -27.82 -20.93
N GLY H 53 -9.59 -28.09 -20.13
CA GLY H 53 -9.76 -28.76 -18.86
C GLY H 53 -10.44 -27.91 -17.81
N GLU H 54 -10.37 -26.57 -17.95
CA GLU H 54 -11.03 -25.68 -16.99
C GLU H 54 -12.54 -25.73 -17.14
N VAL H 55 -13.03 -25.88 -18.38
CA VAL H 55 -14.46 -25.92 -18.64
C VAL H 55 -14.96 -27.34 -18.94
N ASP H 56 -14.06 -28.27 -19.26
CA ASP H 56 -14.41 -29.61 -19.72
C ASP H 56 -15.27 -29.55 -20.98
N GLU H 57 -14.65 -29.01 -22.03
CA GLU H 57 -15.25 -28.91 -23.35
C GLU H 57 -14.21 -29.24 -24.42
N ILE H 58 -14.70 -29.52 -25.62
CA ILE H 58 -13.86 -29.78 -26.77
C ILE H 58 -14.39 -28.96 -27.94
N PHE H 59 -13.50 -28.25 -28.62
CA PHE H 59 -13.87 -27.36 -29.72
C PHE H 59 -13.27 -27.83 -31.03
N TYR H 60 -13.85 -27.34 -32.13
CA TYR H 60 -13.36 -27.59 -33.47
C TYR H 60 -13.57 -26.35 -34.32
N ALA H 61 -12.57 -26.03 -35.16
CA ALA H 61 -12.70 -24.94 -36.12
C ALA H 61 -13.57 -25.39 -37.29
N GLN H 62 -14.38 -24.47 -37.82
CA GLN H 62 -15.35 -24.86 -38.84
C GLN H 62 -14.68 -25.52 -40.05
N LYS H 63 -13.41 -25.21 -40.30
CA LYS H 63 -12.71 -25.87 -41.40
C LYS H 63 -12.53 -27.36 -41.14
N PHE H 64 -12.47 -27.77 -39.87
CA PHE H 64 -12.38 -29.17 -39.50
C PHE H 64 -13.57 -29.69 -38.72
N GLN H 65 -14.60 -28.86 -38.46
CA GLN H 65 -15.72 -29.27 -37.63
C GLN H 65 -16.39 -30.52 -38.16
N HIS H 66 -16.41 -30.70 -39.49
CA HIS H 66 -17.04 -31.89 -40.07
C HIS H 66 -16.18 -33.13 -39.89
N ARG H 67 -14.85 -33.02 -40.02
CA ARG H 67 -14.00 -34.19 -40.18
C ARG H 67 -12.93 -34.35 -39.11
N LEU H 68 -13.01 -33.63 -38.00
CA LEU H 68 -12.01 -33.75 -36.94
C LEU H 68 -12.65 -34.30 -35.67
N THR H 69 -11.84 -35.00 -34.86
CA THR H 69 -12.28 -35.56 -33.60
C THR H 69 -11.14 -35.49 -32.59
N VAL H 70 -11.42 -34.95 -31.41
CA VAL H 70 -10.43 -34.80 -30.34
C VAL H 70 -10.92 -35.60 -29.14
N ILE H 71 -10.08 -36.52 -28.65
CA ILE H 71 -10.42 -37.40 -27.54
C ILE H 71 -9.54 -37.04 -26.35
N ALA H 72 -10.17 -36.79 -25.20
CA ALA H 72 -9.47 -36.51 -23.95
C ALA H 72 -9.59 -37.72 -23.03
N ASP H 73 -8.45 -38.23 -22.59
CA ASP H 73 -8.38 -39.42 -21.74
C ASP H 73 -7.89 -38.97 -20.37
N THR H 74 -8.83 -38.61 -19.49
CA THR H 74 -8.47 -38.17 -18.15
C THR H 74 -7.89 -39.29 -17.30
N ALA H 75 -8.02 -40.55 -17.73
CA ALA H 75 -7.48 -41.65 -16.93
C ALA H 75 -5.98 -41.84 -17.17
N THR H 76 -5.50 -41.53 -18.38
CA THR H 76 -4.10 -41.73 -18.72
C THR H 76 -3.36 -40.43 -18.94
N ASP H 77 -4.03 -39.28 -18.80
CA ASP H 77 -3.43 -37.98 -19.07
C ASP H 77 -2.84 -37.93 -20.48
N THR H 78 -3.66 -38.30 -21.46
CA THR H 78 -3.26 -38.32 -22.86
C THR H 78 -4.43 -37.84 -23.71
N VAL H 79 -4.14 -36.97 -24.69
CA VAL H 79 -5.16 -36.39 -25.56
C VAL H 79 -4.83 -36.73 -27.00
N TYR H 80 -5.83 -37.16 -27.74
CA TYR H 80 -5.65 -37.61 -29.12
C TYR H 80 -6.35 -36.66 -30.08
N MET H 81 -5.88 -36.68 -31.32
CA MET H 81 -6.55 -36.04 -32.44
C MET H 81 -6.79 -37.08 -33.53
N GLU H 82 -7.98 -37.04 -34.12
CA GLU H 82 -8.39 -38.02 -35.11
C GLU H 82 -8.89 -37.26 -36.33
N LEU H 83 -8.06 -37.21 -37.38
CA LEU H 83 -8.34 -36.43 -38.58
C LEU H 83 -8.49 -37.37 -39.76
N GLY H 84 -9.71 -37.55 -40.24
CA GLY H 84 -9.99 -38.42 -41.37
C GLY H 84 -10.24 -37.66 -42.66
N ARG H 85 -10.45 -38.43 -43.72
CA ARG H 85 -10.67 -37.91 -45.07
C ARG H 85 -9.50 -37.00 -45.49
N LEU H 86 -8.32 -37.59 -45.47
CA LEU H 86 -7.09 -36.85 -45.72
C LEU H 86 -6.90 -36.56 -47.19
N THR H 87 -6.43 -35.35 -47.49
CA THR H 87 -5.92 -34.97 -48.80
C THR H 87 -4.46 -34.58 -48.63
N SER H 88 -3.76 -34.41 -49.75
CA SER H 88 -2.37 -33.96 -49.68
C SER H 88 -2.23 -32.63 -48.97
N ASP H 89 -3.32 -31.86 -48.87
CA ASP H 89 -3.30 -30.58 -48.17
C ASP H 89 -3.07 -30.74 -46.67
N ASP H 90 -3.29 -31.93 -46.12
CA ASP H 90 -3.12 -32.18 -44.69
C ASP H 90 -1.67 -32.55 -44.33
N THR H 91 -0.78 -32.65 -45.31
CA THR H 91 0.64 -32.88 -45.05
C THR H 91 1.19 -31.71 -44.25
N ALA H 92 1.48 -31.93 -42.98
CA ALA H 92 1.91 -30.88 -42.07
C ALA H 92 2.47 -31.52 -40.82
N VAL H 93 3.12 -30.69 -40.00
CA VAL H 93 3.52 -31.08 -38.66
C VAL H 93 2.41 -30.68 -37.70
N TYR H 94 2.09 -31.56 -36.76
CA TYR H 94 0.98 -31.36 -35.83
C TYR H 94 1.51 -31.23 -34.41
N PHE H 95 1.21 -30.10 -33.78
CA PHE H 95 1.63 -29.83 -32.41
C PHE H 95 0.42 -29.89 -31.49
N CYS H 96 0.62 -30.42 -30.29
CA CYS H 96 -0.32 -30.21 -29.20
C CYS H 96 0.29 -29.19 -28.25
N GLY H 97 -0.45 -28.12 -27.97
CA GLY H 97 0.04 -27.05 -27.14
C GLY H 97 -1.03 -26.54 -26.19
N THR H 98 -0.57 -25.92 -25.11
CA THR H 98 -1.44 -25.41 -24.05
C THR H 98 -1.75 -23.95 -24.33
N LEU H 99 -2.84 -23.70 -25.05
CA LEU H 99 -3.16 -22.35 -25.53
C LEU H 99 -4.07 -21.57 -24.60
N GLY H 100 -4.82 -22.25 -23.72
CA GLY H 100 -5.90 -21.60 -23.02
C GLY H 100 -5.40 -20.58 -22.00
N VAL H 101 -6.21 -19.52 -21.84
CA VAL H 101 -5.97 -18.46 -20.86
C VAL H 101 -7.17 -18.42 -19.93
N THR H 102 -6.91 -18.36 -18.62
CA THR H 102 -7.97 -18.26 -17.63
C THR H 102 -8.04 -16.82 -17.11
N VAL H 103 -9.27 -16.36 -16.86
CA VAL H 103 -9.56 -14.96 -16.57
C VAL H 103 -10.31 -14.89 -15.25
N THR H 104 -9.75 -14.18 -14.27
CA THR H 104 -10.43 -13.84 -13.03
C THR H 104 -10.33 -12.34 -12.78
N GLU H 105 -10.89 -11.89 -11.65
CA GLU H 105 -10.84 -10.48 -11.31
C GLU H 105 -9.40 -10.03 -11.06
N ALA H 106 -8.62 -10.85 -10.37
CA ALA H 106 -7.30 -10.40 -9.95
C ALA H 106 -6.30 -10.38 -11.10
N GLY H 107 -6.48 -11.22 -12.12
CA GLY H 107 -5.54 -11.23 -13.23
C GLY H 107 -5.72 -12.41 -14.15
N LEU H 108 -4.63 -12.81 -14.79
CA LEU H 108 -4.63 -13.85 -15.81
C LEU H 108 -3.55 -14.87 -15.54
N GLY H 109 -3.86 -16.14 -15.85
CA GLY H 109 -2.86 -17.18 -15.82
C GLY H 109 -2.90 -17.96 -17.13
N ILE H 110 -1.78 -18.62 -17.42
CA ILE H 110 -1.66 -19.40 -18.65
C ILE H 110 -0.50 -20.37 -18.49
N ASP H 111 -0.68 -21.57 -19.04
CA ASP H 111 0.36 -22.57 -19.17
C ASP H 111 0.86 -22.56 -20.61
N ASP H 112 2.18 -22.73 -20.79
CA ASP H 112 2.79 -22.76 -22.12
C ASP H 112 3.66 -24.01 -22.22
N TYR H 113 3.02 -25.17 -22.27
CA TYR H 113 3.71 -26.43 -22.49
C TYR H 113 3.34 -26.95 -23.87
N TRP H 114 4.35 -27.33 -24.65
CA TRP H 114 4.14 -27.83 -25.99
C TRP H 114 4.79 -29.19 -26.16
N GLY H 115 4.33 -29.92 -27.17
CA GLY H 115 4.97 -31.12 -27.63
C GLY H 115 6.12 -30.81 -28.57
N GLN H 116 6.66 -31.88 -29.15
CA GLN H 116 7.74 -31.77 -30.12
C GLN H 116 7.27 -31.78 -31.56
N GLY H 117 6.00 -32.09 -31.80
CA GLY H 117 5.45 -32.14 -33.14
C GLY H 117 5.43 -33.55 -33.70
N THR H 118 4.48 -33.79 -34.60
CA THR H 118 4.35 -35.09 -35.27
C THR H 118 4.16 -34.83 -36.76
N LEU H 119 5.15 -35.24 -37.56
CA LEU H 119 5.02 -35.06 -39.00
C LEU H 119 4.04 -36.08 -39.57
N VAL H 120 3.06 -35.59 -40.33
CA VAL H 120 2.12 -36.44 -41.07
C VAL H 120 2.30 -36.13 -42.54
N THR H 121 2.53 -37.17 -43.35
CA THR H 121 2.77 -37.03 -44.77
C THR H 121 1.68 -37.80 -45.53
N VAL H 122 0.88 -37.08 -46.31
CA VAL H 122 -0.26 -37.66 -47.01
C VAL H 122 0.14 -37.92 -48.46
N SER H 123 0.35 -39.19 -48.80
CA SER H 123 0.65 -39.57 -50.18
C SER H 123 0.30 -41.04 -50.37
N SER H 124 -0.07 -41.38 -51.60
CA SER H 124 -0.30 -42.76 -52.00
C SER H 124 0.91 -43.28 -52.77
N ALA H 125 2.05 -43.31 -52.07
CA ALA H 125 3.32 -43.65 -52.69
C ALA H 125 4.01 -44.75 -51.90
N SER H 126 4.84 -45.51 -52.60
CA SER H 126 5.73 -46.49 -52.00
C SER H 126 7.17 -46.01 -52.13
N THR H 127 8.07 -46.71 -51.45
CA THR H 127 9.50 -46.35 -51.47
C THR H 127 10.03 -46.41 -52.89
N LYS H 128 10.53 -45.28 -53.38
CA LYS H 128 11.03 -45.17 -54.75
C LYS H 128 12.24 -44.26 -54.79
N GLY H 129 13.29 -44.71 -55.48
CA GLY H 129 14.49 -43.93 -55.66
C GLY H 129 14.31 -42.86 -56.72
N PRO H 130 15.22 -41.89 -56.73
CA PRO H 130 15.05 -40.71 -57.58
C PRO H 130 15.60 -40.90 -58.98
N SER H 131 15.07 -40.07 -59.89
CA SER H 131 15.69 -39.82 -61.18
C SER H 131 16.50 -38.55 -61.06
N VAL H 132 17.75 -38.58 -61.54
CA VAL H 132 18.67 -37.46 -61.40
C VAL H 132 18.91 -36.88 -62.79
N PHE H 133 18.34 -35.69 -63.03
CA PHE H 133 18.52 -35.02 -64.31
C PHE H 133 19.46 -33.84 -64.18
N PRO H 134 20.30 -33.58 -65.17
CA PRO H 134 21.23 -32.46 -65.08
C PRO H 134 20.54 -31.13 -65.31
N LEU H 135 21.12 -30.09 -64.70
CA LEU H 135 20.79 -28.71 -65.03
C LEU H 135 22.09 -28.12 -65.61
N ALA H 136 22.27 -28.31 -66.93
CA ALA H 136 23.49 -27.98 -67.66
C ALA H 136 23.69 -26.47 -67.75
N PRO H 137 24.94 -26.02 -67.79
CA PRO H 137 25.21 -24.58 -67.89
C PRO H 137 25.14 -24.07 -69.33
N SER H 138 24.63 -22.84 -69.48
CA SER H 138 24.49 -22.19 -70.78
C SER H 138 25.82 -21.59 -71.23
N SER H 139 25.84 -21.12 -72.48
CA SER H 139 27.02 -20.45 -73.01
C SER H 139 26.74 -18.96 -73.26
N GLY H 144 28.30 -13.98 -67.43
CA GLY H 144 29.57 -13.36 -67.78
C GLY H 144 30.78 -14.10 -67.24
N GLY H 145 31.08 -13.89 -65.96
CA GLY H 145 32.23 -14.52 -65.35
C GLY H 145 31.85 -15.65 -64.40
N THR H 146 30.56 -15.73 -64.05
CA THR H 146 30.05 -16.76 -63.17
C THR H 146 28.99 -17.57 -63.90
N ALA H 147 29.01 -18.88 -63.68
CA ALA H 147 28.07 -19.81 -64.28
C ALA H 147 27.28 -20.52 -63.18
N ALA H 148 26.18 -21.15 -63.59
CA ALA H 148 25.32 -21.90 -62.69
C ALA H 148 24.98 -23.25 -63.32
N LEU H 149 25.05 -24.30 -62.49
CA LEU H 149 24.71 -25.65 -62.93
C LEU H 149 24.15 -26.41 -61.73
N GLY H 150 23.55 -27.55 -62.01
CA GLY H 150 23.01 -28.33 -60.91
C GLY H 150 22.44 -29.64 -61.38
N CYS H 151 21.78 -30.32 -60.45
CA CYS H 151 21.11 -31.59 -60.69
C CYS H 151 19.67 -31.51 -60.20
N LEU H 152 18.77 -32.12 -60.95
CA LEU H 152 17.34 -32.14 -60.61
C LEU H 152 17.00 -33.52 -60.07
N VAL H 153 16.76 -33.60 -58.77
CA VAL H 153 16.36 -34.85 -58.11
C VAL H 153 14.84 -34.87 -58.07
N LYS H 154 14.24 -35.73 -58.88
CA LYS H 154 12.80 -35.69 -59.14
C LYS H 154 12.18 -37.07 -58.95
N ASP H 155 10.99 -37.08 -58.34
CA ASP H 155 10.16 -38.27 -58.19
C ASP H 155 10.80 -39.33 -57.31
N TYR H 156 11.08 -39.00 -56.06
CA TYR H 156 11.55 -39.95 -55.06
C TYR H 156 10.63 -39.91 -53.85
N PHE H 157 10.73 -40.96 -53.03
CA PHE H 157 9.94 -41.10 -51.82
C PHE H 157 10.56 -42.15 -50.92
N PRO H 158 10.68 -41.90 -49.61
CA PRO H 158 10.35 -40.61 -48.97
C PRO H 158 11.60 -39.73 -48.81
N GLU H 159 11.49 -38.73 -47.94
CA GLU H 159 12.66 -37.97 -47.53
C GLU H 159 13.58 -38.88 -46.72
N PRO H 160 14.88 -38.55 -46.63
CA PRO H 160 15.61 -37.44 -47.24
C PRO H 160 16.63 -37.86 -48.30
N VAL H 161 17.18 -36.87 -49.01
CA VAL H 161 18.19 -37.10 -50.04
C VAL H 161 19.38 -36.19 -49.75
N THR H 162 20.58 -36.76 -49.82
CA THR H 162 21.82 -36.01 -49.69
C THR H 162 22.48 -35.89 -51.06
N VAL H 163 22.92 -34.67 -51.39
CA VAL H 163 23.58 -34.40 -52.66
C VAL H 163 24.88 -33.69 -52.37
N SER H 164 25.99 -34.29 -52.81
CA SER H 164 27.31 -33.67 -52.74
C SER H 164 27.83 -33.44 -54.15
N TRP H 165 28.90 -32.65 -54.24
CA TRP H 165 29.48 -32.30 -55.52
C TRP H 165 30.97 -32.67 -55.51
N ASN H 166 31.42 -33.30 -56.60
CA ASN H 166 32.81 -33.76 -56.71
C ASN H 166 33.20 -34.62 -55.52
N SER H 167 32.26 -35.46 -55.06
CA SER H 167 32.44 -36.33 -53.90
C SER H 167 32.77 -35.55 -52.64
N GLY H 168 32.25 -34.33 -52.54
CA GLY H 168 32.49 -33.47 -51.41
C GLY H 168 33.63 -32.48 -51.59
N ALA H 169 34.31 -32.49 -52.73
CA ALA H 169 35.38 -31.52 -52.94
C ALA H 169 34.82 -30.10 -53.09
N LEU H 170 33.67 -29.97 -53.76
CA LEU H 170 33.07 -28.67 -54.06
C LEU H 170 31.94 -28.39 -53.07
N THR H 171 32.13 -27.37 -52.24
CA THR H 171 31.13 -26.92 -51.27
C THR H 171 30.81 -25.43 -51.34
N SER H 172 31.70 -24.58 -51.86
CA SER H 172 31.46 -23.14 -51.90
C SER H 172 30.48 -22.80 -53.02
N GLY H 173 29.53 -21.92 -52.71
CA GLY H 173 28.52 -21.52 -53.66
C GLY H 173 27.40 -22.52 -53.88
N VAL H 174 27.42 -23.65 -53.20
CA VAL H 174 26.43 -24.69 -53.38
C VAL H 174 25.15 -24.32 -52.63
N HIS H 175 24.02 -24.59 -53.27
CA HIS H 175 22.71 -24.48 -52.63
C HIS H 175 21.90 -25.71 -53.03
N THR H 176 21.46 -26.48 -52.04
CA THR H 176 20.51 -27.55 -52.24
C THR H 176 19.17 -27.08 -51.68
N PHE H 177 18.15 -27.05 -52.51
CA PHE H 177 16.89 -26.47 -52.07
C PHE H 177 16.09 -27.46 -51.23
N PRO H 178 15.24 -26.96 -50.33
CA PRO H 178 14.33 -27.85 -49.61
C PRO H 178 13.43 -28.61 -50.58
N ALA H 179 13.14 -29.85 -50.23
CA ALA H 179 12.29 -30.69 -51.07
C ALA H 179 10.85 -30.19 -51.02
N VAL H 180 10.18 -30.25 -52.16
CA VAL H 180 8.76 -29.93 -52.25
C VAL H 180 8.00 -31.23 -52.52
N LEU H 181 6.77 -31.30 -52.01
CA LEU H 181 5.92 -32.48 -52.17
C LEU H 181 5.05 -32.26 -53.41
N GLN H 182 5.42 -32.92 -54.51
CA GLN H 182 4.73 -32.72 -55.77
C GLN H 182 3.28 -33.17 -55.69
N SER H 183 2.51 -32.84 -56.73
CA SER H 183 1.13 -33.26 -56.81
C SER H 183 1.02 -34.77 -56.92
N SER H 184 2.01 -35.42 -57.52
CA SER H 184 2.02 -36.87 -57.66
C SER H 184 2.17 -37.59 -56.33
N GLY H 185 2.51 -36.87 -55.27
CA GLY H 185 2.83 -37.49 -54.00
C GLY H 185 4.28 -37.86 -53.83
N LEU H 186 5.14 -37.52 -54.80
CA LEU H 186 6.56 -37.81 -54.77
C LEU H 186 7.35 -36.53 -54.56
N TYR H 187 8.46 -36.64 -53.84
CA TYR H 187 9.27 -35.48 -53.53
C TYR H 187 10.20 -35.14 -54.69
N SER H 188 10.51 -33.86 -54.82
CA SER H 188 11.41 -33.36 -55.84
C SER H 188 12.18 -32.17 -55.30
N LEU H 189 13.48 -32.11 -55.63
CA LEU H 189 14.29 -30.95 -55.29
C LEU H 189 15.42 -30.83 -56.31
N SER H 190 16.01 -29.64 -56.33
CA SER H 190 17.11 -29.32 -57.23
C SER H 190 18.28 -28.80 -56.41
N SER H 191 19.49 -29.21 -56.80
CA SER H 191 20.73 -28.79 -56.13
C SER H 191 21.63 -28.12 -57.15
N VAL H 192 22.00 -26.86 -56.88
CA VAL H 192 22.75 -26.04 -57.82
C VAL H 192 23.98 -25.48 -57.12
N VAL H 193 24.98 -25.12 -57.94
CA VAL H 193 26.21 -24.50 -57.45
C VAL H 193 26.72 -23.52 -58.50
N THR H 194 27.25 -22.38 -58.04
CA THR H 194 27.86 -21.41 -58.93
C THR H 194 29.37 -21.62 -58.96
N VAL H 195 29.92 -21.56 -60.17
CA VAL H 195 31.36 -21.76 -60.36
C VAL H 195 31.86 -20.67 -61.31
N PRO H 196 33.17 -20.48 -61.38
CA PRO H 196 33.74 -19.64 -62.44
C PRO H 196 33.45 -20.23 -63.81
N SER H 197 32.94 -19.38 -64.70
CA SER H 197 32.58 -19.85 -66.03
C SER H 197 33.79 -20.35 -66.80
N SER H 198 34.98 -19.86 -66.47
CA SER H 198 36.20 -20.28 -67.16
C SER H 198 36.56 -21.74 -66.88
N SER H 199 36.02 -22.32 -65.81
CA SER H 199 36.34 -23.69 -65.43
C SER H 199 35.48 -24.72 -66.13
N LEU H 200 34.55 -24.30 -66.99
CA LEU H 200 33.61 -25.23 -67.60
C LEU H 200 34.31 -26.16 -68.59
N GLY H 201 35.30 -25.64 -69.32
CA GLY H 201 36.03 -26.49 -70.25
C GLY H 201 37.10 -27.35 -69.63
N THR H 202 37.42 -27.14 -68.35
CA THR H 202 38.47 -27.86 -67.65
C THR H 202 37.90 -28.72 -66.54
N GLN H 203 37.36 -28.11 -65.48
CA GLN H 203 36.95 -28.87 -64.31
C GLN H 203 35.69 -29.67 -64.58
N THR H 204 35.70 -30.93 -64.13
CA THR H 204 34.54 -31.80 -64.28
C THR H 204 33.65 -31.66 -63.06
N TYR H 205 32.35 -31.48 -63.30
CA TYR H 205 31.37 -31.23 -62.26
C TYR H 205 30.40 -32.41 -62.19
N ILE H 206 30.35 -33.05 -61.02
CA ILE H 206 29.58 -34.26 -60.81
C ILE H 206 28.83 -34.13 -59.50
N CYS H 207 27.51 -34.30 -59.54
CA CYS H 207 26.75 -34.36 -58.30
C CYS H 207 26.62 -35.82 -57.86
N ASN H 208 26.64 -36.02 -56.55
CA ASN H 208 26.53 -37.34 -55.94
C ASN H 208 25.24 -37.37 -55.14
N VAL H 209 24.22 -38.04 -55.68
CA VAL H 209 22.88 -38.07 -55.10
C VAL H 209 22.71 -39.38 -54.34
N ASN H 210 22.46 -39.29 -53.03
CA ASN H 210 22.26 -40.46 -52.19
C ASN H 210 20.84 -40.43 -51.64
N HIS H 211 20.07 -41.45 -51.97
CA HIS H 211 18.74 -41.71 -51.41
C HIS H 211 18.83 -43.04 -50.67
N LYS H 212 19.11 -42.97 -49.37
CA LYS H 212 19.33 -44.17 -48.58
C LYS H 212 18.12 -45.09 -48.49
N PRO H 213 16.86 -44.60 -48.44
CA PRO H 213 15.72 -45.54 -48.34
C PRO H 213 15.65 -46.58 -49.44
N SER H 214 16.36 -46.41 -50.55
CA SER H 214 16.33 -47.38 -51.64
C SER H 214 17.70 -47.87 -52.06
N ASN H 215 18.75 -47.57 -51.29
CA ASN H 215 20.14 -47.89 -51.65
C ASN H 215 20.45 -47.41 -53.06
N THR H 216 20.07 -46.16 -53.33
CA THR H 216 20.26 -45.54 -54.63
C THR H 216 21.42 -44.56 -54.55
N LYS H 217 22.53 -44.90 -55.17
CA LYS H 217 23.68 -44.01 -55.29
C LYS H 217 23.87 -43.69 -56.76
N VAL H 218 23.76 -42.40 -57.08
CA VAL H 218 23.86 -41.92 -58.47
C VAL H 218 24.90 -40.81 -58.51
N ASP H 219 25.92 -41.00 -59.34
CA ASP H 219 26.84 -39.94 -59.71
C ASP H 219 26.46 -39.45 -61.10
N LYS H 220 26.01 -38.21 -61.19
CA LYS H 220 25.54 -37.60 -62.43
C LYS H 220 26.55 -36.55 -62.86
N LYS H 221 27.12 -36.73 -64.05
CA LYS H 221 28.05 -35.74 -64.59
C LYS H 221 27.24 -34.64 -65.28
N VAL H 222 27.56 -33.39 -64.95
CA VAL H 222 26.81 -32.25 -65.47
C VAL H 222 27.64 -31.52 -66.51
N GLU H 223 27.53 -31.96 -67.76
CA GLU H 223 28.21 -31.38 -68.90
C GLU H 223 27.36 -30.28 -69.53
N PRO H 224 27.98 -29.25 -70.10
CA PRO H 224 27.21 -28.31 -70.93
C PRO H 224 26.61 -29.03 -72.13
N LYS H 225 25.33 -28.75 -72.39
CA LYS H 225 24.56 -29.52 -73.36
C LYS H 225 25.19 -29.47 -74.75
N SER H 226 25.70 -30.60 -75.22
CA SER H 226 26.38 -30.67 -76.50
C SER H 226 25.35 -30.77 -77.62
N CYS H 227 25.44 -29.85 -78.57
CA CYS H 227 24.49 -29.79 -79.67
C CYS H 227 24.60 -31.00 -80.57
N GLU I 1 -15.96 -15.69 -38.80
CA GLU I 1 -14.85 -15.73 -37.87
C GLU I 1 -13.97 -14.49 -37.98
N ILE I 2 -13.12 -14.27 -36.98
CA ILE I 2 -12.19 -13.16 -37.00
C ILE I 2 -11.06 -13.47 -37.98
N VAL I 3 -10.60 -12.44 -38.69
CA VAL I 3 -9.48 -12.54 -39.61
C VAL I 3 -8.40 -11.58 -39.16
N LEU I 4 -7.22 -12.11 -38.86
CA LEU I 4 -6.08 -11.30 -38.45
C LEU I 4 -5.11 -11.12 -39.61
N THR I 5 -4.51 -9.93 -39.67
CA THR I 5 -3.46 -9.62 -40.62
C THR I 5 -2.25 -9.11 -39.84
N GLN I 6 -1.05 -9.43 -40.33
CA GLN I 6 0.18 -9.01 -39.70
C GLN I 6 1.09 -8.33 -40.72
N SER I 7 1.71 -7.25 -40.29
CA SER I 7 2.55 -6.44 -41.13
C SER I 7 3.74 -5.97 -40.29
N PRO I 8 4.95 -5.94 -40.87
CA PRO I 8 5.21 -6.37 -42.25
C PRO I 8 5.27 -7.88 -42.38
N GLY I 9 5.50 -8.39 -43.59
CA GLY I 9 5.65 -9.82 -43.77
C GLY I 9 7.03 -10.30 -43.36
N THR I 10 8.04 -9.57 -43.82
CA THR I 10 9.43 -9.79 -43.42
C THR I 10 10.00 -8.48 -42.91
N LEU I 11 10.57 -8.50 -41.72
CA LEU I 11 11.12 -7.30 -41.09
C LEU I 11 12.63 -7.39 -41.11
N SER I 12 13.27 -6.48 -41.82
CA SER I 12 14.71 -6.50 -42.00
C SER I 12 15.34 -5.55 -40.99
N LEU I 13 16.02 -6.10 -39.99
CA LEU I 13 16.63 -5.33 -38.93
C LEU I 13 17.93 -5.98 -38.48
N SER I 14 18.86 -5.17 -38.03
CA SER I 14 20.12 -5.68 -37.48
C SER I 14 20.04 -5.75 -35.97
N PRO I 15 20.84 -6.63 -35.35
CA PRO I 15 20.75 -6.78 -33.88
C PRO I 15 21.06 -5.48 -33.16
N GLY I 16 20.33 -5.23 -32.09
CA GLY I 16 20.40 -3.99 -31.36
C GLY I 16 19.36 -2.97 -31.76
N GLU I 17 18.63 -3.20 -32.85
CA GLU I 17 17.59 -2.31 -33.29
C GLU I 17 16.25 -2.75 -32.72
N ARG I 18 15.28 -1.84 -32.72
CA ARG I 18 13.95 -2.13 -32.21
C ARG I 18 13.06 -2.71 -33.30
N ALA I 19 12.46 -3.87 -33.01
CA ALA I 19 11.50 -4.50 -33.90
C ALA I 19 10.08 -4.14 -33.44
N THR I 20 9.26 -3.69 -34.37
CA THR I 20 7.90 -3.22 -34.07
C THR I 20 6.91 -4.00 -34.95
N LEU I 21 6.30 -5.02 -34.39
CA LEU I 21 5.46 -5.95 -35.15
C LEU I 21 3.99 -5.73 -34.80
N SER I 22 3.16 -5.62 -35.83
CA SER I 22 1.75 -5.26 -35.68
C SER I 22 0.84 -6.44 -36.00
N CYS I 23 -0.32 -6.45 -35.35
CA CYS I 23 -1.36 -7.45 -35.54
C CYS I 23 -2.70 -6.74 -35.54
N ARG I 24 -3.46 -6.88 -36.64
CA ARG I 24 -4.74 -6.21 -36.78
C ARG I 24 -5.81 -7.25 -37.05
N ALA I 25 -6.93 -7.13 -36.34
CA ALA I 25 -8.02 -8.10 -36.41
C ALA I 25 -9.24 -7.46 -37.06
N SER I 26 -10.02 -8.29 -37.76
CA SER I 26 -11.19 -7.80 -38.48
C SER I 26 -12.28 -7.29 -37.56
N GLN I 27 -12.22 -7.64 -36.27
CA GLN I 27 -13.19 -7.11 -35.31
C GLN I 27 -12.56 -7.14 -33.93
N ILE I 28 -13.17 -6.39 -33.01
CA ILE I 28 -12.59 -6.19 -31.69
C ILE I 28 -12.37 -7.53 -31.00
N VAL I 29 -11.15 -7.76 -30.52
CA VAL I 29 -10.85 -8.93 -29.71
C VAL I 29 -10.46 -8.48 -28.31
N SER I 30 -10.83 -9.30 -27.33
CA SER I 30 -10.60 -8.96 -25.93
C SER I 30 -9.12 -8.79 -25.67
N ARG I 31 -8.76 -7.71 -24.96
CA ARG I 31 -7.37 -7.52 -24.60
C ARG I 31 -6.84 -8.66 -23.75
N ASN I 32 -7.72 -9.41 -23.07
CA ASN I 32 -7.27 -10.56 -22.31
C ASN I 32 -6.85 -11.73 -23.19
N HIS I 33 -7.26 -11.73 -24.46
CA HIS I 33 -7.20 -12.92 -25.29
C HIS I 33 -6.37 -12.73 -26.57
N LEU I 34 -5.36 -11.86 -26.51
CA LEU I 34 -4.40 -11.70 -27.60
C LEU I 34 -3.00 -12.05 -27.10
N ALA I 35 -2.34 -12.97 -27.78
CA ALA I 35 -1.04 -13.46 -27.36
C ALA I 35 -0.05 -13.34 -28.50
N TRP I 36 1.23 -13.51 -28.17
CA TRP I 36 2.30 -13.49 -29.16
C TRP I 36 3.20 -14.69 -28.96
N TYR I 37 3.42 -15.45 -30.03
CA TYR I 37 4.25 -16.65 -30.00
C TYR I 37 5.41 -16.50 -30.98
N GLN I 38 6.61 -16.80 -30.51
CA GLN I 38 7.78 -16.93 -31.36
C GLN I 38 7.92 -18.41 -31.77
N GLN I 39 8.46 -18.63 -32.97
CA GLN I 39 8.75 -20.00 -33.39
C GLN I 39 9.99 -20.03 -34.26
N LYS I 40 10.89 -20.96 -33.96
CA LYS I 40 12.08 -21.20 -34.76
C LYS I 40 11.98 -22.54 -35.47
N PRO I 41 12.75 -22.75 -36.55
CA PRO I 41 12.56 -23.94 -37.37
C PRO I 41 12.71 -25.25 -36.60
N GLY I 42 11.78 -26.17 -36.86
CA GLY I 42 11.76 -27.46 -36.20
C GLY I 42 11.17 -27.47 -34.80
N GLN I 43 11.06 -26.32 -34.15
CA GLN I 43 10.57 -26.24 -32.78
C GLN I 43 9.10 -25.83 -32.75
N ALA I 44 8.48 -26.09 -31.60
CA ALA I 44 7.13 -25.63 -31.35
C ALA I 44 7.15 -24.15 -31.00
N PRO I 45 6.00 -23.47 -31.09
CA PRO I 45 5.95 -22.09 -30.63
C PRO I 45 6.17 -22.02 -29.13
N ARG I 46 6.79 -20.94 -28.67
CA ARG I 46 6.80 -20.65 -27.24
C ARG I 46 6.13 -19.29 -27.02
N LEU I 47 5.51 -19.15 -25.85
CA LEU I 47 4.78 -17.94 -25.52
C LEU I 47 5.75 -16.81 -25.19
N LEU I 48 5.42 -15.61 -25.67
CA LEU I 48 6.11 -14.39 -25.27
C LEU I 48 5.19 -13.50 -24.46
N ILE I 49 4.08 -13.03 -25.04
CA ILE I 49 3.13 -12.16 -24.36
C ILE I 49 1.76 -12.82 -24.40
N PHE I 50 1.11 -12.90 -23.25
CA PHE I 50 -0.27 -13.36 -23.14
C PHE I 50 -1.11 -12.22 -22.55
N GLY I 51 -2.39 -12.20 -22.90
CA GLY I 51 -3.24 -11.11 -22.48
C GLY I 51 -2.72 -9.76 -22.93
N ALA I 52 -2.53 -9.61 -24.24
CA ALA I 52 -2.15 -8.34 -24.88
C ALA I 52 -0.79 -7.82 -24.46
N SER I 53 -0.59 -7.62 -23.16
CA SER I 53 0.56 -6.85 -22.70
C SER I 53 1.29 -7.46 -21.50
N SER I 54 1.11 -8.75 -21.24
CA SER I 54 1.72 -9.39 -20.09
C SER I 54 2.78 -10.38 -20.53
N ARG I 55 3.95 -10.28 -19.92
CA ARG I 55 5.09 -11.10 -20.32
C ARG I 55 5.04 -12.46 -19.62
N ALA I 56 5.12 -13.54 -20.40
CA ALA I 56 5.16 -14.88 -19.85
C ALA I 56 6.41 -15.07 -19.01
N THR I 57 6.31 -15.96 -18.03
CA THR I 57 7.40 -16.19 -17.09
C THR I 57 8.67 -16.63 -17.82
N GLY I 58 9.77 -15.94 -17.54
CA GLY I 58 11.04 -16.27 -18.12
C GLY I 58 11.33 -15.61 -19.45
N ILE I 59 10.47 -14.72 -19.91
CA ILE I 59 10.74 -13.97 -21.13
C ILE I 59 11.50 -12.70 -20.76
N PRO I 60 12.59 -12.36 -21.43
CA PRO I 60 13.35 -11.16 -21.07
C PRO I 60 12.51 -9.90 -21.22
N VAL I 61 12.99 -8.82 -20.58
CA VAL I 61 12.20 -7.60 -20.45
C VAL I 61 12.12 -6.77 -21.72
N ARG I 62 12.90 -7.11 -22.75
CA ARG I 62 12.86 -6.39 -24.01
C ARG I 62 11.64 -6.72 -24.84
N PHE I 63 10.92 -7.79 -24.51
CA PHE I 63 9.62 -8.08 -25.11
C PHE I 63 8.52 -7.37 -24.35
N SER I 64 7.60 -6.74 -25.08
CA SER I 64 6.50 -6.00 -24.46
C SER I 64 5.39 -5.83 -25.48
N GLY I 65 4.17 -6.24 -25.10
CA GLY I 65 3.01 -6.11 -25.95
C GLY I 65 2.17 -4.91 -25.59
N SER I 66 1.35 -4.48 -26.55
CA SER I 66 0.51 -3.30 -26.37
C SER I 66 -0.57 -3.30 -27.44
N GLY I 67 -1.67 -2.61 -27.15
CA GLY I 67 -2.76 -2.52 -28.10
C GLY I 67 -4.11 -2.85 -27.50
N SER I 68 -5.18 -2.44 -28.18
CA SER I 68 -6.54 -2.70 -27.73
C SER I 68 -7.44 -2.76 -28.96
N GLY I 69 -8.71 -3.07 -28.73
CA GLY I 69 -9.69 -3.09 -29.79
C GLY I 69 -9.34 -4.02 -30.93
N THR I 70 -8.74 -3.48 -32.00
CA THR I 70 -8.44 -4.24 -33.20
C THR I 70 -7.00 -4.15 -33.67
N ASP I 71 -6.16 -3.32 -33.06
CA ASP I 71 -4.75 -3.19 -33.43
C ASP I 71 -3.88 -3.47 -32.22
N PHE I 72 -2.86 -4.31 -32.41
CA PHE I 72 -1.95 -4.71 -31.34
C PHE I 72 -0.53 -4.73 -31.87
N THR I 73 0.43 -4.49 -30.97
CA THR I 73 1.83 -4.35 -31.37
C THR I 73 2.74 -5.03 -30.36
N LEU I 74 3.54 -5.99 -30.83
CA LEU I 74 4.63 -6.56 -30.05
C LEU I 74 5.89 -5.75 -30.32
N THR I 75 6.68 -5.49 -29.28
CA THR I 75 7.78 -4.53 -29.38
C THR I 75 9.03 -5.12 -28.74
N ILE I 76 10.00 -5.50 -29.57
CA ILE I 76 11.30 -5.97 -29.10
C ILE I 76 12.22 -4.74 -29.08
N ASN I 77 12.52 -4.23 -27.88
CA ASN I 77 13.33 -3.01 -27.75
C ASN I 77 14.80 -3.41 -27.72
N GLY I 78 15.34 -3.69 -28.91
CA GLY I 78 16.72 -4.10 -29.03
C GLY I 78 16.87 -5.57 -29.34
N LEU I 79 17.00 -5.92 -30.61
CA LEU I 79 17.09 -7.31 -31.02
C LEU I 79 18.42 -7.93 -30.60
N ALA I 80 18.33 -9.12 -30.01
CA ALA I 80 19.44 -10.04 -29.79
C ALA I 80 19.49 -11.05 -30.93
N PRO I 81 20.65 -11.68 -31.17
CA PRO I 81 20.74 -12.63 -32.29
C PRO I 81 19.73 -13.76 -32.22
N GLU I 82 19.48 -14.32 -31.03
CA GLU I 82 18.50 -15.40 -30.94
C GLU I 82 17.06 -14.92 -31.05
N ASP I 83 16.82 -13.66 -31.40
CA ASP I 83 15.47 -13.14 -31.57
C ASP I 83 14.98 -13.21 -33.02
N PHE I 84 15.88 -13.44 -33.97
CA PHE I 84 15.50 -13.41 -35.39
C PHE I 84 14.80 -14.71 -35.73
N ALA I 85 13.48 -14.65 -35.81
CA ALA I 85 12.65 -15.81 -36.09
C ALA I 85 11.29 -15.32 -36.58
N VAL I 86 10.25 -16.14 -36.40
CA VAL I 86 8.91 -15.84 -36.88
C VAL I 86 8.03 -15.58 -35.67
N TYR I 87 7.22 -14.52 -35.73
CA TYR I 87 6.32 -14.14 -34.65
C TYR I 87 4.87 -14.17 -35.12
N TYR I 88 4.01 -14.82 -34.34
CA TYR I 88 2.59 -14.94 -34.62
C TYR I 88 1.81 -14.28 -33.49
N CYS I 89 0.68 -13.67 -33.82
CA CYS I 89 -0.30 -13.28 -32.81
C CYS I 89 -1.43 -14.29 -32.79
N LEU I 90 -2.00 -14.48 -31.60
CA LEU I 90 -3.07 -15.45 -31.40
C LEU I 90 -4.24 -14.78 -30.72
N SER I 91 -5.40 -14.85 -31.37
CA SER I 91 -6.65 -14.29 -30.87
C SER I 91 -7.56 -15.40 -30.39
N SER I 92 -8.54 -15.03 -29.55
CA SER I 92 -9.56 -16.00 -29.18
C SER I 92 -10.85 -15.28 -28.80
N ASP I 93 -11.96 -15.96 -29.07
CA ASP I 93 -13.28 -15.54 -28.63
C ASP I 93 -14.11 -16.79 -28.43
N SER I 94 -14.60 -16.98 -27.20
CA SER I 94 -15.30 -18.21 -26.84
C SER I 94 -14.45 -19.43 -27.20
N SER I 95 -13.15 -19.33 -26.96
CA SER I 95 -12.21 -20.41 -27.20
C SER I 95 -12.20 -20.85 -28.66
N ILE I 96 -12.24 -19.88 -29.57
CA ILE I 96 -12.05 -20.11 -31.00
C ILE I 96 -10.77 -19.38 -31.40
N PHE I 97 -9.67 -20.14 -31.48
CA PHE I 97 -8.33 -19.58 -31.62
C PHE I 97 -8.01 -19.35 -33.09
N THR I 98 -7.38 -18.21 -33.40
CA THR I 98 -7.00 -17.90 -34.77
C THR I 98 -5.61 -17.29 -34.77
N PHE I 99 -4.69 -17.92 -35.50
CA PHE I 99 -3.29 -17.44 -35.59
C PHE I 99 -3.14 -16.52 -36.78
N GLY I 100 -2.28 -15.51 -36.65
CA GLY I 100 -1.99 -14.57 -37.73
C GLY I 100 -1.14 -15.18 -38.81
N PRO I 101 -1.04 -14.56 -39.98
CA PRO I 101 -0.28 -15.13 -41.08
C PRO I 101 1.18 -15.35 -40.67
N GLY I 102 1.76 -14.38 -39.97
CA GLY I 102 3.13 -14.50 -39.44
C GLY I 102 4.01 -13.41 -39.96
N THR I 103 4.82 -12.81 -39.09
CA THR I 103 5.79 -11.75 -39.50
C THR I 103 7.17 -12.34 -39.26
N LYS I 104 8.08 -12.26 -40.23
CA LYS I 104 9.40 -12.88 -40.01
C LYS I 104 10.40 -11.77 -39.77
N VAL I 105 11.23 -11.89 -38.75
CA VAL I 105 12.23 -10.88 -38.50
C VAL I 105 13.55 -11.36 -39.08
N ASP I 106 14.12 -10.57 -39.99
CA ASP I 106 15.23 -10.96 -40.82
C ASP I 106 16.54 -10.37 -40.31
N PHE I 107 17.66 -10.95 -40.76
CA PHE I 107 18.96 -10.35 -40.54
C PHE I 107 19.21 -9.33 -41.64
N LYS I 108 19.32 -8.05 -41.27
CA LYS I 108 19.39 -6.99 -42.26
C LYS I 108 20.75 -6.98 -42.96
N ARG I 109 20.72 -7.14 -44.27
CA ARG I 109 21.89 -7.12 -45.12
C ARG I 109 21.77 -5.91 -46.06
N THR I 110 22.89 -5.48 -46.63
CA THR I 110 22.82 -4.59 -47.77
C THR I 110 22.11 -5.30 -48.93
N VAL I 111 21.42 -4.52 -49.76
CA VAL I 111 20.58 -5.12 -50.79
C VAL I 111 21.46 -5.77 -51.86
N ALA I 112 20.99 -6.90 -52.39
CA ALA I 112 21.74 -7.66 -53.38
C ALA I 112 20.76 -8.30 -54.36
N ALA I 113 20.91 -7.98 -55.64
CA ALA I 113 20.04 -8.48 -56.69
C ALA I 113 20.34 -9.94 -57.01
N PRO I 114 19.33 -10.71 -57.38
CA PRO I 114 19.55 -12.15 -57.63
C PRO I 114 20.30 -12.38 -58.94
N SER I 115 21.12 -13.42 -58.95
CA SER I 115 21.66 -13.96 -60.19
C SER I 115 20.63 -14.92 -60.76
N VAL I 116 20.06 -14.60 -61.91
CA VAL I 116 18.97 -15.37 -62.49
C VAL I 116 19.51 -16.26 -63.60
N PHE I 117 19.10 -17.52 -63.59
CA PHE I 117 19.47 -18.48 -64.62
C PHE I 117 18.26 -19.34 -64.92
N ILE I 118 18.13 -19.75 -66.18
CA ILE I 118 17.03 -20.61 -66.62
C ILE I 118 17.63 -21.87 -67.23
N PHE I 119 17.04 -23.02 -66.90
CA PHE I 119 17.54 -24.30 -67.35
C PHE I 119 16.45 -25.05 -68.12
N PRO I 120 16.75 -25.55 -69.31
CA PRO I 120 15.76 -26.33 -70.05
C PRO I 120 15.64 -27.73 -69.49
N PRO I 121 14.67 -28.51 -69.96
CA PRO I 121 14.65 -29.93 -69.60
C PRO I 121 15.76 -30.70 -70.30
N SER I 122 16.34 -31.65 -69.58
CA SER I 122 17.33 -32.54 -70.18
C SER I 122 16.66 -33.45 -71.20
N ASP I 123 17.40 -33.78 -72.26
CA ASP I 123 16.87 -34.69 -73.26
C ASP I 123 16.51 -36.04 -72.65
N GLU I 124 17.19 -36.43 -71.57
CA GLU I 124 16.85 -37.68 -70.89
C GLU I 124 15.47 -37.61 -70.25
N GLN I 125 15.13 -36.45 -69.67
CA GLN I 125 13.86 -36.33 -68.95
C GLN I 125 12.67 -36.33 -69.90
N LEU I 126 12.86 -35.86 -71.13
CA LEU I 126 11.78 -35.88 -72.11
C LEU I 126 11.46 -37.30 -72.55
N LYS I 127 12.44 -38.20 -72.53
CA LYS I 127 12.17 -39.60 -72.86
C LYS I 127 11.15 -40.21 -71.91
N SER I 128 11.10 -39.72 -70.68
CA SER I 128 10.10 -40.17 -69.70
C SER I 128 8.76 -39.48 -69.88
N GLY I 129 8.67 -38.45 -70.73
CA GLY I 129 7.41 -37.78 -70.99
C GLY I 129 7.08 -36.60 -70.11
N THR I 130 7.99 -36.20 -69.22
CA THR I 130 7.77 -35.07 -68.33
C THR I 130 8.89 -34.07 -68.53
N ALA I 131 8.57 -32.78 -68.41
CA ALA I 131 9.53 -31.71 -68.68
C ALA I 131 9.55 -30.72 -67.53
N SER I 132 10.75 -30.46 -66.99
CA SER I 132 10.94 -29.56 -65.85
C SER I 132 11.84 -28.40 -66.25
N VAL I 133 11.27 -27.19 -66.28
CA VAL I 133 12.04 -25.98 -66.49
C VAL I 133 12.33 -25.37 -65.13
N VAL I 134 13.61 -25.12 -64.85
CA VAL I 134 14.06 -24.63 -63.54
C VAL I 134 14.56 -23.20 -63.70
N CYS I 135 14.07 -22.32 -62.83
CA CYS I 135 14.58 -20.95 -62.71
C CYS I 135 15.24 -20.80 -61.35
N LEU I 136 16.45 -20.27 -61.34
CA LEU I 136 17.25 -20.12 -60.14
C LEU I 136 17.44 -18.64 -59.82
N LEU I 137 17.20 -18.27 -58.56
CA LEU I 137 17.48 -16.94 -58.02
C LEU I 137 18.53 -17.12 -56.94
N ASN I 138 19.74 -16.64 -57.19
CA ASN I 138 20.88 -16.95 -56.35
C ASN I 138 21.35 -15.75 -55.55
N ASN I 139 21.50 -15.94 -54.24
CA ASN I 139 22.19 -15.01 -53.34
C ASN I 139 21.66 -13.58 -53.47
N PHE I 140 20.41 -13.41 -53.02
CA PHE I 140 19.73 -12.12 -53.09
C PHE I 140 19.13 -11.75 -51.74
N TYR I 141 18.91 -10.45 -51.57
CA TYR I 141 18.29 -9.88 -50.39
C TYR I 141 17.66 -8.55 -50.79
N PRO I 142 16.49 -8.19 -50.22
CA PRO I 142 15.68 -8.85 -49.19
C PRO I 142 14.95 -10.09 -49.68
N ARG I 143 14.05 -10.60 -48.86
CA ARG I 143 13.36 -11.84 -49.21
C ARG I 143 12.35 -11.64 -50.32
N GLU I 144 11.72 -10.47 -50.41
CA GLU I 144 10.66 -10.25 -51.38
C GLU I 144 11.16 -10.41 -52.80
N ALA I 145 10.66 -11.42 -53.50
CA ALA I 145 10.99 -11.65 -54.89
C ALA I 145 9.76 -12.22 -55.59
N LYS I 146 9.57 -11.82 -56.86
CA LYS I 146 8.44 -12.27 -57.66
C LYS I 146 8.97 -12.87 -58.95
N VAL I 147 8.59 -14.12 -59.22
CA VAL I 147 9.05 -14.86 -60.39
C VAL I 147 7.83 -15.28 -61.18
N GLN I 148 7.81 -14.93 -62.46
CA GLN I 148 6.69 -15.24 -63.35
C GLN I 148 7.19 -16.05 -64.53
N TRP I 149 6.40 -17.04 -64.92
CA TRP I 149 6.70 -17.86 -66.09
C TRP I 149 5.88 -17.37 -67.26
N LYS I 150 6.55 -16.97 -68.34
CA LYS I 150 5.89 -16.56 -69.56
C LYS I 150 6.33 -17.47 -70.69
N VAL I 151 5.38 -18.16 -71.31
CA VAL I 151 5.66 -19.10 -72.39
C VAL I 151 5.02 -18.54 -73.66
N ASP I 152 5.85 -18.00 -74.55
CA ASP I 152 5.40 -17.18 -75.68
C ASP I 152 4.56 -16.02 -75.17
N ASN I 153 5.15 -15.28 -74.22
CA ASN I 153 4.54 -14.17 -73.49
C ASN I 153 3.18 -14.52 -72.89
N ALA I 154 2.89 -15.80 -72.69
CA ALA I 154 1.68 -16.23 -72.00
C ALA I 154 2.02 -16.51 -70.54
N LEU I 155 1.45 -15.73 -69.63
CA LEU I 155 1.68 -15.95 -68.21
C LEU I 155 1.17 -17.33 -67.82
N GLN I 156 2.02 -18.10 -67.13
CA GLN I 156 1.67 -19.43 -66.67
C GLN I 156 1.38 -19.39 -65.18
N SER I 157 0.23 -19.93 -64.79
CA SER I 157 -0.25 -19.86 -63.42
C SER I 157 -0.73 -21.24 -63.00
N GLY I 158 -0.16 -21.77 -61.93
CA GLY I 158 -0.67 -22.99 -61.34
C GLY I 158 0.05 -24.26 -61.76
N ASN I 159 1.25 -24.15 -62.32
CA ASN I 159 2.07 -25.32 -62.65
C ASN I 159 3.52 -25.12 -62.24
N SER I 160 3.80 -24.14 -61.40
CA SER I 160 5.14 -23.85 -60.92
C SER I 160 5.16 -23.85 -59.40
N GLN I 161 6.27 -24.31 -58.84
CA GLN I 161 6.47 -24.31 -57.39
C GLN I 161 7.82 -23.69 -57.05
N GLU I 162 7.86 -22.92 -55.99
CA GLU I 162 9.08 -22.28 -55.52
C GLU I 162 9.59 -22.98 -54.27
N SER I 163 10.91 -22.96 -54.10
CA SER I 163 11.56 -23.43 -52.89
C SER I 163 12.64 -22.44 -52.51
N VAL I 164 12.79 -22.19 -51.20
CA VAL I 164 13.65 -21.11 -50.72
C VAL I 164 14.60 -21.64 -49.66
N THR I 165 15.86 -21.22 -49.75
CA THR I 165 16.86 -21.56 -48.75
C THR I 165 16.66 -20.73 -47.50
N GLU I 166 17.14 -21.28 -46.37
CA GLU I 166 17.29 -20.47 -45.17
C GLU I 166 18.25 -19.32 -45.45
N GLN I 167 18.04 -18.21 -44.75
CA GLN I 167 18.97 -17.10 -44.84
C GLN I 167 20.38 -17.59 -44.60
N ASP I 168 21.29 -17.30 -45.52
CA ASP I 168 22.62 -17.90 -45.45
C ASP I 168 23.41 -17.31 -44.29
N SER I 169 24.13 -18.18 -43.58
CA SER I 169 24.86 -17.76 -42.39
C SER I 169 26.08 -16.92 -42.72
N LYS I 170 26.58 -16.98 -43.96
CA LYS I 170 27.79 -16.23 -44.31
C LYS I 170 27.47 -14.83 -44.83
N ASP I 171 26.69 -14.75 -45.91
CA ASP I 171 26.40 -13.47 -46.55
C ASP I 171 24.99 -12.96 -46.32
N SER I 172 24.18 -13.66 -45.53
CA SER I 172 22.82 -13.24 -45.17
C SER I 172 21.93 -13.09 -46.40
N THR I 173 22.14 -13.92 -47.41
CA THR I 173 21.38 -13.89 -48.66
C THR I 173 20.46 -15.11 -48.77
N TYR I 174 19.43 -14.95 -49.59
CA TYR I 174 18.45 -15.98 -49.88
C TYR I 174 18.68 -16.54 -51.28
N SER I 175 18.22 -17.77 -51.50
CA SER I 175 18.22 -18.37 -52.83
C SER I 175 16.87 -19.03 -53.07
N LEU I 176 16.41 -18.97 -54.31
CA LEU I 176 15.07 -19.41 -54.68
C LEU I 176 15.13 -20.19 -56.00
N SER I 177 14.23 -21.17 -56.12
CA SER I 177 14.15 -21.97 -57.33
C SER I 177 12.68 -22.18 -57.70
N SER I 178 12.30 -21.64 -58.85
CA SER I 178 10.96 -21.86 -59.41
C SER I 178 11.05 -22.96 -60.46
N THR I 179 10.20 -23.98 -60.34
CA THR I 179 10.23 -25.14 -61.22
C THR I 179 8.91 -25.24 -61.96
N LEU I 180 8.95 -25.07 -63.28
CA LEU I 180 7.81 -25.26 -64.16
C LEU I 180 7.81 -26.70 -64.68
N THR I 181 6.71 -27.41 -64.49
CA THR I 181 6.62 -28.83 -64.79
C THR I 181 5.51 -29.07 -65.81
N LEU I 182 5.89 -29.52 -67.01
CA LEU I 182 4.94 -29.79 -68.08
C LEU I 182 5.07 -31.22 -68.59
N SER I 183 4.06 -31.65 -69.33
CA SER I 183 4.15 -32.90 -70.08
C SER I 183 4.99 -32.67 -71.32
N LYS I 184 5.57 -33.75 -71.84
CA LYS I 184 6.29 -33.68 -73.10
C LYS I 184 5.43 -33.05 -74.19
N ALA I 185 4.17 -33.48 -74.28
CA ALA I 185 3.29 -32.97 -75.33
C ALA I 185 3.14 -31.46 -75.22
N ASP I 186 2.80 -30.96 -74.03
CA ASP I 186 2.61 -29.53 -73.86
C ASP I 186 3.91 -28.76 -74.05
N TYR I 187 5.02 -29.30 -73.55
CA TYR I 187 6.30 -28.60 -73.68
C TYR I 187 6.71 -28.44 -75.15
N GLU I 188 6.35 -29.40 -75.98
CA GLU I 188 6.72 -29.35 -77.39
C GLU I 188 5.77 -28.52 -78.23
N LYS I 189 4.75 -27.91 -77.61
CA LYS I 189 3.78 -27.07 -78.32
C LYS I 189 4.17 -25.59 -78.35
N HIS I 190 5.28 -25.20 -77.71
CA HIS I 190 5.63 -23.79 -77.60
C HIS I 190 7.13 -23.62 -77.80
N LYS I 191 7.54 -22.35 -77.95
CA LYS I 191 8.92 -22.02 -78.33
C LYS I 191 9.67 -21.28 -77.24
N VAL I 192 9.26 -20.06 -76.88
CA VAL I 192 10.02 -19.19 -75.99
C VAL I 192 9.61 -19.47 -74.55
N TYR I 193 10.55 -19.93 -73.74
CA TYR I 193 10.33 -20.14 -72.31
C TYR I 193 11.10 -19.08 -71.54
N ALA I 194 10.40 -18.32 -70.71
CA ALA I 194 10.97 -17.13 -70.09
C ALA I 194 10.69 -17.12 -68.60
N CYS I 195 11.71 -16.79 -67.82
CA CYS I 195 11.60 -16.53 -66.39
C CYS I 195 11.80 -15.03 -66.17
N GLU I 196 10.83 -14.38 -65.55
CA GLU I 196 10.90 -12.94 -65.30
C GLU I 196 10.92 -12.69 -63.80
N VAL I 197 11.89 -11.91 -63.34
CA VAL I 197 12.18 -11.75 -61.92
C VAL I 197 12.21 -10.26 -61.58
N THR I 198 11.38 -9.86 -60.63
CA THR I 198 11.40 -8.50 -60.10
C THR I 198 11.89 -8.52 -58.67
N HIS I 199 12.69 -7.51 -58.30
CA HIS I 199 13.37 -7.52 -57.02
C HIS I 199 13.90 -6.12 -56.74
N GLN I 200 14.12 -5.84 -55.44
CA GLN I 200 14.62 -4.52 -55.03
C GLN I 200 15.95 -4.20 -55.68
N GLY I 201 16.88 -5.17 -55.72
CA GLY I 201 18.18 -4.94 -56.31
C GLY I 201 18.16 -4.77 -57.81
N LEU I 202 17.01 -4.99 -58.45
CA LEU I 202 16.85 -4.87 -59.89
C LEU I 202 16.13 -3.56 -60.22
N SER I 203 16.74 -2.75 -61.07
CA SER I 203 16.14 -1.49 -61.48
C SER I 203 14.82 -1.72 -62.21
N SER I 204 14.72 -2.81 -62.98
CA SER I 204 13.50 -3.18 -63.69
C SER I 204 13.55 -4.68 -63.95
N PRO I 205 12.41 -5.35 -64.03
CA PRO I 205 12.39 -6.82 -64.06
C PRO I 205 13.38 -7.41 -65.06
N VAL I 206 14.00 -8.51 -64.65
CA VAL I 206 15.03 -9.20 -65.43
C VAL I 206 14.41 -10.47 -66.01
N THR I 207 14.67 -10.71 -67.30
CA THR I 207 14.15 -11.88 -67.99
C THR I 207 15.29 -12.74 -68.52
N LYS I 208 15.29 -14.02 -68.15
CA LYS I 208 16.20 -15.00 -68.70
C LYS I 208 15.38 -16.06 -69.42
N SER I 209 15.71 -16.31 -70.68
CA SER I 209 14.85 -17.15 -71.52
C SER I 209 15.69 -17.88 -72.55
N PHE I 210 15.17 -19.03 -72.97
CA PHE I 210 15.76 -19.84 -74.03
C PHE I 210 14.68 -20.20 -75.05
N ASN I 211 15.10 -20.38 -76.30
CA ASN I 211 14.22 -20.88 -77.34
C ASN I 211 14.39 -22.40 -77.41
N ARG I 212 13.28 -23.13 -77.26
CA ARG I 212 13.32 -24.59 -77.23
C ARG I 212 14.02 -25.17 -78.45
N GLY I 213 15.21 -25.75 -78.26
CA GLY I 213 15.99 -26.37 -79.32
C GLY I 213 17.36 -25.76 -79.52
N GLU I 214 17.51 -24.46 -79.21
CA GLU I 214 18.76 -23.77 -79.45
C GLU I 214 19.90 -24.38 -78.63
N CYS I 215 21.12 -24.08 -79.03
CA CYS I 215 22.30 -24.62 -78.36
C CYS I 215 23.48 -23.67 -78.42
C1 NAG J . 15.82 20.04 1.43
C2 NAG J . 15.63 19.23 2.72
C3 NAG J . 16.72 19.56 3.74
C4 NAG J . 18.10 19.40 3.11
C5 NAG J . 18.19 20.21 1.81
C6 NAG J . 19.50 20.02 1.08
C7 NAG J . 13.50 18.47 3.70
C8 NAG J . 12.17 18.91 4.25
N2 NAG J . 14.31 19.46 3.29
O3 NAG J . 16.60 18.73 4.87
O4 NAG J . 19.10 19.84 4.02
O5 NAG J . 17.15 19.82 0.92
O6 NAG J . 19.30 19.99 -0.33
O7 NAG J . 13.82 17.29 3.62
CD CD K . 34.24 -2.33 17.21
C1 NAG L . -25.70 5.11 -3.22
C2 NAG L . -25.27 5.00 -1.73
C3 NAG L . -26.38 5.50 -0.80
C4 NAG L . -26.84 6.89 -1.21
C5 NAG L . -27.28 6.87 -2.66
C6 NAG L . -27.70 8.24 -3.17
C7 NAG L . -23.91 3.31 -0.56
C8 NAG L . -23.66 1.84 -0.36
N2 NAG L . -24.89 3.64 -1.41
O3 NAG L . -25.90 5.52 0.53
O4 NAG L . -27.91 7.32 -0.38
O5 NAG L . -26.19 6.46 -3.49
O6 NAG L . -26.89 8.67 -4.25
O7 NAG L . -23.24 4.17 0.01
CD CD M . -19.54 23.82 23.34
C1 NAG N . 8.81 -23.06 -10.29
C2 NAG N . 8.74 -23.28 -8.76
C3 NAG N . 8.55 -24.77 -8.44
C4 NAG N . 7.40 -25.36 -9.23
C5 NAG N . 7.60 -25.09 -10.72
C6 NAG N . 6.48 -25.59 -11.58
C7 NAG N . 9.91 -22.16 -6.91
C8 NAG N . 11.24 -21.69 -6.38
N2 NAG N . 9.93 -22.76 -8.11
O3 NAG N . 8.30 -24.92 -7.04
O4 NAG N . 7.31 -26.76 -9.01
O5 NAG N . 7.67 -23.67 -10.92
O6 NAG N . 6.20 -24.70 -12.65
O7 NAG N . 8.86 -21.99 -6.29
CD CD O . -15.77 -34.29 9.82
C1 PEG P . 21.25 26.23 -30.91
O1 PEG P . 22.26 26.30 -31.87
C2 PEG P . 19.94 26.75 -31.52
O2 PEG P . 19.36 25.75 -32.31
C3 PEG P . 19.07 26.16 -33.61
C4 PEG P . 18.02 27.27 -33.56
O4 PEG P . 18.21 28.16 -34.62
C1 PEG Q . 8.67 -0.27 -23.63
O1 PEG Q . 8.40 0.62 -24.68
C2 PEG Q . 9.05 0.51 -22.37
O2 PEG Q . 7.90 1.04 -21.77
C3 PEG Q . 7.88 2.44 -21.72
C4 PEG Q . 6.68 2.92 -20.89
O4 PEG Q . 6.88 2.60 -19.54
C1 PEG R . -24.50 15.94 -36.47
O1 PEG R . -23.66 16.81 -37.18
C2 PEG R . -24.53 16.32 -35.00
O2 PEG R . -25.66 17.10 -34.72
C3 PEG R . -26.82 16.35 -34.50
C4 PEG R . -27.84 17.15 -33.68
O4 PEG R . -28.80 16.28 -33.13
C1 PEG S . -0.74 15.49 -18.82
O1 PEG S . -1.42 14.27 -18.74
C2 PEG S . 0.39 15.40 -19.85
O2 PEG S . 0.02 16.09 -21.01
C3 PEG S . 0.84 15.84 -22.12
C4 PEG S . 0.50 14.47 -22.73
O4 PEG S . 0.37 14.58 -24.12
C1 PEG T . 6.15 -14.24 -44.79
O1 PEG T . 4.90 -13.68 -45.07
C2 PEG T . 6.29 -14.58 -43.30
O2 PEG T . 5.68 -15.81 -43.01
C3 PEG T . 6.54 -16.74 -42.40
C4 PEG T . 5.89 -18.12 -42.28
O4 PEG T . 6.87 -19.08 -41.97
C1 PEG U . -8.40 -0.55 -22.30
O1 PEG U . -9.73 -1.00 -22.37
C2 PEG U . -8.01 0.13 -23.61
O2 PEG U . -9.00 1.05 -23.99
C3 PEG U . -8.77 1.65 -25.24
C4 PEG U . -7.51 2.49 -25.20
O4 PEG U . -6.95 2.56 -26.48
#